data_8YS2
#
_entry.id   8YS2
#
_cell.length_a   1.00
_cell.length_b   1.00
_cell.length_c   1.00
_cell.angle_alpha   90.00
_cell.angle_beta   90.00
_cell.angle_gamma   90.00
#
_symmetry.space_group_name_H-M   'P 1'
#
loop_
_entity.id
_entity.type
_entity.pdbx_description
1 polymer 'Spike glycoprotein E1'
2 polymer 'Spike glycoprotein E2'
3 polymer 'Capsid protein'
4 polymer 'Very low-density lipoprotein receptor'
5 non-polymer 'CALCIUM ION'
#
loop_
_entity_poly.entity_id
_entity_poly.type
_entity_poly.pdbx_seq_one_letter_code
_entity_poly.pdbx_strand_id
1 'polypeptide(L)'
;YEHTAVMPNKVGIPYKALVERPGYAPVHLQIQLVNTRIIPSTNLEYITCKYKTKVPSPVVKCCGATQCTSKPHPDYQCQV
FSGVYPFMWGGAYCFCDTENTQMSEAYVERSEECSIDHAKAYKVHTGTVQAMVNITYGSVSWRSADVYVNGETPAKIGDA
KLIIGPLSSAWSPFDNKVVVYGHEVYNYDFPEYGTGKAGSFGDLQSRTSTSNDLYANTNLKLQRPQAGIVHTPFTQVPSG
FERWKKDKGAPLNDVAPFGCSIALEPLRAENCAVGSIPISIDIPDAAFTRISETPTVSDLECKITECTYAFDFGGIATVA
YKSSKAGNCPIHSPSGVAVIKENDVTLAESGSFTFHFSTANIHPAFKLQVCTSAVTCKGDCKPPKDHIVDYPAQHTESFT
SAISATAWSWIKVLVGGTSAFIVLGLIATAVVALVLFFHRH
;
A,D,G,J
2 'polypeptide(L)'
;DLDTHFTQYKLARPYIADCPNCGHSRCDSPIAIEEVRGDAHAGVIRIQTSAMFGLKTDGVDLAYMSFMNGKTQKSIKIDN
LHVRTSAPCSLVSHHGYYILAQCPPGDTVTVGFHDGPNRHTCTVAHKVEFRPVGREKYRHPPEHGVELPCNRYTHKRADQ
GHYVEMHQPGLVADHSLLSIHSAKVKITVPSGAQVKYYCKCPDVRKGITSSDHTTTCTDVKQCRAYLIDNKKWVYNSGRL
PRGEGDTFKGKLHVPFVPVKAKCIATLAPEPLVEHKHRTLILHLHPDHPTLLTTRSLGSDANPTRQWIERPTTVNFTVTG
EGLEYTWGNHPPKRVWAQESGEGNPHGWPHEVVVYYYNRYPLTTIIGLCTCVAIIMVSCVTSVWLLCRTRNLCITPYKLA
PNAQVPILLALLCCIKPTRA
;
B,E,H,K
3 'polypeptide(L)'
;MFPYPTLNYPPMAPINPMAYRDPNPPRRRWRPFRPPLAAQIEDLRRSIASLTLKQRAPNPPAGPPANRKKPAPKPKPAQA
KKKRPPPPAKKQKRKPKPGKRQRMCMKLESDKTFPIMLNGQVNGYACVVGGRVFKPLHVEGRIDNEQLAAIKLKKASIYD
LEYGDVPQCMKSDTLQYTSDKPPGFYNWHHGAVQYENNRFTVPRGVGGKGDSGRPILDNKGRVVAIVLGGVNEGSRTALS
VVTWNQKGVTVKDTPEGSEPW
;
C,F,I,L
4 'polypeptide(L)' AKCEPSQFQCTNGRCITLLWKCDGDEDCVDGSDEKNCVKKTCAESDFVCNNGQCVPSRWKCDGDPDCEDGSDESPEQCHM M,N,O,P
#
loop_
_chem_comp.id
_chem_comp.type
_chem_comp.name
_chem_comp.formula
CA non-polymer 'CALCIUM ION' 'Ca 2'
#
# COMPACT_ATOMS: atom_id res chain seq x y z
N TYR A 1 -19.48 19.73 23.75
CA TYR A 1 -18.54 20.76 23.32
C TYR A 1 -17.12 20.41 23.77
N GLU A 2 -16.15 20.58 22.86
CA GLU A 2 -14.77 20.25 23.12
C GLU A 2 -13.98 21.52 23.42
N HIS A 3 -13.28 21.52 24.56
CA HIS A 3 -12.50 22.68 25.00
C HIS A 3 -11.10 22.20 25.34
N THR A 4 -10.12 22.63 24.56
CA THR A 4 -8.72 22.25 24.74
C THR A 4 -7.93 23.40 25.33
N ALA A 5 -7.00 23.07 26.22
CA ALA A 5 -6.16 24.07 26.88
C ALA A 5 -4.90 23.39 27.36
N VAL A 6 -4.03 24.16 28.01
CA VAL A 6 -2.77 23.67 28.54
C VAL A 6 -2.72 24.01 30.04
N MET A 7 -2.58 22.99 30.88
CA MET A 7 -2.49 23.16 32.32
C MET A 7 -1.06 22.93 32.79
N PRO A 8 -0.63 23.59 33.87
CA PRO A 8 0.72 23.35 34.39
C PRO A 8 0.79 22.08 35.22
N ASN A 9 2.01 21.62 35.43
CA ASN A 9 2.26 20.38 36.19
C ASN A 9 2.47 20.69 37.67
N LYS A 10 1.41 21.21 38.27
CA LYS A 10 1.37 21.49 39.71
C LYS A 10 0.23 20.71 40.34
N VAL A 11 0.47 20.16 41.52
CA VAL A 11 -0.47 19.23 42.13
C VAL A 11 -1.57 19.97 42.87
N GLY A 12 -1.19 20.83 43.80
CA GLY A 12 -2.16 21.49 44.67
C GLY A 12 -2.91 22.64 44.06
N ILE A 13 -2.43 23.20 42.95
CA ILE A 13 -3.01 24.40 42.36
C ILE A 13 -4.05 23.95 41.32
N PRO A 14 -5.32 24.32 41.48
CA PRO A 14 -6.32 23.98 40.47
C PRO A 14 -6.23 24.88 39.25
N TYR A 15 -6.78 24.38 38.15
CA TYR A 15 -6.84 25.12 36.89
C TYR A 15 -8.28 25.53 36.63
N LYS A 16 -8.53 26.84 36.58
CA LYS A 16 -9.87 27.37 36.37
C LYS A 16 -9.99 27.92 34.96
N ALA A 17 -11.09 27.60 34.29
CA ALA A 17 -11.31 28.04 32.92
C ALA A 17 -12.80 28.30 32.71
N LEU A 18 -13.10 29.07 31.67
CA LEU A 18 -14.46 29.46 31.33
C LEU A 18 -14.70 29.11 29.87
N VAL A 19 -15.49 28.06 29.63
CA VAL A 19 -15.83 27.66 28.26
C VAL A 19 -16.88 28.61 27.71
N GLU A 20 -16.88 28.76 26.38
CA GLU A 20 -17.75 29.72 25.70
C GLU A 20 -18.37 29.04 24.48
N ARG A 21 -19.56 28.50 24.66
CA ARG A 21 -20.36 28.00 23.53
C ARG A 21 -21.26 29.12 23.02
N PRO A 22 -21.25 29.42 21.72
CA PRO A 22 -22.07 30.52 21.20
C PRO A 22 -23.56 30.22 21.29
N GLY A 23 -24.33 31.23 21.68
CA GLY A 23 -25.75 31.06 21.94
C GLY A 23 -26.07 30.51 23.31
N TYR A 24 -25.08 30.25 24.15
CA TYR A 24 -25.29 29.66 25.47
C TYR A 24 -24.48 30.44 26.51
N ALA A 25 -24.91 30.33 27.75
CA ALA A 25 -24.18 30.94 28.85
C ALA A 25 -22.88 30.20 29.11
N PRO A 26 -21.83 30.91 29.53
CA PRO A 26 -20.56 30.25 29.86
C PRO A 26 -20.68 29.39 31.11
N VAL A 27 -19.92 28.29 31.12
CA VAL A 27 -19.90 27.34 32.23
C VAL A 27 -18.51 27.35 32.84
N HIS A 28 -18.45 27.43 34.17
CA HIS A 28 -17.17 27.38 34.87
C HIS A 28 -16.63 25.96 34.89
N LEU A 29 -15.31 25.84 34.74
CA LEU A 29 -14.65 24.54 34.72
C LEU A 29 -13.42 24.61 35.62
N GLN A 30 -13.28 23.61 36.49
CA GLN A 30 -12.16 23.55 37.43
C GLN A 30 -11.56 22.15 37.39
N ILE A 31 -10.28 22.07 37.01
CA ILE A 31 -9.54 20.81 36.97
C ILE A 31 -8.41 20.89 37.97
N GLN A 32 -8.29 19.85 38.80
CA GLN A 32 -7.25 19.78 39.81
C GLN A 32 -6.62 18.40 39.80
N LEU A 33 -5.30 18.35 39.99
CA LEU A 33 -4.59 17.07 40.01
C LEU A 33 -4.43 16.60 41.45
N VAL A 34 -4.53 15.29 41.68
CA VAL A 34 -4.39 14.78 43.03
C VAL A 34 -3.15 13.91 43.17
N ASN A 35 -2.66 13.40 42.04
CA ASN A 35 -1.47 12.57 42.00
C ASN A 35 -0.71 12.77 40.70
N THR A 36 0.47 12.16 40.63
CA THR A 36 1.31 12.21 39.45
C THR A 36 2.37 11.16 39.66
N ARG A 37 2.13 9.99 39.10
CA ARG A 37 3.05 8.87 39.26
C ARG A 37 3.71 8.54 37.94
N ILE A 38 5.04 8.50 37.93
CA ILE A 38 5.82 8.02 36.80
C ILE A 38 6.28 6.62 37.11
N ILE A 39 5.81 5.64 36.33
CA ILE A 39 6.05 4.23 36.64
C ILE A 39 6.93 3.62 35.55
N PRO A 40 8.24 3.51 35.75
CA PRO A 40 9.10 2.86 34.78
C PRO A 40 8.96 1.33 34.84
N SER A 41 9.38 0.69 33.76
CA SER A 41 9.33 -0.76 33.64
C SER A 41 10.68 -1.35 34.03
N THR A 42 10.65 -2.33 34.94
CA THR A 42 11.86 -2.90 35.50
C THR A 42 11.89 -4.41 35.27
N ASN A 43 13.09 -4.95 35.08
CA ASN A 43 13.32 -6.38 35.08
C ASN A 43 14.44 -6.69 36.07
N LEU A 44 14.17 -7.63 36.98
CA LEU A 44 15.11 -7.95 38.04
C LEU A 44 16.27 -8.77 37.50
N GLU A 45 17.50 -8.36 37.83
CA GLU A 45 18.68 -9.08 37.40
C GLU A 45 19.11 -10.12 38.42
N TYR A 46 19.44 -9.70 39.64
CA TYR A 46 19.89 -10.61 40.67
C TYR A 46 19.66 -9.98 42.03
N ILE A 47 19.73 -10.83 43.06
CA ILE A 47 19.67 -10.38 44.45
C ILE A 47 21.03 -10.66 45.10
N THR A 48 21.23 -10.06 46.27
CA THR A 48 22.46 -10.28 47.02
C THR A 48 22.16 -10.15 48.51
N CYS A 49 22.91 -10.90 49.31
CA CYS A 49 22.74 -10.92 50.75
C CYS A 49 24.03 -11.44 51.39
N LYS A 50 24.00 -11.58 52.71
CA LYS A 50 25.14 -12.12 53.45
C LYS A 50 25.21 -13.63 53.27
N TYR A 51 26.43 -14.15 53.18
CA TYR A 51 26.64 -15.56 52.94
C TYR A 51 26.63 -16.34 54.27
N LYS A 52 26.78 -17.66 54.16
CA LYS A 52 26.98 -18.52 55.32
C LYS A 52 27.78 -19.72 54.86
N THR A 53 29.02 -19.82 55.31
CA THR A 53 29.91 -20.90 54.90
C THR A 53 29.74 -22.07 55.87
N LYS A 54 29.10 -23.14 55.39
CA LYS A 54 28.93 -24.33 56.20
C LYS A 54 30.06 -25.32 55.90
N VAL A 55 30.44 -26.06 56.93
CA VAL A 55 31.54 -27.02 56.85
C VAL A 55 31.00 -28.42 57.14
N PRO A 56 31.24 -29.40 56.27
CA PRO A 56 30.86 -30.77 56.58
C PRO A 56 31.87 -31.42 57.53
N SER A 57 31.55 -32.64 57.93
CA SER A 57 32.44 -33.38 58.82
C SER A 57 33.63 -33.91 58.03
N PRO A 58 34.85 -33.63 58.46
CA PRO A 58 36.03 -34.17 57.76
C PRO A 58 36.22 -35.64 58.07
N VAL A 59 36.89 -36.34 57.16
CA VAL A 59 37.24 -37.74 57.38
C VAL A 59 38.63 -37.80 57.97
N VAL A 60 38.84 -38.78 58.86
CA VAL A 60 40.13 -38.97 59.51
C VAL A 60 40.52 -40.43 59.31
N LYS A 61 41.51 -40.67 58.45
CA LYS A 61 42.07 -42.00 58.30
C LYS A 61 43.23 -42.16 59.28
N CYS A 62 43.35 -43.37 59.84
CA CYS A 62 44.39 -43.63 60.83
C CYS A 62 45.77 -43.65 60.20
N CYS A 63 45.90 -44.31 59.05
CA CYS A 63 47.13 -44.26 58.26
C CYS A 63 46.77 -44.56 56.80
N GLY A 64 46.80 -43.52 55.98
CA GLY A 64 46.39 -43.63 54.59
C GLY A 64 46.39 -42.27 53.94
N ALA A 65 45.86 -42.23 52.71
CA ALA A 65 45.84 -40.98 51.95
C ALA A 65 44.72 -41.04 50.92
N THR A 66 43.88 -40.00 50.91
CA THR A 66 42.83 -39.85 49.90
C THR A 66 42.87 -38.42 49.36
N GLN A 67 42.39 -38.28 48.13
CA GLN A 67 42.23 -36.98 47.49
C GLN A 67 40.76 -36.79 47.10
N CYS A 68 40.22 -35.62 47.39
CA CYS A 68 38.82 -35.36 47.11
C CYS A 68 38.61 -35.07 45.63
N THR A 69 37.35 -35.04 45.22
CA THR A 69 36.97 -34.72 43.87
C THR A 69 36.45 -33.29 43.79
N SER A 70 36.48 -32.73 42.59
CA SER A 70 35.97 -31.38 42.33
C SER A 70 34.46 -31.46 42.26
N LYS A 71 33.78 -30.88 43.24
CA LYS A 71 32.33 -30.96 43.32
C LYS A 71 31.68 -29.69 42.78
N PRO A 72 30.51 -29.80 42.15
CA PRO A 72 29.83 -28.58 41.64
C PRO A 72 29.17 -27.77 42.75
N HIS A 73 30.00 -27.01 43.45
CA HIS A 73 29.56 -26.15 44.54
C HIS A 73 30.18 -24.76 44.37
N PRO A 74 29.49 -23.72 44.80
CA PRO A 74 30.08 -22.37 44.74
C PRO A 74 31.18 -22.20 45.79
N ASP A 75 32.38 -21.84 45.30
CA ASP A 75 33.58 -21.63 46.12
C ASP A 75 33.94 -22.87 46.94
N TYR A 76 33.89 -24.04 46.30
CA TYR A 76 34.28 -25.28 46.95
C TYR A 76 35.79 -25.33 47.14
N GLN A 77 36.23 -25.88 48.27
CA GLN A 77 37.65 -25.91 48.62
C GLN A 77 38.01 -27.26 49.21
N CYS A 78 39.17 -27.77 48.79
CA CYS A 78 39.77 -28.98 49.35
C CYS A 78 41.24 -28.72 49.63
N GLN A 79 41.73 -29.27 50.76
CA GLN A 79 43.15 -29.23 51.09
C GLN A 79 43.44 -30.36 52.06
N VAL A 80 44.28 -31.30 51.66
CA VAL A 80 44.58 -32.48 52.46
C VAL A 80 45.82 -32.21 53.29
N PHE A 81 45.69 -32.37 54.62
CA PHE A 81 46.80 -32.20 55.54
C PHE A 81 47.32 -33.57 55.96
N SER A 82 48.64 -33.70 56.04
CA SER A 82 49.29 -34.97 56.28
C SER A 82 49.92 -35.00 57.66
N GLY A 83 49.64 -36.06 58.42
CA GLY A 83 50.28 -36.26 59.71
C GLY A 83 49.79 -35.34 60.80
N VAL A 84 48.53 -35.45 61.19
CA VAL A 84 47.93 -34.58 62.19
C VAL A 84 47.99 -35.20 63.58
N TYR A 85 47.74 -36.52 63.69
CA TYR A 85 47.61 -37.29 64.92
C TYR A 85 46.57 -36.64 65.85
N PRO A 86 45.29 -36.73 65.53
CA PRO A 86 44.29 -35.96 66.27
C PRO A 86 43.91 -36.62 67.60
N PHE A 87 43.45 -35.78 68.52
CA PHE A 87 42.97 -36.23 69.82
C PHE A 87 41.49 -35.91 69.97
N MET A 88 40.74 -36.85 70.53
CA MET A 88 39.36 -36.64 70.90
C MET A 88 39.19 -36.99 72.37
N TRP A 89 37.95 -37.05 72.84
CA TRP A 89 37.70 -37.47 74.22
C TRP A 89 37.97 -38.98 74.28
N GLY A 90 38.51 -39.45 75.40
CA GLY A 90 38.85 -40.85 75.55
C GLY A 90 40.06 -41.27 74.76
N GLY A 91 41.19 -40.62 75.00
CA GLY A 91 42.44 -41.01 74.39
C GLY A 91 42.59 -40.52 72.95
N ALA A 92 43.72 -40.93 72.36
CA ALA A 92 44.01 -40.58 70.98
C ALA A 92 43.10 -41.31 70.01
N TYR A 93 42.77 -40.64 68.90
CA TYR A 93 41.81 -41.18 67.96
C TYR A 93 42.41 -42.30 67.10
N CYS A 94 43.68 -42.16 66.70
CA CYS A 94 44.28 -43.09 65.77
C CYS A 94 45.62 -43.60 66.30
N PHE A 95 46.05 -44.72 65.73
CA PHE A 95 47.24 -45.44 66.20
C PHE A 95 48.47 -45.24 65.33
N CYS A 96 48.30 -45.21 64.00
CA CYS A 96 49.42 -45.06 63.08
C CYS A 96 50.02 -43.67 63.23
N ASP A 97 51.18 -43.58 63.88
CA ASP A 97 51.79 -42.30 64.21
C ASP A 97 52.37 -41.64 62.96
N THR A 98 52.43 -40.30 63.01
CA THR A 98 53.08 -39.36 62.08
C THR A 98 52.61 -39.47 60.62
N GLU A 99 51.57 -40.26 60.34
CA GLU A 99 51.03 -40.40 58.98
C GLU A 99 49.51 -40.51 59.11
N ASN A 100 48.83 -39.37 59.04
CA ASN A 100 47.38 -39.31 59.13
C ASN A 100 46.89 -38.35 58.05
N THR A 101 45.57 -38.20 57.95
CA THR A 101 44.98 -37.40 56.87
C THR A 101 43.64 -36.85 57.32
N GLN A 102 43.47 -35.53 57.17
CA GLN A 102 42.20 -34.86 57.38
C GLN A 102 41.76 -34.21 56.07
N MET A 103 40.47 -34.39 55.73
CA MET A 103 39.96 -33.86 54.46
C MET A 103 39.72 -32.36 54.53
N SER A 104 38.80 -31.94 55.41
CA SER A 104 38.47 -30.54 55.73
C SER A 104 38.02 -29.77 54.47
N GLU A 105 36.87 -30.18 53.94
CA GLU A 105 36.26 -29.49 52.82
C GLU A 105 35.28 -28.42 53.33
N ALA A 106 35.04 -27.42 52.48
CA ALA A 106 34.14 -26.32 52.84
C ALA A 106 33.61 -25.68 51.56
N TYR A 107 32.44 -25.06 51.68
CA TYR A 107 31.83 -24.34 50.57
C TYR A 107 30.86 -23.30 51.13
N VAL A 108 30.39 -22.43 50.24
CA VAL A 108 29.63 -21.23 50.61
C VAL A 108 28.21 -21.38 50.10
N GLU A 109 27.23 -21.15 50.99
CA GLU A 109 25.83 -21.16 50.61
C GLU A 109 25.13 -19.94 51.18
N ARG A 110 23.88 -19.75 50.77
CA ARG A 110 23.08 -18.60 51.19
C ARG A 110 22.66 -18.74 52.65
N SER A 111 22.32 -17.61 53.26
CA SER A 111 21.95 -17.56 54.65
C SER A 111 20.43 -17.64 54.82
N GLU A 112 19.99 -17.79 56.07
CA GLU A 112 18.57 -17.90 56.35
C GLU A 112 17.85 -16.56 56.24
N GLU A 113 18.58 -15.45 56.46
CA GLU A 113 17.97 -14.13 56.45
C GLU A 113 17.83 -13.54 55.04
N CYS A 114 18.28 -14.26 54.00
CA CYS A 114 18.20 -13.74 52.63
C CYS A 114 16.77 -13.64 52.11
N SER A 115 15.80 -14.28 52.77
CA SER A 115 14.40 -14.12 52.41
C SER A 115 13.76 -12.89 53.05
N ILE A 116 14.49 -12.14 53.86
CA ILE A 116 13.96 -10.97 54.56
C ILE A 116 14.60 -9.68 54.05
N ASP A 117 15.91 -9.53 54.21
CA ASP A 117 16.63 -8.35 53.74
C ASP A 117 17.62 -8.77 52.66
N HIS A 118 17.45 -8.22 51.46
CA HIS A 118 18.33 -8.49 50.34
C HIS A 118 18.20 -7.34 49.35
N ALA A 119 19.33 -6.94 48.76
CA ALA A 119 19.33 -5.86 47.79
C ALA A 119 19.01 -6.42 46.40
N LYS A 120 18.02 -5.83 45.75
CA LYS A 120 17.55 -6.29 44.44
C LYS A 120 18.08 -5.36 43.36
N ALA A 121 18.64 -5.95 42.31
CA ALA A 121 19.25 -5.20 41.22
C ALA A 121 18.28 -5.09 40.06
N TYR A 122 18.04 -3.87 39.60
CA TYR A 122 17.05 -3.61 38.57
C TYR A 122 17.64 -2.80 37.43
N LYS A 123 17.13 -3.03 36.23
CA LYS A 123 17.34 -2.16 35.08
C LYS A 123 16.00 -1.56 34.71
N VAL A 124 15.95 -0.24 34.58
CA VAL A 124 14.68 0.44 34.33
C VAL A 124 14.60 0.82 32.86
N HIS A 125 13.36 0.98 32.39
CA HIS A 125 13.07 1.48 31.06
C HIS A 125 11.83 2.36 31.15
N THR A 126 11.64 3.22 30.15
CA THR A 126 10.54 4.17 30.16
C THR A 126 9.20 3.45 30.00
N GLY A 127 8.27 3.77 30.89
CA GLY A 127 7.00 3.08 30.91
C GLY A 127 5.79 3.99 30.79
N THR A 128 4.89 3.93 31.77
CA THR A 128 3.64 4.66 31.74
C THR A 128 3.60 5.73 32.82
N VAL A 129 2.94 6.84 32.50
CA VAL A 129 2.70 7.93 33.45
C VAL A 129 1.19 7.97 33.71
N GLN A 130 0.82 7.91 34.98
CA GLN A 130 -0.59 7.95 35.38
C GLN A 130 -0.87 9.05 36.40
N ALA A 131 -1.98 9.74 36.22
CA ALA A 131 -2.37 10.82 37.13
C ALA A 131 -3.85 10.78 37.49
N MET A 132 -4.20 11.35 38.63
CA MET A 132 -5.58 11.40 39.09
C MET A 132 -6.08 12.84 39.06
N VAL A 133 -7.25 13.05 38.44
CA VAL A 133 -7.80 14.40 38.32
C VAL A 133 -9.17 14.63 38.95
N ASN A 134 -9.29 15.74 39.66
CA ASN A 134 -10.52 16.16 40.31
C ASN A 134 -11.24 17.12 39.38
N ILE A 135 -12.50 16.83 39.07
CA ILE A 135 -13.22 17.52 37.99
C ILE A 135 -14.57 18.00 38.53
N THR A 136 -14.89 19.27 38.26
CA THR A 136 -16.21 19.82 38.50
C THR A 136 -16.53 20.82 37.40
N TYR A 137 -17.82 21.00 37.12
CA TYR A 137 -18.27 21.94 36.10
C TYR A 137 -19.72 22.31 36.40
N GLY A 138 -20.01 23.61 36.35
CA GLY A 138 -21.38 24.08 36.54
C GLY A 138 -21.88 23.85 37.94
N SER A 139 -23.04 23.19 38.05
CA SER A 139 -23.63 22.85 39.32
C SER A 139 -23.37 21.40 39.73
N VAL A 140 -22.53 20.69 38.99
CA VAL A 140 -22.19 19.31 39.29
C VAL A 140 -21.02 19.29 40.26
N SER A 141 -21.07 18.36 41.21
CA SER A 141 -20.07 18.28 42.27
C SER A 141 -18.78 17.66 41.76
N TRP A 142 -17.83 17.45 42.67
CA TRP A 142 -16.51 16.95 42.32
C TRP A 142 -16.57 15.45 42.08
N ARG A 143 -16.04 15.01 40.94
CA ARG A 143 -15.93 13.59 40.61
C ARG A 143 -14.49 13.30 40.24
N SER A 144 -13.97 12.15 40.69
CA SER A 144 -12.56 11.85 40.54
C SER A 144 -12.35 10.39 40.16
N ALA A 145 -11.49 10.15 39.17
CA ALA A 145 -10.97 8.83 38.86
C ALA A 145 -9.62 9.01 38.18
N ASP A 146 -8.80 7.97 38.23
CA ASP A 146 -7.45 8.05 37.70
C ASP A 146 -7.43 8.02 36.17
N VAL A 147 -6.40 8.63 35.59
CA VAL A 147 -6.27 8.76 34.15
C VAL A 147 -4.91 8.22 33.71
N TYR A 148 -4.71 8.18 32.41
CA TYR A 148 -3.44 7.82 31.79
C TYR A 148 -2.88 9.04 31.09
N VAL A 149 -1.61 9.36 31.36
CA VAL A 149 -1.01 10.59 30.81
C VAL A 149 -0.43 10.22 29.45
N ASN A 150 -1.31 10.22 28.46
CA ASN A 150 -0.95 10.09 27.05
C ASN A 150 -2.11 10.63 26.24
N GLY A 151 -1.80 11.26 25.10
CA GLY A 151 -2.81 11.98 24.34
C GLY A 151 -3.76 11.14 23.50
N GLU A 152 -3.91 9.86 23.81
CA GLU A 152 -4.79 8.96 23.08
C GLU A 152 -5.92 8.38 23.93
N THR A 153 -5.61 7.90 25.12
CA THR A 153 -6.60 7.17 25.92
C THR A 153 -7.54 8.13 26.63
N PRO A 154 -8.85 8.04 26.42
CA PRO A 154 -9.78 8.89 27.16
C PRO A 154 -10.30 8.22 28.42
N ALA A 155 -10.74 9.06 29.36
CA ALA A 155 -11.33 8.60 30.61
C ALA A 155 -12.69 9.26 30.79
N LYS A 156 -13.68 8.47 31.16
CA LYS A 156 -15.05 8.96 31.37
C LYS A 156 -15.28 9.15 32.86
N ILE A 157 -15.43 10.40 33.27
CA ILE A 157 -15.67 10.77 34.66
C ILE A 157 -16.97 11.56 34.74
N GLY A 158 -17.91 11.07 35.54
CA GLY A 158 -19.24 11.65 35.58
C GLY A 158 -19.98 11.43 34.28
N ASP A 159 -20.14 12.49 33.50
CA ASP A 159 -20.71 12.40 32.17
C ASP A 159 -19.78 13.01 31.12
N ALA A 160 -18.61 13.50 31.54
CA ALA A 160 -17.66 14.14 30.63
C ALA A 160 -16.70 13.08 30.06
N LYS A 161 -15.68 13.55 29.35
CA LYS A 161 -14.67 12.66 28.75
C LYS A 161 -13.39 13.47 28.63
N LEU A 162 -12.37 13.09 29.40
CA LEU A 162 -11.14 13.86 29.51
C LEU A 162 -9.99 13.08 28.88
N ILE A 163 -9.19 13.78 28.08
CA ILE A 163 -7.99 13.21 27.49
C ILE A 163 -6.82 14.06 27.98
N ILE A 164 -6.08 13.54 28.95
CA ILE A 164 -4.89 14.24 29.46
C ILE A 164 -3.77 14.07 28.44
N GLY A 165 -3.15 15.19 28.09
CA GLY A 165 -2.05 15.22 27.14
C GLY A 165 -0.75 14.68 27.70
N PRO A 166 0.13 14.24 26.81
CA PRO A 166 1.44 13.70 27.19
C PRO A 166 2.32 14.78 27.83
N LEU A 167 3.17 14.39 28.77
CA LEU A 167 4.06 15.34 29.44
C LEU A 167 5.02 15.98 28.44
N SER A 168 5.29 17.27 28.64
CA SER A 168 6.16 18.03 27.76
C SER A 168 7.64 17.70 27.96
N SER A 169 8.00 17.01 29.05
CA SER A 169 9.38 16.63 29.30
C SER A 169 9.43 15.15 29.66
N ALA A 170 10.54 14.51 29.30
CA ALA A 170 10.76 13.10 29.60
C ALA A 170 11.75 12.92 30.75
N TRP A 171 11.74 13.83 31.72
CA TRP A 171 12.65 13.74 32.85
C TRP A 171 12.21 12.64 33.81
N SER A 172 13.16 11.83 34.25
CA SER A 172 12.92 10.77 35.22
C SER A 172 14.07 10.78 36.22
N PRO A 173 13.77 10.65 37.51
CA PRO A 173 14.84 10.70 38.53
C PRO A 173 15.69 9.45 38.60
N PHE A 174 15.27 8.35 37.97
CA PHE A 174 16.01 7.10 38.06
C PHE A 174 17.15 7.08 37.06
N ASP A 175 18.26 6.45 37.47
CA ASP A 175 19.37 6.19 36.56
C ASP A 175 19.06 4.92 35.76
N ASN A 176 20.02 4.46 34.95
CA ASN A 176 19.80 3.27 34.14
C ASN A 176 19.76 2.01 35.00
N LYS A 177 20.51 1.98 36.09
CA LYS A 177 20.54 0.83 37.00
C LYS A 177 20.28 1.33 38.41
N VAL A 178 19.41 0.63 39.15
CA VAL A 178 19.05 1.01 40.51
C VAL A 178 19.14 -0.21 41.41
N VAL A 179 19.31 0.06 42.70
CA VAL A 179 19.32 -0.96 43.75
C VAL A 179 18.22 -0.64 44.75
N VAL A 180 17.35 -1.61 44.99
CA VAL A 180 16.22 -1.44 45.91
C VAL A 180 16.49 -2.31 47.13
N TYR A 181 16.98 -1.70 48.20
CA TYR A 181 17.20 -2.39 49.47
C TYR A 181 16.14 -1.94 50.46
N GLY A 182 15.26 -2.87 50.85
CA GLY A 182 14.31 -2.61 51.91
C GLY A 182 13.21 -1.63 51.54
N HIS A 183 13.30 -0.42 52.08
CA HIS A 183 12.29 0.61 51.89
C HIS A 183 12.69 1.64 50.83
N GLU A 184 13.98 1.90 50.68
CA GLU A 184 14.47 3.02 49.87
C GLU A 184 15.21 2.53 48.63
N VAL A 185 15.38 3.45 47.68
CA VAL A 185 15.96 3.18 46.37
C VAL A 185 17.30 3.92 46.26
N TYR A 186 18.29 3.27 45.66
CA TYR A 186 19.60 3.86 45.42
C TYR A 186 19.95 3.81 43.94
N ASN A 187 20.74 4.77 43.50
CA ASN A 187 21.31 4.75 42.16
C ASN A 187 22.70 4.13 42.23
N TYR A 188 22.89 3.01 41.55
CA TYR A 188 24.11 2.23 41.70
C TYR A 188 24.37 1.46 40.41
N ASP A 189 25.60 0.96 40.26
CA ASP A 189 26.01 0.21 39.10
C ASP A 189 26.32 -1.24 39.49
N PHE A 190 26.16 -2.16 38.52
CA PHE A 190 26.32 -3.56 38.88
C PHE A 190 27.60 -4.15 38.31
N PRO A 191 28.14 -5.19 38.95
CA PRO A 191 29.23 -5.96 38.35
C PRO A 191 28.78 -7.00 37.34
N GLU A 192 27.48 -7.01 36.98
CA GLU A 192 26.94 -7.76 35.83
C GLU A 192 27.09 -9.28 36.00
N TYR A 193 26.94 -9.76 37.24
CA TYR A 193 26.73 -11.16 37.62
C TYR A 193 27.92 -12.09 37.36
N GLY A 194 28.98 -11.59 36.72
CA GLY A 194 30.11 -12.43 36.43
C GLY A 194 31.34 -12.03 37.21
N THR A 195 31.29 -10.87 37.82
CA THR A 195 32.40 -10.31 38.57
C THR A 195 31.95 -9.92 39.98
N GLY A 196 32.93 -9.82 40.86
CA GLY A 196 32.71 -9.38 42.22
C GLY A 196 34.04 -9.38 42.95
N LYS A 197 34.35 -8.30 43.66
CA LYS A 197 35.67 -8.12 44.24
C LYS A 197 35.72 -8.56 45.70
N ALA A 198 34.81 -9.46 46.09
CA ALA A 198 34.80 -10.22 47.34
C ALA A 198 34.55 -9.39 48.59
N GLY A 199 34.47 -8.07 48.48
CA GLY A 199 34.23 -7.26 49.65
C GLY A 199 33.42 -6.00 49.50
N SER A 200 32.83 -5.73 48.33
CA SER A 200 32.18 -4.45 48.10
C SER A 200 30.67 -4.56 47.92
N PHE A 201 30.20 -5.19 46.85
CA PHE A 201 28.76 -5.40 46.72
C PHE A 201 28.36 -6.73 46.10
N GLY A 202 29.18 -7.35 45.27
CA GLY A 202 28.75 -8.49 44.49
C GLY A 202 29.52 -9.77 44.80
N ASP A 203 29.81 -10.00 46.08
CA ASP A 203 30.50 -11.21 46.47
C ASP A 203 29.58 -12.43 46.54
N LEU A 204 28.27 -12.24 46.41
CA LEU A 204 27.32 -13.35 46.37
C LEU A 204 26.10 -12.88 45.60
N GLN A 205 25.99 -13.30 44.34
CA GLN A 205 24.90 -12.88 43.46
C GLN A 205 24.07 -14.09 43.06
N SER A 206 22.77 -14.02 43.32
CA SER A 206 21.82 -15.05 42.92
C SER A 206 20.72 -14.41 42.09
N ARG A 207 20.34 -15.05 40.98
CA ARG A 207 19.36 -14.48 40.05
C ARG A 207 17.96 -14.46 40.63
N THR A 208 17.67 -15.30 41.61
CA THR A 208 16.34 -15.44 42.18
C THR A 208 16.54 -15.93 43.61
N SER A 209 15.69 -15.45 44.54
CA SER A 209 15.79 -15.85 45.94
C SER A 209 15.52 -17.34 46.16
N THR A 210 14.84 -18.00 45.22
CA THR A 210 14.60 -19.44 45.29
C THR A 210 15.39 -20.21 44.24
N SER A 211 16.38 -19.57 43.62
CA SER A 211 17.16 -20.23 42.57
C SER A 211 18.14 -21.24 43.16
N ASN A 212 18.51 -22.22 42.35
CA ASN A 212 19.44 -23.27 42.75
C ASN A 212 20.89 -22.86 42.54
N ASP A 213 21.21 -22.34 41.36
CA ASP A 213 22.58 -21.94 41.05
C ASP A 213 22.94 -20.64 41.76
N LEU A 214 24.19 -20.54 42.18
CA LEU A 214 24.65 -19.39 42.94
C LEU A 214 26.11 -19.11 42.61
N TYR A 215 26.45 -17.84 42.49
CA TYR A 215 27.82 -17.40 42.27
C TYR A 215 28.33 -16.69 43.52
N ALA A 216 29.52 -17.06 43.97
CA ALA A 216 30.10 -16.47 45.16
C ALA A 216 31.61 -16.62 45.13
N ASN A 217 32.32 -15.49 45.26
CA ASN A 217 33.73 -15.50 45.59
C ASN A 217 33.96 -14.75 46.90
N THR A 218 34.63 -15.40 47.86
CA THR A 218 34.85 -14.82 49.17
C THR A 218 36.28 -15.04 49.67
N ASN A 219 37.21 -15.44 48.79
CA ASN A 219 38.60 -15.78 49.12
C ASN A 219 38.66 -16.84 50.22
N LEU A 220 37.81 -17.85 50.11
CA LEU A 220 37.76 -18.91 51.11
C LEU A 220 39.01 -19.79 51.01
N LYS A 221 39.64 -20.04 52.15
CA LYS A 221 40.93 -20.74 52.19
C LYS A 221 41.07 -21.41 53.54
N LEU A 222 41.38 -22.70 53.52
CA LEU A 222 41.43 -23.50 54.73
C LEU A 222 42.82 -23.44 55.37
N GLN A 223 42.86 -23.63 56.69
CA GLN A 223 44.09 -23.59 57.46
C GLN A 223 44.34 -24.95 58.09
N ARG A 224 45.59 -25.17 58.47
CA ARG A 224 45.99 -26.44 59.06
C ARG A 224 45.55 -26.51 60.51
N PRO A 225 44.87 -27.59 60.92
CA PRO A 225 44.54 -27.75 62.34
C PRO A 225 45.78 -28.02 63.16
N GLN A 226 45.80 -27.49 64.39
CA GLN A 226 46.99 -27.51 65.21
C GLN A 226 46.78 -28.35 66.47
N ALA A 227 47.89 -28.89 66.97
CA ALA A 227 48.02 -29.55 68.28
C ALA A 227 47.13 -30.79 68.41
N GLY A 228 46.71 -31.39 67.30
CA GLY A 228 45.87 -32.57 67.35
C GLY A 228 44.46 -32.30 67.86
N ILE A 229 43.74 -31.41 67.19
CA ILE A 229 42.36 -31.09 67.54
C ILE A 229 41.53 -31.24 66.27
N VAL A 230 40.45 -32.03 66.35
CA VAL A 230 39.61 -32.27 65.20
C VAL A 230 38.69 -31.08 64.97
N HIS A 231 39.12 -30.16 64.09
CA HIS A 231 38.30 -29.03 63.69
C HIS A 231 38.86 -28.50 62.38
N THR A 232 38.01 -27.84 61.60
CA THR A 232 38.43 -27.25 60.35
C THR A 232 38.38 -25.73 60.39
N PRO A 233 39.53 -25.05 60.44
CA PRO A 233 39.54 -23.58 60.42
C PRO A 233 39.69 -23.03 59.01
N PHE A 234 39.28 -21.76 58.87
CA PHE A 234 39.36 -21.08 57.58
C PHE A 234 39.39 -19.59 57.82
N THR A 235 40.04 -18.87 56.90
CA THR A 235 40.05 -17.41 56.88
C THR A 235 39.49 -16.93 55.55
N GLN A 236 38.67 -15.87 55.61
CA GLN A 236 38.10 -15.26 54.42
C GLN A 236 37.77 -13.81 54.71
N VAL A 237 37.60 -13.03 53.66
CA VAL A 237 37.26 -11.62 53.80
C VAL A 237 35.80 -11.51 54.22
N PRO A 238 35.42 -10.49 55.01
CA PRO A 238 34.02 -10.38 55.45
C PRO A 238 33.04 -10.04 54.35
N SER A 239 31.76 -9.94 54.71
CA SER A 239 30.70 -9.79 53.72
C SER A 239 30.71 -8.39 53.10
N GLY A 240 30.54 -8.34 51.79
CA GLY A 240 30.40 -7.07 51.12
C GLY A 240 29.05 -6.42 51.30
N PHE A 241 28.00 -7.24 51.45
CA PHE A 241 26.66 -6.71 51.71
C PHE A 241 26.58 -6.13 53.12
N GLU A 242 27.28 -6.74 54.08
CA GLU A 242 27.39 -6.17 55.42
C GLU A 242 28.19 -4.88 55.40
N ARG A 243 29.24 -4.82 54.56
CA ARG A 243 30.02 -3.60 54.42
C ARG A 243 29.25 -2.52 53.67
N TRP A 244 28.36 -2.92 52.75
CA TRP A 244 27.62 -1.93 51.96
C TRP A 244 26.58 -1.21 52.80
N LYS A 245 26.01 -1.88 53.81
CA LYS A 245 24.98 -1.27 54.64
C LYS A 245 25.53 -0.19 55.58
N LYS A 246 26.85 -0.11 55.76
CA LYS A 246 27.45 0.99 56.49
C LYS A 246 27.88 2.13 55.58
N ASP A 247 28.66 1.81 54.54
CA ASP A 247 29.20 2.81 53.63
C ASP A 247 28.31 3.01 52.40
N LYS A 248 27.03 3.31 52.64
CA LYS A 248 26.13 3.72 51.57
C LYS A 248 25.67 5.14 51.84
N GLY A 249 25.49 5.92 50.77
CA GLY A 249 25.14 7.32 50.91
C GLY A 249 23.66 7.57 51.15
N ALA A 250 23.16 8.65 50.63
CA ALA A 250 21.77 9.01 50.78
C ALA A 250 20.93 8.32 49.70
N PRO A 251 19.70 7.90 50.02
CA PRO A 251 18.87 7.23 49.01
C PRO A 251 18.30 8.17 47.96
N LEU A 252 17.59 7.62 46.98
CA LEU A 252 17.04 8.44 45.92
C LEU A 252 15.86 9.30 46.38
N ASN A 253 15.19 8.91 47.45
CA ASN A 253 14.04 9.68 47.94
C ASN A 253 14.45 10.83 48.86
N ASP A 254 15.75 11.08 49.02
CA ASP A 254 16.25 12.23 49.73
C ASP A 254 17.15 13.12 48.88
N VAL A 255 17.36 12.77 47.61
CA VAL A 255 18.33 13.45 46.75
C VAL A 255 17.62 14.02 45.53
N ALA A 256 16.52 13.36 45.11
CA ALA A 256 15.89 13.62 43.81
C ALA A 256 15.30 15.03 43.74
N PRO A 257 15.47 15.72 42.61
CA PRO A 257 14.96 17.09 42.49
C PRO A 257 13.45 17.11 42.29
N PHE A 258 12.92 18.34 42.28
CA PHE A 258 11.51 18.68 42.04
C PHE A 258 10.57 18.11 43.10
N GLY A 259 11.10 17.69 44.25
CA GLY A 259 10.29 17.15 45.32
C GLY A 259 9.57 15.85 45.01
N CYS A 260 10.24 14.92 44.33
CA CYS A 260 9.62 13.66 43.93
C CYS A 260 9.73 12.68 45.08
N SER A 261 8.61 12.43 45.77
CA SER A 261 8.55 11.38 46.77
C SER A 261 8.44 10.03 46.08
N ILE A 262 9.29 9.09 46.49
CA ILE A 262 9.45 7.80 45.81
C ILE A 262 8.79 6.71 46.65
N ALA A 263 7.82 6.02 46.06
CA ALA A 263 7.20 4.86 46.67
C ALA A 263 7.81 3.60 46.08
N LEU A 264 7.27 2.45 46.44
CA LEU A 264 8.05 1.24 46.17
C LEU A 264 7.33 0.14 45.42
N GLU A 265 6.03 -0.07 45.66
CA GLU A 265 5.34 -1.29 45.26
C GLU A 265 5.26 -1.48 43.73
N PRO A 266 4.96 -0.46 42.91
CA PRO A 266 5.33 -0.56 41.49
C PRO A 266 6.63 0.16 41.14
N LEU A 267 7.35 0.66 42.14
CA LEU A 267 8.53 1.53 41.98
C LEU A 267 8.19 2.76 41.13
N ARG A 268 7.28 3.56 41.66
CA ARG A 268 6.91 4.80 41.00
C ARG A 268 7.77 5.95 41.53
N ALA A 269 7.55 7.15 40.96
CA ALA A 269 8.19 8.38 41.41
C ALA A 269 7.07 9.41 41.50
N GLU A 270 6.43 9.49 42.67
CA GLU A 270 5.20 10.25 42.82
C GLU A 270 5.47 11.75 42.96
N ASN A 271 4.57 12.54 42.37
CA ASN A 271 4.40 13.97 42.65
C ASN A 271 5.62 14.81 42.25
N CYS A 272 6.09 14.62 41.03
CA CYS A 272 7.08 15.53 40.47
C CYS A 272 6.39 16.76 39.89
N ALA A 273 7.20 17.78 39.60
CA ALA A 273 6.70 19.05 39.07
C ALA A 273 7.67 19.57 38.02
N VAL A 274 7.43 19.21 36.77
CA VAL A 274 8.27 19.63 35.65
C VAL A 274 7.41 19.67 34.39
N GLY A 275 7.54 20.75 33.62
CA GLY A 275 6.82 20.87 32.36
C GLY A 275 5.37 21.26 32.54
N SER A 276 4.58 20.97 31.50
CA SER A 276 3.16 21.29 31.47
C SER A 276 2.39 20.14 30.86
N ILE A 277 1.10 20.05 31.20
CA ILE A 277 0.24 18.98 30.72
C ILE A 277 -0.90 19.55 29.89
N PRO A 278 -0.95 19.29 28.59
CA PRO A 278 -2.11 19.72 27.80
C PRO A 278 -3.37 18.95 28.18
N ILE A 279 -4.53 19.62 28.00
CA ILE A 279 -5.82 19.07 28.36
C ILE A 279 -6.72 19.01 27.13
N SER A 280 -7.75 18.18 27.24
CA SER A 280 -8.84 18.12 26.26
C SER A 280 -10.03 17.46 26.94
N ILE A 281 -11.15 18.18 27.04
CA ILE A 281 -12.31 17.70 27.78
C ILE A 281 -13.54 17.85 26.90
N ASP A 282 -14.58 17.07 27.23
CA ASP A 282 -15.84 17.05 26.49
C ASP A 282 -16.97 17.28 27.48
N ILE A 283 -17.38 18.54 27.62
CA ILE A 283 -18.49 18.88 28.50
C ILE A 283 -19.80 18.45 27.85
N PRO A 284 -20.70 17.78 28.57
CA PRO A 284 -21.98 17.37 27.97
C PRO A 284 -22.86 18.56 27.62
N ASP A 285 -23.72 18.35 26.62
CA ASP A 285 -24.59 19.41 26.12
C ASP A 285 -25.75 19.75 27.06
N ALA A 286 -26.00 18.91 28.06
CA ALA A 286 -27.06 19.20 29.04
C ALA A 286 -26.62 20.17 30.11
N ALA A 287 -25.34 20.51 30.18
CA ALA A 287 -24.83 21.46 31.16
C ALA A 287 -24.82 22.89 30.63
N PHE A 288 -25.31 23.12 29.41
CA PHE A 288 -25.38 24.44 28.82
C PHE A 288 -26.81 24.95 28.86
N THR A 289 -27.01 26.12 29.45
CA THR A 289 -28.29 26.81 29.43
C THR A 289 -28.28 27.87 28.34
N ARG A 290 -29.48 28.26 27.90
CA ARG A 290 -29.60 29.25 26.85
C ARG A 290 -29.20 30.63 27.35
N ILE A 291 -28.80 31.49 26.41
CA ILE A 291 -28.25 32.79 26.77
C ILE A 291 -29.35 33.74 27.22
N SER A 292 -30.59 33.54 26.74
CA SER A 292 -31.70 34.43 27.08
C SER A 292 -32.23 34.21 28.49
N GLU A 293 -31.88 33.09 29.14
CA GLU A 293 -32.38 32.77 30.47
C GLU A 293 -31.38 33.12 31.56
N THR A 294 -30.55 34.13 31.35
CA THR A 294 -29.51 34.52 32.28
C THR A 294 -29.56 36.01 32.55
N PRO A 295 -29.12 36.45 33.73
CA PRO A 295 -29.00 37.89 33.98
C PRO A 295 -27.96 38.54 33.07
N THR A 296 -28.24 39.78 32.68
CA THR A 296 -27.34 40.58 31.86
C THR A 296 -26.95 41.82 32.67
N VAL A 297 -25.69 41.89 33.09
CA VAL A 297 -25.25 42.95 33.98
C VAL A 297 -24.80 44.16 33.16
N SER A 298 -24.78 45.31 33.82
CA SER A 298 -24.33 46.56 33.20
C SER A 298 -23.89 47.49 34.33
N ASP A 299 -23.16 48.55 33.93
CA ASP A 299 -22.61 49.58 34.83
C ASP A 299 -21.72 48.96 35.92
N LEU A 300 -20.66 48.30 35.48
CA LEU A 300 -19.73 47.65 36.38
C LEU A 300 -18.61 48.60 36.76
N GLU A 301 -18.32 48.70 38.06
CA GLU A 301 -17.25 49.54 38.57
C GLU A 301 -16.50 48.78 39.65
N CYS A 302 -15.19 48.64 39.48
CA CYS A 302 -14.36 47.84 40.36
C CYS A 302 -13.39 48.73 41.11
N LYS A 303 -13.31 48.55 42.43
CA LYS A 303 -12.37 49.26 43.27
C LYS A 303 -11.67 48.26 44.19
N ILE A 304 -10.35 48.29 44.21
CA ILE A 304 -9.56 47.37 45.02
C ILE A 304 -9.40 47.97 46.41
N THR A 305 -9.84 47.23 47.44
CA THR A 305 -9.79 47.73 48.80
C THR A 305 -8.40 47.53 49.40
N GLU A 306 -7.95 46.28 49.50
CA GLU A 306 -6.67 45.95 50.11
C GLU A 306 -5.98 44.90 49.26
N CYS A 307 -4.69 45.09 48.99
CA CYS A 307 -3.90 44.13 48.24
C CYS A 307 -2.55 43.92 48.91
N THR A 308 -2.01 42.71 48.74
CA THR A 308 -0.72 42.35 49.31
C THR A 308 0.01 41.26 48.52
N TYR A 309 1.34 41.25 48.66
CA TYR A 309 2.23 40.29 48.00
C TYR A 309 2.06 38.83 48.44
N ALA A 310 1.50 38.58 49.62
CA ALA A 310 1.52 37.22 50.14
C ALA A 310 1.06 36.17 49.13
N PHE A 311 1.66 34.99 49.27
CA PHE A 311 1.44 33.85 48.40
C PHE A 311 0.01 33.37 48.38
N ASP A 312 -0.62 33.34 49.55
CA ASP A 312 -1.99 32.81 49.60
C ASP A 312 -3.17 33.77 49.78
N PHE A 313 -3.96 33.91 48.72
CA PHE A 313 -5.20 34.70 48.71
C PHE A 313 -5.11 36.13 49.22
N GLY A 314 -4.07 36.86 48.82
CA GLY A 314 -3.91 38.22 49.28
C GLY A 314 -4.54 39.39 48.55
N GLY A 315 -5.86 39.57 48.63
CA GLY A 315 -6.44 40.75 48.00
C GLY A 315 -7.96 40.74 48.09
N ILE A 316 -8.53 41.88 48.45
CA ILE A 316 -9.97 42.07 48.54
C ILE A 316 -10.35 43.26 47.67
N ALA A 317 -11.37 43.07 46.83
CA ALA A 317 -11.87 44.14 45.97
C ALA A 317 -13.39 44.10 45.92
N THR A 318 -13.98 45.25 45.61
CA THR A 318 -15.43 45.42 45.58
C THR A 318 -15.87 45.85 44.18
N VAL A 319 -16.93 45.22 43.68
CA VAL A 319 -17.47 45.52 42.37
C VAL A 319 -18.92 45.94 42.53
N ALA A 320 -19.26 47.12 42.04
CA ALA A 320 -20.63 47.62 42.03
C ALA A 320 -21.25 47.37 40.66
N TYR A 321 -22.44 46.77 40.65
CA TYR A 321 -23.07 46.31 39.42
C TYR A 321 -24.53 46.74 39.37
N LYS A 322 -25.12 46.54 38.20
CA LYS A 322 -26.56 46.74 37.99
C LYS A 322 -27.04 45.65 37.04
N SER A 323 -27.93 44.78 37.53
CA SER A 323 -28.38 43.63 36.78
C SER A 323 -29.87 43.73 36.50
N SER A 324 -30.29 43.14 35.37
CA SER A 324 -31.70 43.17 35.00
C SER A 324 -32.53 42.24 35.89
N LYS A 325 -32.04 41.03 36.14
CA LYS A 325 -32.74 40.08 37.00
C LYS A 325 -31.74 39.44 37.95
N ALA A 326 -32.26 38.63 38.86
CA ALA A 326 -31.45 37.98 39.88
C ALA A 326 -31.11 36.55 39.45
N GLY A 327 -29.86 36.16 39.65
CA GLY A 327 -29.43 34.83 39.28
C GLY A 327 -27.98 34.61 39.62
N ASN A 328 -27.40 33.57 39.01
CA ASN A 328 -26.01 33.20 39.23
C ASN A 328 -25.28 33.18 37.90
N CYS A 329 -24.06 33.73 37.88
CA CYS A 329 -23.18 33.61 36.74
C CYS A 329 -21.74 33.70 37.25
N PRO A 330 -20.82 32.90 36.69
CA PRO A 330 -19.48 32.80 37.27
C PRO A 330 -18.61 34.01 36.97
N ILE A 331 -17.48 34.07 37.67
CA ILE A 331 -16.46 35.08 37.46
C ILE A 331 -15.16 34.39 37.10
N HIS A 332 -14.33 35.07 36.31
CA HIS A 332 -13.07 34.52 35.86
C HIS A 332 -12.14 35.63 35.40
N SER A 333 -10.87 35.53 35.75
CA SER A 333 -9.85 36.43 35.25
C SER A 333 -8.95 35.66 34.28
N PRO A 334 -9.05 35.93 32.97
CA PRO A 334 -8.30 35.11 32.01
C PRO A 334 -6.81 35.40 31.96
N SER A 335 -6.37 36.54 32.49
CA SER A 335 -4.96 36.87 32.47
C SER A 335 -4.22 36.10 33.57
N GLY A 336 -2.90 36.10 33.47
CA GLY A 336 -2.04 35.49 34.46
C GLY A 336 -1.63 36.39 35.60
N VAL A 337 -2.20 37.58 35.70
CA VAL A 337 -1.83 38.53 36.74
C VAL A 337 -2.35 38.06 38.10
N ALA A 338 -3.64 37.69 38.15
CA ALA A 338 -4.26 37.29 39.42
C ALA A 338 -5.16 36.09 39.19
N VAL A 339 -5.26 35.26 40.23
CA VAL A 339 -6.21 34.15 40.27
C VAL A 339 -7.31 34.53 41.25
N ILE A 340 -8.47 33.89 41.09
CA ILE A 340 -9.67 34.26 41.83
C ILE A 340 -10.02 33.13 42.80
N LYS A 341 -10.32 33.49 44.05
CA LYS A 341 -10.71 32.50 45.05
C LYS A 341 -12.10 31.95 44.78
N GLU A 342 -13.05 32.81 44.44
CA GLU A 342 -14.42 32.39 44.25
C GLU A 342 -14.62 31.79 42.85
N ASN A 343 -15.79 31.18 42.67
CA ASN A 343 -16.17 30.61 41.38
C ASN A 343 -17.47 31.19 40.83
N ASP A 344 -18.39 31.60 41.68
CA ASP A 344 -19.66 32.16 41.24
C ASP A 344 -20.15 33.17 42.26
N VAL A 345 -21.07 34.02 41.83
CA VAL A 345 -21.66 35.05 42.69
C VAL A 345 -23.18 35.00 42.56
N THR A 346 -23.86 35.36 43.65
CA THR A 346 -25.30 35.49 43.66
C THR A 346 -25.66 36.95 43.42
N LEU A 347 -26.50 37.20 42.42
CA LEU A 347 -26.78 38.55 41.98
C LEU A 347 -28.14 39.03 42.47
N ALA A 348 -28.28 40.35 42.50
CA ALA A 348 -29.54 41.00 42.85
C ALA A 348 -29.73 42.17 41.89
N GLU A 349 -30.68 43.04 42.20
CA GLU A 349 -30.96 44.23 41.39
C GLU A 349 -30.22 45.41 42.01
N SER A 350 -29.12 45.80 41.35
CA SER A 350 -28.30 46.97 41.71
C SER A 350 -27.76 46.91 43.13
N GLY A 351 -26.94 45.89 43.37
CA GLY A 351 -26.28 45.74 44.66
C GLY A 351 -24.77 45.81 44.57
N SER A 352 -24.09 44.93 45.29
CA SER A 352 -22.64 44.85 45.26
C SER A 352 -22.22 43.47 45.74
N PHE A 353 -20.98 43.10 45.41
CA PHE A 353 -20.43 41.82 45.84
C PHE A 353 -18.93 41.96 45.99
N THR A 354 -18.33 41.01 46.69
CA THR A 354 -16.90 41.00 46.98
C THR A 354 -16.28 39.71 46.46
N PHE A 355 -15.03 39.80 46.02
CA PHE A 355 -14.27 38.63 45.62
C PHE A 355 -12.87 38.74 46.21
N HIS A 356 -12.21 37.60 46.33
CA HIS A 356 -10.85 37.51 46.86
C HIS A 356 -9.90 37.05 45.78
N PHE A 357 -8.70 37.62 45.76
CA PHE A 357 -7.73 37.32 44.72
C PHE A 357 -6.33 37.32 45.31
N SER A 358 -5.41 36.70 44.57
CA SER A 358 -4.00 36.63 44.95
C SER A 358 -3.14 37.00 43.76
N THR A 359 -2.11 37.80 44.00
CA THR A 359 -1.27 38.30 42.93
C THR A 359 0.15 38.50 43.44
N ALA A 360 1.09 38.58 42.50
CA ALA A 360 2.49 38.83 42.80
C ALA A 360 2.97 40.19 42.32
N ASN A 361 2.11 40.98 41.68
CA ASN A 361 2.50 42.27 41.13
C ASN A 361 2.26 43.38 42.15
N ILE A 362 3.05 44.45 42.02
CA ILE A 362 2.82 45.63 42.84
C ILE A 362 1.55 46.33 42.42
N HIS A 363 1.36 46.51 41.12
CA HIS A 363 0.18 47.15 40.55
C HIS A 363 -0.56 46.15 39.67
N PRO A 364 -1.65 45.54 40.14
CA PRO A 364 -2.40 44.62 39.29
C PRO A 364 -3.16 45.37 38.21
N ALA A 365 -3.07 44.86 36.99
CA ALA A 365 -3.77 45.42 35.84
C ALA A 365 -4.61 44.35 35.16
N PHE A 366 -5.29 43.54 35.96
CA PHE A 366 -6.09 42.44 35.45
C PHE A 366 -7.53 42.88 35.23
N LYS A 367 -8.28 42.03 34.52
CA LYS A 367 -9.69 42.24 34.27
C LYS A 367 -10.43 40.93 34.51
N LEU A 368 -11.68 41.04 34.94
CA LEU A 368 -12.53 39.88 35.18
C LEU A 368 -13.83 40.02 34.39
N GLN A 369 -14.42 38.90 34.03
CA GLN A 369 -15.67 38.86 33.29
C GLN A 369 -16.75 38.22 34.17
N VAL A 370 -17.83 38.95 34.36
CA VAL A 370 -19.02 38.44 35.06
C VAL A 370 -20.24 38.63 34.18
N CYS A 371 -21.02 37.55 34.00
CA CYS A 371 -22.26 37.53 33.20
C CYS A 371 -22.01 38.00 31.77
N THR A 372 -21.02 37.36 31.13
CA THR A 372 -20.37 37.75 29.84
C THR A 372 -20.24 39.26 29.66
N SER A 373 -19.71 39.92 30.70
CA SER A 373 -19.40 41.34 30.64
C SER A 373 -18.14 41.57 31.47
N ALA A 374 -17.22 42.35 30.92
CA ALA A 374 -15.90 42.53 31.51
C ALA A 374 -15.78 43.87 32.25
N VAL A 375 -14.82 43.92 33.17
CA VAL A 375 -14.52 45.12 33.94
C VAL A 375 -13.06 45.06 34.38
N THR A 376 -12.34 46.16 34.17
CA THR A 376 -10.94 46.22 34.55
C THR A 376 -10.79 46.61 36.03
N CYS A 377 -9.62 46.30 36.58
CA CYS A 377 -9.32 46.56 37.98
C CYS A 377 -7.86 47.00 38.11
N LYS A 378 -7.63 48.01 38.95
CA LYS A 378 -6.30 48.52 39.20
C LYS A 378 -6.16 48.86 40.68
N GLY A 379 -4.91 48.87 41.15
CA GLY A 379 -4.65 49.18 42.55
C GLY A 379 -3.19 49.07 42.87
N ASP A 380 -2.89 49.16 44.17
CA ASP A 380 -1.54 49.03 44.69
C ASP A 380 -1.51 47.97 45.79
N CYS A 381 -0.35 47.33 45.95
CA CYS A 381 -0.17 46.26 46.91
C CYS A 381 1.04 46.51 47.78
N LYS A 382 1.01 45.97 49.01
CA LYS A 382 2.05 46.11 50.01
C LYS A 382 2.83 44.81 50.19
N PRO A 383 4.11 44.88 50.56
CA PRO A 383 4.85 43.66 50.87
C PRO A 383 4.32 43.01 52.14
N PRO A 384 4.42 41.69 52.26
CA PRO A 384 3.85 41.01 53.42
C PRO A 384 4.82 40.97 54.60
N LYS A 385 4.23 40.89 55.80
CA LYS A 385 5.02 40.92 57.02
C LYS A 385 5.69 39.58 57.31
N ASP A 386 5.06 38.47 56.93
CA ASP A 386 5.60 37.15 57.23
C ASP A 386 6.83 36.84 56.37
N HIS A 387 7.73 36.04 56.92
CA HIS A 387 8.98 35.69 56.26
C HIS A 387 8.94 34.32 55.59
N ILE A 388 8.47 33.30 56.32
CA ILE A 388 8.45 31.93 55.82
C ILE A 388 7.07 31.35 56.06
N VAL A 389 6.45 30.81 55.00
CA VAL A 389 5.16 30.16 55.09
C VAL A 389 5.32 28.70 54.68
N ASP A 390 4.32 27.89 55.00
CA ASP A 390 4.36 26.45 54.76
C ASP A 390 3.31 26.03 53.73
N TYR A 391 3.08 26.86 52.73
CA TYR A 391 2.22 26.53 51.60
C TYR A 391 2.81 27.12 50.33
N PRO A 392 2.65 26.45 49.19
CA PRO A 392 3.19 27.00 47.94
C PRO A 392 2.37 28.16 47.43
N ALA A 393 2.98 28.94 46.53
CA ALA A 393 2.35 30.13 46.00
C ALA A 393 1.23 29.76 45.02
N GLN A 394 0.11 30.47 45.12
CA GLN A 394 -1.01 30.24 44.22
C GLN A 394 -0.78 30.85 42.84
N HIS A 395 0.09 31.83 42.74
CA HIS A 395 0.28 32.59 41.50
C HIS A 395 1.59 32.22 40.82
N THR A 396 1.83 32.85 39.67
CA THR A 396 3.09 32.72 38.93
C THR A 396 3.75 34.09 38.86
N GLU A 397 5.03 34.16 39.24
CA GLU A 397 5.76 35.41 39.21
C GLU A 397 6.28 35.67 37.80
N SER A 398 5.98 36.85 37.27
CA SER A 398 6.42 37.24 35.94
C SER A 398 7.71 38.05 36.02
N PHE A 399 8.19 38.49 34.85
CA PHE A 399 9.45 39.22 34.79
C PHE A 399 9.28 40.67 35.25
N THR A 400 8.12 41.27 34.99
CA THR A 400 7.83 42.64 35.37
C THR A 400 6.91 42.73 36.58
N SER A 401 6.91 41.73 37.46
CA SER A 401 6.06 41.77 38.63
C SER A 401 6.62 42.69 39.71
N ALA A 402 7.94 42.80 39.82
CA ALA A 402 8.57 43.55 40.89
C ALA A 402 8.81 45.01 40.56
N ILE A 403 8.60 45.43 39.31
CA ILE A 403 8.93 46.79 38.91
C ILE A 403 7.73 47.69 39.22
N SER A 404 7.98 48.72 40.03
CA SER A 404 6.93 49.62 40.47
C SER A 404 6.79 50.79 39.50
N ALA A 405 5.92 51.74 39.85
CA ALA A 405 5.70 52.92 39.01
C ALA A 405 6.86 53.91 39.11
N THR A 406 7.48 54.02 40.29
CA THR A 406 8.65 54.87 40.43
C THR A 406 9.84 54.30 39.67
N ALA A 407 10.04 52.98 39.75
CA ALA A 407 11.15 52.33 39.04
C ALA A 407 10.95 52.36 37.53
N TRP A 408 9.70 52.38 37.06
CA TRP A 408 9.45 52.56 35.64
C TRP A 408 9.80 53.97 35.18
N SER A 409 9.59 54.96 36.04
CA SER A 409 9.87 56.35 35.69
C SER A 409 11.37 56.61 35.57
N TRP A 410 12.16 55.96 36.41
CA TRP A 410 13.62 56.11 36.33
C TRP A 410 14.18 55.38 35.12
N ILE A 411 13.50 54.33 34.64
CA ILE A 411 13.95 53.64 33.44
C ILE A 411 13.72 54.52 32.21
N LYS A 412 12.55 55.15 32.12
CA LYS A 412 12.25 56.03 31.00
C LYS A 412 13.11 57.30 31.01
N VAL A 413 13.46 57.79 32.20
CA VAL A 413 14.32 58.96 32.30
C VAL A 413 15.74 58.62 31.87
N LEU A 414 16.26 57.48 32.35
CA LEU A 414 17.64 57.11 32.06
C LEU A 414 17.83 56.48 30.68
N VAL A 415 16.78 56.37 29.88
CA VAL A 415 16.88 55.88 28.52
C VAL A 415 16.47 56.96 27.51
N GLY A 416 15.37 57.67 27.78
CA GLY A 416 14.90 58.69 26.86
C GLY A 416 15.79 59.92 26.81
N GLY A 417 16.35 60.31 27.96
CA GLY A 417 17.22 61.50 27.97
C GLY A 417 18.56 61.22 27.30
N THR A 418 19.11 60.02 27.52
CA THR A 418 20.40 59.69 26.89
C THR A 418 20.24 59.41 25.41
N SER A 419 19.06 58.96 24.97
CA SER A 419 18.83 58.76 23.54
C SER A 419 18.65 60.10 22.83
N ALA A 420 17.96 61.04 23.47
CA ALA A 420 17.78 62.37 22.89
C ALA A 420 19.05 63.21 22.96
N PHE A 421 20.00 62.86 23.83
CA PHE A 421 21.23 63.61 23.94
C PHE A 421 22.26 63.18 22.89
N ILE A 422 22.01 62.05 22.22
CA ILE A 422 22.74 61.70 21.01
C ILE A 422 22.01 62.20 19.76
N VAL A 423 20.68 62.17 19.78
CA VAL A 423 19.87 62.64 18.65
C VAL A 423 20.08 64.14 18.44
N LEU A 424 20.11 64.91 19.53
CA LEU A 424 20.49 66.32 19.43
C LEU A 424 21.94 66.48 18.98
N GLY A 425 22.83 65.59 19.43
CA GLY A 425 24.19 65.60 18.94
C GLY A 425 24.31 65.22 17.48
N LEU A 426 23.45 64.28 17.03
CA LEU A 426 23.47 63.90 15.62
C LEU A 426 22.85 64.97 14.74
N ILE A 427 21.81 65.65 15.23
CA ILE A 427 21.19 66.71 14.46
C ILE A 427 22.00 68.00 14.49
N ALA A 428 22.96 68.12 15.42
CA ALA A 428 23.83 69.29 15.45
C ALA A 428 24.83 69.27 14.30
N THR A 429 25.30 68.08 13.91
CA THR A 429 26.22 67.96 12.79
C THR A 429 25.53 68.04 11.45
N ALA A 430 24.19 67.93 11.42
CA ALA A 430 23.42 68.09 10.20
C ALA A 430 22.98 69.53 9.98
N VAL A 431 23.36 70.45 10.86
CA VAL A 431 23.03 71.86 10.72
C VAL A 431 24.19 72.64 10.13
N VAL A 432 25.40 72.45 10.67
CA VAL A 432 26.57 73.14 10.15
C VAL A 432 27.02 72.57 8.81
N ALA A 433 26.67 71.32 8.51
CA ALA A 433 26.94 70.76 7.19
C ALA A 433 26.10 71.44 6.13
N LEU A 434 24.83 71.73 6.44
CA LEU A 434 24.00 72.51 5.52
C LEU A 434 24.45 73.97 5.48
N VAL A 435 24.98 74.50 6.59
CA VAL A 435 25.47 75.87 6.62
C VAL A 435 26.75 76.00 5.80
N LEU A 436 27.64 75.01 5.89
CA LEU A 436 28.90 75.04 5.14
C LEU A 436 28.66 74.92 3.64
N PHE A 437 27.59 74.23 3.22
CA PHE A 437 27.28 74.17 1.80
C PHE A 437 26.74 75.51 1.31
N PHE A 438 26.02 76.22 2.18
CA PHE A 438 25.57 77.57 1.83
C PHE A 438 26.71 78.56 1.78
N HIS A 439 27.75 78.36 2.61
CA HIS A 439 28.90 79.24 2.59
C HIS A 439 29.80 79.01 1.39
N ARG A 440 29.79 77.81 0.81
CA ARG A 440 30.57 77.57 -0.40
C ARG A 440 30.00 78.32 -1.60
N HIS A 441 28.68 78.44 -1.68
CA HIS A 441 28.03 79.20 -2.75
C HIS A 441 26.66 79.71 -2.29
N ASP B 1 0.34 -28.64 70.65
CA ASP B 1 0.97 -29.94 70.82
C ASP B 1 2.49 -29.81 70.77
N LEU B 2 3.18 -30.59 71.61
CA LEU B 2 4.64 -30.56 71.66
C LEU B 2 5.25 -31.57 70.71
N ASP B 3 4.66 -32.75 70.66
CA ASP B 3 5.23 -33.84 69.89
C ASP B 3 5.38 -33.53 68.41
N THR B 4 4.43 -32.78 67.87
CA THR B 4 4.46 -32.52 66.43
C THR B 4 5.79 -31.88 66.03
N HIS B 5 6.29 -30.93 66.83
CA HIS B 5 7.56 -30.29 66.53
C HIS B 5 8.75 -31.18 66.90
N PHE B 6 8.58 -32.06 67.87
CA PHE B 6 9.65 -32.97 68.31
C PHE B 6 9.60 -34.32 67.59
N THR B 7 9.09 -34.35 66.35
CA THR B 7 8.99 -35.61 65.62
C THR B 7 10.37 -36.13 65.21
N GLN B 8 11.19 -35.25 64.60
CA GLN B 8 12.51 -35.65 64.15
C GLN B 8 13.61 -35.38 65.16
N TYR B 9 13.31 -34.66 66.24
CA TYR B 9 14.32 -34.43 67.28
C TYR B 9 14.43 -35.59 68.26
N LYS B 10 13.46 -36.50 68.26
CA LYS B 10 13.58 -37.70 69.10
C LYS B 10 14.55 -38.71 68.51
N LEU B 11 14.89 -38.57 67.24
CA LEU B 11 15.81 -39.50 66.59
C LEU B 11 17.27 -39.03 66.65
N ALA B 12 17.51 -37.92 67.32
CA ALA B 12 18.83 -37.33 67.41
C ALA B 12 19.28 -37.27 68.87
N ARG B 13 20.60 -37.23 69.06
CA ARG B 13 21.21 -37.27 70.37
C ARG B 13 22.23 -36.15 70.49
N PRO B 14 22.55 -35.73 71.72
CA PRO B 14 23.68 -34.82 71.92
C PRO B 14 25.01 -35.49 71.58
N TYR B 15 26.01 -34.66 71.32
CA TYR B 15 27.36 -35.14 71.06
C TYR B 15 28.34 -34.31 71.87
N ILE B 16 29.61 -34.66 71.77
CA ILE B 16 30.70 -33.98 72.47
C ILE B 16 31.69 -33.51 71.42
N ALA B 17 31.94 -32.20 71.38
CA ALA B 17 32.82 -31.60 70.40
C ALA B 17 33.77 -30.63 71.09
N ASP B 18 34.76 -30.15 70.34
CA ASP B 18 35.78 -29.28 70.90
C ASP B 18 35.23 -27.88 71.16
N CYS B 19 35.51 -27.35 72.35
CA CYS B 19 35.12 -26.00 72.74
C CYS B 19 36.32 -25.31 73.39
N PRO B 20 36.79 -24.19 72.85
CA PRO B 20 37.87 -23.46 73.53
C PRO B 20 37.34 -22.70 74.74
N ASN B 21 38.21 -22.60 75.75
CA ASN B 21 38.07 -21.69 76.90
C ASN B 21 36.82 -21.98 77.73
N CYS B 22 36.80 -23.16 78.36
CA CYS B 22 35.89 -23.35 79.49
C CYS B 22 36.48 -22.66 80.72
N GLY B 23 37.63 -23.15 81.16
CA GLY B 23 38.46 -22.50 82.15
C GLY B 23 39.73 -22.04 81.48
N HIS B 24 40.78 -22.86 81.59
CA HIS B 24 42.05 -22.62 80.93
C HIS B 24 42.48 -23.85 80.11
N SER B 25 41.52 -24.57 79.53
CA SER B 25 41.79 -25.93 79.06
C SER B 25 41.47 -26.22 77.60
N ARG B 26 40.68 -25.38 76.91
CA ARG B 26 40.16 -25.58 75.55
C ARG B 26 39.56 -26.98 75.35
N CYS B 27 38.36 -27.16 75.90
CA CYS B 27 37.81 -28.45 76.31
C CYS B 27 37.43 -29.34 75.13
N ASP B 28 36.85 -30.48 75.45
CA ASP B 28 35.91 -31.21 74.60
C ASP B 28 34.67 -31.47 75.47
N SER B 29 33.80 -30.47 75.51
CA SER B 29 32.72 -30.35 76.47
C SER B 29 31.39 -30.79 75.88
N PRO B 30 30.41 -31.19 76.72
CA PRO B 30 29.06 -31.47 76.20
C PRO B 30 28.36 -30.25 75.61
N ILE B 31 28.76 -29.04 75.99
CA ILE B 31 28.25 -27.81 75.37
C ILE B 31 29.37 -27.27 74.49
N ALA B 32 29.06 -27.05 73.21
CA ALA B 32 30.01 -26.55 72.24
C ALA B 32 29.32 -25.49 71.40
N ILE B 33 29.82 -24.26 71.44
CA ILE B 33 29.20 -23.15 70.74
C ILE B 33 29.54 -23.24 69.25
N GLU B 34 28.51 -23.34 68.42
CA GLU B 34 28.66 -23.25 66.98
C GLU B 34 27.64 -22.26 66.43
N GLU B 35 28.03 -21.52 65.39
CA GLU B 35 27.15 -20.90 64.40
C GLU B 35 26.20 -19.90 65.08
N VAL B 36 26.81 -18.83 65.57
CA VAL B 36 26.08 -17.79 66.27
C VAL B 36 25.58 -16.76 65.28
N ARG B 37 24.34 -16.31 65.47
CA ARG B 37 23.71 -15.33 64.57
C ARG B 37 23.34 -14.10 65.38
N GLY B 38 23.84 -12.95 64.95
CA GLY B 38 23.54 -11.69 65.62
C GLY B 38 23.12 -10.61 64.66
N ASP B 39 22.36 -10.97 63.64
CA ASP B 39 21.93 -10.04 62.60
C ASP B 39 20.49 -9.57 62.78
N ALA B 40 20.12 -9.34 64.05
CA ALA B 40 18.77 -8.91 64.44
C ALA B 40 18.78 -7.45 64.91
N HIS B 41 17.63 -6.78 64.86
CA HIS B 41 17.58 -5.36 65.21
C HIS B 41 17.40 -5.01 66.69
N ALA B 42 17.34 -6.00 67.55
CA ALA B 42 17.12 -5.69 68.96
C ALA B 42 18.12 -6.39 69.89
N GLY B 43 19.26 -6.84 69.36
CA GLY B 43 20.22 -7.52 70.20
C GLY B 43 19.83 -8.91 70.63
N VAL B 44 18.91 -9.56 69.91
CA VAL B 44 18.50 -10.93 70.19
C VAL B 44 19.30 -11.86 69.29
N ILE B 45 19.86 -12.92 69.88
CA ILE B 45 20.75 -13.82 69.18
C ILE B 45 20.25 -15.25 69.33
N ARG B 46 20.66 -16.10 68.38
CA ARG B 46 20.36 -17.52 68.40
C ARG B 46 21.68 -18.28 68.41
N ILE B 47 21.87 -19.13 69.42
CA ILE B 47 23.10 -19.89 69.60
C ILE B 47 22.77 -21.37 69.45
N GLN B 48 23.53 -22.06 68.60
CA GLN B 48 23.38 -23.50 68.38
C GLN B 48 24.44 -24.24 69.19
N THR B 49 24.01 -24.91 70.26
CA THR B 49 24.91 -25.69 71.08
C THR B 49 24.90 -27.14 70.60
N SER B 50 25.52 -28.03 71.37
CA SER B 50 25.48 -29.46 71.09
C SER B 50 24.54 -30.24 72.00
N ALA B 51 24.22 -29.71 73.17
CA ALA B 51 23.24 -30.35 74.05
C ALA B 51 21.84 -30.15 73.51
N MET B 52 20.90 -30.94 74.04
CA MET B 52 19.51 -30.91 73.62
C MET B 52 18.65 -30.34 74.75
N PHE B 53 17.80 -29.38 74.41
CA PHE B 53 16.89 -28.75 75.36
C PHE B 53 15.46 -29.15 75.05
N GLY B 54 14.67 -29.33 76.10
CA GLY B 54 13.29 -29.75 75.91
C GLY B 54 13.12 -31.21 75.58
N LEU B 55 14.11 -32.05 75.86
CA LEU B 55 14.05 -33.47 75.55
C LEU B 55 14.70 -34.27 76.66
N LYS B 56 14.08 -35.38 77.03
CA LYS B 56 14.63 -36.33 77.97
C LYS B 56 15.15 -37.54 77.21
N THR B 57 15.61 -38.55 77.94
CA THR B 57 16.10 -39.76 77.29
C THR B 57 14.97 -40.46 76.55
N ASP B 58 13.81 -40.56 77.21
CA ASP B 58 12.64 -41.20 76.61
C ASP B 58 11.38 -40.32 76.57
N GLY B 59 11.46 -39.11 77.09
CA GLY B 59 10.30 -38.24 77.14
C GLY B 59 10.47 -36.78 76.75
N VAL B 60 9.38 -36.15 76.35
CA VAL B 60 9.38 -34.76 75.95
C VAL B 60 8.81 -33.90 77.09
N ASP B 61 9.56 -32.88 77.46
CA ASP B 61 9.19 -31.97 78.54
C ASP B 61 10.03 -30.70 78.41
N LEU B 62 9.38 -29.54 78.51
CA LEU B 62 10.03 -28.27 78.24
C LEU B 62 11.01 -27.85 79.34
N ALA B 63 10.96 -28.47 80.51
CA ALA B 63 11.83 -28.11 81.62
C ALA B 63 12.94 -29.14 81.86
N TYR B 64 13.24 -29.97 80.86
CA TYR B 64 14.27 -31.00 80.99
C TYR B 64 15.30 -30.85 79.89
N MET B 65 16.50 -31.36 80.19
CA MET B 65 17.69 -31.11 79.39
C MET B 65 18.47 -32.41 79.20
N SER B 66 18.86 -32.70 77.97
CA SER B 66 19.60 -33.91 77.64
C SER B 66 21.02 -33.56 77.23
N PHE B 67 21.99 -34.18 77.91
CA PHE B 67 23.39 -34.08 77.54
C PHE B 67 24.06 -35.39 77.91
N MET B 68 25.26 -35.60 77.37
CA MET B 68 25.98 -36.85 77.59
C MET B 68 27.36 -36.59 78.14
N ASN B 69 27.83 -37.55 78.94
CA ASN B 69 29.21 -37.59 79.44
C ASN B 69 29.75 -38.99 79.22
N GLY B 70 30.92 -39.08 78.61
CA GLY B 70 31.45 -40.38 78.22
C GLY B 70 30.67 -40.97 77.05
N LYS B 71 30.09 -42.15 77.25
CA LYS B 71 29.25 -42.76 76.24
C LYS B 71 27.80 -42.95 76.69
N THR B 72 27.46 -42.56 77.92
CA THR B 72 26.11 -42.65 78.42
C THR B 72 25.43 -41.28 78.40
N GLN B 73 24.11 -41.30 78.41
CA GLN B 73 23.30 -40.09 78.27
C GLN B 73 22.63 -39.75 79.60
N LYS B 74 22.51 -38.46 79.87
CA LYS B 74 21.94 -37.97 81.11
C LYS B 74 20.79 -37.02 80.81
N SER B 75 19.81 -37.00 81.71
CA SER B 75 18.69 -36.07 81.63
C SER B 75 18.52 -35.39 82.98
N ILE B 76 18.51 -34.06 82.97
CA ILE B 76 18.36 -33.26 84.19
C ILE B 76 17.38 -32.13 83.93
N LYS B 77 16.87 -31.57 85.03
CA LYS B 77 16.03 -30.39 84.95
C LYS B 77 16.88 -29.16 84.68
N ILE B 78 16.32 -28.23 83.90
CA ILE B 78 16.99 -26.95 83.65
C ILE B 78 16.84 -26.10 84.91
N ASP B 79 17.94 -25.94 85.66
CA ASP B 79 17.92 -25.17 86.89
C ASP B 79 18.61 -23.82 86.75
N ASN B 80 19.87 -23.81 86.32
CA ASN B 80 20.61 -22.57 86.09
C ASN B 80 21.29 -22.67 84.73
N LEU B 81 20.55 -22.30 83.67
CA LEU B 81 21.08 -22.22 82.33
C LEU B 81 21.15 -20.74 81.96
N HIS B 82 22.36 -20.22 81.88
CA HIS B 82 22.59 -18.78 81.76
C HIS B 82 23.37 -18.48 80.49
N VAL B 83 23.10 -17.31 79.91
CA VAL B 83 23.82 -16.82 78.74
C VAL B 83 24.47 -15.51 79.13
N ARG B 84 25.78 -15.40 78.89
CA ARG B 84 26.54 -14.22 79.27
C ARG B 84 27.37 -13.74 78.10
N THR B 85 27.27 -12.44 77.80
CA THR B 85 28.10 -11.80 76.78
C THR B 85 29.05 -10.78 77.39
N SER B 86 28.50 -9.75 78.04
CA SER B 86 29.24 -8.91 78.98
C SER B 86 28.45 -8.63 80.25
N ALA B 87 27.13 -8.75 80.20
CA ALA B 87 26.20 -8.73 81.31
C ALA B 87 25.32 -9.96 81.14
N PRO B 88 24.73 -10.48 82.22
CA PRO B 88 23.85 -11.65 82.08
C PRO B 88 22.60 -11.35 81.25
N CYS B 89 22.46 -12.12 80.17
CA CYS B 89 21.35 -12.02 79.23
C CYS B 89 20.10 -12.69 79.76
N SER B 90 18.95 -12.32 79.19
CA SER B 90 17.70 -12.93 79.59
C SER B 90 17.30 -13.88 78.48
N LEU B 91 17.13 -15.15 78.83
CA LEU B 91 16.77 -16.17 77.85
C LEU B 91 15.32 -15.99 77.40
N VAL B 92 15.03 -16.50 76.20
CA VAL B 92 13.70 -16.37 75.62
C VAL B 92 13.08 -17.76 75.47
N SER B 93 13.70 -18.60 74.64
CA SER B 93 13.19 -19.95 74.44
C SER B 93 14.28 -20.89 73.93
N HIS B 94 14.08 -22.18 74.13
CA HIS B 94 15.01 -23.20 73.68
C HIS B 94 14.25 -24.35 73.05
N HIS B 95 14.83 -24.95 72.01
CA HIS B 95 14.19 -26.08 71.34
C HIS B 95 15.28 -26.87 70.61
N GLY B 96 15.65 -28.01 71.16
CA GLY B 96 16.63 -28.88 70.54
C GLY B 96 18.06 -28.39 70.73
N TYR B 97 18.75 -28.14 69.62
CA TYR B 97 20.14 -27.70 69.67
C TYR B 97 20.31 -26.21 69.94
N TYR B 98 19.22 -25.45 69.96
CA TYR B 98 19.27 -24.00 69.81
C TYR B 98 18.82 -23.30 71.09
N ILE B 99 19.47 -22.18 71.41
CA ILE B 99 19.07 -21.28 72.47
C ILE B 99 18.77 -19.93 71.85
N LEU B 100 17.68 -19.30 72.29
CA LEU B 100 17.34 -17.94 71.90
C LEU B 100 17.45 -17.03 73.12
N ALA B 101 18.22 -15.95 72.98
CA ALA B 101 18.48 -15.06 74.10
C ALA B 101 18.61 -13.63 73.60
N GLN B 102 18.41 -12.69 74.52
CA GLN B 102 18.49 -11.26 74.25
C GLN B 102 19.67 -10.71 75.04
N CYS B 103 20.74 -10.33 74.34
CA CYS B 103 22.00 -10.07 75.01
C CYS B 103 22.48 -8.64 74.78
N PRO B 104 23.21 -8.07 75.74
CA PRO B 104 23.89 -6.80 75.51
C PRO B 104 25.07 -6.97 74.57
N PRO B 105 25.55 -5.90 73.94
CA PRO B 105 26.72 -6.02 73.05
C PRO B 105 28.00 -6.38 73.80
N GLY B 106 28.89 -7.06 73.10
CA GLY B 106 30.14 -7.51 73.69
C GLY B 106 30.93 -8.33 72.70
N ASP B 107 32.02 -8.91 73.19
CA ASP B 107 32.96 -9.63 72.33
C ASP B 107 32.94 -11.15 72.49
N THR B 108 32.42 -11.67 73.60
CA THR B 108 32.41 -13.10 73.87
C THR B 108 30.97 -13.60 73.99
N VAL B 109 30.81 -14.92 73.88
CA VAL B 109 29.53 -15.59 74.13
C VAL B 109 29.79 -16.75 75.07
N THR B 110 29.13 -16.75 76.22
CA THR B 110 29.35 -17.76 77.25
C THR B 110 28.01 -18.32 77.71
N VAL B 111 27.84 -19.64 77.60
CA VAL B 111 26.70 -20.34 78.18
C VAL B 111 27.21 -21.49 79.02
N GLY B 112 26.30 -22.03 79.84
CA GLY B 112 26.61 -23.19 80.65
C GLY B 112 25.41 -23.58 81.48
N PHE B 113 25.52 -24.74 82.13
CA PHE B 113 24.44 -25.19 83.01
C PHE B 113 24.98 -25.54 84.39
N HIS B 114 24.15 -26.16 85.22
CA HIS B 114 24.55 -26.65 86.55
C HIS B 114 23.99 -28.07 86.68
N ASP B 115 24.86 -29.06 86.52
CA ASP B 115 24.41 -30.45 86.64
C ASP B 115 24.34 -30.89 88.10
N GLY B 116 25.49 -31.00 88.75
CA GLY B 116 25.56 -31.18 90.18
C GLY B 116 26.36 -30.07 90.82
N PRO B 117 27.56 -30.40 91.30
CA PRO B 117 28.57 -29.38 91.60
C PRO B 117 29.49 -29.04 90.44
N ASN B 118 29.17 -29.49 89.23
CA ASN B 118 29.98 -29.24 88.05
C ASN B 118 29.54 -27.94 87.36
N ARG B 119 30.36 -27.47 86.43
CA ARG B 119 30.13 -26.20 85.77
C ARG B 119 29.81 -26.35 84.29
N HIS B 120 30.71 -26.98 83.51
CA HIS B 120 30.52 -27.30 82.10
C HIS B 120 30.21 -26.06 81.24
N THR B 121 31.17 -25.15 81.19
CA THR B 121 31.01 -23.88 80.47
C THR B 121 31.71 -23.95 79.12
N CYS B 122 31.44 -22.92 78.30
CA CYS B 122 31.98 -22.84 76.94
C CYS B 122 31.95 -21.38 76.50
N THR B 123 33.11 -20.81 76.19
CA THR B 123 33.23 -19.41 75.81
C THR B 123 33.85 -19.29 74.42
N VAL B 124 33.11 -18.71 73.49
CA VAL B 124 33.60 -18.46 72.15
C VAL B 124 33.84 -16.96 72.01
N ALA B 125 34.58 -16.58 70.98
CA ALA B 125 34.82 -15.18 70.64
C ALA B 125 33.98 -14.82 69.43
N HIS B 126 33.00 -13.95 69.64
CA HIS B 126 32.10 -13.53 68.56
C HIS B 126 31.59 -12.13 68.88
N LYS B 127 31.77 -11.21 67.94
CA LYS B 127 31.45 -9.80 68.15
C LYS B 127 29.97 -9.59 67.83
N VAL B 128 29.15 -9.42 68.87
CA VAL B 128 27.73 -9.13 68.73
C VAL B 128 27.51 -7.66 69.07
N GLU B 129 26.77 -6.96 68.22
CA GLU B 129 26.55 -5.53 68.36
C GLU B 129 25.07 -5.21 68.31
N PHE B 130 24.69 -4.17 69.05
CA PHE B 130 23.31 -3.69 69.03
C PHE B 130 23.07 -2.92 67.74
N ARG B 131 21.93 -3.22 67.11
CA ARG B 131 21.60 -2.62 65.83
C ARG B 131 20.30 -1.82 65.94
N PRO B 132 20.36 -0.50 66.04
CA PRO B 132 19.13 0.28 66.08
C PRO B 132 18.45 0.34 64.71
N VAL B 133 17.15 0.59 64.73
CA VAL B 133 16.35 0.75 63.53
C VAL B 133 15.89 2.20 63.45
N GLY B 134 16.10 2.82 62.29
CA GLY B 134 15.72 4.21 62.12
C GLY B 134 16.90 5.15 61.91
N ARG B 135 16.73 6.41 62.29
CA ARG B 135 17.76 7.43 62.09
C ARG B 135 18.35 7.93 63.40
N GLU B 136 18.08 7.26 64.51
CA GLU B 136 18.64 7.62 65.81
C GLU B 136 19.37 6.41 66.38
N LYS B 137 20.58 6.65 66.90
CA LYS B 137 21.43 5.58 67.43
C LYS B 137 21.24 5.54 68.95
N TYR B 138 20.44 4.58 69.40
CA TYR B 138 20.11 4.44 70.81
C TYR B 138 20.72 3.17 71.38
N ARG B 139 21.11 3.24 72.65
CA ARG B 139 21.75 2.10 73.33
C ARG B 139 20.74 1.02 73.69
N HIS B 140 19.54 1.42 74.11
CA HIS B 140 18.50 0.49 74.53
C HIS B 140 17.18 0.88 73.91
N PRO B 141 16.31 -0.08 73.62
CA PRO B 141 15.00 0.24 73.02
C PRO B 141 14.11 1.00 73.99
N PRO B 142 13.47 2.07 73.55
CA PRO B 142 12.66 2.89 74.45
C PRO B 142 11.31 2.27 74.74
N GLU B 143 10.67 2.81 75.78
CA GLU B 143 9.32 2.40 76.14
C GLU B 143 8.24 3.08 75.31
N HIS B 144 8.58 4.14 74.57
CA HIS B 144 7.63 4.81 73.70
C HIS B 144 8.38 5.46 72.55
N GLY B 145 7.64 5.77 71.48
CA GLY B 145 8.23 6.38 70.32
C GLY B 145 7.44 6.16 69.05
N VAL B 146 8.11 5.71 68.00
CA VAL B 146 7.48 5.45 66.71
C VAL B 146 7.74 3.99 66.35
N GLU B 147 6.86 3.41 65.54
CA GLU B 147 6.94 2.01 65.15
C GLU B 147 7.51 1.90 63.74
N LEU B 148 8.56 1.11 63.59
CA LEU B 148 9.24 0.91 62.33
C LEU B 148 9.40 -0.59 62.05
N PRO B 149 9.41 -1.00 60.79
CA PRO B 149 9.61 -2.43 60.49
C PRO B 149 11.04 -2.87 60.76
N CYS B 150 11.17 -4.04 61.38
CA CYS B 150 12.47 -4.61 61.72
C CYS B 150 12.40 -6.12 61.61
N ASN B 151 13.56 -6.75 61.50
CA ASN B 151 13.64 -8.21 61.40
C ASN B 151 14.25 -8.78 62.67
N ARG B 152 13.70 -9.91 63.11
CA ARG B 152 14.14 -10.55 64.34
C ARG B 152 13.80 -12.03 64.25
N TYR B 153 14.40 -12.80 65.16
CA TYR B 153 14.16 -14.24 65.23
C TYR B 153 12.93 -14.50 66.10
N THR B 154 11.90 -15.10 65.50
CA THR B 154 10.68 -15.38 66.24
C THR B 154 10.89 -16.53 67.21
N HIS B 155 10.06 -16.56 68.26
CA HIS B 155 10.19 -17.52 69.35
C HIS B 155 9.22 -18.69 69.21
N LYS B 156 8.79 -19.00 67.99
CA LYS B 156 7.87 -20.10 67.73
C LYS B 156 8.63 -21.23 67.05
N ARG B 157 8.49 -22.43 67.61
CA ARG B 157 9.17 -23.58 67.04
C ARG B 157 8.26 -24.23 66.03
N ALA B 158 8.53 -23.94 64.77
CA ALA B 158 7.78 -24.50 63.65
C ALA B 158 8.73 -24.65 62.46
N ASP B 159 8.19 -25.04 61.31
CA ASP B 159 9.02 -25.44 60.18
C ASP B 159 9.62 -24.24 59.45
N GLN B 160 8.76 -23.43 58.83
CA GLN B 160 9.09 -22.22 58.07
C GLN B 160 10.06 -22.46 56.91
N GLY B 161 10.20 -23.69 56.44
CA GLY B 161 10.93 -23.97 55.21
C GLY B 161 12.44 -23.92 55.29
N HIS B 162 13.02 -23.81 56.48
CA HIS B 162 14.47 -23.81 56.65
C HIS B 162 14.88 -25.08 57.36
N TYR B 163 15.85 -25.79 56.78
CA TYR B 163 16.21 -27.13 57.21
C TYR B 163 17.71 -27.25 57.42
N VAL B 164 18.09 -28.22 58.26
CA VAL B 164 19.48 -28.59 58.45
C VAL B 164 19.56 -30.11 58.45
N GLU B 165 20.60 -30.66 57.82
CA GLU B 165 20.72 -32.09 57.69
C GLU B 165 21.21 -32.74 58.98
N MET B 166 20.69 -33.93 59.26
CA MET B 166 21.25 -34.80 60.29
C MET B 166 21.93 -35.98 59.61
N HIS B 167 22.91 -36.55 60.30
CA HIS B 167 23.80 -37.53 59.69
C HIS B 167 23.99 -38.72 60.62
N GLN B 168 24.40 -39.85 60.05
CA GLN B 168 24.71 -41.02 60.86
C GLN B 168 26.02 -40.67 61.56
N PRO B 169 26.15 -41.02 62.83
CA PRO B 169 27.35 -40.67 63.59
C PRO B 169 28.57 -41.47 63.15
N GLY B 170 29.72 -40.82 63.27
CA GLY B 170 31.02 -41.37 62.96
C GLY B 170 31.58 -42.17 64.14
N LEU B 171 32.68 -42.87 63.92
CA LEU B 171 33.29 -43.68 64.98
C LEU B 171 33.77 -42.82 66.15
N VAL B 172 33.61 -43.36 67.36
CA VAL B 172 33.97 -42.67 68.59
C VAL B 172 34.95 -43.54 69.37
N ALA B 173 36.09 -42.97 69.75
CA ALA B 173 37.17 -43.72 70.37
C ALA B 173 37.02 -43.67 71.88
N ASP B 174 36.89 -44.84 72.51
CA ASP B 174 36.77 -44.95 73.95
C ASP B 174 37.90 -45.84 74.46
N HIS B 175 38.70 -45.31 75.38
CA HIS B 175 39.82 -46.03 75.96
C HIS B 175 39.48 -46.65 77.30
N SER B 176 38.27 -46.47 77.81
CA SER B 176 37.86 -47.02 79.10
C SER B 176 37.37 -48.45 78.99
N LEU B 177 37.13 -48.96 77.79
CA LEU B 177 36.62 -50.32 77.60
C LEU B 177 37.71 -51.30 77.22
N LEU B 178 38.97 -50.91 77.34
CA LEU B 178 40.11 -51.82 77.17
C LEU B 178 40.79 -52.01 78.53
N SER B 179 40.83 -53.25 79.00
CA SER B 179 41.47 -53.58 80.26
C SER B 179 42.16 -54.94 80.13
N ILE B 180 43.12 -55.18 81.01
CA ILE B 180 43.85 -56.44 81.04
C ILE B 180 43.08 -57.45 81.88
N HIS B 181 42.86 -58.64 81.34
CA HIS B 181 42.09 -59.66 82.03
C HIS B 181 42.95 -60.34 83.11
N SER B 182 43.97 -61.07 82.70
CA SER B 182 45.00 -61.60 83.59
C SER B 182 46.39 -61.12 83.22
N ALA B 183 46.80 -61.36 81.97
CA ALA B 183 48.01 -60.79 81.41
C ALA B 183 47.84 -60.36 79.97
N LYS B 184 46.63 -60.45 79.42
CA LYS B 184 46.31 -60.05 78.05
C LYS B 184 45.16 -59.07 78.10
N VAL B 185 45.08 -58.20 77.09
CA VAL B 185 44.05 -57.17 77.07
C VAL B 185 42.70 -57.78 76.69
N LYS B 186 41.64 -57.28 77.32
CA LYS B 186 40.29 -57.76 77.07
C LYS B 186 39.39 -56.61 76.67
N ILE B 187 38.49 -56.86 75.73
CA ILE B 187 37.56 -55.85 75.21
C ILE B 187 36.19 -56.09 75.83
N THR B 188 35.64 -55.05 76.46
CA THR B 188 34.31 -55.10 77.05
C THR B 188 33.36 -54.33 76.15
N VAL B 189 32.40 -55.02 75.55
CA VAL B 189 31.43 -54.38 74.66
C VAL B 189 30.06 -54.32 75.32
N PRO B 190 29.52 -53.12 75.54
CA PRO B 190 28.21 -53.01 76.20
C PRO B 190 27.02 -53.04 75.25
N SER B 191 26.18 -54.08 75.41
CA SER B 191 24.85 -54.18 74.80
C SER B 191 24.88 -54.11 73.27
N GLY B 192 25.77 -54.92 72.69
CA GLY B 192 25.91 -54.97 71.24
C GLY B 192 26.45 -53.70 70.62
N ALA B 193 27.48 -53.11 71.21
CA ALA B 193 28.01 -51.85 70.70
C ALA B 193 28.93 -52.03 69.51
N GLN B 194 29.34 -53.27 69.22
CA GLN B 194 30.18 -53.64 68.07
C GLN B 194 31.52 -52.89 68.07
N VAL B 195 32.34 -53.17 69.06
CA VAL B 195 33.60 -52.46 69.25
C VAL B 195 34.59 -52.87 68.17
N LYS B 196 35.11 -51.89 67.43
CA LYS B 196 36.19 -52.10 66.50
C LYS B 196 37.53 -52.04 67.24
N TYR B 197 38.52 -52.75 66.71
CA TYR B 197 39.83 -52.79 67.34
C TYR B 197 40.91 -52.69 66.28
N TYR B 198 42.11 -52.35 66.72
CA TYR B 198 43.28 -52.25 65.84
C TYR B 198 44.53 -52.44 66.70
N CYS B 199 45.12 -53.62 66.62
CA CYS B 199 46.35 -53.94 67.34
C CYS B 199 47.50 -54.04 66.35
N LYS B 200 48.67 -53.55 66.75
CA LYS B 200 49.94 -53.67 66.01
C LYS B 200 51.05 -54.08 66.96
N CYS B 201 50.72 -54.99 67.87
CA CYS B 201 51.63 -55.49 68.89
C CYS B 201 52.81 -56.30 68.32
N PRO B 202 52.66 -57.45 67.56
CA PRO B 202 53.73 -57.73 66.58
C PRO B 202 53.40 -57.32 65.15
N ASP B 203 52.12 -57.13 64.84
CA ASP B 203 51.65 -56.90 63.47
C ASP B 203 50.20 -56.45 63.55
N VAL B 204 49.61 -56.19 62.39
CA VAL B 204 48.24 -55.69 62.33
C VAL B 204 47.20 -56.66 62.89
N ARG B 205 46.30 -56.12 63.71
CA ARG B 205 45.22 -56.89 64.31
C ARG B 205 43.94 -56.07 64.12
N LYS B 206 43.46 -56.01 62.89
CA LYS B 206 42.27 -55.23 62.57
C LYS B 206 41.06 -56.11 62.32
N GLY B 207 39.96 -55.78 62.99
CA GLY B 207 38.73 -56.54 62.83
C GLY B 207 37.62 -55.94 63.67
N ILE B 208 36.41 -56.45 63.44
CA ILE B 208 35.21 -56.00 64.12
C ILE B 208 34.63 -57.16 64.91
N THR B 209 34.37 -56.93 66.20
CA THR B 209 33.76 -57.94 67.06
C THR B 209 32.41 -57.44 67.56
N SER B 210 31.71 -58.33 68.28
CA SER B 210 30.47 -57.98 68.94
C SER B 210 30.35 -58.57 70.35
N SER B 211 31.23 -59.48 70.75
CA SER B 211 31.14 -60.12 72.05
C SER B 211 32.52 -60.61 72.47
N ASP B 212 32.90 -60.27 73.71
CA ASP B 212 34.13 -60.69 74.37
C ASP B 212 35.39 -60.31 73.59
N HIS B 213 35.97 -61.30 72.88
CA HIS B 213 37.16 -61.16 72.05
C HIS B 213 38.37 -60.65 72.86
N THR B 214 38.81 -61.51 73.76
CA THR B 214 40.04 -61.25 74.51
C THR B 214 41.25 -61.26 73.59
N THR B 215 41.85 -60.09 73.37
CA THR B 215 42.96 -59.95 72.45
C THR B 215 44.22 -60.57 73.05
N THR B 216 45.00 -61.25 72.21
CA THR B 216 46.12 -62.09 72.64
C THR B 216 47.44 -61.34 72.74
N CYS B 217 47.42 -60.03 73.02
CA CYS B 217 48.66 -59.29 73.22
C CYS B 217 48.68 -58.63 74.59
N THR B 218 49.83 -58.04 74.91
CA THR B 218 50.20 -57.74 76.29
C THR B 218 49.69 -56.38 76.77
N ASP B 219 50.09 -55.31 76.11
CA ASP B 219 49.90 -53.96 76.63
C ASP B 219 48.61 -53.34 76.10
N VAL B 220 48.06 -52.43 76.90
CA VAL B 220 46.85 -51.69 76.50
C VAL B 220 47.18 -50.45 75.68
N LYS B 221 48.45 -50.03 75.67
CA LYS B 221 48.89 -48.85 74.97
C LYS B 221 49.02 -49.07 73.46
N GLN B 222 49.27 -50.31 73.04
CA GLN B 222 49.54 -50.63 71.65
C GLN B 222 48.30 -51.17 70.92
N CYS B 223 47.12 -50.69 71.30
CA CYS B 223 45.88 -51.10 70.65
C CYS B 223 44.84 -50.01 70.83
N ARG B 224 44.07 -49.72 69.78
CA ARG B 224 43.02 -48.72 69.84
C ARG B 224 41.64 -49.38 69.77
N ALA B 225 40.61 -48.59 70.08
CA ALA B 225 39.24 -49.07 70.10
C ALA B 225 38.31 -48.02 69.52
N TYR B 226 37.14 -48.47 69.07
CA TYR B 226 36.12 -47.58 68.52
C TYR B 226 34.76 -48.08 68.98
N LEU B 227 33.70 -47.45 68.49
CA LEU B 227 32.34 -47.80 68.90
C LEU B 227 31.37 -47.31 67.83
N ILE B 228 30.72 -48.25 67.18
CA ILE B 228 29.75 -47.92 66.16
C ILE B 228 28.40 -48.08 66.82
N ASP B 229 27.79 -46.95 67.17
CA ASP B 229 26.48 -46.98 67.78
C ASP B 229 25.58 -46.29 66.78
N ASN B 230 24.60 -47.02 66.25
CA ASN B 230 23.72 -46.43 65.28
C ASN B 230 22.30 -46.17 65.74
N LYS B 231 21.98 -46.39 67.02
CA LYS B 231 20.60 -46.11 67.36
C LYS B 231 20.16 -44.67 67.13
N LYS B 232 21.06 -43.75 67.44
CA LYS B 232 20.80 -42.31 67.37
C LYS B 232 21.73 -41.61 66.39
N TRP B 233 21.27 -40.47 65.89
CA TRP B 233 22.02 -39.69 64.90
C TRP B 233 22.46 -38.37 65.49
N VAL B 234 23.40 -37.71 64.80
CA VAL B 234 23.93 -36.42 65.21
C VAL B 234 23.94 -35.48 64.00
N TYR B 235 23.99 -34.19 64.29
CA TYR B 235 24.18 -33.18 63.25
C TYR B 235 25.63 -33.22 62.79
N ASN B 236 25.82 -33.06 61.48
CA ASN B 236 27.16 -33.16 60.88
C ASN B 236 27.96 -31.91 61.21
N SER B 237 28.54 -31.91 62.41
CA SER B 237 29.36 -30.80 62.86
C SER B 237 30.73 -30.84 62.20
N GLY B 238 31.40 -29.69 62.23
CA GLY B 238 32.76 -29.59 61.73
C GLY B 238 33.82 -30.04 62.70
N ARG B 239 33.43 -30.45 63.91
CA ARG B 239 34.37 -30.90 64.93
C ARG B 239 34.23 -32.38 65.23
N LEU B 240 33.61 -33.14 64.33
CA LEU B 240 33.43 -34.57 64.49
C LEU B 240 33.91 -35.30 63.24
N PRO B 241 34.48 -36.48 63.38
CA PRO B 241 34.86 -37.26 62.19
C PRO B 241 33.63 -37.85 61.50
N ARG B 242 33.79 -38.10 60.20
CA ARG B 242 32.69 -38.59 59.38
C ARG B 242 32.56 -40.12 59.53
N GLY B 243 31.58 -40.67 58.83
CA GLY B 243 31.36 -42.11 58.82
C GLY B 243 32.20 -42.79 57.76
N GLU B 244 31.78 -44.00 57.40
CA GLU B 244 32.53 -44.81 56.44
C GLU B 244 32.03 -44.64 55.02
N GLY B 245 30.75 -44.94 54.78
CA GLY B 245 30.21 -44.90 53.44
C GLY B 245 29.30 -43.71 53.17
N ASP B 246 28.23 -43.95 52.42
CA ASP B 246 27.27 -42.88 52.11
C ASP B 246 26.47 -42.53 53.35
N THR B 247 26.30 -41.24 53.60
CA THR B 247 25.57 -40.74 54.75
C THR B 247 24.36 -39.94 54.25
N PHE B 248 23.21 -40.19 54.87
CA PHE B 248 21.95 -39.63 54.41
C PHE B 248 21.73 -38.24 55.01
N LYS B 249 20.63 -37.61 54.60
CA LYS B 249 20.18 -36.34 55.15
C LYS B 249 18.81 -36.54 55.78
N GLY B 250 18.67 -36.12 57.04
CA GLY B 250 17.41 -36.31 57.75
C GLY B 250 16.52 -35.09 57.73
N LYS B 251 17.09 -33.94 57.36
CA LYS B 251 16.40 -32.66 57.20
C LYS B 251 15.71 -32.22 58.49
N LEU B 252 16.51 -32.01 59.53
CA LEU B 252 16.01 -31.43 60.76
C LEU B 252 15.65 -29.97 60.53
N HIS B 253 14.59 -29.51 61.19
CA HIS B 253 14.10 -28.15 60.96
C HIS B 253 14.72 -27.17 61.94
N VAL B 254 14.93 -25.94 61.47
CA VAL B 254 15.47 -24.87 62.28
C VAL B 254 14.30 -24.19 63.00
N PRO B 255 14.31 -24.15 64.34
CA PRO B 255 13.14 -23.62 65.07
C PRO B 255 12.89 -22.12 64.92
N PHE B 256 13.91 -21.30 65.18
CA PHE B 256 13.73 -19.85 65.26
C PHE B 256 14.14 -19.22 63.94
N VAL B 257 13.26 -19.34 62.96
CA VAL B 257 13.49 -18.76 61.64
C VAL B 257 13.23 -17.26 61.72
N PRO B 258 14.12 -16.41 61.20
CA PRO B 258 13.93 -14.95 61.30
C PRO B 258 12.74 -14.48 60.47
N VAL B 259 11.91 -13.64 61.08
CA VAL B 259 10.74 -13.06 60.44
C VAL B 259 10.88 -11.54 60.49
N LYS B 260 9.98 -10.87 59.76
CA LYS B 260 9.92 -9.42 59.75
C LYS B 260 8.80 -8.96 60.67
N ALA B 261 9.13 -8.10 61.63
CA ALA B 261 8.17 -7.63 62.62
C ALA B 261 8.13 -6.11 62.67
N LYS B 262 7.47 -5.55 63.68
CA LYS B 262 7.40 -4.12 63.88
C LYS B 262 8.14 -3.78 65.16
N CYS B 263 9.25 -3.05 65.03
CA CYS B 263 10.08 -2.68 66.17
C CYS B 263 9.63 -1.32 66.70
N ILE B 264 10.43 -0.75 67.61
CA ILE B 264 10.17 0.57 68.14
C ILE B 264 11.47 1.38 68.06
N ALA B 265 11.32 2.70 68.07
CA ALA B 265 12.46 3.59 67.92
C ALA B 265 12.20 4.88 68.68
N THR B 266 13.29 5.58 69.01
CA THR B 266 13.18 6.83 69.74
C THR B 266 12.63 7.95 68.84
N LEU B 267 12.05 8.96 69.48
CA LEU B 267 11.63 10.17 68.81
C LEU B 267 12.44 11.34 69.34
N ALA B 268 13.06 12.09 68.43
CA ALA B 268 13.91 13.20 68.83
C ALA B 268 13.08 14.36 69.36
N PRO B 269 13.65 15.18 70.26
CA PRO B 269 12.97 16.41 70.66
C PRO B 269 12.82 17.36 69.49
N GLU B 270 11.73 18.13 69.50
CA GLU B 270 11.40 19.01 68.39
C GLU B 270 12.37 20.19 68.36
N PRO B 271 12.82 20.59 67.17
CA PRO B 271 13.73 21.73 67.07
C PRO B 271 13.01 23.05 67.27
N LEU B 272 13.79 24.05 67.65
CA LEU B 272 13.28 25.41 67.82
C LEU B 272 13.49 26.18 66.51
N VAL B 273 12.40 26.70 65.96
CA VAL B 273 12.38 27.26 64.62
C VAL B 273 12.35 28.77 64.71
N GLU B 274 13.29 29.43 64.02
CA GLU B 274 13.33 30.88 63.90
C GLU B 274 13.36 31.25 62.42
N HIS B 275 12.79 32.40 62.11
CA HIS B 275 12.62 32.84 60.72
C HIS B 275 13.36 34.14 60.48
N LYS B 276 14.12 34.18 59.38
CA LYS B 276 14.71 35.42 58.90
C LYS B 276 14.32 35.62 57.45
N HIS B 277 14.92 36.61 56.77
CA HIS B 277 14.64 36.83 55.36
C HIS B 277 15.44 35.82 54.55
N ARG B 278 14.74 34.91 53.88
CA ARG B 278 15.24 33.87 52.97
C ARG B 278 16.15 32.83 53.64
N THR B 279 16.28 32.86 54.96
CA THR B 279 17.03 31.86 55.69
C THR B 279 16.13 31.22 56.75
N LEU B 280 16.52 30.02 57.18
CA LEU B 280 15.77 29.28 58.19
C LEU B 280 16.74 28.81 59.27
N ILE B 281 16.40 29.09 60.53
CA ILE B 281 17.26 28.80 61.66
C ILE B 281 16.62 27.68 62.48
N LEU B 282 17.42 26.66 62.77
CA LEU B 282 16.96 25.54 63.58
C LEU B 282 17.90 25.30 64.76
N HIS B 283 17.35 25.27 65.97
CA HIS B 283 18.10 24.97 67.17
C HIS B 283 17.80 23.52 67.56
N LEU B 284 18.80 22.65 67.45
CA LEU B 284 18.64 21.23 67.67
C LEU B 284 19.24 20.84 69.01
N HIS B 285 18.48 20.08 69.81
CA HIS B 285 18.92 19.62 71.12
C HIS B 285 18.71 18.11 71.22
N PRO B 286 19.65 17.32 70.68
CA PRO B 286 19.50 15.87 70.74
C PRO B 286 20.12 15.27 71.99
N ASP B 287 19.72 14.03 72.27
CA ASP B 287 20.33 13.22 73.31
C ASP B 287 21.06 12.00 72.78
N HIS B 288 20.78 11.61 71.55
CA HIS B 288 21.45 10.55 70.81
C HIS B 288 21.93 11.12 69.49
N PRO B 289 22.93 10.49 68.84
CA PRO B 289 23.36 10.95 67.51
C PRO B 289 22.25 10.85 66.47
N THR B 290 21.80 12.01 65.98
CA THR B 290 20.60 12.12 65.17
C THR B 290 20.95 12.64 63.79
N LEU B 291 20.23 12.16 62.78
CA LEU B 291 20.51 12.49 61.38
C LEU B 291 19.58 13.61 60.91
N LEU B 292 20.15 14.57 60.19
CA LEU B 292 19.39 15.70 59.65
C LEU B 292 19.76 15.86 58.18
N THR B 293 18.80 15.58 57.30
CA THR B 293 18.98 15.71 55.85
C THR B 293 17.97 16.72 55.32
N THR B 294 18.46 17.67 54.51
CA THR B 294 17.62 18.66 53.85
C THR B 294 17.81 18.60 52.35
N ARG B 295 16.84 19.16 51.63
CA ARG B 295 16.91 19.29 50.17
C ARG B 295 16.02 20.44 49.74
N SER B 296 16.22 20.88 48.50
CA SER B 296 15.40 21.92 47.91
C SER B 296 14.54 21.34 46.80
N LEU B 297 13.41 22.00 46.53
CA LEU B 297 12.41 21.52 45.60
C LEU B 297 12.53 22.16 44.22
N GLY B 298 13.76 22.48 43.79
CA GLY B 298 13.99 23.04 42.49
C GLY B 298 14.68 22.08 41.56
N SER B 299 15.23 22.62 40.47
CA SER B 299 15.98 21.79 39.53
C SER B 299 17.30 21.34 40.12
N ASP B 300 17.95 22.19 40.92
CA ASP B 300 19.15 21.82 41.66
C ASP B 300 18.74 21.54 43.10
N ALA B 301 18.87 20.29 43.51
CA ALA B 301 18.54 19.83 44.86
C ALA B 301 19.38 20.40 46.00
N ASN B 302 20.69 20.50 45.81
CA ASN B 302 21.61 21.02 46.83
C ASN B 302 21.50 20.31 48.19
N PRO B 303 21.45 18.98 48.18
CA PRO B 303 21.29 18.20 49.41
C PRO B 303 22.43 18.26 50.43
N THR B 304 22.07 18.32 51.70
CA THR B 304 23.03 18.35 52.81
C THR B 304 22.69 17.30 53.87
N ARG B 305 23.69 16.57 54.34
CA ARG B 305 23.48 15.54 55.36
C ARG B 305 24.52 15.62 56.47
N GLN B 306 24.14 15.28 57.70
CA GLN B 306 25.07 15.32 58.81
C GLN B 306 24.45 14.67 60.03
N TRP B 307 25.31 14.17 60.92
CA TRP B 307 24.88 13.58 62.18
C TRP B 307 25.07 14.58 63.31
N ILE B 308 24.01 14.82 64.07
CA ILE B 308 24.02 15.79 65.16
C ILE B 308 24.17 15.04 66.47
N GLU B 309 25.28 15.25 67.15
CA GLU B 309 25.56 14.60 68.42
C GLU B 309 25.65 15.56 69.59
N ARG B 310 25.65 16.86 69.34
CA ARG B 310 25.75 17.90 70.36
C ARG B 310 24.69 18.96 70.08
N PRO B 311 24.27 19.70 71.12
CA PRO B 311 23.34 20.83 70.87
C PRO B 311 24.00 21.94 70.08
N THR B 312 23.54 22.13 68.84
CA THR B 312 24.10 23.12 67.93
C THR B 312 22.96 23.82 67.20
N THR B 313 23.34 24.68 66.26
CA THR B 313 22.39 25.40 65.42
C THR B 313 22.83 25.34 63.96
N VAL B 314 21.86 25.33 63.06
CA VAL B 314 22.11 25.26 61.62
C VAL B 314 21.27 26.32 60.93
N ASN B 315 21.80 26.83 59.82
CA ASN B 315 21.11 27.81 59.00
C ASN B 315 20.99 27.28 57.58
N PHE B 316 19.80 27.35 57.00
CA PHE B 316 19.55 26.87 55.66
C PHE B 316 18.91 27.98 54.83
N THR B 317 19.39 28.16 53.61
CA THR B 317 18.86 29.17 52.72
C THR B 317 17.62 28.62 52.03
N VAL B 318 16.47 29.26 52.27
CA VAL B 318 15.20 28.86 51.68
C VAL B 318 14.82 29.91 50.65
N THR B 319 14.61 29.47 49.41
CA THR B 319 14.21 30.34 48.32
C THR B 319 12.71 30.17 48.06
N GLY B 320 12.23 30.78 46.99
CA GLY B 320 10.82 30.71 46.65
C GLY B 320 10.36 29.35 46.15
N GLU B 321 11.30 28.51 45.70
CA GLU B 321 10.94 27.17 45.27
C GLU B 321 10.58 26.28 46.46
N GLY B 322 11.29 26.45 47.57
CA GLY B 322 11.00 25.73 48.80
C GLY B 322 12.19 24.94 49.29
N LEU B 323 11.99 24.30 50.45
CA LEU B 323 13.00 23.46 51.06
C LEU B 323 12.30 22.46 51.98
N GLU B 324 12.76 21.21 51.93
CA GLU B 324 12.23 20.14 52.75
C GLU B 324 13.32 19.58 53.63
N TYR B 325 13.07 19.52 54.94
CA TYR B 325 14.03 19.02 55.91
C TYR B 325 13.41 17.92 56.75
N THR B 326 14.21 16.90 57.08
CA THR B 326 13.83 15.85 58.00
C THR B 326 14.77 15.88 59.19
N TRP B 327 14.23 15.61 60.38
CA TRP B 327 15.01 15.62 61.62
C TRP B 327 14.62 14.40 62.43
N GLY B 328 15.52 13.41 62.49
CA GLY B 328 15.23 12.20 63.24
C GLY B 328 14.17 11.36 62.58
N ASN B 329 13.33 10.74 63.40
CA ASN B 329 12.23 9.90 62.93
C ASN B 329 10.95 10.69 62.69
N HIS B 330 11.02 12.02 62.74
CA HIS B 330 9.88 12.87 62.43
C HIS B 330 9.64 12.88 60.92
N PRO B 331 8.38 13.08 60.50
CA PRO B 331 8.09 13.18 59.06
C PRO B 331 8.68 14.43 58.45
N PRO B 332 8.94 14.44 57.13
CA PRO B 332 9.52 15.63 56.50
C PRO B 332 8.55 16.80 56.49
N LYS B 333 9.12 18.00 56.62
CA LYS B 333 8.36 19.24 56.62
C LYS B 333 8.90 20.17 55.54
N ARG B 334 7.99 20.82 54.82
CA ARG B 334 8.35 21.72 53.73
C ARG B 334 8.00 23.16 54.12
N VAL B 335 8.90 24.09 53.79
CA VAL B 335 8.70 25.50 54.06
C VAL B 335 9.07 26.30 52.81
N TRP B 336 8.30 27.35 52.54
CA TRP B 336 8.52 28.22 51.40
C TRP B 336 8.83 29.64 51.88
N ALA B 337 9.57 30.37 51.07
CA ALA B 337 9.98 31.73 51.41
C ALA B 337 9.15 32.74 50.63
N GLN B 338 8.68 33.77 51.33
CA GLN B 338 7.89 34.81 50.71
C GLN B 338 8.81 35.89 50.15
N GLU B 339 8.23 37.03 49.76
CA GLU B 339 8.99 38.11 49.13
C GLU B 339 8.89 39.38 49.96
N SER B 340 9.14 39.27 51.27
CA SER B 340 8.98 40.39 52.18
C SER B 340 10.00 41.49 51.92
N GLY B 341 11.29 41.16 52.10
CA GLY B 341 12.33 42.14 51.90
C GLY B 341 12.41 43.14 53.04
N GLU B 342 13.24 44.17 52.81
CA GLU B 342 13.45 45.22 53.81
C GLU B 342 13.20 46.61 53.25
N GLY B 343 13.51 46.86 51.98
CA GLY B 343 13.47 48.19 51.43
C GLY B 343 12.07 48.66 51.07
N ASN B 344 12.00 49.89 50.56
CA ASN B 344 10.76 50.54 50.17
C ASN B 344 10.84 50.94 48.70
N PRO B 345 9.91 50.49 47.84
CA PRO B 345 10.04 50.76 46.40
C PRO B 345 9.60 52.16 46.00
N HIS B 346 8.61 52.73 46.69
CA HIS B 346 8.05 54.03 46.34
C HIS B 346 8.68 55.08 47.26
N GLY B 347 9.82 55.61 46.84
CA GLY B 347 10.48 56.62 47.65
C GLY B 347 11.71 57.24 47.03
N TRP B 348 12.69 57.57 47.87
CA TRP B 348 13.90 58.25 47.45
C TRP B 348 14.81 57.30 46.68
N PRO B 349 15.72 57.84 45.85
CA PRO B 349 16.63 56.96 45.08
C PRO B 349 17.59 56.13 45.93
N HIS B 350 17.82 56.48 47.19
CA HIS B 350 18.60 55.63 48.07
C HIS B 350 17.76 54.54 48.74
N GLU B 351 16.46 54.47 48.43
CA GLU B 351 15.58 53.42 48.93
C GLU B 351 15.12 52.44 47.87
N VAL B 352 14.98 52.90 46.62
CA VAL B 352 14.61 51.99 45.53
C VAL B 352 15.75 51.04 45.21
N VAL B 353 16.99 51.54 45.28
CA VAL B 353 18.16 50.72 45.02
C VAL B 353 18.33 49.66 46.11
N VAL B 354 18.05 50.03 47.36
CA VAL B 354 18.18 49.11 48.49
C VAL B 354 17.14 48.00 48.41
N TYR B 355 15.90 48.34 48.02
CA TYR B 355 14.83 47.35 47.94
C TYR B 355 15.07 46.30 46.86
N TYR B 356 15.58 46.72 45.70
CA TYR B 356 15.91 45.77 44.65
C TYR B 356 17.25 45.07 44.87
N TYR B 357 18.07 45.56 45.80
CA TYR B 357 19.28 44.82 46.16
C TYR B 357 18.98 43.61 47.02
N ASN B 358 17.89 43.66 47.79
CA ASN B 358 17.51 42.51 48.60
C ASN B 358 16.69 41.51 47.81
N ARG B 359 15.79 41.99 46.95
CA ARG B 359 14.95 41.10 46.17
C ARG B 359 15.72 40.44 45.02
N TYR B 360 16.56 41.20 44.32
CA TYR B 360 17.42 40.68 43.26
C TYR B 360 18.87 41.12 43.51
N PRO B 361 19.61 40.40 44.36
CA PRO B 361 21.02 40.75 44.57
C PRO B 361 21.92 40.38 43.41
N LEU B 362 21.48 39.50 42.52
CA LEU B 362 22.32 39.04 41.42
C LEU B 362 22.15 39.86 40.15
N THR B 363 21.10 40.69 40.06
CA THR B 363 20.79 41.40 38.84
C THR B 363 20.97 42.91 38.95
N THR B 364 20.70 43.50 40.11
CA THR B 364 20.77 44.95 40.26
C THR B 364 22.20 45.48 40.32
N ILE B 365 23.21 44.61 40.49
CA ILE B 365 24.60 45.05 40.42
C ILE B 365 25.14 44.96 39.00
N ILE B 366 24.45 44.26 38.11
CA ILE B 366 24.81 44.25 36.70
C ILE B 366 24.07 45.34 35.94
N GLY B 367 22.77 45.51 36.22
CA GLY B 367 21.99 46.56 35.58
C GLY B 367 22.42 47.96 35.95
N LEU B 368 22.87 48.16 37.19
CA LEU B 368 23.44 49.46 37.56
C LEU B 368 24.77 49.69 36.86
N CYS B 369 25.57 48.63 36.70
CA CYS B 369 26.83 48.77 35.98
C CYS B 369 26.62 48.89 34.48
N THR B 370 25.53 48.31 33.95
CA THR B 370 25.21 48.47 32.55
C THR B 370 24.71 49.88 32.26
N CYS B 371 23.80 50.39 33.11
CA CYS B 371 23.24 51.72 32.90
C CYS B 371 24.24 52.83 33.17
N VAL B 372 25.29 52.56 33.96
CA VAL B 372 26.36 53.53 34.12
C VAL B 372 27.39 53.42 33.01
N ALA B 373 27.34 52.36 32.21
CA ALA B 373 28.21 52.22 31.05
C ALA B 373 27.57 52.71 29.76
N ILE B 374 26.25 52.56 29.64
CA ILE B 374 25.54 53.13 28.49
C ILE B 374 25.55 54.66 28.57
N ILE B 375 25.37 55.21 29.77
CA ILE B 375 25.38 56.66 29.97
C ILE B 375 26.77 57.24 29.72
N MET B 376 27.81 56.54 30.20
CA MET B 376 29.19 56.99 30.02
C MET B 376 29.60 56.99 28.55
N VAL B 377 29.20 55.95 27.80
CA VAL B 377 29.49 55.89 26.38
C VAL B 377 28.71 56.97 25.62
N SER B 378 27.45 57.17 26.00
CA SER B 378 26.63 58.21 25.36
C SER B 378 27.07 59.62 25.71
N CYS B 379 27.73 59.81 26.85
CA CYS B 379 28.16 61.14 27.23
C CYS B 379 29.36 61.61 26.42
N VAL B 380 30.34 60.73 26.20
CA VAL B 380 31.53 61.13 25.46
C VAL B 380 31.31 61.15 23.96
N THR B 381 30.34 60.39 23.44
CA THR B 381 30.05 60.41 22.01
C THR B 381 29.34 61.70 21.62
N SER B 382 28.47 62.20 22.50
CA SER B 382 27.73 63.42 22.21
C SER B 382 28.63 64.65 22.24
N VAL B 383 29.53 64.74 23.23
CA VAL B 383 30.45 65.86 23.29
C VAL B 383 31.56 65.74 22.26
N TRP B 384 31.77 64.55 21.69
CA TRP B 384 32.61 64.41 20.51
C TRP B 384 31.96 65.08 19.31
N LEU B 385 30.63 64.99 19.19
CA LEU B 385 29.91 65.63 18.10
C LEU B 385 29.57 67.08 18.39
N LEU B 386 29.39 67.44 19.66
CA LEU B 386 29.02 68.82 19.99
C LEU B 386 30.21 69.76 19.84
N CYS B 387 31.40 69.33 20.25
CA CYS B 387 32.59 70.15 20.08
C CYS B 387 33.05 70.18 18.63
N ARG B 388 32.76 69.12 17.87
CA ARG B 388 33.01 69.12 16.44
C ARG B 388 32.08 70.09 15.72
N THR B 389 30.86 70.26 16.23
CA THR B 389 29.99 71.32 15.74
C THR B 389 30.48 72.69 16.19
N ARG B 390 31.13 72.77 17.36
CA ARG B 390 31.46 74.06 17.94
C ARG B 390 32.61 74.74 17.21
N ASN B 391 33.68 74.01 16.89
CA ASN B 391 34.82 74.64 16.24
C ASN B 391 34.60 74.88 14.75
N LEU B 392 33.55 74.31 14.16
CA LEU B 392 33.17 74.66 12.80
C LEU B 392 32.33 75.93 12.73
N CYS B 393 31.80 76.41 13.86
CA CYS B 393 31.19 77.72 13.88
C CYS B 393 32.24 78.83 13.81
N ILE B 394 33.44 78.56 14.29
CA ILE B 394 34.41 79.60 14.58
C ILE B 394 35.45 79.67 13.47
N THR B 395 35.80 78.51 12.90
CA THR B 395 36.81 78.42 11.85
C THR B 395 36.54 79.17 10.52
N PRO B 396 35.32 79.52 10.11
CA PRO B 396 35.23 80.53 9.03
C PRO B 396 35.01 81.96 9.52
N TYR B 397 35.07 82.20 10.82
CA TYR B 397 34.83 83.54 11.36
C TYR B 397 36.00 84.11 12.14
N LYS B 398 36.82 83.26 12.77
CA LYS B 398 38.01 83.75 13.47
C LYS B 398 39.23 83.80 12.57
N LEU B 399 39.16 83.24 11.36
CA LEU B 399 40.23 83.42 10.40
C LEU B 399 40.20 84.81 9.77
N ALA B 400 39.01 85.39 9.65
CA ALA B 400 38.84 86.75 9.12
C ALA B 400 38.25 87.63 10.20
N PRO B 401 39.06 88.48 10.85
CA PRO B 401 38.53 89.38 11.89
C PRO B 401 37.61 90.47 11.36
N ASN B 402 37.66 90.78 10.06
CA ASN B 402 36.79 91.81 9.51
C ASN B 402 35.41 91.27 9.12
N ALA B 403 35.20 89.97 9.20
CA ALA B 403 33.89 89.39 8.93
C ALA B 403 32.95 89.65 10.11
N GLN B 404 31.75 90.13 9.82
CA GLN B 404 30.81 90.49 10.87
C GLN B 404 30.06 89.25 11.36
N VAL B 405 30.29 88.90 12.62
CA VAL B 405 29.59 87.76 13.22
C VAL B 405 28.15 88.16 13.54
N PRO B 406 27.16 87.39 13.11
CA PRO B 406 25.77 87.70 13.50
C PRO B 406 25.55 87.46 14.99
N ILE B 407 24.59 88.21 15.54
CA ILE B 407 24.33 88.15 16.98
C ILE B 407 23.62 86.86 17.37
N LEU B 408 23.03 86.13 16.42
CA LEU B 408 22.42 84.85 16.74
C LEU B 408 23.47 83.76 16.94
N LEU B 409 24.56 83.83 16.19
CA LEU B 409 25.65 82.86 16.29
C LEU B 409 26.62 83.16 17.43
N ALA B 410 26.46 84.29 18.12
CA ALA B 410 27.38 84.64 19.19
C ALA B 410 27.17 83.78 20.42
N LEU B 411 25.92 83.56 20.81
CA LEU B 411 25.61 82.84 22.05
C LEU B 411 24.70 81.64 21.84
N LEU B 412 23.71 81.74 20.94
CA LEU B 412 22.70 80.71 20.83
C LEU B 412 23.21 79.47 20.09
N CYS B 413 23.62 79.64 18.83
CA CYS B 413 24.01 78.49 18.01
C CYS B 413 25.37 77.95 18.40
N CYS B 414 26.30 78.83 18.78
CA CYS B 414 27.62 78.40 19.24
C CYS B 414 28.08 79.33 20.35
N ILE B 415 29.02 78.83 21.16
CA ILE B 415 29.27 79.38 22.48
C ILE B 415 30.05 80.71 22.40
N LYS B 416 31.03 80.80 21.52
CA LYS B 416 31.97 81.92 21.54
C LYS B 416 31.32 83.21 21.06
N PRO B 417 31.31 84.28 21.86
CA PRO B 417 30.61 85.50 21.47
C PRO B 417 31.42 86.35 20.50
N THR B 418 30.76 87.38 19.97
CA THR B 418 31.38 88.26 19.00
C THR B 418 32.40 89.18 19.68
N ARG B 419 33.29 89.73 18.86
CA ARG B 419 34.32 90.65 19.32
C ARG B 419 34.60 91.65 18.20
N ALA B 420 35.71 92.38 18.34
CA ALA B 420 36.20 93.40 17.40
C ALA B 420 35.17 94.48 17.09
N ASP C 111 57.40 91.15 -0.39
CA ASP C 111 56.52 90.38 0.49
C ASP C 111 57.34 89.57 1.50
N LYS C 112 56.66 88.67 2.21
CA LYS C 112 57.32 87.82 3.21
C LYS C 112 56.67 86.43 3.15
N THR C 113 57.37 85.48 2.53
CA THR C 113 56.94 84.10 2.48
C THR C 113 58.11 83.21 2.87
N PHE C 114 57.80 82.06 3.44
CA PHE C 114 58.82 81.15 3.95
C PHE C 114 58.70 79.78 3.29
N PRO C 115 59.72 79.31 2.59
CA PRO C 115 59.69 77.93 2.07
C PRO C 115 59.83 76.92 3.20
N ILE C 116 59.30 75.72 2.95
CA ILE C 116 59.31 74.65 3.93
C ILE C 116 60.45 73.71 3.60
N MET C 117 61.34 73.48 4.56
CA MET C 117 62.54 72.67 4.37
C MET C 117 62.22 71.22 4.68
N LEU C 118 62.31 70.37 3.65
CA LEU C 118 62.11 68.93 3.81
C LEU C 118 63.18 68.21 3.00
N ASN C 119 64.16 67.62 3.69
CA ASN C 119 65.20 66.76 3.12
C ASN C 119 66.06 67.49 2.08
N GLY C 120 66.20 68.80 2.23
CA GLY C 120 67.10 69.57 1.40
C GLY C 120 66.48 70.26 0.20
N GLN C 121 65.26 69.89 -0.19
CA GLN C 121 64.62 70.49 -1.36
C GLN C 121 63.34 71.21 -0.95
N VAL C 122 62.97 72.20 -1.74
CA VAL C 122 61.77 72.99 -1.50
C VAL C 122 60.56 72.19 -1.93
N ASN C 123 59.52 72.18 -1.09
CA ASN C 123 58.30 71.45 -1.40
C ASN C 123 57.03 72.21 -1.04
N GLY C 124 57.12 73.43 -0.54
CA GLY C 124 55.94 74.18 -0.17
C GLY C 124 56.33 75.53 0.39
N TYR C 125 55.37 76.46 0.31
CA TYR C 125 55.57 77.83 0.76
C TYR C 125 54.56 78.15 1.85
N ALA C 126 55.04 78.67 2.97
CA ALA C 126 54.20 79.02 4.11
C ALA C 126 54.10 80.54 4.19
N CYS C 127 53.00 81.08 3.70
CA CYS C 127 52.77 82.51 3.74
C CYS C 127 52.30 82.96 5.11
N VAL C 128 52.35 84.27 5.35
CA VAL C 128 51.90 84.87 6.60
C VAL C 128 50.92 85.99 6.28
N VAL C 129 49.76 85.95 6.93
CA VAL C 129 48.74 86.99 6.82
C VAL C 129 48.66 87.68 8.17
N GLY C 130 48.26 88.96 8.16
CA GLY C 130 48.13 89.74 9.37
C GLY C 130 47.09 89.21 10.33
N GLY C 131 47.57 88.64 11.45
CA GLY C 131 46.71 88.04 12.47
C GLY C 131 46.90 86.55 12.60
N ARG C 132 47.20 85.86 11.49
CA ARG C 132 47.33 84.41 11.53
C ARG C 132 48.21 83.95 10.37
N VAL C 133 49.20 83.13 10.68
CA VAL C 133 50.10 82.56 9.67
C VAL C 133 49.45 81.33 9.05
N PHE C 134 50.00 80.86 7.94
CA PHE C 134 49.43 79.73 7.21
C PHE C 134 50.54 78.79 6.74
N LYS C 135 50.14 77.56 6.45
CA LYS C 135 51.02 76.49 5.99
C LYS C 135 50.15 75.41 5.37
N PRO C 136 50.52 74.86 4.21
CA PRO C 136 49.69 73.82 3.59
C PRO C 136 49.76 72.51 4.37
N LEU C 137 48.59 71.89 4.56
CA LEU C 137 48.52 70.64 5.30
C LEU C 137 49.03 69.45 4.51
N HIS C 138 48.84 69.46 3.19
CA HIS C 138 49.23 68.31 2.37
C HIS C 138 50.73 68.21 2.15
N VAL C 139 51.50 69.23 2.50
CA VAL C 139 52.95 69.16 2.46
C VAL C 139 53.47 69.01 3.89
N GLU C 140 54.77 68.72 4.01
CA GLU C 140 55.37 68.50 5.31
C GLU C 140 56.84 68.91 5.26
N GLY C 141 57.42 69.07 6.43
CA GLY C 141 58.82 69.43 6.57
C GLY C 141 59.01 70.37 7.74
N ARG C 142 60.09 71.14 7.67
CA ARG C 142 60.48 72.06 8.73
C ARG C 142 60.42 73.50 8.22
N ILE C 143 60.06 74.41 9.12
CA ILE C 143 60.00 75.83 8.76
C ILE C 143 61.42 76.41 8.69
N ASP C 144 61.55 77.53 7.99
CA ASP C 144 62.84 78.15 7.74
C ASP C 144 63.10 79.37 8.62
N ASN C 145 62.31 79.54 9.67
CA ASN C 145 62.48 80.67 10.60
C ASN C 145 62.71 80.14 12.00
N GLU C 146 63.65 80.76 12.72
CA GLU C 146 63.93 80.35 14.09
C GLU C 146 62.78 80.74 15.02
N GLN C 147 62.16 81.89 14.79
CA GLN C 147 61.07 82.36 15.64
C GLN C 147 59.74 81.72 15.29
N LEU C 148 59.64 81.01 14.16
CA LEU C 148 58.44 80.26 13.82
C LEU C 148 58.52 78.80 14.25
N ALA C 149 59.61 78.40 14.92
CA ALA C 149 59.72 77.03 15.41
C ALA C 149 58.82 76.77 16.61
N ALA C 150 58.40 77.81 17.33
CA ALA C 150 57.52 77.68 18.47
C ALA C 150 56.05 77.70 18.07
N ILE C 151 55.75 77.76 16.77
CA ILE C 151 54.37 77.72 16.31
C ILE C 151 53.82 76.31 16.46
N LYS C 152 52.66 76.20 17.12
CA LYS C 152 52.07 74.90 17.41
C LYS C 152 51.45 74.32 16.15
N LEU C 153 51.99 73.20 15.68
CA LEU C 153 51.49 72.54 14.49
C LEU C 153 50.24 71.73 14.83
N LYS C 154 49.22 71.84 13.99
CA LYS C 154 47.98 71.11 14.21
C LYS C 154 47.35 70.79 12.86
N LYS C 155 46.55 69.72 12.85
CA LYS C 155 45.75 69.37 11.69
C LYS C 155 44.37 70.03 11.79
N ALA C 156 43.70 70.14 10.66
CA ALA C 156 42.40 70.80 10.61
C ALA C 156 41.59 70.21 9.46
N SER C 157 40.54 70.91 9.06
CA SER C 157 39.64 70.48 7.99
C SER C 157 40.26 70.84 6.64
N ILE C 158 39.44 70.78 5.58
CA ILE C 158 39.89 71.09 4.22
C ILE C 158 40.12 72.57 3.97
N TYR C 159 39.84 73.43 4.96
CA TYR C 159 40.06 74.87 4.82
C TYR C 159 41.52 75.28 4.91
N ASP C 160 42.42 74.34 5.24
CA ASP C 160 43.85 74.57 5.48
C ASP C 160 44.05 75.59 6.60
N LEU C 161 43.62 75.20 7.80
CA LEU C 161 43.64 76.08 8.96
C LEU C 161 44.84 75.78 9.84
N GLU C 162 45.68 76.79 10.06
CA GLU C 162 46.80 76.71 10.97
C GLU C 162 46.62 77.73 12.09
N TYR C 163 47.53 77.68 13.06
CA TYR C 163 47.48 78.54 14.24
C TYR C 163 48.60 79.57 14.14
N GLY C 164 48.22 80.83 13.99
CA GLY C 164 49.17 81.93 13.93
C GLY C 164 49.45 82.56 15.27
N ASP C 165 50.18 81.85 16.14
CA ASP C 165 50.50 82.34 17.47
C ASP C 165 51.83 83.09 17.52
N VAL C 166 52.22 83.74 16.42
CA VAL C 166 53.43 84.56 16.39
C VAL C 166 53.22 85.80 17.26
N PRO C 167 54.26 86.30 17.96
CA PRO C 167 54.07 87.52 18.76
C PRO C 167 53.97 88.80 17.94
N GLN C 168 53.92 89.93 18.66
CA GLN C 168 53.69 91.24 18.06
C GLN C 168 54.92 91.79 17.35
N CYS C 169 56.09 91.14 17.48
CA CYS C 169 57.32 91.69 16.92
C CYS C 169 57.34 91.65 15.40
N MET C 170 56.67 90.68 14.78
CA MET C 170 56.54 90.64 13.33
C MET C 170 55.08 90.53 12.93
N LYS C 171 54.21 91.32 13.55
CA LYS C 171 52.81 91.35 13.17
C LYS C 171 52.58 92.38 12.06
N SER C 172 51.41 92.25 11.42
CA SER C 172 50.93 93.15 10.35
C SER C 172 51.91 93.18 9.17
N ASP C 173 52.08 92.02 8.54
CA ASP C 173 52.95 91.90 7.37
C ASP C 173 52.18 92.14 6.08
N THR C 174 51.15 91.33 5.83
CA THR C 174 50.32 91.43 4.63
C THR C 174 48.88 91.61 5.06
N LEU C 175 48.30 92.76 4.73
CA LEU C 175 46.91 93.02 5.08
C LEU C 175 45.97 92.23 4.18
N GLN C 176 44.94 91.66 4.79
CA GLN C 176 43.95 90.88 4.05
C GLN C 176 43.01 91.80 3.27
N TYR C 177 42.35 91.22 2.28
CA TYR C 177 41.39 91.93 1.45
C TYR C 177 39.98 91.42 1.72
N THR C 178 39.02 92.33 1.64
CA THR C 178 37.62 92.04 1.94
C THR C 178 36.96 91.37 0.73
N SER C 179 35.63 91.30 0.75
CA SER C 179 34.86 90.77 -0.36
C SER C 179 34.69 91.83 -1.45
N ASP C 180 33.79 91.56 -2.40
CA ASP C 180 33.55 92.38 -3.60
C ASP C 180 34.85 92.58 -4.41
N LYS C 181 35.53 91.47 -4.65
CA LYS C 181 36.77 91.51 -5.41
C LYS C 181 36.48 91.74 -6.88
N PRO C 182 37.07 92.76 -7.51
CA PRO C 182 36.81 92.99 -8.94
C PRO C 182 37.48 91.93 -9.79
N PRO C 183 36.96 91.69 -11.01
CA PRO C 183 37.58 90.67 -11.88
C PRO C 183 38.79 91.18 -12.66
N GLY C 184 39.36 92.30 -12.26
CA GLY C 184 40.48 92.90 -12.97
C GLY C 184 41.81 92.19 -12.73
N PHE C 185 42.89 92.96 -12.88
CA PHE C 185 44.23 92.41 -12.80
C PHE C 185 44.60 92.07 -11.35
N TYR C 186 45.37 90.99 -11.19
CA TYR C 186 45.88 90.58 -9.90
C TYR C 186 47.35 90.23 -10.02
N ASN C 187 48.08 90.42 -8.93
CA ASN C 187 49.55 90.30 -8.93
C ASN C 187 49.93 88.89 -8.51
N TRP C 188 49.78 87.94 -9.43
CA TRP C 188 50.31 86.61 -9.23
C TRP C 188 51.83 86.65 -9.37
N HIS C 189 52.50 85.76 -8.64
CA HIS C 189 53.97 85.79 -8.54
C HIS C 189 54.64 85.45 -9.86
N HIS C 190 53.99 84.63 -10.70
CA HIS C 190 54.54 84.26 -12.01
C HIS C 190 53.70 84.78 -13.16
N GLY C 191 52.86 85.79 -12.93
CA GLY C 191 51.99 86.29 -13.98
C GLY C 191 50.85 87.14 -13.47
N ALA C 192 49.63 86.85 -13.95
CA ALA C 192 48.46 87.62 -13.55
C ALA C 192 47.22 86.75 -13.62
N VAL C 193 46.19 87.16 -12.88
CA VAL C 193 44.90 86.49 -12.85
C VAL C 193 43.82 87.54 -13.06
N GLN C 194 42.93 87.31 -14.02
CA GLN C 194 41.96 88.32 -14.45
C GLN C 194 40.53 87.78 -14.39
N TYR C 195 40.19 87.10 -13.30
CA TYR C 195 38.81 86.67 -13.08
C TYR C 195 38.57 86.56 -11.58
N GLU C 196 37.30 86.61 -11.19
CA GLU C 196 36.90 86.66 -9.79
C GLU C 196 36.30 85.36 -9.29
N ASN C 197 35.24 84.86 -9.94
CA ASN C 197 34.56 83.66 -9.47
C ASN C 197 35.40 82.41 -9.68
N ASN C 198 36.07 82.31 -10.82
CA ASN C 198 37.02 81.26 -11.10
C ASN C 198 38.41 81.89 -11.24
N ARG C 199 39.44 81.07 -11.11
CA ARG C 199 40.78 81.54 -11.39
C ARG C 199 40.99 81.64 -12.90
N PHE C 200 41.88 82.55 -13.29
CA PHE C 200 42.19 82.73 -14.70
C PHE C 200 42.96 81.53 -15.23
N THR C 201 42.72 81.21 -16.51
CA THR C 201 43.40 80.10 -17.15
C THR C 201 44.87 80.45 -17.38
N VAL C 202 45.72 80.09 -16.42
CA VAL C 202 47.16 80.36 -16.50
C VAL C 202 47.76 79.44 -17.57
N PRO C 203 48.76 79.91 -18.34
CA PRO C 203 49.30 79.08 -19.42
C PRO C 203 50.20 77.96 -18.93
N ARG C 204 50.81 77.23 -19.86
CA ARG C 204 51.68 76.13 -19.53
C ARG C 204 53.00 76.64 -18.97
N GLY C 205 53.76 75.73 -18.36
CA GLY C 205 54.98 76.10 -17.66
C GLY C 205 54.71 76.34 -16.18
N VAL C 206 53.83 77.29 -15.89
CA VAL C 206 53.37 77.48 -14.52
C VAL C 206 52.45 76.33 -14.14
N GLY C 207 52.54 75.90 -12.89
CA GLY C 207 51.81 74.71 -12.47
C GLY C 207 52.68 73.47 -12.44
N GLY C 208 53.82 73.55 -11.79
CA GLY C 208 54.75 72.44 -11.71
C GLY C 208 54.47 71.55 -10.52
N LYS C 209 55.37 71.54 -9.54
CA LYS C 209 55.16 70.76 -8.33
C LYS C 209 55.93 71.39 -7.17
N GLY C 210 55.38 71.24 -5.97
CA GLY C 210 56.06 71.67 -4.76
C GLY C 210 56.11 73.16 -4.53
N ASP C 211 55.08 73.90 -4.95
CA ASP C 211 55.00 75.33 -4.71
C ASP C 211 53.60 75.71 -4.24
N SER C 212 53.08 74.97 -3.27
CA SER C 212 51.79 75.25 -2.68
C SER C 212 51.90 76.38 -1.65
N GLY C 213 50.76 77.02 -1.40
CA GLY C 213 50.69 78.08 -0.41
C GLY C 213 51.15 79.43 -0.89
N ARG C 214 51.39 79.61 -2.19
CA ARG C 214 51.81 80.90 -2.71
C ARG C 214 50.62 81.85 -2.75
N PRO C 215 50.74 83.05 -2.17
CA PRO C 215 49.60 83.97 -2.14
C PRO C 215 49.41 84.68 -3.47
N ILE C 216 48.22 85.27 -3.62
CA ILE C 216 47.87 86.10 -4.77
C ILE C 216 47.66 87.51 -4.25
N LEU C 217 48.40 88.46 -4.82
CA LEU C 217 48.38 89.85 -4.35
C LEU C 217 47.40 90.67 -5.17
N ASP C 218 46.97 91.78 -4.57
CA ASP C 218 46.12 92.76 -5.22
C ASP C 218 46.99 93.90 -5.76
N ASN C 219 46.33 94.89 -6.37
CA ASN C 219 47.04 96.08 -6.82
C ASN C 219 47.39 97.01 -5.67
N LYS C 220 46.77 96.84 -4.51
CA LYS C 220 47.06 97.63 -3.33
C LYS C 220 48.00 96.92 -2.37
N GLY C 221 48.64 95.85 -2.80
CA GLY C 221 49.50 95.07 -1.94
C GLY C 221 48.77 94.30 -0.85
N ARG C 222 47.62 93.72 -1.17
CA ARG C 222 46.84 92.95 -0.23
C ARG C 222 46.67 91.52 -0.73
N VAL C 223 46.86 90.56 0.15
CA VAL C 223 46.65 89.16 -0.21
C VAL C 223 45.15 88.87 -0.27
N VAL C 224 44.72 88.22 -1.35
CA VAL C 224 43.31 87.90 -1.53
C VAL C 224 43.07 86.38 -1.54
N ALA C 225 44.10 85.56 -1.69
CA ALA C 225 43.90 84.13 -1.92
C ALA C 225 45.20 83.39 -1.63
N ILE C 226 45.06 82.10 -1.38
CA ILE C 226 46.19 81.18 -1.16
C ILE C 226 45.94 79.94 -2.01
N VAL C 227 46.89 79.62 -2.90
CA VAL C 227 46.72 78.49 -3.80
C VAL C 227 46.96 77.18 -3.04
N LEU C 228 46.35 76.10 -3.53
CA LEU C 228 46.48 74.79 -2.90
C LEU C 228 46.87 73.68 -3.86
N GLY C 229 46.36 73.71 -5.09
CA GLY C 229 46.59 72.60 -5.99
C GLY C 229 46.22 72.93 -7.43
N GLY C 230 45.96 71.88 -8.20
CA GLY C 230 45.82 72.05 -9.64
C GLY C 230 47.11 71.90 -10.42
N VAL C 231 47.67 70.67 -10.40
CA VAL C 231 48.91 70.37 -11.13
C VAL C 231 48.77 70.71 -12.61
N ASN C 232 47.87 70.00 -13.30
CA ASN C 232 47.67 70.19 -14.73
C ASN C 232 46.32 69.61 -15.10
N GLU C 233 45.59 70.34 -15.95
CA GLU C 233 44.29 69.88 -16.43
C GLU C 233 44.29 69.57 -17.93
N GLY C 234 45.33 69.96 -18.65
CA GLY C 234 45.37 69.76 -20.10
C GLY C 234 45.85 71.00 -20.83
N SER C 235 44.97 71.55 -21.68
CA SER C 235 45.33 72.74 -22.46
C SER C 235 45.46 73.97 -21.57
N ARG C 236 44.57 74.12 -20.60
CA ARG C 236 44.62 75.21 -19.63
C ARG C 236 44.81 74.64 -18.23
N THR C 237 44.88 75.53 -17.24
CA THR C 237 45.10 75.11 -15.86
C THR C 237 44.15 75.86 -14.95
N ALA C 238 43.45 75.11 -14.09
CA ALA C 238 42.56 75.68 -13.09
C ALA C 238 43.16 75.48 -11.71
N LEU C 239 43.02 76.49 -10.86
CA LEU C 239 43.65 76.51 -9.54
C LEU C 239 42.60 76.30 -8.45
N SER C 240 42.85 75.35 -7.56
CA SER C 240 42.03 75.19 -6.36
C SER C 240 42.51 76.19 -5.32
N VAL C 241 41.75 77.25 -5.12
CA VAL C 241 42.20 78.40 -4.35
C VAL C 241 41.12 78.73 -3.33
N VAL C 242 41.52 79.46 -2.28
CA VAL C 242 40.59 79.89 -1.24
C VAL C 242 40.13 81.31 -1.54
N THR C 243 38.86 81.58 -1.26
CA THR C 243 38.25 82.87 -1.54
C THR C 243 37.33 83.25 -0.39
N TRP C 244 36.86 84.50 -0.42
CA TRP C 244 35.88 85.01 0.53
C TRP C 244 34.63 85.38 -0.26
N ASN C 245 33.47 84.85 0.15
CA ASN C 245 32.30 84.87 -0.72
C ASN C 245 31.59 86.22 -0.72
N GLN C 246 31.01 86.60 0.40
CA GLN C 246 30.18 87.80 0.38
C GLN C 246 30.48 88.78 1.52
N LYS C 247 30.78 88.27 2.72
CA LYS C 247 30.99 89.14 3.87
C LYS C 247 32.26 88.81 4.65
N GLY C 248 33.11 87.92 4.15
CA GLY C 248 34.35 87.61 4.83
C GLY C 248 34.43 86.18 5.32
N VAL C 249 33.42 85.37 5.02
CA VAL C 249 33.44 83.96 5.39
C VAL C 249 34.41 83.21 4.49
N THR C 250 35.30 82.43 5.10
CA THR C 250 36.34 81.73 4.36
C THR C 250 35.74 80.58 3.56
N VAL C 251 36.07 80.53 2.26
CA VAL C 251 35.55 79.54 1.33
C VAL C 251 36.72 78.84 0.67
N LYS C 252 36.67 77.51 0.60
CA LYS C 252 37.62 76.73 -0.19
C LYS C 252 36.94 76.33 -1.49
N ASP C 253 37.51 76.75 -2.61
CA ASP C 253 36.95 76.49 -3.93
C ASP C 253 37.87 75.58 -4.71
N THR C 254 37.30 74.54 -5.32
CA THR C 254 38.06 73.56 -6.07
C THR C 254 37.42 73.33 -7.43
N PRO C 255 38.22 73.10 -8.48
CA PRO C 255 37.66 72.66 -9.76
C PRO C 255 37.59 71.15 -9.84
N GLU C 256 37.08 70.62 -10.94
CA GLU C 256 36.96 69.17 -11.11
C GLU C 256 38.30 68.57 -11.52
N GLY C 257 38.68 67.49 -10.86
CA GLY C 257 39.93 66.80 -11.16
C GLY C 257 41.19 67.58 -10.84
N SER C 258 41.24 68.21 -9.67
CA SER C 258 42.38 69.04 -9.27
C SER C 258 43.29 68.24 -8.35
N GLU C 259 44.41 67.76 -8.90
CA GLU C 259 45.42 67.11 -8.08
C GLU C 259 46.15 68.17 -7.24
N PRO C 260 46.47 67.86 -5.98
CA PRO C 260 47.20 68.83 -5.15
C PRO C 260 48.59 69.13 -5.67
N TRP C 261 49.00 70.38 -5.49
CA TRP C 261 50.20 70.94 -6.13
C TRP C 261 50.81 71.99 -5.23
N TYR D 1 47.85 -18.62 30.14
CA TYR D 1 48.08 -17.53 29.20
C TYR D 1 46.75 -16.97 28.70
N GLU D 2 46.76 -15.69 28.32
CA GLU D 2 45.56 -15.00 27.86
C GLU D 2 45.75 -14.56 26.40
N HIS D 3 44.79 -14.91 25.55
CA HIS D 3 44.84 -14.57 24.13
C HIS D 3 43.61 -13.74 23.79
N THR D 4 43.83 -12.48 23.43
CA THR D 4 42.76 -11.55 23.07
C THR D 4 42.79 -11.28 21.58
N ALA D 5 41.64 -11.36 20.94
CA ALA D 5 41.55 -11.18 19.49
C ALA D 5 40.13 -10.72 19.15
N VAL D 6 39.83 -10.66 17.85
CA VAL D 6 38.54 -10.22 17.35
C VAL D 6 38.02 -11.26 16.36
N MET D 7 36.80 -11.75 16.60
CA MET D 7 36.15 -12.74 15.75
C MET D 7 34.94 -12.11 15.07
N PRO D 8 34.78 -12.24 13.76
CA PRO D 8 33.58 -11.67 13.12
C PRO D 8 32.33 -12.50 13.37
N ASN D 9 31.18 -11.86 13.18
CA ASN D 9 29.88 -12.43 13.56
C ASN D 9 29.38 -13.31 12.42
N LYS D 10 30.02 -14.47 12.27
CA LYS D 10 29.62 -15.48 11.30
C LYS D 10 29.45 -16.80 12.02
N VAL D 11 28.35 -17.50 11.74
CA VAL D 11 27.99 -18.67 12.53
C VAL D 11 28.73 -19.91 12.04
N GLY D 12 28.60 -20.23 10.75
CA GLY D 12 29.14 -21.48 10.24
C GLY D 12 30.65 -21.49 10.08
N ILE D 13 31.26 -20.32 9.96
CA ILE D 13 32.70 -20.20 9.69
C ILE D 13 33.43 -20.14 11.03
N PRO D 14 34.30 -21.08 11.35
CA PRO D 14 35.04 -21.02 12.60
C PRO D 14 36.18 -20.01 12.54
N TYR D 15 36.69 -19.69 13.73
CA TYR D 15 37.83 -18.79 13.89
C TYR D 15 39.03 -19.61 14.33
N LYS D 16 40.13 -19.51 13.59
CA LYS D 16 41.35 -20.26 13.87
C LYS D 16 42.47 -19.29 14.24
N ALA D 17 43.25 -19.67 15.26
CA ALA D 17 44.34 -18.84 15.72
C ALA D 17 45.42 -19.72 16.33
N LEU D 18 46.63 -19.15 16.43
CA LEU D 18 47.79 -19.86 16.95
C LEU D 18 48.38 -19.00 18.06
N VAL D 19 48.20 -19.42 19.31
CA VAL D 19 48.70 -18.66 20.44
C VAL D 19 50.21 -18.83 20.56
N GLU D 20 50.88 -17.80 21.08
CA GLU D 20 52.34 -17.75 21.11
C GLU D 20 52.80 -17.43 22.53
N ARG D 21 52.98 -18.47 23.35
CA ARG D 21 53.66 -18.29 24.63
C ARG D 21 55.16 -18.26 24.40
N PRO D 22 55.87 -17.21 24.87
CA PRO D 22 57.29 -17.10 24.55
C PRO D 22 58.25 -17.98 25.35
N GLY D 23 58.60 -19.11 24.75
CA GLY D 23 59.33 -20.16 25.43
C GLY D 23 58.64 -21.52 25.39
N TYR D 24 57.40 -21.59 24.90
CA TYR D 24 56.67 -22.84 24.76
C TYR D 24 56.27 -23.06 23.31
N ALA D 25 55.75 -24.26 23.03
CA ALA D 25 55.27 -24.56 21.69
C ALA D 25 53.94 -23.86 21.41
N PRO D 26 53.69 -23.47 20.16
CA PRO D 26 52.38 -22.89 19.82
C PRO D 26 51.26 -23.91 19.93
N VAL D 27 50.07 -23.42 20.27
CA VAL D 27 48.89 -24.25 20.48
C VAL D 27 47.78 -23.73 19.55
N HIS D 28 47.21 -24.65 18.77
CA HIS D 28 46.12 -24.29 17.87
C HIS D 28 44.85 -23.99 18.65
N LEU D 29 44.20 -22.88 18.33
CA LEU D 29 42.96 -22.48 18.97
C LEU D 29 41.87 -22.37 17.91
N GLN D 30 40.71 -22.96 18.18
CA GLN D 30 39.60 -22.95 17.24
C GLN D 30 38.32 -22.64 17.99
N ILE D 31 37.69 -21.51 17.66
CA ILE D 31 36.41 -21.11 18.23
C ILE D 31 35.40 -21.02 17.11
N GLN D 32 34.23 -21.65 17.31
CA GLN D 32 33.17 -21.64 16.32
C GLN D 32 31.85 -21.34 17.01
N LEU D 33 31.13 -20.33 16.50
CA LEU D 33 29.82 -20.02 17.03
C LEU D 33 28.79 -21.04 16.56
N VAL D 34 27.81 -21.30 17.42
CA VAL D 34 26.72 -22.19 17.08
C VAL D 34 25.46 -21.36 16.87
N ASN D 35 25.21 -20.44 17.80
CA ASN D 35 24.05 -19.57 17.76
C ASN D 35 24.31 -18.19 18.39
N THR D 36 23.50 -17.22 18.00
CA THR D 36 23.57 -15.86 18.54
C THR D 36 22.15 -15.30 18.59
N ARG D 37 21.73 -14.89 19.77
CA ARG D 37 20.34 -14.49 20.02
C ARG D 37 20.31 -13.11 20.64
N ILE D 38 19.45 -12.25 20.10
CA ILE D 38 19.14 -10.95 20.69
C ILE D 38 17.78 -11.09 21.36
N ILE D 39 17.75 -10.98 22.67
CA ILE D 39 16.52 -11.20 23.43
C ILE D 39 16.06 -9.88 24.05
N PRO D 40 15.10 -9.19 23.45
CA PRO D 40 14.62 -7.93 24.02
C PRO D 40 13.64 -8.16 25.16
N SER D 41 13.50 -7.13 25.99
CA SER D 41 12.56 -7.15 27.10
C SER D 41 11.21 -6.67 26.61
N THR D 42 10.16 -7.47 26.86
CA THR D 42 8.82 -7.18 26.39
C THR D 42 7.85 -7.17 27.55
N ASN D 43 6.89 -6.24 27.49
CA ASN D 43 5.77 -6.21 28.43
C ASN D 43 4.47 -6.16 27.66
N LEU D 44 3.52 -7.03 28.05
CA LEU D 44 2.27 -7.16 27.31
C LEU D 44 1.35 -6.00 27.62
N GLU D 45 0.84 -5.35 26.57
CA GLU D 45 -0.06 -4.22 26.72
C GLU D 45 -1.52 -4.67 26.78
N TYR D 46 -1.98 -5.36 25.73
CA TYR D 46 -3.33 -5.92 25.70
C TYR D 46 -3.34 -7.09 24.73
N ILE D 47 -4.46 -7.81 24.72
CA ILE D 47 -4.73 -8.83 23.71
C ILE D 47 -5.99 -8.44 22.97
N THR D 48 -6.11 -8.92 21.72
CA THR D 48 -7.29 -8.72 20.90
C THR D 48 -7.74 -10.05 20.32
N CYS D 49 -9.04 -10.19 20.12
CA CYS D 49 -9.62 -11.38 19.53
C CYS D 49 -11.01 -11.04 18.98
N LYS D 50 -11.68 -12.05 18.44
CA LYS D 50 -13.06 -11.88 17.98
C LYS D 50 -14.00 -11.73 19.16
N TYR D 51 -15.08 -10.99 18.94
CA TYR D 51 -16.10 -10.79 19.97
C TYR D 51 -17.24 -11.78 19.77
N LYS D 52 -18.20 -11.73 20.70
CA LYS D 52 -19.40 -12.56 20.62
C LYS D 52 -20.49 -11.84 21.39
N THR D 53 -21.49 -11.33 20.68
CA THR D 53 -22.57 -10.61 21.33
C THR D 53 -23.67 -11.56 21.72
N LYS D 54 -23.98 -11.56 23.02
CA LYS D 54 -25.04 -12.39 23.56
C LYS D 54 -26.25 -11.53 23.87
N VAL D 55 -27.43 -12.06 23.56
CA VAL D 55 -28.69 -11.35 23.75
C VAL D 55 -29.45 -12.01 24.89
N PRO D 56 -29.73 -11.29 25.98
CA PRO D 56 -30.67 -11.81 26.98
C PRO D 56 -32.10 -11.76 26.45
N SER D 57 -32.98 -12.43 27.18
CA SER D 57 -34.37 -12.54 26.75
C SER D 57 -35.08 -11.19 26.88
N PRO D 58 -35.84 -10.78 25.86
CA PRO D 58 -36.55 -9.50 25.94
C PRO D 58 -37.72 -9.57 26.91
N VAL D 59 -37.97 -8.45 27.59
CA VAL D 59 -39.07 -8.35 28.55
C VAL D 59 -40.29 -7.84 27.81
N VAL D 60 -41.27 -8.71 27.59
CA VAL D 60 -42.50 -8.36 26.90
C VAL D 60 -43.54 -7.99 27.94
N LYS D 61 -44.01 -6.74 27.87
CA LYS D 61 -45.06 -6.26 28.77
C LYS D 61 -46.36 -6.18 28.00
N CYS D 62 -47.42 -6.76 28.58
CA CYS D 62 -48.67 -6.92 27.84
C CYS D 62 -49.45 -5.61 27.73
N CYS D 63 -49.85 -5.04 28.88
CA CYS D 63 -50.61 -3.79 28.90
C CYS D 63 -49.90 -2.85 29.85
N GLY D 64 -48.91 -2.12 29.34
CA GLY D 64 -48.10 -1.24 30.15
C GLY D 64 -46.84 -0.83 29.40
N ALA D 65 -45.86 -0.36 30.16
CA ALA D 65 -44.60 0.07 29.59
C ALA D 65 -43.49 -0.11 30.62
N THR D 66 -42.26 -0.21 30.12
CA THR D 66 -41.08 -0.37 30.98
C THR D 66 -39.98 0.56 30.48
N GLN D 67 -39.08 0.91 31.40
CA GLN D 67 -37.89 1.68 31.09
C GLN D 67 -36.67 0.94 31.61
N CYS D 68 -35.53 1.12 30.95
CA CYS D 68 -34.31 0.45 31.31
C CYS D 68 -33.25 1.45 31.76
N THR D 69 -32.42 1.02 32.70
CA THR D 69 -31.31 1.82 33.20
C THR D 69 -30.00 1.31 32.61
N SER D 70 -28.97 2.15 32.72
CA SER D 70 -27.65 1.79 32.22
C SER D 70 -27.03 0.71 33.10
N LYS D 71 -26.21 -0.12 32.47
CA LYS D 71 -25.53 -1.23 33.14
C LYS D 71 -24.06 -1.20 32.81
N PRO D 72 -23.18 -1.63 33.74
CA PRO D 72 -21.74 -1.62 33.43
C PRO D 72 -21.29 -2.83 32.61
N HIS D 73 -21.60 -2.77 31.32
CA HIS D 73 -21.21 -3.79 30.35
C HIS D 73 -20.54 -3.13 29.17
N PRO D 74 -19.59 -3.80 28.52
CA PRO D 74 -18.95 -3.21 27.34
C PRO D 74 -19.90 -3.21 26.14
N ASP D 75 -20.07 -2.03 25.54
CA ASP D 75 -20.97 -1.77 24.42
C ASP D 75 -22.41 -2.17 24.74
N TYR D 76 -22.86 -1.79 25.94
CA TYR D 76 -24.20 -2.13 26.38
C TYR D 76 -25.22 -1.20 25.72
N GLN D 77 -26.28 -1.79 25.18
CA GLN D 77 -27.33 -1.04 24.49
C GLN D 77 -28.70 -1.47 25.00
N CYS D 78 -29.64 -0.53 25.00
CA CYS D 78 -31.02 -0.83 25.35
C CYS D 78 -31.94 0.08 24.54
N GLN D 79 -33.18 -0.38 24.38
CA GLN D 79 -34.20 0.36 23.65
C GLN D 79 -35.57 -0.03 24.19
N VAL D 80 -36.59 0.69 23.73
CA VAL D 80 -37.99 0.35 23.98
C VAL D 80 -38.76 0.49 22.68
N PHE D 81 -39.61 -0.49 22.39
CA PHE D 81 -40.44 -0.48 21.19
C PHE D 81 -41.89 -0.58 21.60
N SER D 82 -42.71 0.35 21.13
CA SER D 82 -44.08 0.52 21.60
C SER D 82 -45.06 -0.10 20.62
N GLY D 83 -45.98 -0.91 21.15
CA GLY D 83 -47.02 -1.51 20.34
C GLY D 83 -46.54 -2.55 19.37
N VAL D 84 -46.05 -3.69 19.88
CA VAL D 84 -45.49 -4.73 19.04
C VAL D 84 -46.51 -5.80 18.69
N TYR D 85 -47.34 -6.20 19.69
CA TYR D 85 -48.35 -7.27 19.61
C TYR D 85 -47.75 -8.58 19.10
N PRO D 86 -46.94 -9.26 19.91
CA PRO D 86 -46.21 -10.42 19.41
C PRO D 86 -47.09 -11.66 19.32
N PHE D 87 -46.67 -12.58 18.45
CA PHE D 87 -47.31 -13.89 18.29
C PHE D 87 -46.32 -14.97 18.66
N MET D 88 -46.67 -15.79 19.63
CA MET D 88 -45.92 -16.99 19.96
C MET D 88 -46.65 -18.20 19.38
N TRP D 89 -46.22 -19.39 19.78
CA TRP D 89 -46.92 -20.60 19.37
C TRP D 89 -48.20 -20.66 20.22
N GLY D 90 -49.31 -21.10 19.63
CA GLY D 90 -50.57 -21.18 20.33
C GLY D 90 -51.18 -19.82 20.61
N GLY D 91 -51.50 -19.07 19.55
CA GLY D 91 -52.17 -17.80 19.69
C GLY D 91 -51.26 -16.65 20.05
N ALA D 92 -51.88 -15.49 20.24
CA ALA D 92 -51.16 -14.28 20.59
C ALA D 92 -50.70 -14.32 22.04
N TYR D 93 -49.85 -13.35 22.40
CA TYR D 93 -49.26 -13.30 23.73
C TYR D 93 -49.93 -12.30 24.66
N CYS D 94 -50.48 -11.21 24.12
CA CYS D 94 -51.05 -10.15 24.94
C CYS D 94 -52.40 -9.73 24.39
N PHE D 95 -53.19 -9.09 25.26
CA PHE D 95 -54.56 -8.70 24.94
C PHE D 95 -54.63 -7.32 24.31
N CYS D 96 -54.00 -6.32 24.92
CA CYS D 96 -54.10 -4.94 24.46
C CYS D 96 -53.36 -4.76 23.15
N ASP D 97 -54.10 -4.57 22.07
CA ASP D 97 -53.49 -4.26 20.78
C ASP D 97 -52.98 -2.82 20.77
N THR D 98 -51.96 -2.59 19.91
CA THR D 98 -51.22 -1.32 19.70
C THR D 98 -50.77 -0.63 20.99
N GLU D 99 -50.59 -1.41 22.07
CA GLU D 99 -50.11 -0.89 23.35
C GLU D 99 -49.34 -2.02 24.02
N ASN D 100 -48.03 -2.06 23.79
CA ASN D 100 -47.17 -3.14 24.26
C ASN D 100 -45.75 -2.62 24.31
N THR D 101 -44.86 -3.41 24.93
CA THR D 101 -43.48 -2.99 25.10
C THR D 101 -42.56 -4.20 25.03
N GLN D 102 -41.53 -4.12 24.20
CA GLN D 102 -40.48 -5.14 24.11
C GLN D 102 -39.16 -4.50 24.50
N MET D 103 -38.41 -5.17 25.39
CA MET D 103 -37.20 -4.58 25.95
C MET D 103 -36.02 -4.74 25.00
N SER D 104 -35.61 -5.98 24.74
CA SER D 104 -34.59 -6.36 23.73
C SER D 104 -33.23 -5.70 24.01
N GLU D 105 -32.64 -6.10 25.13
CA GLU D 105 -31.31 -5.62 25.51
C GLU D 105 -30.23 -6.52 24.92
N ALA D 106 -29.03 -5.96 24.74
CA ALA D 106 -27.90 -6.67 24.17
C ALA D 106 -26.60 -5.99 24.58
N TYR D 107 -25.52 -6.77 24.58
CA TYR D 107 -24.18 -6.27 24.87
C TYR D 107 -23.14 -7.21 24.29
N VAL D 108 -21.89 -6.74 24.27
CA VAL D 108 -20.77 -7.47 23.70
C VAL D 108 -19.85 -8.05 24.75
N GLU D 109 -19.50 -9.32 24.57
CA GLU D 109 -18.62 -9.99 25.51
C GLU D 109 -17.63 -10.86 24.74
N ARG D 110 -16.59 -11.32 25.43
CA ARG D 110 -15.47 -11.96 24.77
C ARG D 110 -15.82 -13.38 24.31
N SER D 111 -15.37 -13.73 23.11
CA SER D 111 -15.66 -15.05 22.55
C SER D 111 -14.85 -16.13 23.26
N GLU D 112 -15.29 -17.37 23.08
CA GLU D 112 -14.66 -18.50 23.75
C GLU D 112 -13.47 -19.07 23.01
N GLU D 113 -13.16 -18.56 21.81
CA GLU D 113 -11.98 -18.97 21.08
C GLU D 113 -10.79 -18.07 21.34
N CYS D 114 -10.91 -17.09 22.24
CA CYS D 114 -9.81 -16.17 22.51
C CYS D 114 -8.71 -16.80 23.36
N SER D 115 -8.96 -17.97 23.97
CA SER D 115 -7.99 -18.60 24.84
C SER D 115 -6.92 -19.39 24.09
N ILE D 116 -7.05 -19.55 22.77
CA ILE D 116 -6.12 -20.36 22.00
C ILE D 116 -5.41 -19.54 20.93
N ASP D 117 -6.14 -18.75 20.13
CA ASP D 117 -5.53 -17.90 19.12
C ASP D 117 -5.96 -16.46 19.34
N HIS D 118 -4.98 -15.58 19.55
CA HIS D 118 -5.22 -14.16 19.76
C HIS D 118 -3.92 -13.42 19.43
N ALA D 119 -4.04 -12.12 19.21
CA ALA D 119 -2.89 -11.27 18.95
C ALA D 119 -2.47 -10.59 20.24
N LYS D 120 -1.19 -10.71 20.58
CA LYS D 120 -0.64 -10.13 21.80
C LYS D 120 0.17 -8.89 21.43
N ALA D 121 -0.05 -7.80 22.17
CA ALA D 121 0.58 -6.52 21.91
C ALA D 121 1.72 -6.32 22.90
N TYR D 122 2.92 -6.10 22.39
CA TYR D 122 4.12 -5.94 23.21
C TYR D 122 4.80 -4.61 22.91
N LYS D 123 5.51 -4.10 23.91
CA LYS D 123 6.40 -2.96 23.75
C LYS D 123 7.83 -3.42 23.99
N VAL D 124 8.71 -3.15 23.02
CA VAL D 124 10.03 -3.77 22.97
C VAL D 124 11.08 -2.78 23.45
N HIS D 125 11.85 -3.19 24.45
CA HIS D 125 13.04 -2.47 24.90
C HIS D 125 14.24 -3.40 24.82
N THR D 126 15.43 -2.80 24.75
CA THR D 126 16.66 -3.57 24.55
C THR D 126 17.00 -4.43 25.76
N GLY D 127 17.58 -5.60 25.50
CA GLY D 127 17.87 -6.55 26.56
C GLY D 127 19.18 -7.30 26.37
N THR D 128 19.27 -8.49 26.96
CA THR D 128 20.49 -9.27 26.95
C THR D 128 20.72 -9.94 25.60
N VAL D 129 21.98 -10.26 25.33
CA VAL D 129 22.40 -10.98 24.13
C VAL D 129 23.18 -12.21 24.57
N GLN D 130 22.73 -13.39 24.14
CA GLN D 130 23.39 -14.64 24.47
C GLN D 130 23.86 -15.33 23.19
N ALA D 131 24.73 -16.32 23.36
CA ALA D 131 25.32 -17.03 22.24
C ALA D 131 25.74 -18.43 22.69
N MET D 132 26.19 -19.22 21.74
CA MET D 132 26.74 -20.55 22.00
C MET D 132 28.01 -20.72 21.18
N VAL D 133 29.02 -21.34 21.78
CA VAL D 133 30.34 -21.44 21.17
C VAL D 133 30.79 -22.89 21.20
N ASN D 134 31.70 -23.22 20.27
CA ASN D 134 32.36 -24.52 20.23
C ASN D 134 33.86 -24.30 20.36
N ILE D 135 34.49 -25.01 21.30
CA ILE D 135 35.87 -24.74 21.69
C ILE D 135 36.69 -26.03 21.60
N THR D 136 37.82 -25.96 20.90
CA THR D 136 38.85 -26.98 20.99
C THR D 136 40.21 -26.29 20.95
N TYR D 137 41.14 -26.79 21.76
CA TYR D 137 42.48 -26.22 21.83
C TYR D 137 43.49 -27.33 22.05
N GLY D 138 44.59 -27.28 21.30
CA GLY D 138 45.63 -28.28 21.42
C GLY D 138 45.20 -29.64 20.92
N SER D 139 45.02 -30.59 21.85
CA SER D 139 44.63 -31.95 21.52
C SER D 139 43.46 -32.40 22.38
N VAL D 140 42.54 -31.47 22.68
CA VAL D 140 41.34 -31.80 23.43
C VAL D 140 40.17 -31.87 22.46
N SER D 141 39.07 -32.46 22.95
CA SER D 141 37.88 -32.63 22.13
C SER D 141 37.08 -31.34 22.05
N TRP D 142 36.03 -31.35 21.24
CA TRP D 142 35.14 -30.20 21.13
C TRP D 142 34.26 -30.10 22.37
N ARG D 143 34.32 -28.95 23.04
CA ARG D 143 33.51 -28.69 24.22
C ARG D 143 32.72 -27.42 24.00
N SER D 144 31.41 -27.48 24.28
CA SER D 144 30.51 -26.37 24.01
C SER D 144 29.87 -25.88 25.30
N ALA D 145 29.55 -24.59 25.34
CA ALA D 145 28.91 -23.98 26.49
C ALA D 145 28.16 -22.74 26.02
N ASP D 146 27.28 -22.24 26.87
CA ASP D 146 26.47 -21.07 26.59
C ASP D 146 27.05 -19.86 27.29
N VAL D 147 27.30 -18.79 26.53
CA VAL D 147 27.95 -17.60 27.05
C VAL D 147 27.00 -16.41 26.96
N TYR D 148 27.36 -15.34 27.67
CA TYR D 148 26.66 -14.07 27.60
C TYR D 148 27.54 -13.08 26.83
N VAL D 149 26.94 -12.37 25.89
CA VAL D 149 27.71 -11.46 25.01
C VAL D 149 27.75 -10.12 25.73
N ASN D 150 28.71 -10.02 26.66
CA ASN D 150 29.06 -8.78 27.34
C ASN D 150 30.47 -8.94 27.88
N GLY D 151 31.23 -7.85 27.87
CA GLY D 151 32.65 -7.92 28.18
C GLY D 151 33.03 -8.01 29.64
N GLU D 152 32.15 -8.53 30.48
CA GLU D 152 32.42 -8.68 31.91
C GLU D 152 32.24 -10.10 32.42
N THR D 153 31.21 -10.82 31.95
CA THR D 153 30.88 -12.12 32.51
C THR D 153 31.76 -13.21 31.90
N PRO D 154 32.52 -13.96 32.70
CA PRO D 154 33.29 -15.08 32.18
C PRO D 154 32.54 -16.40 32.24
N ALA D 155 32.83 -17.25 31.25
CA ALA D 155 32.25 -18.58 31.16
C ALA D 155 33.35 -19.63 31.11
N LYS D 156 33.16 -20.71 31.85
CA LYS D 156 34.14 -21.79 31.94
C LYS D 156 33.72 -22.91 31.00
N ILE D 157 34.44 -23.06 29.90
CA ILE D 157 34.20 -24.11 28.92
C ILE D 157 35.23 -25.21 29.20
N GLY D 158 34.83 -26.22 29.96
CA GLY D 158 35.75 -27.24 30.39
C GLY D 158 36.70 -26.72 31.45
N ASP D 159 37.96 -26.49 31.09
CA ASP D 159 38.93 -25.88 31.96
C ASP D 159 39.20 -24.43 31.59
N ALA D 160 39.22 -24.11 30.30
CA ALA D 160 39.52 -22.77 29.82
C ALA D 160 38.38 -21.80 30.17
N LYS D 161 38.71 -20.51 30.12
CA LYS D 161 37.79 -19.46 30.53
C LYS D 161 37.69 -18.45 29.40
N LEU D 162 36.48 -18.26 28.86
CA LEU D 162 36.25 -17.39 27.72
C LEU D 162 35.41 -16.20 28.13
N ILE D 163 35.85 -15.01 27.73
CA ILE D 163 35.06 -13.78 27.88
C ILE D 163 34.74 -13.29 26.48
N ILE D 164 33.46 -13.22 26.16
CA ILE D 164 33.01 -12.78 24.84
C ILE D 164 32.70 -11.28 24.94
N GLY D 165 33.32 -10.49 24.08
CA GLY D 165 33.15 -9.06 24.13
C GLY D 165 31.81 -8.62 23.59
N PRO D 166 31.48 -7.35 23.82
CA PRO D 166 30.20 -6.81 23.33
C PRO D 166 30.18 -6.70 21.81
N LEU D 167 28.98 -6.78 21.26
CA LEU D 167 28.80 -6.69 19.82
C LEU D 167 29.08 -5.27 19.33
N SER D 168 29.71 -5.17 18.17
CA SER D 168 30.11 -3.87 17.63
C SER D 168 28.96 -3.08 17.01
N SER D 169 27.78 -3.69 16.88
CA SER D 169 26.62 -3.02 16.32
C SER D 169 25.44 -3.16 17.27
N ALA D 170 24.69 -2.07 17.43
CA ALA D 170 23.49 -2.05 18.27
C ALA D 170 22.22 -2.18 17.44
N TRP D 171 22.28 -2.97 16.37
CA TRP D 171 21.15 -3.14 15.45
C TRP D 171 20.25 -4.27 15.94
N SER D 172 18.95 -4.01 15.96
CA SER D 172 17.95 -5.00 16.30
C SER D 172 16.83 -4.96 15.27
N PRO D 173 16.29 -6.12 14.88
CA PRO D 173 15.25 -6.14 13.85
C PRO D 173 13.88 -5.68 14.34
N PHE D 174 13.66 -5.65 15.65
CA PHE D 174 12.35 -5.30 16.18
C PHE D 174 12.13 -3.80 16.21
N ASP D 175 10.86 -3.40 16.14
CA ASP D 175 10.48 -2.01 16.33
C ASP D 175 10.17 -1.77 17.80
N ASN D 176 9.60 -0.61 18.12
CA ASN D 176 9.19 -0.35 19.49
C ASN D 176 7.92 -1.10 19.87
N LYS D 177 7.03 -1.33 18.90
CA LYS D 177 5.77 -2.02 19.12
C LYS D 177 5.66 -3.18 18.14
N VAL D 178 5.36 -4.37 18.66
CA VAL D 178 5.21 -5.57 17.84
C VAL D 178 3.90 -6.26 18.18
N VAL D 179 3.42 -7.07 17.23
CA VAL D 179 2.20 -7.86 17.39
C VAL D 179 2.57 -9.31 17.14
N VAL D 180 2.31 -10.15 18.14
CA VAL D 180 2.61 -11.55 17.97
C VAL D 180 1.35 -12.39 17.90
N TYR D 181 1.07 -12.87 16.69
CA TYR D 181 -0.04 -13.77 16.44
C TYR D 181 0.53 -15.11 15.97
N GLY D 182 0.15 -16.18 16.66
CA GLY D 182 0.60 -17.51 16.30
C GLY D 182 2.08 -17.74 16.57
N HIS D 183 2.86 -17.86 15.49
CA HIS D 183 4.30 -18.07 15.59
C HIS D 183 5.09 -17.03 14.79
N GLU D 184 4.47 -15.90 14.47
CA GLU D 184 5.12 -14.86 13.67
C GLU D 184 4.86 -13.50 14.30
N VAL D 185 5.80 -12.58 14.06
CA VAL D 185 5.76 -11.24 14.63
C VAL D 185 5.63 -10.17 13.55
N TYR D 186 4.88 -9.12 13.86
CA TYR D 186 4.59 -8.04 12.92
C TYR D 186 4.96 -6.71 13.55
N ASN D 187 5.67 -5.88 12.80
CA ASN D 187 6.06 -4.55 13.25
C ASN D 187 4.90 -3.57 13.04
N TYR D 188 3.91 -3.68 13.93
CA TYR D 188 2.67 -2.93 13.84
C TYR D 188 2.60 -1.87 14.92
N ASP D 189 1.72 -0.89 14.71
CA ASP D 189 1.45 0.16 15.68
C ASP D 189 0.17 -0.15 16.45
N PHE D 190 -0.04 0.59 17.54
CA PHE D 190 -1.13 0.25 18.44
C PHE D 190 -2.17 1.37 18.50
N PRO D 191 -3.44 1.02 18.72
CA PRO D 191 -4.42 2.02 19.17
C PRO D 191 -4.20 2.50 20.61
N GLU D 192 -3.31 1.86 21.39
CA GLU D 192 -2.92 2.26 22.74
C GLU D 192 -4.11 2.23 23.72
N TYR D 193 -4.97 1.22 23.55
CA TYR D 193 -6.02 0.80 24.48
C TYR D 193 -7.17 1.80 24.64
N GLY D 194 -7.07 2.97 24.01
CA GLY D 194 -8.09 3.98 24.19
C GLY D 194 -8.96 4.19 22.98
N THR D 195 -8.40 3.94 21.80
CA THR D 195 -9.10 4.17 20.55
C THR D 195 -9.42 2.84 19.87
N GLY D 196 -10.40 2.89 18.99
CA GLY D 196 -10.75 1.77 18.14
C GLY D 196 -11.71 2.22 17.07
N LYS D 197 -11.40 1.91 15.81
CA LYS D 197 -12.21 2.34 14.69
C LYS D 197 -13.28 1.34 14.31
N ALA D 198 -13.57 0.39 15.21
CA ALA D 198 -14.69 -0.56 15.21
C ALA D 198 -14.58 -1.64 14.14
N GLY D 199 -13.60 -1.54 13.24
CA GLY D 199 -13.46 -2.56 12.22
C GLY D 199 -12.06 -2.88 11.75
N SER D 200 -11.02 -2.35 12.39
CA SER D 200 -9.67 -2.51 11.86
C SER D 200 -8.77 -3.38 12.74
N PHE D 201 -8.45 -2.94 13.96
CA PHE D 201 -7.67 -3.81 14.84
C PHE D 201 -8.05 -3.73 16.32
N GLY D 202 -8.61 -2.63 16.80
CA GLY D 202 -8.79 -2.44 18.23
C GLY D 202 -10.24 -2.34 18.65
N ASP D 203 -11.10 -3.14 18.04
CA ASP D 203 -12.50 -3.16 18.42
C ASP D 203 -12.75 -3.92 19.71
N LEU D 204 -11.79 -4.72 20.17
CA LEU D 204 -11.90 -5.43 21.44
C LEU D 204 -10.50 -5.56 22.03
N GLN D 205 -10.27 -4.91 23.16
CA GLN D 205 -8.98 -4.95 23.84
C GLN D 205 -9.18 -5.42 25.27
N SER D 206 -8.39 -6.42 25.67
CA SER D 206 -8.40 -6.93 27.03
C SER D 206 -6.99 -6.91 27.57
N ARG D 207 -6.82 -6.42 28.80
CA ARG D 207 -5.49 -6.26 29.38
C ARG D 207 -4.84 -7.61 29.69
N THR D 208 -5.65 -8.65 29.93
CA THR D 208 -5.17 -9.97 30.27
C THR D 208 -6.18 -10.96 29.68
N SER D 209 -5.69 -12.12 29.26
CA SER D 209 -6.56 -13.12 28.62
C SER D 209 -7.60 -13.71 29.58
N THR D 210 -7.44 -13.53 30.88
CA THR D 210 -8.43 -13.94 31.87
C THR D 210 -8.94 -12.76 32.70
N SER D 211 -8.85 -11.54 32.16
CA SER D 211 -9.23 -10.34 32.90
C SER D 211 -10.75 -10.18 32.90
N ASN D 212 -11.20 -9.09 33.52
CA ASN D 212 -12.62 -8.78 33.65
C ASN D 212 -13.01 -7.48 32.96
N ASP D 213 -12.17 -6.46 33.03
CA ASP D 213 -12.44 -5.20 32.34
C ASP D 213 -12.21 -5.36 30.85
N LEU D 214 -13.14 -4.82 30.06
CA LEU D 214 -13.10 -4.99 28.61
C LEU D 214 -13.45 -3.68 27.93
N TYR D 215 -12.85 -3.46 26.77
CA TYR D 215 -13.15 -2.32 25.91
C TYR D 215 -13.77 -2.86 24.62
N ALA D 216 -14.86 -2.23 24.18
CA ALA D 216 -15.56 -2.70 22.98
C ALA D 216 -16.33 -1.55 22.37
N ASN D 217 -16.03 -1.21 21.12
CA ASN D 217 -16.88 -0.35 20.30
C ASN D 217 -17.08 -1.06 18.97
N THR D 218 -18.27 -1.61 18.76
CA THR D 218 -18.59 -2.35 17.55
C THR D 218 -19.73 -1.73 16.77
N ASN D 219 -20.17 -0.52 17.16
CA ASN D 219 -21.35 0.16 16.62
C ASN D 219 -22.60 -0.72 16.70
N LEU D 220 -22.82 -1.27 17.88
CA LEU D 220 -23.97 -2.15 18.11
C LEU D 220 -25.24 -1.32 18.18
N LYS D 221 -26.15 -1.54 17.24
CA LYS D 221 -27.41 -0.83 17.16
C LYS D 221 -28.55 -1.83 17.18
N LEU D 222 -29.59 -1.53 17.97
CA LEU D 222 -30.72 -2.42 18.13
C LEU D 222 -31.83 -2.04 17.16
N GLN D 223 -32.41 -3.05 16.51
CA GLN D 223 -33.46 -2.85 15.52
C GLN D 223 -34.81 -3.29 16.07
N ARG D 224 -35.86 -2.76 15.46
CA ARG D 224 -37.23 -3.04 15.90
C ARG D 224 -37.67 -4.41 15.41
N PRO D 225 -38.24 -5.26 16.26
CA PRO D 225 -38.78 -6.54 15.80
C PRO D 225 -40.00 -6.34 14.92
N GLN D 226 -40.15 -7.21 13.92
CA GLN D 226 -41.08 -7.00 12.82
C GLN D 226 -42.18 -8.04 12.83
N ALA D 227 -43.42 -7.57 12.60
CA ALA D 227 -44.60 -8.40 12.31
C ALA D 227 -44.94 -9.37 13.43
N GLY D 228 -44.70 -8.95 14.67
CA GLY D 228 -45.16 -9.69 15.83
C GLY D 228 -44.53 -11.04 16.09
N ILE D 229 -43.20 -11.11 16.08
CA ILE D 229 -42.48 -12.30 16.51
C ILE D 229 -41.50 -11.89 17.61
N VAL D 230 -41.36 -12.76 18.61
CA VAL D 230 -40.47 -12.48 19.73
C VAL D 230 -39.07 -12.88 19.30
N HIS D 231 -38.25 -11.88 18.95
CA HIS D 231 -36.83 -12.08 18.69
C HIS D 231 -36.13 -10.74 18.86
N THR D 232 -34.82 -10.79 19.04
CA THR D 232 -34.02 -9.58 19.24
C THR D 232 -33.08 -9.38 18.06
N PRO D 233 -33.39 -8.47 17.14
CA PRO D 233 -32.48 -8.21 16.02
C PRO D 233 -31.54 -7.04 16.30
N PHE D 234 -30.40 -7.08 15.62
CA PHE D 234 -29.40 -6.02 15.73
C PHE D 234 -28.55 -6.01 14.46
N THR D 235 -27.78 -4.94 14.32
CA THR D 235 -26.76 -4.88 13.28
C THR D 235 -25.54 -4.17 13.85
N GLN D 236 -24.36 -4.54 13.34
CA GLN D 236 -23.10 -3.99 13.81
C GLN D 236 -22.02 -4.24 12.78
N VAL D 237 -20.91 -3.53 12.94
CA VAL D 237 -19.73 -3.67 12.08
C VAL D 237 -19.11 -5.06 12.32
N PRO D 238 -18.71 -5.79 11.28
CA PRO D 238 -18.00 -7.05 11.48
C PRO D 238 -16.64 -6.85 12.14
N SER D 239 -16.11 -7.95 12.68
CA SER D 239 -14.94 -7.90 13.54
C SER D 239 -13.69 -7.51 12.78
N GLY D 240 -12.86 -6.66 13.42
CA GLY D 240 -11.61 -6.24 12.83
C GLY D 240 -10.50 -7.27 12.93
N PHE D 241 -10.62 -8.23 13.84
CA PHE D 241 -9.65 -9.31 13.92
C PHE D 241 -9.73 -10.23 12.71
N GLU D 242 -10.95 -10.46 12.19
CA GLU D 242 -11.09 -11.21 10.95
C GLU D 242 -10.59 -10.42 9.76
N ARG D 243 -10.77 -9.10 9.78
CA ARG D 243 -10.27 -8.28 8.68
C ARG D 243 -8.76 -8.16 8.71
N TRP D 244 -8.17 -8.09 9.91
CA TRP D 244 -6.72 -8.01 10.02
C TRP D 244 -6.05 -9.31 9.61
N LYS D 245 -6.69 -10.46 9.90
CA LYS D 245 -6.09 -11.75 9.61
C LYS D 245 -6.02 -12.04 8.11
N LYS D 246 -6.82 -11.34 7.29
CA LYS D 246 -6.72 -11.43 5.84
C LYS D 246 -5.87 -10.33 5.24
N ASP D 247 -5.80 -9.16 5.88
CA ASP D 247 -5.10 -8.01 5.34
C ASP D 247 -3.70 -7.84 5.90
N LYS D 248 -3.23 -8.75 6.76
CA LYS D 248 -1.86 -8.66 7.25
C LYS D 248 -0.88 -9.06 6.15
N GLY D 249 0.19 -8.27 6.02
CA GLY D 249 1.14 -8.50 4.96
C GLY D 249 2.17 -9.56 5.30
N ALA D 250 3.43 -9.28 5.02
CA ALA D 250 4.47 -10.25 5.31
C ALA D 250 4.92 -10.12 6.76
N PRO D 251 5.18 -11.23 7.44
CA PRO D 251 5.69 -11.17 8.80
C PRO D 251 7.16 -10.73 8.82
N LEU D 252 7.65 -10.47 10.03
CA LEU D 252 9.01 -9.99 10.18
C LEU D 252 10.05 -11.08 9.89
N ASN D 253 9.68 -12.35 10.07
CA ASN D 253 10.61 -13.44 9.81
C ASN D 253 10.82 -13.69 8.32
N ASP D 254 9.99 -13.11 7.45
CA ASP D 254 10.21 -13.12 6.01
C ASP D 254 10.63 -11.74 5.50
N VAL D 255 10.91 -10.81 6.41
CA VAL D 255 11.23 -9.43 6.04
C VAL D 255 12.57 -8.95 6.59
N ALA D 256 13.00 -9.46 7.75
CA ALA D 256 14.16 -8.94 8.47
C ALA D 256 15.46 -9.18 7.71
N PRO D 257 16.36 -8.21 7.65
CA PRO D 257 17.60 -8.35 6.89
C PRO D 257 18.64 -9.16 7.65
N PHE D 258 19.77 -9.41 7.00
CA PHE D 258 20.86 -10.15 7.62
C PHE D 258 20.49 -11.60 7.95
N GLY D 259 19.46 -12.13 7.29
CA GLY D 259 19.05 -13.50 7.52
C GLY D 259 18.76 -13.88 8.95
N CYS D 260 18.09 -13.00 9.69
CA CYS D 260 17.76 -13.25 11.10
C CYS D 260 16.50 -14.11 11.16
N SER D 261 16.68 -15.39 11.45
CA SER D 261 15.55 -16.28 11.63
C SER D 261 14.96 -15.89 12.98
N ILE D 262 13.64 -15.82 13.07
CA ILE D 262 13.03 -15.41 14.32
C ILE D 262 12.19 -16.46 15.02
N ALA D 263 12.49 -16.71 16.29
CA ALA D 263 11.71 -17.66 17.08
C ALA D 263 11.02 -16.90 18.21
N LEU D 264 10.29 -17.64 19.06
CA LEU D 264 9.23 -16.98 19.80
C LEU D 264 9.17 -17.19 21.31
N GLU D 265 9.80 -18.25 21.85
CA GLU D 265 9.43 -18.64 23.21
C GLU D 265 10.03 -17.74 24.29
N PRO D 266 11.28 -17.27 24.21
CA PRO D 266 11.60 -15.97 24.83
C PRO D 266 11.60 -14.80 23.86
N LEU D 267 11.13 -15.00 22.62
CA LEU D 267 11.03 -14.00 21.56
C LEU D 267 12.41 -13.41 21.24
N ARG D 268 13.27 -14.29 20.71
CA ARG D 268 14.62 -13.89 20.31
C ARG D 268 14.68 -13.67 18.81
N ALA D 269 15.87 -13.33 18.32
CA ALA D 269 16.14 -13.13 16.89
C ALA D 269 17.46 -13.83 16.58
N GLU D 270 17.38 -15.09 16.18
CA GLU D 270 18.56 -15.93 16.04
C GLU D 270 19.31 -15.65 14.75
N ASN D 271 20.65 -15.71 14.84
CA ASN D 271 21.57 -15.82 13.70
C ASN D 271 21.53 -14.58 12.80
N CYS D 272 21.75 -13.40 13.40
CA CYS D 272 21.89 -12.17 12.65
C CYS D 272 23.39 -11.88 12.46
N ALA D 273 23.80 -11.75 11.20
CA ALA D 273 25.21 -11.57 10.85
C ALA D 273 25.48 -10.08 10.62
N VAL D 274 25.94 -9.39 11.66
CA VAL D 274 26.27 -7.98 11.59
C VAL D 274 27.34 -7.68 12.64
N GLY D 275 28.37 -6.94 12.24
CA GLY D 275 29.41 -6.53 13.16
C GLY D 275 30.43 -7.62 13.44
N SER D 276 31.11 -7.47 14.58
CA SER D 276 32.17 -8.39 14.98
C SER D 276 32.15 -8.52 16.50
N ILE D 277 32.85 -9.55 16.98
CA ILE D 277 32.86 -9.87 18.41
C ILE D 277 34.30 -9.97 18.90
N PRO D 278 34.75 -9.07 19.78
CA PRO D 278 36.06 -9.29 20.42
C PRO D 278 36.01 -10.45 21.40
N ILE D 279 37.15 -11.11 21.56
CA ILE D 279 37.26 -12.27 22.44
C ILE D 279 38.48 -12.14 23.33
N SER D 280 38.47 -12.93 24.41
CA SER D 280 39.63 -13.07 25.30
C SER D 280 39.48 -14.40 26.01
N ILE D 281 40.44 -15.30 25.83
CA ILE D 281 40.35 -16.66 26.35
C ILE D 281 41.57 -16.93 27.23
N ASP D 282 41.36 -17.67 28.32
CA ASP D 282 42.44 -18.06 29.22
C ASP D 282 42.70 -19.54 29.03
N ILE D 283 43.69 -19.87 28.21
CA ILE D 283 44.07 -21.25 27.95
C ILE D 283 44.82 -21.79 29.17
N PRO D 284 44.51 -23.01 29.64
CA PRO D 284 45.20 -23.55 30.82
C PRO D 284 46.68 -23.79 30.59
N ASP D 285 47.46 -23.71 31.68
CA ASP D 285 48.91 -23.77 31.60
C ASP D 285 49.42 -25.18 31.33
N ALA D 286 48.60 -26.21 31.53
CA ALA D 286 49.01 -27.58 31.30
C ALA D 286 48.86 -28.03 29.85
N ALA D 287 48.37 -27.16 28.98
CA ALA D 287 48.18 -27.47 27.57
C ALA D 287 49.37 -27.06 26.71
N PHE D 288 50.45 -26.58 27.32
CA PHE D 288 51.62 -26.13 26.59
C PHE D 288 52.76 -27.14 26.72
N THR D 289 53.55 -27.25 25.66
CA THR D 289 54.74 -28.09 25.64
C THR D 289 55.97 -27.22 25.49
N ARG D 290 57.07 -27.64 26.11
CA ARG D 290 58.31 -26.88 26.06
C ARG D 290 58.91 -26.89 24.66
N ILE D 291 59.64 -25.83 24.33
CA ILE D 291 60.21 -25.68 23.00
C ILE D 291 61.43 -26.59 22.79
N SER D 292 62.00 -27.13 23.86
CA SER D 292 63.12 -28.06 23.72
C SER D 292 62.65 -29.48 23.42
N GLU D 293 61.36 -29.78 23.63
CA GLU D 293 60.82 -31.11 23.38
C GLU D 293 59.90 -31.13 22.16
N THR D 294 60.18 -30.29 21.16
CA THR D 294 59.37 -30.22 19.96
C THR D 294 60.25 -30.32 18.73
N PRO D 295 59.76 -30.90 17.64
CA PRO D 295 60.55 -30.96 16.39
C PRO D 295 60.72 -29.57 15.77
N THR D 296 61.87 -29.38 15.15
CA THR D 296 62.16 -28.18 14.37
C THR D 296 62.32 -28.56 12.91
N VAL D 297 61.84 -27.68 12.02
CA VAL D 297 61.84 -27.98 10.59
C VAL D 297 62.67 -26.94 9.86
N SER D 298 63.16 -27.34 8.70
CA SER D 298 63.99 -26.48 7.86
C SER D 298 63.85 -26.95 6.41
N ASP D 299 64.33 -26.09 5.50
CA ASP D 299 64.28 -26.29 4.04
C ASP D 299 62.84 -26.51 3.56
N LEU D 300 62.01 -25.50 3.78
CA LEU D 300 60.60 -25.56 3.40
C LEU D 300 60.43 -24.94 2.02
N GLU D 301 59.86 -25.71 1.10
CA GLU D 301 59.58 -25.23 -0.25
C GLU D 301 58.11 -25.47 -0.55
N CYS D 302 57.41 -24.44 -1.00
CA CYS D 302 55.97 -24.48 -1.23
C CYS D 302 55.68 -24.24 -2.70
N LYS D 303 54.83 -25.10 -3.27
CA LYS D 303 54.33 -24.91 -4.63
C LYS D 303 52.86 -25.29 -4.66
N ILE D 304 52.12 -24.70 -5.59
CA ILE D 304 50.67 -24.85 -5.68
C ILE D 304 50.36 -25.59 -6.97
N THR D 305 49.62 -26.71 -6.85
CA THR D 305 49.28 -27.50 -8.02
C THR D 305 48.04 -26.95 -8.73
N GLU D 306 46.93 -26.82 -8.00
CA GLU D 306 45.67 -26.35 -8.58
C GLU D 306 45.01 -25.38 -7.61
N CYS D 307 44.53 -24.26 -8.13
CA CYS D 307 43.84 -23.26 -7.33
C CYS D 307 42.66 -22.70 -8.11
N THR D 308 41.64 -22.28 -7.37
CA THR D 308 40.43 -21.69 -7.95
C THR D 308 39.76 -20.83 -6.90
N TYR D 309 38.79 -20.01 -7.34
CA TYR D 309 38.08 -19.09 -6.46
C TYR D 309 36.79 -19.70 -5.93
N ALA D 310 36.74 -21.01 -5.74
CA ALA D 310 35.54 -21.67 -5.26
C ALA D 310 35.28 -21.31 -3.80
N PHE D 311 34.00 -21.37 -3.42
CA PHE D 311 33.60 -21.00 -2.07
C PHE D 311 34.07 -22.03 -1.04
N ASP D 312 34.21 -23.29 -1.45
CA ASP D 312 34.78 -24.31 -0.61
C ASP D 312 36.30 -24.32 -0.78
N PHE D 313 36.97 -25.34 -0.26
CA PHE D 313 38.43 -25.43 -0.30
C PHE D 313 38.84 -25.97 -1.67
N GLY D 314 39.11 -25.07 -2.60
CA GLY D 314 39.45 -25.41 -3.96
C GLY D 314 40.92 -25.31 -4.32
N GLY D 315 41.81 -25.26 -3.34
CA GLY D 315 43.24 -25.14 -3.60
C GLY D 315 44.01 -26.28 -2.96
N ILE D 316 44.97 -26.83 -3.70
CA ILE D 316 45.83 -27.91 -3.24
C ILE D 316 47.28 -27.44 -3.34
N ALA D 317 48.03 -27.59 -2.26
CA ALA D 317 49.43 -27.19 -2.23
C ALA D 317 50.25 -28.24 -1.49
N THR D 318 51.45 -28.51 -1.99
CA THR D 318 52.36 -29.49 -1.39
C THR D 318 53.58 -28.76 -0.83
N VAL D 319 54.06 -29.21 0.32
CA VAL D 319 55.21 -28.61 0.98
C VAL D 319 56.23 -29.70 1.29
N ALA D 320 57.47 -29.47 0.87
CA ALA D 320 58.58 -30.39 1.14
C ALA D 320 59.40 -29.83 2.29
N TYR D 321 59.73 -30.67 3.26
CA TYR D 321 60.35 -30.24 4.50
C TYR D 321 61.52 -31.15 4.86
N LYS D 322 62.30 -30.70 5.85
CA LYS D 322 63.37 -31.50 6.45
C LYS D 322 63.26 -31.30 7.97
N SER D 323 62.67 -32.27 8.64
CA SER D 323 62.40 -32.17 10.07
C SER D 323 63.49 -32.87 10.88
N SER D 324 63.61 -32.44 12.15
CA SER D 324 64.62 -33.01 13.02
C SER D 324 64.23 -34.41 13.49
N LYS D 325 62.97 -34.61 13.86
CA LYS D 325 62.52 -35.90 14.36
C LYS D 325 61.03 -36.06 14.07
N ALA D 326 60.55 -37.29 14.22
CA ALA D 326 59.15 -37.59 13.93
C ALA D 326 58.23 -37.04 14.99
N GLY D 327 57.09 -36.50 14.56
CA GLY D 327 56.13 -35.93 15.48
C GLY D 327 55.09 -35.14 14.72
N ASN D 328 54.25 -34.43 15.48
CA ASN D 328 53.23 -33.57 14.90
C ASN D 328 53.26 -32.22 15.57
N CYS D 329 52.88 -31.20 14.81
CA CYS D 329 52.84 -29.81 15.24
C CYS D 329 52.01 -29.02 14.25
N PRO D 330 51.17 -28.08 14.71
CA PRO D 330 50.15 -27.51 13.84
C PRO D 330 50.69 -26.50 12.83
N ILE D 331 49.84 -26.21 11.84
CA ILE D 331 50.12 -25.23 10.80
C ILE D 331 49.00 -24.20 10.78
N HIS D 332 49.33 -23.00 10.32
CA HIS D 332 48.38 -21.88 10.28
C HIS D 332 48.88 -20.83 9.30
N SER D 333 47.94 -20.20 8.61
CA SER D 333 48.24 -19.05 7.77
C SER D 333 47.71 -17.79 8.45
N PRO D 334 48.58 -16.90 8.94
CA PRO D 334 48.09 -15.78 9.77
C PRO D 334 47.41 -14.67 8.98
N SER D 335 47.71 -14.51 7.70
CA SER D 335 47.15 -13.41 6.94
C SER D 335 45.73 -13.74 6.49
N GLY D 336 45.07 -12.75 5.90
CA GLY D 336 43.72 -12.87 5.38
C GLY D 336 43.64 -13.30 3.93
N VAL D 337 44.72 -13.83 3.37
CA VAL D 337 44.71 -14.26 1.97
C VAL D 337 43.97 -15.57 1.82
N ALA D 338 44.40 -16.60 2.54
CA ALA D 338 43.81 -17.93 2.41
C ALA D 338 43.64 -18.56 3.78
N VAL D 339 42.54 -19.30 3.95
CA VAL D 339 42.29 -20.07 5.15
C VAL D 339 42.77 -21.50 4.90
N ILE D 340 42.97 -22.25 5.98
CA ILE D 340 43.53 -23.58 5.91
C ILE D 340 42.49 -24.57 6.41
N LYS D 341 42.24 -25.62 5.64
CA LYS D 341 41.29 -26.65 6.05
C LYS D 341 41.86 -27.53 7.16
N GLU D 342 43.14 -27.84 7.09
CA GLU D 342 43.78 -28.71 8.06
C GLU D 342 44.28 -27.91 9.26
N ASN D 343 44.40 -28.59 10.39
CA ASN D 343 44.89 -27.99 11.63
C ASN D 343 46.31 -28.42 11.97
N ASP D 344 46.56 -29.72 12.02
CA ASP D 344 47.87 -30.25 12.33
C ASP D 344 48.25 -31.29 11.29
N VAL D 345 49.56 -31.51 11.15
CA VAL D 345 50.11 -32.47 10.19
C VAL D 345 51.11 -33.37 10.91
N THR D 346 51.08 -34.65 10.58
CA THR D 346 52.04 -35.59 11.13
C THR D 346 53.29 -35.61 10.26
N LEU D 347 54.44 -35.35 10.89
CA LEU D 347 55.70 -35.18 10.17
C LEU D 347 56.56 -36.42 10.33
N ALA D 348 57.53 -36.55 9.43
CA ALA D 348 58.51 -37.63 9.46
C ALA D 348 59.91 -37.07 9.30
N GLU D 349 60.89 -37.93 9.10
CA GLU D 349 62.28 -37.51 8.89
C GLU D 349 62.47 -37.18 7.42
N SER D 350 62.33 -35.88 7.10
CA SER D 350 62.57 -35.30 5.76
C SER D 350 61.68 -35.94 4.69
N GLY D 351 60.37 -35.75 4.85
CA GLY D 351 59.42 -36.23 3.86
C GLY D 351 58.70 -35.10 3.14
N SER D 352 57.39 -35.25 2.95
CA SER D 352 56.57 -34.22 2.30
C SER D 352 55.13 -34.42 2.74
N PHE D 353 54.35 -33.34 2.64
CA PHE D 353 52.94 -33.38 2.98
C PHE D 353 52.19 -32.35 2.15
N THR D 354 50.88 -32.56 2.01
CA THR D 354 50.00 -31.66 1.29
C THR D 354 48.92 -31.13 2.23
N PHE D 355 48.39 -29.96 1.89
CA PHE D 355 47.28 -29.38 2.62
C PHE D 355 46.31 -28.73 1.63
N HIS D 356 45.12 -28.43 2.12
CA HIS D 356 44.08 -27.79 1.32
C HIS D 356 43.81 -26.39 1.82
N PHE D 357 43.49 -25.48 0.91
CA PHE D 357 43.26 -24.08 1.24
C PHE D 357 42.20 -23.50 0.32
N SER D 358 41.61 -22.40 0.75
CA SER D 358 40.60 -21.69 -0.02
C SER D 358 40.97 -20.21 -0.07
N THR D 359 40.83 -19.61 -1.25
CA THR D 359 41.18 -18.20 -1.44
C THR D 359 40.30 -17.61 -2.53
N ALA D 360 40.23 -16.27 -2.54
CA ALA D 360 39.45 -15.53 -3.52
C ALA D 360 40.31 -14.59 -4.36
N ASN D 361 41.63 -14.73 -4.32
CA ASN D 361 42.53 -13.83 -5.02
C ASN D 361 42.85 -14.36 -6.41
N ILE D 362 43.22 -13.44 -7.31
CA ILE D 362 43.73 -13.82 -8.62
C ILE D 362 45.06 -14.57 -8.46
N HIS D 363 45.98 -14.00 -7.70
CA HIS D 363 47.29 -14.59 -7.42
C HIS D 363 47.52 -14.57 -5.92
N PRO D 364 47.49 -15.73 -5.25
CA PRO D 364 47.78 -15.75 -3.81
C PRO D 364 49.24 -15.43 -3.52
N ALA D 365 49.45 -14.78 -2.38
CA ALA D 365 50.80 -14.45 -1.91
C ALA D 365 50.95 -14.72 -0.42
N PHE D 366 50.18 -15.65 0.13
CA PHE D 366 50.19 -15.91 1.56
C PHE D 366 51.45 -16.65 1.98
N LYS D 367 51.77 -16.54 3.25
CA LYS D 367 52.82 -17.32 3.88
C LYS D 367 52.24 -17.98 5.13
N LEU D 368 52.59 -19.24 5.34
CA LEU D 368 52.08 -19.98 6.49
C LEU D 368 53.26 -20.44 7.33
N GLN D 369 53.01 -20.58 8.63
CA GLN D 369 54.04 -20.97 9.59
C GLN D 369 53.88 -22.45 9.87
N VAL D 370 54.66 -23.27 9.17
CA VAL D 370 54.68 -24.71 9.38
C VAL D 370 55.65 -25.00 10.52
N CYS D 371 55.10 -25.32 11.69
CA CYS D 371 55.83 -25.78 12.88
C CYS D 371 56.86 -24.75 13.33
N THR D 372 56.34 -23.59 13.77
CA THR D 372 57.04 -22.31 14.04
C THR D 372 58.19 -22.04 13.07
N SER D 373 57.89 -22.18 11.78
CA SER D 373 58.82 -21.84 10.70
C SER D 373 57.99 -21.44 9.49
N ALA D 374 58.25 -20.25 8.96
CA ALA D 374 57.42 -19.68 7.91
C ALA D 374 57.97 -20.02 6.52
N VAL D 375 57.06 -20.04 5.55
CA VAL D 375 57.40 -20.29 4.15
C VAL D 375 56.32 -19.65 3.29
N THR D 376 56.75 -18.92 2.25
CA THR D 376 55.81 -18.22 1.38
C THR D 376 55.32 -19.13 0.26
N CYS D 377 54.19 -18.75 -0.33
CA CYS D 377 53.58 -19.50 -1.43
C CYS D 377 53.01 -18.52 -2.45
N LYS D 378 53.26 -18.80 -3.73
CA LYS D 378 52.69 -18.06 -4.84
C LYS D 378 52.11 -19.03 -5.86
N GLY D 379 51.16 -18.55 -6.64
CA GLY D 379 50.55 -19.39 -7.66
C GLY D 379 49.52 -18.62 -8.45
N ASP D 380 48.90 -19.33 -9.39
CA ASP D 380 47.83 -18.80 -10.22
C ASP D 380 46.58 -19.64 -10.04
N CYS D 381 45.42 -18.99 -10.18
CA CYS D 381 44.14 -19.65 -9.99
C CYS D 381 43.22 -19.38 -11.17
N LYS D 382 42.23 -20.26 -11.33
CA LYS D 382 41.26 -20.25 -12.42
C LYS D 382 39.87 -19.91 -11.91
N PRO D 383 38.99 -19.40 -12.78
CA PRO D 383 37.60 -19.18 -12.36
C PRO D 383 36.89 -20.50 -12.10
N PRO D 384 35.96 -20.52 -11.14
CA PRO D 384 35.23 -21.76 -10.85
C PRO D 384 34.16 -22.06 -11.89
N LYS D 385 33.91 -23.35 -12.09
CA LYS D 385 32.95 -23.78 -13.09
C LYS D 385 31.51 -23.63 -12.61
N ASP D 386 31.28 -23.63 -11.30
CA ASP D 386 29.92 -23.63 -10.79
C ASP D 386 29.36 -22.22 -10.74
N HIS D 387 28.08 -22.09 -11.10
CA HIS D 387 27.42 -20.78 -11.15
C HIS D 387 26.85 -20.37 -9.81
N ILE D 388 26.05 -21.24 -9.19
CA ILE D 388 25.38 -20.95 -7.92
C ILE D 388 25.58 -22.14 -6.99
N VAL D 389 26.06 -21.87 -5.78
CA VAL D 389 26.28 -22.92 -4.79
C VAL D 389 25.30 -22.71 -3.63
N ASP D 390 25.31 -23.63 -2.66
CA ASP D 390 24.42 -23.55 -1.52
C ASP D 390 25.17 -23.54 -0.19
N TYR D 391 26.39 -23.03 -0.20
CA TYR D 391 27.18 -22.85 1.02
C TYR D 391 27.82 -21.47 0.99
N PRO D 392 27.98 -20.83 2.15
CA PRO D 392 28.61 -19.51 2.18
C PRO D 392 30.12 -19.59 1.97
N ALA D 393 30.68 -18.44 1.59
CA ALA D 393 32.10 -18.37 1.28
C ALA D 393 32.95 -18.45 2.53
N GLN D 394 33.96 -19.33 2.50
CA GLN D 394 34.86 -19.47 3.64
C GLN D 394 35.85 -18.31 3.71
N HIS D 395 36.21 -17.73 2.57
CA HIS D 395 37.22 -16.69 2.50
C HIS D 395 36.58 -15.31 2.67
N THR D 396 37.37 -14.26 2.41
CA THR D 396 36.90 -12.88 2.46
C THR D 396 37.35 -12.17 1.19
N GLU D 397 36.57 -11.18 0.77
CA GLU D 397 36.86 -10.44 -0.45
C GLU D 397 37.42 -9.06 -0.12
N SER D 398 38.52 -8.70 -0.78
CA SER D 398 39.19 -7.42 -0.58
C SER D 398 39.03 -6.54 -1.80
N PHE D 399 39.66 -5.37 -1.77
CA PHE D 399 39.56 -4.43 -2.88
C PHE D 399 40.40 -4.89 -4.07
N THR D 400 41.60 -5.41 -3.81
CA THR D 400 42.51 -5.86 -4.86
C THR D 400 42.40 -7.36 -5.11
N SER D 401 41.20 -7.93 -4.95
CA SER D 401 41.02 -9.37 -5.14
C SER D 401 41.02 -9.75 -6.61
N ALA D 402 40.40 -8.93 -7.47
CA ALA D 402 40.22 -9.27 -8.86
C ALA D 402 41.31 -8.73 -9.78
N ILE D 403 42.26 -7.97 -9.25
CA ILE D 403 43.27 -7.34 -10.08
C ILE D 403 44.36 -8.36 -10.40
N SER D 404 44.60 -8.58 -11.69
CA SER D 404 45.58 -9.54 -12.16
C SER D 404 46.92 -8.86 -12.42
N ALA D 405 47.92 -9.67 -12.76
CA ALA D 405 49.25 -9.14 -13.03
C ALA D 405 49.30 -8.37 -14.35
N THR D 406 48.58 -8.87 -15.36
CA THR D 406 48.54 -8.17 -16.64
C THR D 406 47.70 -6.90 -16.56
N ALA D 407 46.66 -6.91 -15.74
CA ALA D 407 45.85 -5.71 -15.56
C ALA D 407 46.55 -4.66 -14.71
N TRP D 408 47.40 -5.09 -13.77
CA TRP D 408 48.14 -4.13 -12.95
C TRP D 408 49.26 -3.48 -13.75
N SER D 409 49.76 -4.15 -14.78
CA SER D 409 50.78 -3.56 -15.64
C SER D 409 50.21 -2.45 -16.51
N TRP D 410 48.93 -2.54 -16.88
CA TRP D 410 48.33 -1.52 -17.73
C TRP D 410 48.08 -0.23 -16.95
N ILE D 411 47.66 -0.33 -15.68
CA ILE D 411 47.42 0.88 -14.89
C ILE D 411 48.69 1.49 -14.35
N LYS D 412 49.83 0.79 -14.42
CA LYS D 412 51.11 1.39 -14.07
C LYS D 412 51.87 1.91 -15.29
N VAL D 413 51.45 1.55 -16.50
CA VAL D 413 51.99 2.17 -17.70
C VAL D 413 51.24 3.45 -18.02
N LEU D 414 49.91 3.43 -17.93
CA LEU D 414 49.10 4.62 -18.21
C LEU D 414 49.34 5.72 -17.19
N VAL D 415 49.58 5.36 -15.93
CA VAL D 415 50.01 6.34 -14.94
C VAL D 415 51.41 6.86 -15.29
N GLY D 416 52.31 5.94 -15.68
CA GLY D 416 53.66 6.34 -16.05
C GLY D 416 53.76 7.03 -17.39
N GLY D 417 52.73 6.90 -18.24
CA GLY D 417 52.73 7.62 -19.51
C GLY D 417 52.45 9.10 -19.29
N THR D 418 51.54 9.42 -18.37
CA THR D 418 51.27 10.82 -18.06
C THR D 418 52.41 11.47 -17.29
N SER D 419 53.06 10.71 -16.41
CA SER D 419 54.16 11.27 -15.63
C SER D 419 55.41 11.49 -16.49
N ALA D 420 55.56 10.72 -17.57
CA ALA D 420 56.70 10.92 -18.45
C ALA D 420 56.53 12.17 -19.31
N PHE D 421 55.31 12.41 -19.79
CA PHE D 421 55.06 13.58 -20.65
C PHE D 421 54.99 14.88 -19.85
N ILE D 422 54.59 14.82 -18.58
CA ILE D 422 54.48 16.02 -17.77
C ILE D 422 55.86 16.55 -17.41
N VAL D 423 56.75 15.67 -16.95
CA VAL D 423 58.10 16.09 -16.59
C VAL D 423 58.99 16.33 -17.80
N LEU D 424 58.58 15.90 -18.99
CA LEU D 424 59.31 16.26 -20.20
C LEU D 424 59.14 17.73 -20.53
N GLY D 425 57.89 18.22 -20.49
CA GLY D 425 57.65 19.63 -20.76
C GLY D 425 58.00 20.54 -19.61
N LEU D 426 57.89 20.06 -18.37
CA LEU D 426 58.21 20.89 -17.21
C LEU D 426 59.70 21.15 -17.11
N ILE D 427 60.53 20.19 -17.50
CA ILE D 427 61.97 20.43 -17.59
C ILE D 427 62.26 21.38 -18.75
N ALA D 428 61.63 21.15 -19.91
CA ALA D 428 61.86 21.97 -21.08
C ALA D 428 61.32 23.39 -20.95
N THR D 429 60.35 23.61 -20.05
CA THR D 429 59.90 24.97 -19.77
C THR D 429 60.96 25.75 -19.01
N ALA D 430 61.61 25.11 -18.04
CA ALA D 430 62.65 25.78 -17.26
C ALA D 430 64.00 25.79 -17.97
N VAL D 431 64.17 24.98 -19.02
CA VAL D 431 65.43 24.98 -19.75
C VAL D 431 65.57 26.26 -20.56
N VAL D 432 64.51 26.67 -21.27
CA VAL D 432 64.57 27.87 -22.09
C VAL D 432 64.53 29.14 -21.24
N ALA D 433 64.00 29.05 -20.02
CA ALA D 433 64.08 30.19 -19.11
C ALA D 433 65.50 30.41 -18.61
N LEU D 434 66.30 29.34 -18.57
CA LEU D 434 67.71 29.48 -18.21
C LEU D 434 68.51 30.10 -19.34
N VAL D 435 68.20 29.75 -20.59
CA VAL D 435 68.87 30.35 -21.73
C VAL D 435 68.46 31.81 -21.90
N LEU D 436 67.17 32.12 -21.67
CA LEU D 436 66.71 33.50 -21.77
C LEU D 436 67.27 34.36 -20.65
N PHE D 437 67.53 33.78 -19.48
CA PHE D 437 68.23 34.50 -18.43
C PHE D 437 69.70 34.70 -18.79
N PHE D 438 70.31 33.71 -19.43
CA PHE D 438 71.72 33.79 -19.80
C PHE D 438 71.94 34.55 -21.10
N HIS D 439 70.88 34.82 -21.86
CA HIS D 439 71.03 35.58 -23.10
C HIS D 439 71.31 37.05 -22.82
N ARG D 440 70.74 37.61 -21.74
CA ARG D 440 70.93 39.01 -21.43
C ARG D 440 72.34 39.30 -20.92
N HIS D 441 72.87 38.42 -20.07
CA HIS D 441 74.19 38.63 -19.50
C HIS D 441 74.88 37.30 -19.21
N ASP E 1 -17.39 -41.69 33.76
CA ASP E 1 -18.82 -41.95 33.92
C ASP E 1 -19.64 -41.01 33.05
N LEU E 2 -20.69 -41.57 32.42
CA LEU E 2 -21.51 -40.78 31.52
C LEU E 2 -22.46 -39.86 32.28
N ASP E 3 -22.85 -40.24 33.48
CA ASP E 3 -23.75 -39.42 34.26
C ASP E 3 -23.11 -38.07 34.60
N THR E 4 -21.81 -38.08 34.84
CA THR E 4 -21.10 -36.88 35.28
C THR E 4 -21.30 -35.71 34.33
N HIS E 5 -21.34 -35.95 33.03
CA HIS E 5 -21.55 -34.88 32.07
C HIS E 5 -23.00 -34.42 32.00
N PHE E 6 -23.95 -35.35 32.12
CA PHE E 6 -25.36 -35.04 31.97
C PHE E 6 -26.05 -34.69 33.29
N THR E 7 -25.29 -34.40 34.36
CA THR E 7 -25.91 -34.17 35.66
C THR E 7 -26.60 -32.82 35.76
N GLN E 8 -26.33 -31.90 34.84
CA GLN E 8 -27.03 -30.62 34.79
C GLN E 8 -28.02 -30.51 33.64
N TYR E 9 -27.92 -31.38 32.64
CA TYR E 9 -28.87 -31.37 31.54
C TYR E 9 -30.15 -32.13 31.85
N LYS E 10 -30.17 -32.84 32.98
CA LYS E 10 -31.36 -33.49 33.44
C LYS E 10 -32.38 -32.41 33.81
N LEU E 11 -31.88 -31.32 34.39
CA LEU E 11 -32.69 -30.22 34.87
C LEU E 11 -33.10 -29.26 33.75
N ALA E 12 -32.72 -29.54 32.51
CA ALA E 12 -33.06 -28.72 31.36
C ALA E 12 -34.13 -29.38 30.52
N ARG E 13 -34.76 -28.59 29.67
CA ARG E 13 -35.86 -29.05 28.83
C ARG E 13 -35.74 -28.42 27.45
N PRO E 14 -36.30 -29.05 26.43
CA PRO E 14 -36.41 -28.39 25.12
C PRO E 14 -37.48 -27.31 25.16
N TYR E 15 -37.45 -26.46 24.14
CA TYR E 15 -38.43 -25.39 24.02
C TYR E 15 -38.73 -25.17 22.54
N ILE E 16 -39.66 -24.25 22.27
CA ILE E 16 -40.10 -23.94 20.93
C ILE E 16 -39.82 -22.47 20.67
N ALA E 17 -39.04 -22.19 19.62
CA ALA E 17 -38.68 -20.84 19.23
C ALA E 17 -38.89 -20.69 17.73
N ASP E 18 -39.04 -19.45 17.29
CA ASP E 18 -39.31 -19.19 15.88
C ASP E 18 -38.05 -19.43 15.04
N CYS E 19 -38.26 -19.92 13.82
CA CYS E 19 -37.18 -20.23 12.90
C CYS E 19 -37.58 -19.72 11.52
N PRO E 20 -36.80 -18.85 10.89
CA PRO E 20 -37.10 -18.45 9.52
C PRO E 20 -36.78 -19.58 8.55
N ASN E 21 -37.63 -19.71 7.53
CA ASN E 21 -37.53 -20.76 6.49
C ASN E 21 -37.50 -22.16 7.10
N CYS E 22 -38.38 -22.38 8.09
CA CYS E 22 -38.54 -23.72 8.65
C CYS E 22 -39.12 -24.67 7.60
N GLY E 23 -40.33 -24.39 7.15
CA GLY E 23 -40.88 -25.00 5.96
C GLY E 23 -40.77 -24.01 4.83
N HIS E 24 -41.85 -23.28 4.58
CA HIS E 24 -41.85 -22.18 3.63
C HIS E 24 -42.41 -20.88 4.17
N SER E 25 -42.86 -20.85 5.44
CA SER E 25 -43.57 -19.69 5.95
C SER E 25 -43.16 -19.32 7.37
N ARG E 26 -41.89 -19.55 7.72
CA ARG E 26 -41.21 -19.22 9.00
C ARG E 26 -42.05 -19.57 10.24
N CYS E 27 -42.29 -20.88 10.39
CA CYS E 27 -43.09 -21.38 11.50
C CYS E 27 -42.26 -21.42 12.78
N ASP E 28 -42.91 -21.82 13.88
CA ASP E 28 -42.24 -22.10 15.14
C ASP E 28 -41.99 -23.60 15.22
N SER E 29 -40.72 -23.97 15.40
CA SER E 29 -40.30 -25.36 15.27
C SER E 29 -39.53 -25.80 16.50
N PRO E 30 -39.58 -27.09 16.86
CA PRO E 30 -38.79 -27.58 18.00
C PRO E 30 -37.29 -27.53 17.78
N ILE E 31 -36.82 -27.49 16.54
CA ILE E 31 -35.41 -27.29 16.24
C ILE E 31 -35.26 -25.85 15.78
N ALA E 32 -34.45 -25.07 16.50
CA ALA E 32 -34.27 -23.66 16.20
C ALA E 32 -32.78 -23.34 16.24
N ILE E 33 -32.30 -22.69 15.18
CA ILE E 33 -30.87 -22.40 15.07
C ILE E 33 -30.52 -21.20 15.94
N GLU E 34 -29.49 -21.40 16.76
CA GLU E 34 -28.94 -20.34 17.60
C GLU E 34 -27.42 -20.54 17.79
N GLU E 35 -26.68 -19.45 17.87
CA GLU E 35 -25.23 -19.49 18.14
C GLU E 35 -24.30 -20.38 17.29
N VAL E 36 -24.39 -20.32 15.96
CA VAL E 36 -23.49 -21.13 15.13
C VAL E 36 -22.03 -20.63 15.18
N ARG E 37 -21.07 -21.55 15.13
CA ARG E 37 -19.65 -21.23 15.16
C ARG E 37 -18.92 -22.02 14.08
N GLY E 38 -18.21 -21.31 13.22
CA GLY E 38 -17.45 -21.92 12.14
C GLY E 38 -16.04 -21.41 12.07
N ASP E 39 -15.43 -21.12 13.22
CA ASP E 39 -14.09 -20.55 13.22
C ASP E 39 -12.99 -21.62 13.36
N ALA E 40 -13.24 -22.83 12.87
CA ALA E 40 -12.28 -23.91 12.98
C ALA E 40 -11.34 -23.90 11.77
N HIS E 41 -10.55 -24.96 11.62
CA HIS E 41 -9.51 -25.03 10.58
C HIS E 41 -9.66 -26.21 9.64
N ALA E 42 -10.79 -26.93 9.69
CA ALA E 42 -11.02 -27.98 8.69
C ALA E 42 -12.49 -28.05 8.27
N GLY E 43 -13.25 -26.98 8.45
CA GLY E 43 -14.65 -27.01 8.09
C GLY E 43 -15.55 -27.79 9.04
N VAL E 44 -15.17 -27.87 10.31
CA VAL E 44 -16.01 -28.48 11.33
C VAL E 44 -16.68 -27.36 12.13
N ILE E 45 -17.97 -27.51 12.38
CA ILE E 45 -18.77 -26.47 13.01
C ILE E 45 -19.52 -27.06 14.20
N ARG E 46 -19.92 -26.18 15.12
CA ARG E 46 -20.75 -26.53 16.26
C ARG E 46 -22.04 -25.75 16.20
N ILE E 47 -23.16 -26.46 16.23
CA ILE E 47 -24.49 -25.88 16.08
C ILE E 47 -25.27 -26.09 17.37
N GLN E 48 -25.84 -25.01 17.91
CA GLN E 48 -26.69 -25.09 19.08
C GLN E 48 -28.15 -25.01 18.64
N THR E 49 -28.95 -25.96 19.09
CA THR E 49 -30.35 -26.05 18.72
C THR E 49 -31.23 -25.87 19.95
N SER E 50 -32.53 -26.08 19.77
CA SER E 50 -33.51 -25.98 20.85
C SER E 50 -34.11 -27.34 21.19
N ALA E 51 -33.27 -28.37 21.12
CA ALA E 51 -33.67 -29.72 21.48
C ALA E 51 -32.54 -30.35 22.29
N MET E 52 -32.82 -31.53 22.85
CA MET E 52 -31.86 -32.24 23.69
C MET E 52 -31.54 -33.58 23.04
N PHE E 53 -30.26 -33.84 22.85
CA PHE E 53 -29.77 -35.11 22.31
C PHE E 53 -29.06 -35.88 23.40
N GLY E 54 -29.46 -37.13 23.61
CA GLY E 54 -28.92 -37.94 24.69
C GLY E 54 -29.85 -38.07 25.89
N LEU E 55 -30.96 -37.32 25.92
CA LEU E 55 -31.90 -37.35 27.02
C LEU E 55 -33.24 -37.87 26.53
N LYS E 56 -33.87 -38.77 27.28
CA LYS E 56 -35.19 -39.34 26.94
C LYS E 56 -36.28 -39.10 28.02
N THR E 57 -36.00 -38.15 28.92
CA THR E 57 -36.83 -37.79 30.08
C THR E 57 -36.86 -38.85 31.18
N ASP E 58 -36.01 -39.88 31.09
CA ASP E 58 -35.89 -40.90 32.14
C ASP E 58 -34.47 -41.17 32.57
N GLY E 59 -33.48 -40.96 31.71
CA GLY E 59 -32.10 -41.21 32.03
C GLY E 59 -31.17 -40.69 30.95
N VAL E 60 -30.12 -41.45 30.64
CA VAL E 60 -29.14 -41.07 29.62
C VAL E 60 -29.05 -42.19 28.60
N ASP E 61 -29.34 -41.87 27.34
CA ASP E 61 -29.18 -42.82 26.24
C ASP E 61 -28.80 -42.04 25.00
N LEU E 62 -27.64 -42.33 24.43
CA LEU E 62 -27.09 -41.53 23.34
C LEU E 62 -27.79 -41.74 22.00
N ALA E 63 -28.67 -42.74 21.89
CA ALA E 63 -29.43 -42.98 20.67
C ALA E 63 -30.83 -42.39 20.74
N TYR E 64 -31.11 -41.55 21.73
CA TYR E 64 -32.44 -40.98 21.93
C TYR E 64 -32.35 -39.48 22.00
N MET E 65 -33.42 -38.81 21.56
CA MET E 65 -33.53 -37.36 21.60
C MET E 65 -34.88 -36.98 22.19
N SER E 66 -34.98 -35.74 22.65
CA SER E 66 -36.21 -35.22 23.23
C SER E 66 -36.49 -33.83 22.66
N PHE E 67 -37.75 -33.58 22.33
CA PHE E 67 -38.19 -32.30 21.83
C PHE E 67 -39.58 -32.02 22.38
N MET E 68 -40.15 -30.88 21.98
CA MET E 68 -41.47 -30.47 22.44
C MET E 68 -42.38 -30.16 21.26
N ASN E 69 -43.54 -30.80 21.23
CA ASN E 69 -44.65 -30.39 20.37
C ASN E 69 -45.80 -29.97 21.27
N GLY E 70 -46.22 -28.72 21.14
CA GLY E 70 -47.17 -28.16 22.08
C GLY E 70 -46.54 -27.94 23.44
N LYS E 71 -47.12 -28.55 24.47
CA LYS E 71 -46.56 -28.47 25.83
C LYS E 71 -46.23 -29.84 26.40
N THR E 72 -46.18 -30.87 25.55
CA THR E 72 -45.86 -32.23 25.98
C THR E 72 -44.45 -32.57 25.50
N GLN E 73 -43.59 -32.98 26.43
CA GLN E 73 -42.19 -33.26 26.11
C GLN E 73 -42.10 -34.65 25.50
N LYS E 74 -42.13 -34.72 24.17
CA LYS E 74 -41.98 -35.98 23.46
C LYS E 74 -40.52 -36.44 23.51
N SER E 75 -40.32 -37.73 23.24
CA SER E 75 -38.98 -38.31 23.23
C SER E 75 -38.98 -39.52 22.33
N ILE E 76 -38.20 -39.46 21.25
CA ILE E 76 -38.13 -40.52 20.26
C ILE E 76 -36.67 -40.96 20.08
N LYS E 77 -36.49 -41.94 19.20
CA LYS E 77 -35.17 -42.46 18.86
C LYS E 77 -34.65 -41.74 17.62
N ILE E 78 -33.36 -41.40 17.65
CA ILE E 78 -32.72 -40.69 16.54
C ILE E 78 -32.59 -41.66 15.37
N ASP E 79 -33.44 -41.49 14.35
CA ASP E 79 -33.39 -42.34 13.17
C ASP E 79 -32.56 -41.70 12.06
N ASN E 80 -32.95 -40.51 11.61
CA ASN E 80 -32.24 -39.79 10.56
C ASN E 80 -32.11 -38.32 10.99
N LEU E 81 -31.04 -38.02 11.70
CA LEU E 81 -30.65 -36.64 11.98
C LEU E 81 -29.63 -36.22 10.93
N HIS E 82 -29.96 -35.20 10.14
CA HIS E 82 -29.13 -34.78 9.03
C HIS E 82 -28.83 -33.30 9.12
N VAL E 83 -27.58 -32.94 8.84
CA VAL E 83 -27.15 -31.54 8.72
C VAL E 83 -26.50 -31.39 7.35
N ARG E 84 -26.96 -30.41 6.57
CA ARG E 84 -26.40 -30.17 5.25
C ARG E 84 -26.21 -28.68 5.03
N THR E 85 -25.15 -28.35 4.30
CA THR E 85 -24.84 -26.97 3.94
C THR E 85 -24.95 -26.76 2.43
N SER E 86 -24.19 -27.50 1.65
CA SER E 86 -24.41 -27.66 0.22
C SER E 86 -24.35 -29.13 -0.20
N ALA E 87 -23.72 -29.98 0.57
CA ALA E 87 -23.71 -31.43 0.52
C ALA E 87 -24.05 -31.93 1.92
N PRO E 88 -24.62 -33.14 2.04
CA PRO E 88 -24.93 -33.68 3.37
C PRO E 88 -23.67 -33.93 4.19
N CYS E 89 -23.55 -33.20 5.29
CA CYS E 89 -22.38 -33.30 6.16
C CYS E 89 -22.41 -34.60 6.96
N SER E 90 -21.27 -34.90 7.56
CA SER E 90 -21.12 -36.08 8.41
C SER E 90 -21.06 -35.62 9.86
N LEU E 91 -21.97 -36.15 10.68
CA LEU E 91 -22.04 -35.77 12.07
C LEU E 91 -20.89 -36.39 12.87
N VAL E 92 -20.56 -35.75 13.98
CA VAL E 92 -19.46 -36.21 14.83
C VAL E 92 -20.00 -36.64 16.18
N SER E 93 -20.67 -35.72 16.88
CA SER E 93 -21.21 -35.99 18.20
C SER E 93 -22.34 -35.02 18.49
N HIS E 94 -23.11 -35.33 19.52
CA HIS E 94 -24.18 -34.45 19.98
C HIS E 94 -24.31 -34.60 21.49
N HIS E 95 -24.57 -33.48 22.17
CA HIS E 95 -24.68 -33.51 23.63
C HIS E 95 -25.54 -32.33 24.05
N GLY E 96 -26.77 -32.61 24.49
CA GLY E 96 -27.68 -31.57 24.94
C GLY E 96 -28.19 -30.69 23.82
N TYR E 97 -27.95 -29.39 23.92
CA TYR E 97 -28.37 -28.43 22.90
C TYR E 97 -27.47 -28.43 21.68
N TYR E 98 -26.32 -29.08 21.73
CA TYR E 98 -25.23 -28.82 20.79
C TYR E 98 -25.03 -30.02 19.86
N ILE E 99 -24.79 -29.72 18.58
CA ILE E 99 -24.40 -30.71 17.58
C ILE E 99 -23.05 -30.31 17.02
N LEU E 100 -22.25 -31.31 16.63
CA LEU E 100 -20.95 -31.09 16.02
C LEU E 100 -20.89 -31.85 14.70
N ALA E 101 -20.57 -31.13 13.62
CA ALA E 101 -20.56 -31.75 12.30
C ALA E 101 -19.50 -31.10 11.43
N GLN E 102 -19.07 -31.83 10.41
CA GLN E 102 -18.02 -31.42 9.49
C GLN E 102 -18.65 -31.14 8.13
N CYS E 103 -18.71 -29.87 7.75
CA CYS E 103 -19.55 -29.46 6.63
C CYS E 103 -18.73 -28.85 5.49
N PRO E 104 -19.18 -28.99 4.25
CA PRO E 104 -18.57 -28.27 3.14
C PRO E 104 -18.96 -26.80 3.18
N PRO E 105 -18.26 -25.93 2.45
CA PRO E 105 -18.64 -24.51 2.42
C PRO E 105 -19.96 -24.25 1.72
N GLY E 106 -20.56 -23.12 2.05
CA GLY E 106 -21.85 -22.75 1.50
C GLY E 106 -22.38 -21.50 2.17
N ASP E 107 -23.69 -21.27 2.03
CA ASP E 107 -24.33 -20.09 2.58
C ASP E 107 -25.50 -20.38 3.51
N THR E 108 -25.86 -21.65 3.72
CA THR E 108 -26.99 -22.00 4.58
C THR E 108 -26.61 -23.16 5.47
N VAL E 109 -27.24 -23.21 6.64
CA VAL E 109 -27.07 -24.31 7.56
C VAL E 109 -28.46 -24.82 7.91
N THR E 110 -28.73 -26.09 7.63
CA THR E 110 -30.01 -26.70 7.93
C THR E 110 -29.81 -27.94 8.80
N VAL E 111 -30.86 -28.28 9.55
CA VAL E 111 -30.89 -29.53 10.31
C VAL E 111 -32.35 -29.93 10.50
N GLY E 112 -32.65 -31.21 10.24
CA GLY E 112 -33.99 -31.73 10.44
C GLY E 112 -33.95 -33.14 10.99
N PHE E 113 -35.09 -33.59 11.50
CA PHE E 113 -35.20 -34.92 12.09
C PHE E 113 -36.61 -35.45 11.86
N HIS E 114 -36.70 -36.73 11.51
CA HIS E 114 -37.98 -37.37 11.22
C HIS E 114 -38.54 -37.96 12.52
N ASP E 115 -39.64 -37.39 13.01
CA ASP E 115 -40.26 -37.90 14.23
C ASP E 115 -41.15 -39.11 13.92
N GLY E 116 -42.22 -38.88 13.17
CA GLY E 116 -43.03 -39.93 12.61
C GLY E 116 -43.07 -39.81 11.10
N PRO E 117 -44.22 -39.39 10.59
CA PRO E 117 -44.28 -38.89 9.20
C PRO E 117 -43.97 -37.41 9.06
N ASN E 118 -43.64 -36.73 10.16
CA ASN E 118 -43.31 -35.32 10.13
C ASN E 118 -41.86 -35.13 9.66
N ARG E 119 -41.57 -33.92 9.18
CA ARG E 119 -40.27 -33.62 8.60
C ARG E 119 -39.39 -32.77 9.52
N HIS E 120 -39.93 -31.65 10.02
CA HIS E 120 -39.38 -30.84 11.12
C HIS E 120 -37.98 -30.32 10.82
N THR E 121 -37.91 -29.46 9.80
CA THR E 121 -36.66 -28.88 9.34
C THR E 121 -36.60 -27.40 9.68
N CYS E 122 -35.37 -26.90 9.91
CA CYS E 122 -35.13 -25.48 10.10
C CYS E 122 -33.87 -25.10 9.32
N THR E 123 -33.83 -23.85 8.86
CA THR E 123 -32.70 -23.36 8.10
C THR E 123 -32.34 -21.94 8.51
N VAL E 124 -31.05 -21.66 8.58
CA VAL E 124 -30.56 -20.33 8.95
C VAL E 124 -29.50 -19.92 7.95
N ALA E 125 -29.41 -18.63 7.65
CA ALA E 125 -28.42 -18.18 6.70
C ALA E 125 -27.15 -17.85 7.46
N HIS E 126 -26.09 -18.61 7.18
CA HIS E 126 -24.81 -18.41 7.85
C HIS E 126 -23.70 -18.85 6.90
N LYS E 127 -22.78 -17.94 6.61
CA LYS E 127 -21.72 -18.26 5.69
C LYS E 127 -20.60 -19.00 6.39
N VAL E 128 -20.40 -20.24 5.96
CA VAL E 128 -19.35 -21.09 6.49
C VAL E 128 -18.33 -21.35 5.38
N GLU E 129 -17.05 -21.16 5.71
CA GLU E 129 -15.98 -21.28 4.74
C GLU E 129 -14.99 -22.36 5.17
N PHE E 130 -14.31 -22.93 4.18
CA PHE E 130 -13.20 -23.83 4.44
C PHE E 130 -11.94 -23.01 4.68
N ARG E 131 -11.23 -23.33 5.76
CA ARG E 131 -10.04 -22.56 6.17
C ARG E 131 -8.82 -23.46 6.13
N PRO E 132 -8.02 -23.42 5.06
CA PRO E 132 -6.77 -24.20 5.04
C PRO E 132 -5.73 -23.60 5.97
N VAL E 133 -4.87 -24.48 6.49
CA VAL E 133 -3.78 -24.09 7.36
C VAL E 133 -2.46 -24.24 6.59
N GLY E 134 -1.64 -23.19 6.61
CA GLY E 134 -0.39 -23.23 5.90
C GLY E 134 -0.31 -22.21 4.77
N ARG E 135 0.59 -22.43 3.82
CA ARG E 135 0.81 -21.50 2.73
C ARG E 135 0.29 -22.03 1.40
N GLU E 136 -0.51 -23.10 1.41
CA GLU E 136 -1.20 -23.58 0.22
C GLU E 136 -2.70 -23.59 0.48
N LYS E 137 -3.48 -23.24 -0.53
CA LYS E 137 -4.92 -23.12 -0.41
C LYS E 137 -5.58 -24.36 -1.01
N TYR E 138 -5.69 -25.40 -0.19
CA TYR E 138 -6.37 -26.61 -0.59
C TYR E 138 -7.86 -26.53 -0.23
N ARG E 139 -8.65 -27.40 -0.84
CA ARG E 139 -10.09 -27.39 -0.68
C ARG E 139 -10.63 -28.62 0.05
N HIS E 140 -9.75 -29.57 0.41
CA HIS E 140 -10.10 -30.74 1.21
C HIS E 140 -8.82 -31.24 1.83
N PRO E 141 -8.84 -31.71 3.09
CA PRO E 141 -7.61 -32.19 3.74
C PRO E 141 -7.07 -33.44 3.06
N PRO E 142 -5.77 -33.50 2.80
CA PRO E 142 -5.21 -34.58 1.98
C PRO E 142 -4.96 -35.84 2.79
N GLU E 143 -4.65 -36.91 2.06
CA GLU E 143 -4.28 -38.18 2.69
C GLU E 143 -2.92 -38.07 3.37
N HIS E 144 -1.97 -37.43 2.70
CA HIS E 144 -0.62 -37.29 3.23
C HIS E 144 -0.10 -35.87 3.06
N GLY E 145 0.84 -35.47 3.92
CA GLY E 145 1.42 -34.16 3.84
C GLY E 145 2.29 -33.76 5.02
N VAL E 146 2.20 -32.50 5.43
CA VAL E 146 3.02 -31.94 6.50
C VAL E 146 2.09 -31.56 7.64
N GLU E 147 2.37 -32.10 8.83
CA GLU E 147 1.56 -31.79 10.00
C GLU E 147 1.90 -30.39 10.54
N LEU E 148 0.88 -29.57 10.72
CA LEU E 148 1.02 -28.22 11.24
C LEU E 148 -0.01 -28.00 12.34
N PRO E 149 0.29 -27.13 13.31
CA PRO E 149 -0.70 -26.86 14.37
C PRO E 149 -1.91 -26.10 13.85
N CYS E 150 -3.08 -26.47 14.38
CA CYS E 150 -4.35 -25.87 14.00
C CYS E 150 -5.21 -25.75 15.25
N ASN E 151 -6.43 -25.26 15.08
CA ASN E 151 -7.40 -25.16 16.16
C ASN E 151 -8.75 -25.67 15.68
N ARG E 152 -9.23 -26.73 16.32
CA ARG E 152 -10.52 -27.33 15.99
C ARG E 152 -11.30 -27.58 17.28
N TYR E 153 -12.59 -27.84 17.12
CA TYR E 153 -13.44 -28.14 18.27
C TYR E 153 -13.18 -29.56 18.77
N THR E 154 -13.43 -29.77 20.05
CA THR E 154 -13.05 -31.01 20.71
C THR E 154 -13.96 -32.17 20.29
N HIS E 155 -13.34 -33.33 20.10
CA HIS E 155 -14.10 -34.55 19.85
C HIS E 155 -14.88 -35.01 21.07
N LYS E 156 -14.39 -34.69 22.27
CA LYS E 156 -14.95 -35.21 23.50
C LYS E 156 -15.91 -34.21 24.14
N ARG E 157 -16.73 -34.72 25.05
CA ARG E 157 -17.68 -33.91 25.81
C ARG E 157 -17.19 -33.81 27.25
N ALA E 158 -16.83 -32.59 27.66
CA ALA E 158 -16.29 -32.36 29.00
C ALA E 158 -16.62 -30.93 29.40
N ASP E 159 -16.30 -30.60 30.66
CA ASP E 159 -16.61 -29.28 31.20
C ASP E 159 -15.70 -28.20 30.62
N GLN E 160 -14.40 -28.30 30.92
CA GLN E 160 -13.31 -27.49 30.36
C GLN E 160 -13.49 -25.98 30.58
N GLY E 161 -14.24 -25.58 31.61
CA GLY E 161 -14.23 -24.20 32.06
C GLY E 161 -15.08 -23.23 31.27
N HIS E 162 -15.91 -23.69 30.36
CA HIS E 162 -16.81 -22.83 29.59
C HIS E 162 -18.25 -23.13 29.98
N TYR E 163 -18.99 -22.10 30.38
CA TYR E 163 -20.30 -22.27 30.98
C TYR E 163 -21.33 -21.42 30.25
N VAL E 164 -22.47 -22.03 29.93
CA VAL E 164 -23.63 -21.30 29.42
C VAL E 164 -24.69 -21.32 30.52
N GLU E 165 -25.46 -20.24 30.60
CA GLU E 165 -26.30 -19.95 31.75
C GLU E 165 -27.74 -20.36 31.47
N MET E 166 -28.32 -21.16 32.36
CA MET E 166 -29.71 -21.58 32.25
C MET E 166 -30.60 -20.66 33.08
N HIS E 167 -31.89 -20.66 32.73
CA HIS E 167 -32.86 -19.77 33.35
C HIS E 167 -34.18 -20.50 33.59
N GLN E 168 -34.90 -20.03 34.58
CA GLN E 168 -36.28 -20.45 34.78
C GLN E 168 -37.16 -19.87 33.69
N PRO E 169 -37.99 -20.67 33.02
CA PRO E 169 -38.78 -20.15 31.90
C PRO E 169 -39.88 -19.21 32.36
N GLY E 170 -40.19 -18.28 31.45
CA GLY E 170 -41.23 -17.27 31.60
C GLY E 170 -42.56 -17.81 31.10
N LEU E 171 -43.59 -16.97 31.15
CA LEU E 171 -44.92 -17.39 30.72
C LEU E 171 -45.01 -17.79 29.25
N VAL E 172 -45.75 -18.88 29.02
CA VAL E 172 -46.05 -19.45 27.72
C VAL E 172 -47.56 -19.44 27.51
N ALA E 173 -47.99 -18.90 26.38
CA ALA E 173 -49.42 -18.70 26.11
C ALA E 173 -49.96 -19.90 25.35
N ASP E 174 -50.95 -20.57 25.93
CA ASP E 174 -51.60 -21.71 25.32
C ASP E 174 -53.09 -21.42 25.19
N HIS E 175 -53.60 -21.48 23.96
CA HIS E 175 -55.01 -21.23 23.69
C HIS E 175 -55.85 -22.52 23.59
N SER E 176 -55.21 -23.67 23.74
CA SER E 176 -55.93 -24.94 23.65
C SER E 176 -56.57 -25.36 24.97
N LEU E 177 -56.24 -24.69 26.07
CA LEU E 177 -56.78 -25.03 27.38
C LEU E 177 -57.93 -24.12 27.81
N LEU E 178 -58.45 -23.31 26.89
CA LEU E 178 -59.66 -22.52 27.11
C LEU E 178 -60.78 -23.08 26.25
N SER E 179 -61.86 -23.52 26.89
CA SER E 179 -63.02 -24.03 26.18
C SER E 179 -64.28 -23.62 26.92
N ILE E 180 -65.40 -23.64 26.20
CA ILE E 180 -66.70 -23.30 26.77
C ILE E 180 -67.30 -24.53 27.41
N HIS E 181 -67.75 -24.40 28.66
CA HIS E 181 -68.31 -25.54 29.38
C HIS E 181 -69.74 -25.82 28.94
N SER E 182 -70.65 -24.90 29.21
CA SER E 182 -72.00 -24.92 28.66
C SER E 182 -72.32 -23.65 27.89
N ALA E 183 -72.18 -22.50 28.52
CA ALA E 183 -72.25 -21.21 27.85
C ALA E 183 -71.22 -20.23 28.37
N LYS E 184 -70.33 -20.65 29.27
CA LYS E 184 -69.26 -19.83 29.82
C LYS E 184 -67.95 -20.54 29.62
N VAL E 185 -66.86 -19.76 29.55
CA VAL E 185 -65.55 -20.33 29.28
C VAL E 185 -65.01 -21.03 30.52
N LYS E 186 -64.32 -22.15 30.32
CA LYS E 186 -63.76 -22.94 31.41
C LYS E 186 -62.26 -23.13 31.18
N ILE E 187 -61.50 -23.09 32.26
CA ILE E 187 -60.05 -23.22 32.22
C ILE E 187 -59.68 -24.63 32.68
N THR E 188 -58.94 -25.35 31.85
CA THR E 188 -58.45 -26.69 32.19
C THR E 188 -56.98 -26.59 32.52
N VAL E 189 -56.62 -26.89 33.77
CA VAL E 189 -55.23 -26.81 34.20
C VAL E 189 -54.67 -28.21 34.43
N PRO E 190 -53.64 -28.62 33.69
CA PRO E 190 -53.09 -29.97 33.86
C PRO E 190 -52.00 -30.08 34.92
N SER E 191 -52.28 -30.86 35.96
CA SER E 191 -51.31 -31.34 36.96
C SER E 191 -50.61 -30.19 37.68
N GLY E 192 -51.41 -29.25 38.17
CA GLY E 192 -50.89 -28.10 38.90
C GLY E 192 -50.06 -27.15 38.06
N ALA E 193 -50.52 -26.83 36.86
CA ALA E 193 -49.75 -25.97 35.97
C ALA E 193 -49.88 -24.49 36.31
N GLN E 194 -50.85 -24.13 37.16
CA GLN E 194 -51.07 -22.77 37.66
C GLN E 194 -51.33 -21.79 36.51
N VAL E 195 -52.45 -21.98 35.83
CA VAL E 195 -52.78 -21.20 34.64
C VAL E 195 -53.16 -19.78 35.06
N LYS E 196 -52.46 -18.80 34.49
CA LYS E 196 -52.83 -17.40 34.65
C LYS E 196 -53.89 -17.03 33.61
N TYR E 197 -54.73 -16.05 33.96
CA TYR E 197 -55.80 -15.63 33.07
C TYR E 197 -55.88 -14.11 33.05
N TYR E 198 -56.55 -13.59 32.03
CA TYR E 198 -56.78 -12.15 31.90
C TYR E 198 -58.00 -11.96 31.02
N CYS E 199 -59.14 -11.62 31.65
CA CYS E 199 -60.37 -11.34 30.94
C CYS E 199 -60.68 -9.85 31.02
N LYS E 200 -61.21 -9.31 29.93
CA LYS E 200 -61.70 -7.93 29.83
C LYS E 200 -63.05 -7.91 29.13
N CYS E 201 -63.87 -8.89 29.46
CA CYS E 201 -65.19 -9.08 28.89
C CYS E 201 -66.18 -7.94 29.23
N PRO E 202 -66.53 -7.60 30.52
CA PRO E 202 -66.91 -6.20 30.75
C PRO E 202 -65.81 -5.34 31.35
N ASP E 203 -64.80 -5.96 31.97
CA ASP E 203 -63.76 -5.24 32.73
C ASP E 203 -62.64 -6.23 33.00
N VAL E 204 -61.57 -5.74 33.62
CA VAL E 204 -60.42 -6.58 33.89
C VAL E 204 -60.72 -7.62 34.96
N ARG E 205 -60.35 -8.86 34.66
CA ARG E 205 -60.50 -9.99 35.57
C ARG E 205 -59.17 -10.76 35.57
N LYS E 206 -58.15 -10.15 36.19
CA LYS E 206 -56.82 -10.73 36.24
C LYS E 206 -56.56 -11.48 37.54
N GLY E 207 -55.97 -12.67 37.44
CA GLY E 207 -55.70 -13.47 38.62
C GLY E 207 -55.02 -14.77 38.25
N ILE E 208 -54.57 -15.47 39.29
CA ILE E 208 -53.85 -16.74 39.15
C ILE E 208 -54.66 -17.82 39.84
N THR E 209 -54.93 -18.91 39.12
CA THR E 209 -55.63 -20.05 39.69
C THR E 209 -54.73 -21.28 39.67
N SER E 210 -55.25 -22.36 40.26
CA SER E 210 -54.58 -23.65 40.22
C SER E 210 -55.53 -24.83 39.97
N SER E 211 -56.84 -24.61 40.03
CA SER E 211 -57.80 -25.69 39.85
C SER E 211 -59.13 -25.11 39.36
N ASP E 212 -59.67 -25.72 38.30
CA ASP E 212 -60.97 -25.43 37.71
C ASP E 212 -61.09 -23.97 37.28
N HIS E 213 -61.79 -23.16 38.10
CA HIS E 213 -62.02 -21.73 37.88
C HIS E 213 -62.73 -21.46 36.55
N THR E 214 -63.99 -21.91 36.50
CA THR E 214 -64.87 -21.60 35.37
C THR E 214 -65.16 -20.11 35.32
N THR E 215 -64.62 -19.43 34.30
CA THR E 215 -64.76 -17.99 34.19
C THR E 215 -66.19 -17.64 33.76
N THR E 216 -66.73 -16.57 34.33
CA THR E 216 -68.14 -16.21 34.21
C THR E 216 -68.44 -15.32 33.01
N CYS E 217 -67.68 -15.40 31.93
CA CYS E 217 -67.98 -14.64 30.73
C CYS E 217 -68.14 -15.55 29.52
N THR E 218 -68.56 -14.94 28.42
CA THR E 218 -69.18 -15.67 27.31
C THR E 218 -68.16 -16.24 26.31
N ASP E 219 -67.38 -15.36 25.69
CA ASP E 219 -66.58 -15.73 24.53
C ASP E 219 -65.17 -16.16 24.95
N VAL E 220 -64.57 -17.02 24.12
CA VAL E 220 -63.20 -17.46 24.33
C VAL E 220 -62.18 -16.51 23.71
N LYS E 221 -62.64 -15.62 22.84
CA LYS E 221 -61.77 -14.67 22.15
C LYS E 221 -61.33 -13.51 23.04
N GLN E 222 -62.14 -13.16 24.05
CA GLN E 222 -61.90 -11.99 24.88
C GLN E 222 -61.21 -12.36 26.20
N CYS E 223 -60.37 -13.39 26.19
CA CYS E 223 -59.64 -13.77 27.38
C CYS E 223 -58.37 -14.52 26.96
N ARG E 224 -57.26 -14.24 27.65
CA ARG E 224 -55.99 -14.88 27.37
C ARG E 224 -55.61 -15.83 28.50
N ALA E 225 -54.61 -16.67 28.24
CA ALA E 225 -54.14 -17.67 29.19
C ALA E 225 -52.63 -17.75 29.15
N TYR E 226 -52.07 -18.20 30.28
CA TYR E 226 -50.65 -18.35 30.54
C TYR E 226 -50.36 -19.64 31.32
N LEU E 227 -49.09 -20.06 31.37
CA LEU E 227 -48.72 -21.31 32.01
C LEU E 227 -47.35 -21.13 32.65
N ILE E 228 -47.35 -21.24 33.97
CA ILE E 228 -46.14 -21.16 34.74
C ILE E 228 -45.83 -22.60 35.07
N ASP E 229 -44.90 -23.18 34.32
CA ASP E 229 -44.44 -24.52 34.58
C ASP E 229 -43.03 -24.22 35.01
N ASN E 230 -42.68 -24.62 36.22
CA ASN E 230 -41.34 -24.26 36.69
C ASN E 230 -40.57 -25.47 37.21
N LYS E 231 -40.92 -26.67 36.73
CA LYS E 231 -40.17 -27.86 37.14
C LYS E 231 -38.79 -27.88 36.49
N LYS E 232 -38.71 -27.60 35.20
CA LYS E 232 -37.47 -27.61 34.44
C LYS E 232 -37.02 -26.19 34.15
N TRP E 233 -35.87 -26.08 33.49
CA TRP E 233 -35.25 -24.79 33.20
C TRP E 233 -34.81 -24.75 31.76
N VAL E 234 -34.65 -23.54 31.22
CA VAL E 234 -34.30 -23.34 29.82
C VAL E 234 -33.07 -22.45 29.72
N TYR E 235 -32.45 -22.48 28.56
CA TYR E 235 -31.40 -21.52 28.23
C TYR E 235 -32.06 -20.22 27.77
N ASN E 236 -31.53 -19.09 28.25
CA ASN E 236 -32.15 -17.79 28.00
C ASN E 236 -31.88 -17.37 26.57
N SER E 237 -32.72 -17.86 25.65
CA SER E 237 -32.62 -17.47 24.26
C SER E 237 -33.11 -16.04 24.07
N GLY E 238 -32.66 -15.42 22.98
CA GLY E 238 -33.16 -14.12 22.60
C GLY E 238 -34.50 -14.14 21.92
N ARG E 239 -35.05 -15.33 21.66
CA ARG E 239 -36.35 -15.49 21.02
C ARG E 239 -37.41 -16.03 21.98
N LEU E 240 -37.21 -15.85 23.27
CA LEU E 240 -38.15 -16.27 24.30
C LEU E 240 -38.44 -15.10 25.23
N PRO E 241 -39.64 -15.02 25.79
CA PRO E 241 -39.94 -13.94 26.75
C PRO E 241 -39.18 -14.10 28.05
N ARG E 242 -38.81 -12.96 28.63
CA ARG E 242 -38.07 -12.95 29.89
C ARG E 242 -38.97 -13.38 31.04
N GLY E 243 -38.37 -14.07 32.02
CA GLY E 243 -39.08 -14.53 33.20
C GLY E 243 -39.63 -13.44 34.09
N GLU E 244 -40.33 -13.84 35.16
CA GLU E 244 -41.11 -12.91 35.96
C GLU E 244 -40.23 -12.03 36.84
N GLY E 245 -39.49 -12.64 37.76
CA GLY E 245 -38.70 -11.86 38.70
C GLY E 245 -37.22 -12.14 38.64
N ASP E 246 -36.59 -12.35 39.79
CA ASP E 246 -35.17 -12.65 39.84
C ASP E 246 -34.94 -14.08 39.38
N THR E 247 -34.22 -14.24 38.29
CA THR E 247 -33.97 -15.55 37.69
C THR E 247 -32.53 -15.96 37.98
N PHE E 248 -32.35 -17.21 38.38
CA PHE E 248 -31.06 -17.66 38.90
C PHE E 248 -30.08 -17.90 37.75
N LYS E 249 -28.81 -17.99 38.12
CA LYS E 249 -27.68 -17.93 37.18
C LYS E 249 -27.01 -19.28 36.96
N GLY E 250 -27.74 -20.38 37.19
CA GLY E 250 -27.14 -21.71 37.17
C GLY E 250 -26.62 -22.09 35.79
N LYS E 251 -25.50 -22.80 35.79
CA LYS E 251 -24.64 -22.89 34.62
C LYS E 251 -24.68 -24.30 34.01
N LEU E 252 -24.73 -24.35 32.69
CA LEU E 252 -24.53 -25.56 31.93
C LEU E 252 -23.18 -25.48 31.22
N HIS E 253 -22.47 -26.60 31.16
CA HIS E 253 -21.16 -26.59 30.53
C HIS E 253 -21.31 -26.70 29.01
N VAL E 254 -20.42 -26.02 28.29
CA VAL E 254 -20.35 -26.13 26.84
C VAL E 254 -19.57 -27.40 26.51
N PRO E 255 -20.17 -28.36 25.80
CA PRO E 255 -19.51 -29.67 25.61
C PRO E 255 -18.27 -29.65 24.73
N PHE E 256 -18.37 -29.07 23.54
CA PHE E 256 -17.30 -29.11 22.55
C PHE E 256 -16.64 -27.73 22.49
N VAL E 257 -15.62 -27.55 23.32
CA VAL E 257 -14.87 -26.29 23.38
C VAL E 257 -13.76 -26.35 22.33
N PRO E 258 -13.26 -25.22 21.84
CA PRO E 258 -12.10 -25.26 20.94
C PRO E 258 -10.83 -25.69 21.66
N VAL E 259 -9.93 -26.31 20.91
CA VAL E 259 -8.69 -26.85 21.44
C VAL E 259 -7.66 -26.89 20.31
N LYS E 260 -6.43 -26.51 20.63
CA LYS E 260 -5.35 -26.53 19.65
C LYS E 260 -4.95 -27.97 19.34
N ALA E 261 -4.88 -28.29 18.04
CA ALA E 261 -4.53 -29.64 17.61
C ALA E 261 -3.58 -29.60 16.42
N LYS E 262 -3.37 -30.75 15.78
CA LYS E 262 -2.47 -30.87 14.63
C LYS E 262 -3.27 -31.30 13.40
N CYS E 263 -3.09 -30.55 12.31
CA CYS E 263 -3.77 -30.81 11.05
C CYS E 263 -2.75 -31.11 9.97
N ILE E 264 -3.17 -31.92 8.99
CA ILE E 264 -2.31 -32.30 7.87
C ILE E 264 -2.61 -31.37 6.69
N ALA E 265 -1.58 -30.70 6.19
CA ALA E 265 -1.71 -29.81 5.04
C ALA E 265 -0.91 -30.36 3.88
N THR E 266 -1.20 -29.85 2.68
CA THR E 266 -0.59 -30.36 1.46
C THR E 266 0.86 -29.91 1.35
N LEU E 267 1.61 -30.62 0.52
CA LEU E 267 2.99 -30.29 0.19
C LEU E 267 3.09 -30.06 -1.30
N ALA E 268 3.67 -28.92 -1.68
CA ALA E 268 3.79 -28.57 -3.08
C ALA E 268 4.87 -29.42 -3.75
N PRO E 269 4.76 -29.67 -5.05
CA PRO E 269 5.84 -30.34 -5.77
C PRO E 269 7.08 -29.46 -5.85
N GLU E 270 8.24 -30.12 -5.90
CA GLU E 270 9.51 -29.40 -5.90
C GLU E 270 9.73 -28.69 -7.23
N PRO E 271 10.24 -27.47 -7.22
CA PRO E 271 10.47 -26.75 -8.47
C PRO E 271 11.72 -27.25 -9.18
N LEU E 272 11.90 -26.76 -10.41
CA LEU E 272 13.08 -27.04 -11.19
C LEU E 272 14.02 -25.84 -11.15
N VAL E 273 15.27 -26.07 -10.76
CA VAL E 273 16.25 -25.02 -10.59
C VAL E 273 17.17 -24.99 -11.80
N GLU E 274 17.33 -23.82 -12.40
CA GLU E 274 18.24 -23.61 -13.50
C GLU E 274 19.12 -22.41 -13.17
N HIS E 275 20.42 -22.57 -13.32
CA HIS E 275 21.37 -21.56 -12.88
C HIS E 275 21.88 -20.73 -14.05
N LYS E 276 22.36 -19.53 -13.72
CA LYS E 276 22.96 -18.62 -14.68
C LYS E 276 23.99 -17.78 -13.93
N HIS E 277 24.46 -16.71 -14.57
CA HIS E 277 25.41 -15.80 -13.93
C HIS E 277 24.64 -14.79 -13.10
N ARG E 278 24.68 -14.97 -11.78
CA ARG E 278 23.97 -14.15 -10.78
C ARG E 278 22.46 -14.14 -11.04
N THR E 279 21.91 -15.27 -11.46
CA THR E 279 20.48 -15.41 -11.70
C THR E 279 20.06 -16.82 -11.34
N LEU E 280 18.96 -16.94 -10.60
CA LEU E 280 18.35 -18.22 -10.29
C LEU E 280 16.97 -18.28 -10.92
N ILE E 281 16.70 -19.37 -11.65
CA ILE E 281 15.46 -19.53 -12.39
C ILE E 281 14.70 -20.72 -11.80
N LEU E 282 13.42 -20.51 -11.49
CA LEU E 282 12.58 -21.53 -10.87
C LEU E 282 11.38 -21.79 -11.78
N HIS E 283 11.19 -23.05 -12.15
CA HIS E 283 10.00 -23.49 -12.89
C HIS E 283 9.04 -24.10 -11.88
N LEU E 284 7.94 -23.42 -11.61
CA LEU E 284 6.97 -23.82 -10.61
C LEU E 284 5.73 -24.36 -11.30
N HIS E 285 5.26 -25.54 -10.89
CA HIS E 285 4.05 -26.15 -11.42
C HIS E 285 3.14 -26.54 -10.27
N PRO E 286 2.38 -25.58 -9.72
CA PRO E 286 1.48 -25.90 -8.63
C PRO E 286 0.17 -26.52 -9.12
N ASP E 287 -0.48 -27.24 -8.22
CA ASP E 287 -1.82 -27.75 -8.43
C ASP E 287 -2.85 -27.04 -7.55
N HIS E 288 -2.40 -26.16 -6.67
CA HIS E 288 -3.24 -25.33 -5.81
C HIS E 288 -2.61 -23.94 -5.76
N PRO E 289 -3.40 -22.91 -5.40
CA PRO E 289 -2.81 -21.59 -5.14
C PRO E 289 -1.76 -21.60 -4.04
N THR E 290 -0.52 -21.30 -4.42
CA THR E 290 0.65 -21.51 -3.57
C THR E 290 1.42 -20.20 -3.44
N LEU E 291 1.98 -19.97 -2.26
CA LEU E 291 2.67 -18.72 -1.93
C LEU E 291 4.17 -18.91 -2.05
N LEU E 292 4.83 -17.96 -2.72
CA LEU E 292 6.28 -17.94 -2.88
C LEU E 292 6.81 -16.60 -2.40
N THR E 293 7.75 -16.64 -1.46
CA THR E 293 8.36 -15.44 -0.91
C THR E 293 9.87 -15.57 -0.89
N THR E 294 10.57 -14.53 -1.33
CA THR E 294 12.03 -14.50 -1.34
C THR E 294 12.53 -13.27 -0.60
N ARG E 295 13.79 -13.35 -0.15
CA ARG E 295 14.49 -12.22 0.45
C ARG E 295 15.99 -12.49 0.36
N SER E 296 16.77 -11.42 0.32
CA SER E 296 18.22 -11.53 0.29
C SER E 296 18.80 -11.45 1.70
N LEU E 297 20.02 -11.96 1.84
CA LEU E 297 20.68 -12.06 3.13
C LEU E 297 21.70 -10.95 3.37
N GLY E 298 21.46 -9.77 2.79
CA GLY E 298 22.37 -8.65 2.91
C GLY E 298 21.82 -7.54 3.79
N SER E 299 22.31 -6.33 3.54
CA SER E 299 21.84 -5.17 4.30
C SER E 299 20.41 -4.79 3.91
N ASP E 300 20.01 -5.08 2.68
CA ASP E 300 18.63 -4.89 2.24
C ASP E 300 18.03 -6.22 1.85
N ALA E 301 16.85 -6.52 2.40
CA ALA E 301 16.23 -7.82 2.15
C ALA E 301 15.61 -7.89 0.75
N ASN E 302 14.95 -6.81 0.32
CA ASN E 302 14.14 -6.69 -0.90
C ASN E 302 13.11 -7.81 -0.97
N PRO E 303 12.08 -7.81 -0.13
CA PRO E 303 11.17 -8.96 -0.07
C PRO E 303 10.16 -8.96 -1.20
N THR E 304 9.88 -10.15 -1.72
CA THR E 304 8.83 -10.37 -2.70
C THR E 304 7.78 -11.31 -2.12
N ARG E 305 6.56 -11.20 -2.64
CA ARG E 305 5.45 -12.04 -2.17
C ARG E 305 4.40 -12.11 -3.27
N GLN E 306 4.06 -13.32 -3.69
CA GLN E 306 3.06 -13.52 -4.73
C GLN E 306 2.43 -14.90 -4.57
N TRP E 307 1.20 -15.02 -5.03
CA TRP E 307 0.47 -16.28 -5.02
C TRP E 307 0.49 -16.88 -6.43
N ILE E 308 0.89 -18.14 -6.52
CA ILE E 308 1.08 -18.82 -7.80
C ILE E 308 -0.07 -19.80 -7.99
N GLU E 309 -0.84 -19.62 -9.07
CA GLU E 309 -1.96 -20.49 -9.40
C GLU E 309 -1.78 -21.25 -10.70
N ARG E 310 -0.85 -20.84 -11.55
CA ARG E 310 -0.61 -21.41 -12.87
C ARG E 310 0.86 -21.76 -12.99
N PRO E 311 1.23 -22.63 -13.94
CA PRO E 311 2.66 -22.86 -14.19
C PRO E 311 3.35 -21.65 -14.78
N THR E 312 4.17 -20.98 -13.97
CA THR E 312 4.91 -19.79 -14.37
C THR E 312 6.41 -20.06 -14.26
N THR E 313 7.19 -18.99 -14.45
CA THR E 313 8.64 -19.06 -14.35
C THR E 313 9.14 -17.70 -13.87
N VAL E 314 9.89 -17.69 -12.77
CA VAL E 314 10.37 -16.46 -12.16
C VAL E 314 11.89 -16.51 -12.07
N ASN E 315 12.53 -15.38 -12.37
CA ASN E 315 13.99 -15.26 -12.29
C ASN E 315 14.33 -14.30 -11.16
N PHE E 316 15.31 -14.68 -10.34
CA PHE E 316 15.71 -13.91 -9.18
C PHE E 316 17.19 -13.61 -9.24
N THR E 317 17.55 -12.35 -8.99
CA THR E 317 18.93 -11.89 -9.08
C THR E 317 19.65 -12.25 -7.78
N VAL E 318 20.20 -13.46 -7.73
CA VAL E 318 20.97 -13.90 -6.58
C VAL E 318 22.34 -13.24 -6.64
N THR E 319 22.64 -12.42 -5.64
CA THR E 319 23.91 -11.71 -5.57
C THR E 319 24.91 -12.53 -4.77
N GLY E 320 26.06 -11.92 -4.45
CA GLY E 320 27.14 -12.65 -3.81
C GLY E 320 26.92 -12.97 -2.35
N GLU E 321 26.09 -12.20 -1.66
CA GLU E 321 25.89 -12.42 -0.23
C GLU E 321 24.72 -13.33 0.10
N GLY E 322 23.95 -13.76 -0.89
CA GLY E 322 22.98 -14.84 -0.72
C GLY E 322 21.56 -14.38 -0.96
N LEU E 323 20.67 -15.37 -0.96
CA LEU E 323 19.25 -15.17 -1.16
C LEU E 323 18.51 -16.37 -0.58
N GLU E 324 17.42 -16.11 0.14
CA GLU E 324 16.62 -17.14 0.77
C GLU E 324 15.21 -17.11 0.19
N TYR E 325 14.74 -18.25 -0.28
CA TYR E 325 13.38 -18.38 -0.81
C TYR E 325 12.70 -19.57 -0.17
N THR E 326 11.41 -19.43 0.10
CA THR E 326 10.57 -20.52 0.57
C THR E 326 9.35 -20.64 -0.33
N TRP E 327 8.95 -21.87 -0.63
CA TRP E 327 7.90 -22.14 -1.59
C TRP E 327 6.95 -23.18 -0.99
N GLY E 328 5.69 -22.78 -0.79
CA GLY E 328 4.72 -23.69 -0.22
C GLY E 328 4.98 -23.93 1.26
N ASN E 329 4.81 -25.19 1.68
CA ASN E 329 5.10 -25.59 3.04
C ASN E 329 6.49 -26.21 3.17
N HIS E 330 7.32 -26.09 2.14
CA HIS E 330 8.69 -26.57 2.20
C HIS E 330 9.51 -25.67 3.12
N PRO E 331 10.57 -26.22 3.74
CA PRO E 331 11.48 -25.37 4.52
C PRO E 331 12.25 -24.44 3.61
N PRO E 332 12.69 -23.28 4.11
CA PRO E 332 13.40 -22.31 3.27
C PRO E 332 14.76 -22.82 2.82
N LYS E 333 15.19 -22.33 1.65
CA LYS E 333 16.44 -22.74 1.03
C LYS E 333 17.28 -21.49 0.75
N ARG E 334 18.59 -21.62 0.94
CA ARG E 334 19.52 -20.52 0.73
C ARG E 334 20.53 -20.88 -0.35
N VAL E 335 20.82 -19.92 -1.23
CA VAL E 335 21.75 -20.12 -2.32
C VAL E 335 22.68 -18.91 -2.41
N TRP E 336 23.95 -19.16 -2.70
CA TRP E 336 24.95 -18.12 -2.89
C TRP E 336 25.52 -18.19 -4.29
N ALA E 337 25.90 -17.03 -4.82
CA ALA E 337 26.39 -16.91 -6.19
C ALA E 337 27.89 -16.70 -6.18
N GLN E 338 28.60 -17.46 -7.01
CA GLN E 338 30.04 -17.37 -7.11
C GLN E 338 30.44 -16.29 -8.10
N GLU E 339 31.72 -16.24 -8.46
CA GLU E 339 32.25 -15.21 -9.35
C GLU E 339 32.87 -15.82 -10.60
N SER E 340 32.12 -16.72 -11.24
CA SER E 340 32.62 -17.45 -12.41
C SER E 340 32.92 -16.51 -13.58
N GLY E 341 32.02 -15.57 -13.86
CA GLY E 341 32.26 -14.58 -14.90
C GLY E 341 32.16 -15.16 -16.30
N GLU E 342 32.53 -14.32 -17.27
CA GLU E 342 32.51 -14.69 -18.68
C GLU E 342 33.88 -14.65 -19.32
N GLY E 343 34.60 -13.54 -19.21
CA GLY E 343 35.89 -13.37 -19.87
C GLY E 343 37.05 -13.87 -19.04
N ASN E 344 38.24 -13.46 -19.44
CA ASN E 344 39.47 -13.79 -18.75
C ASN E 344 40.30 -12.53 -18.52
N PRO E 345 41.03 -12.46 -17.39
CA PRO E 345 41.84 -11.26 -17.14
C PRO E 345 43.21 -11.31 -17.82
N HIS E 346 43.70 -12.51 -18.09
CA HIS E 346 44.99 -12.70 -18.74
C HIS E 346 44.77 -12.90 -20.23
N GLY E 347 45.13 -11.90 -21.01
CA GLY E 347 44.94 -11.94 -22.44
C GLY E 347 45.08 -10.55 -23.05
N TRP E 348 44.47 -10.39 -24.22
CA TRP E 348 44.55 -9.12 -24.93
C TRP E 348 43.68 -8.06 -24.26
N PRO E 349 43.97 -6.78 -24.51
CA PRO E 349 43.13 -5.68 -23.99
C PRO E 349 41.65 -5.75 -24.32
N HIS E 350 41.24 -6.38 -25.42
CA HIS E 350 39.83 -6.49 -25.76
C HIS E 350 39.12 -7.62 -25.03
N GLU E 351 39.85 -8.38 -24.21
CA GLU E 351 39.25 -9.40 -23.36
C GLU E 351 39.30 -9.05 -21.87
N VAL E 352 40.18 -8.15 -21.46
CA VAL E 352 40.26 -7.75 -20.05
C VAL E 352 39.05 -6.91 -19.67
N VAL E 353 38.64 -5.98 -20.54
CA VAL E 353 37.49 -5.13 -20.27
C VAL E 353 36.19 -5.93 -20.31
N VAL E 354 36.17 -7.04 -21.06
CA VAL E 354 35.02 -7.92 -21.08
C VAL E 354 34.85 -8.60 -19.72
N TYR E 355 35.95 -9.01 -19.10
CA TYR E 355 35.90 -9.69 -17.80
C TYR E 355 35.47 -8.75 -16.69
N TYR E 356 36.04 -7.55 -16.63
CA TYR E 356 35.80 -6.66 -15.50
C TYR E 356 34.48 -5.92 -15.59
N TYR E 357 33.92 -5.75 -16.79
CA TYR E 357 32.60 -5.15 -16.89
C TYR E 357 31.52 -6.12 -16.42
N ASN E 358 31.70 -7.42 -16.67
CA ASN E 358 30.75 -8.42 -16.20
C ASN E 358 30.87 -8.71 -14.71
N ARG E 359 31.99 -8.33 -14.09
CA ARG E 359 32.18 -8.54 -12.65
C ARG E 359 31.97 -7.26 -11.84
N TYR E 360 32.49 -6.12 -12.31
CA TYR E 360 32.29 -4.83 -11.66
C TYR E 360 31.72 -3.88 -12.70
N PRO E 361 30.39 -3.85 -12.87
CA PRO E 361 29.81 -2.99 -13.92
C PRO E 361 29.80 -1.52 -13.53
N LEU E 362 29.76 -1.19 -12.24
CA LEU E 362 29.73 0.21 -11.82
C LEU E 362 31.13 0.82 -11.71
N THR E 363 32.14 0.02 -11.36
CA THR E 363 33.50 0.55 -11.22
C THR E 363 34.17 0.75 -12.58
N THR E 364 33.90 -0.14 -13.53
CA THR E 364 34.59 -0.09 -14.82
C THR E 364 34.07 1.06 -15.68
N ILE E 365 32.77 1.35 -15.62
CA ILE E 365 32.20 2.41 -16.42
C ILE E 365 32.67 3.78 -15.93
N ILE E 366 32.62 4.01 -14.62
CA ILE E 366 33.08 5.28 -14.07
C ILE E 366 34.59 5.34 -13.91
N GLY E 367 35.28 4.23 -14.07
CA GLY E 367 36.73 4.22 -13.97
C GLY E 367 37.40 4.47 -15.31
N LEU E 368 36.83 3.92 -16.38
CA LEU E 368 37.39 4.14 -17.71
C LEU E 368 37.10 5.56 -18.21
N CYS E 369 35.93 6.11 -17.87
CA CYS E 369 35.62 7.48 -18.26
C CYS E 369 36.47 8.49 -17.49
N THR E 370 36.79 8.18 -16.23
CA THR E 370 37.74 9.01 -15.49
C THR E 370 39.16 8.85 -16.03
N CYS E 371 39.49 7.65 -16.53
CA CYS E 371 40.83 7.40 -17.04
C CYS E 371 41.11 8.17 -18.33
N VAL E 372 40.15 8.14 -19.27
CA VAL E 372 40.37 8.78 -20.56
C VAL E 372 40.34 10.30 -20.47
N ALA E 373 39.77 10.85 -19.40
CA ALA E 373 39.85 12.29 -19.18
C ALA E 373 41.22 12.72 -18.70
N ILE E 374 41.91 11.86 -17.94
CA ILE E 374 43.23 12.18 -17.42
C ILE E 374 44.26 12.18 -18.56
N ILE E 375 44.16 11.21 -19.47
CA ILE E 375 45.09 11.15 -20.61
C ILE E 375 44.84 12.32 -21.56
N MET E 376 43.58 12.72 -21.72
CA MET E 376 43.26 13.85 -22.61
C MET E 376 43.73 15.18 -22.03
N VAL E 377 43.60 15.34 -20.71
CA VAL E 377 44.05 16.58 -20.07
C VAL E 377 45.57 16.67 -20.06
N SER E 378 46.24 15.56 -19.75
CA SER E 378 47.70 15.56 -19.69
C SER E 378 48.34 15.65 -21.07
N CYS E 379 47.64 15.25 -22.13
CA CYS E 379 48.20 15.38 -23.48
C CYS E 379 48.17 16.83 -23.95
N VAL E 380 47.08 17.54 -23.70
CA VAL E 380 46.97 18.93 -24.14
C VAL E 380 47.70 19.90 -23.22
N THR E 381 48.16 19.43 -22.06
CA THR E 381 48.97 20.26 -21.17
C THR E 381 50.45 20.18 -21.55
N SER E 382 50.95 18.97 -21.83
CA SER E 382 52.34 18.81 -22.24
C SER E 382 52.59 19.37 -23.63
N VAL E 383 51.61 19.24 -24.52
CA VAL E 383 51.79 19.76 -25.88
C VAL E 383 51.65 21.27 -25.94
N TRP E 384 51.06 21.89 -24.91
CA TRP E 384 51.06 23.35 -24.83
C TRP E 384 52.30 23.85 -24.12
N LEU E 385 52.89 23.01 -23.24
CA LEU E 385 54.22 23.28 -22.73
C LEU E 385 55.26 23.19 -23.84
N LEU E 386 55.11 22.22 -24.74
CA LEU E 386 56.03 22.07 -25.85
C LEU E 386 55.82 23.14 -26.93
N CYS E 387 54.60 23.63 -27.08
CA CYS E 387 54.34 24.69 -28.05
C CYS E 387 54.88 26.03 -27.55
N ARG E 388 54.86 26.25 -26.23
CA ARG E 388 55.45 27.46 -25.66
C ARG E 388 56.97 27.43 -25.80
N THR E 389 57.58 26.25 -25.69
CA THR E 389 59.00 26.10 -25.99
C THR E 389 59.26 26.28 -27.48
N ARG E 390 58.31 25.83 -28.32
CA ARG E 390 58.42 26.00 -29.76
C ARG E 390 58.36 27.48 -30.14
N ASN E 391 57.48 28.24 -29.48
CA ASN E 391 57.37 29.67 -29.75
C ASN E 391 58.60 30.43 -29.27
N LEU E 392 59.19 29.99 -28.17
CA LEU E 392 60.42 30.61 -27.66
C LEU E 392 61.68 30.01 -28.28
N CYS E 393 61.55 28.96 -29.09
CA CYS E 393 62.69 28.49 -29.87
C CYS E 393 63.09 29.50 -30.92
N ILE E 394 62.11 30.15 -31.56
CA ILE E 394 62.33 30.92 -32.76
C ILE E 394 62.29 32.44 -32.49
N THR E 395 61.59 32.85 -31.43
CA THR E 395 61.45 34.28 -31.11
C THR E 395 62.76 35.04 -30.89
N PRO E 396 63.79 34.53 -30.18
CA PRO E 396 65.08 35.28 -30.16
C PRO E 396 65.81 35.32 -31.50
N TYR E 397 65.35 34.60 -32.53
CA TYR E 397 66.04 34.59 -33.82
C TYR E 397 65.23 35.15 -34.98
N LYS E 398 63.92 35.34 -34.82
CA LYS E 398 63.15 35.96 -35.90
C LYS E 398 63.36 37.46 -35.98
N LEU E 399 63.64 38.12 -34.85
CA LEU E 399 63.86 39.57 -34.86
C LEU E 399 65.18 39.95 -35.53
N ALA E 400 66.11 39.01 -35.65
CA ALA E 400 67.36 39.22 -36.38
C ALA E 400 67.56 38.10 -37.40
N PRO E 401 67.11 38.30 -38.64
CA PRO E 401 67.42 37.32 -39.70
C PRO E 401 68.90 37.28 -40.08
N ASN E 402 69.65 38.34 -39.81
CA ASN E 402 71.07 38.38 -40.16
C ASN E 402 71.93 37.56 -39.22
N ALA E 403 71.44 37.24 -38.03
CA ALA E 403 72.21 36.44 -37.08
C ALA E 403 72.21 34.98 -37.50
N GLN E 404 73.37 34.34 -37.36
CA GLN E 404 73.49 32.93 -37.70
C GLN E 404 72.81 32.06 -36.63
N VAL E 405 72.39 30.88 -37.06
CA VAL E 405 71.71 29.94 -36.15
C VAL E 405 72.60 28.72 -35.93
N PRO E 406 72.67 28.20 -34.71
CA PRO E 406 73.42 26.97 -34.48
C PRO E 406 72.68 25.76 -35.01
N ILE E 407 73.44 24.71 -35.33
CA ILE E 407 72.83 23.48 -35.84
C ILE E 407 72.23 22.63 -34.73
N LEU E 408 72.58 22.89 -33.47
CA LEU E 408 71.97 22.17 -32.36
C LEU E 408 70.55 22.68 -32.11
N LEU E 409 70.35 23.99 -32.18
CA LEU E 409 69.05 24.60 -31.89
C LEU E 409 68.13 24.63 -33.11
N ALA E 410 68.51 24.00 -34.22
CA ALA E 410 67.69 24.02 -35.43
C ALA E 410 66.87 22.74 -35.59
N LEU E 411 67.49 21.57 -35.46
CA LEU E 411 66.84 20.30 -35.76
C LEU E 411 66.54 19.44 -34.55
N LEU E 412 67.40 19.44 -33.53
CA LEU E 412 67.22 18.52 -32.41
C LEU E 412 66.17 19.04 -31.42
N CYS E 413 66.45 20.18 -30.80
CA CYS E 413 65.51 20.73 -29.82
C CYS E 413 64.34 21.43 -30.50
N CYS E 414 64.61 22.22 -31.52
CA CYS E 414 63.58 22.94 -32.26
C CYS E 414 63.40 22.27 -33.62
N ILE E 415 62.57 22.88 -34.46
CA ILE E 415 62.13 22.25 -35.70
C ILE E 415 62.66 22.95 -36.95
N LYS E 416 62.90 24.26 -36.89
CA LYS E 416 63.06 25.09 -38.09
C LYS E 416 64.33 24.74 -38.89
N PRO E 417 64.26 24.78 -40.23
CA PRO E 417 65.47 24.57 -41.03
C PRO E 417 66.16 25.87 -41.40
N THR E 418 67.27 25.78 -42.11
CA THR E 418 67.95 26.97 -42.61
C THR E 418 67.20 27.54 -43.81
N ARG E 419 66.83 28.82 -43.71
CA ARG E 419 66.14 29.50 -44.78
C ARG E 419 66.77 30.87 -45.00
N ALA E 420 66.65 31.37 -46.24
CA ALA E 420 67.15 32.67 -46.69
C ALA E 420 68.65 32.88 -46.42
N ASP F 111 64.65 59.01 -42.32
CA ASP F 111 64.03 57.76 -41.90
C ASP F 111 62.52 57.82 -42.05
N LYS F 112 61.88 56.65 -42.13
CA LYS F 112 60.43 56.53 -42.23
C LYS F 112 59.92 55.86 -40.96
N THR F 113 59.15 56.59 -40.17
CA THR F 113 58.63 56.10 -38.89
C THR F 113 57.19 56.58 -38.76
N PHE F 114 56.24 55.69 -39.03
CA PHE F 114 54.83 56.05 -38.95
C PHE F 114 54.36 56.01 -37.50
N PRO F 115 53.71 57.04 -37.01
CA PRO F 115 53.25 57.08 -35.62
C PRO F 115 51.95 56.28 -35.46
N ILE F 116 51.42 56.31 -34.24
CA ILE F 116 50.21 55.58 -33.87
C ILE F 116 49.21 56.59 -33.32
N MET F 117 48.01 56.60 -33.89
CA MET F 117 46.97 57.57 -33.55
C MET F 117 45.93 56.93 -32.64
N LEU F 118 45.56 57.64 -31.58
CA LEU F 118 44.47 57.22 -30.70
C LEU F 118 43.76 58.48 -30.19
N ASN F 119 42.50 58.65 -30.60
CA ASN F 119 41.64 59.77 -30.20
C ASN F 119 42.26 61.12 -30.56
N GLY F 120 42.91 61.19 -31.72
CA GLY F 120 43.47 62.42 -32.24
C GLY F 120 44.89 62.76 -31.81
N GLN F 121 45.32 62.22 -30.67
CA GLN F 121 46.67 62.49 -30.19
C GLN F 121 47.60 61.34 -30.56
N VAL F 122 48.90 61.63 -30.49
CA VAL F 122 49.93 60.65 -30.79
C VAL F 122 50.50 60.14 -29.47
N ASN F 123 50.43 58.82 -29.27
CA ASN F 123 50.91 58.21 -28.04
C ASN F 123 51.99 57.16 -28.26
N GLY F 124 52.41 56.94 -29.50
CA GLY F 124 53.46 55.97 -29.78
C GLY F 124 53.92 56.09 -31.21
N TYR F 125 55.02 55.40 -31.50
CA TYR F 125 55.61 55.39 -32.83
C TYR F 125 55.91 53.96 -33.24
N ALA F 126 55.72 53.67 -34.53
CA ALA F 126 55.98 52.36 -35.09
C ALA F 126 57.14 52.48 -36.08
N CYS F 127 58.18 51.69 -35.86
CA CYS F 127 59.38 51.73 -36.69
C CYS F 127 59.38 50.56 -37.67
N VAL F 128 60.05 50.77 -38.80
CA VAL F 128 60.16 49.76 -39.85
C VAL F 128 61.65 49.47 -40.04
N VAL F 129 62.01 48.20 -39.93
CA VAL F 129 63.37 47.73 -40.23
C VAL F 129 63.28 46.88 -41.49
N GLY F 130 64.41 46.37 -41.96
CA GLY F 130 64.44 45.53 -43.14
C GLY F 130 63.63 44.25 -43.03
N GLY F 131 62.49 44.22 -43.72
CA GLY F 131 61.61 43.08 -43.76
C GLY F 131 60.50 43.06 -42.74
N ARG F 132 60.70 43.69 -41.58
CA ARG F 132 59.76 43.56 -40.46
C ARG F 132 59.31 44.94 -40.00
N VAL F 133 58.15 44.96 -39.35
CA VAL F 133 57.52 46.18 -38.84
C VAL F 133 57.40 46.06 -37.33
N PHE F 134 57.88 47.07 -36.62
CA PHE F 134 57.93 47.08 -35.16
C PHE F 134 56.81 47.95 -34.60
N LYS F 135 56.31 47.55 -33.42
CA LYS F 135 55.30 48.32 -32.70
C LYS F 135 55.34 47.95 -31.22
N PRO F 136 55.38 48.93 -30.32
CA PRO F 136 55.37 48.62 -28.89
C PRO F 136 54.02 48.06 -28.43
N LEU F 137 54.09 47.14 -27.48
CA LEU F 137 52.89 46.52 -26.94
C LEU F 137 52.14 47.44 -25.98
N HIS F 138 52.87 48.35 -25.31
CA HIS F 138 52.29 49.20 -24.28
C HIS F 138 51.31 50.23 -24.82
N VAL F 139 51.37 50.55 -26.11
CA VAL F 139 50.49 51.54 -26.71
C VAL F 139 49.34 50.82 -27.43
N GLU F 140 48.20 51.50 -27.47
CA GLU F 140 47.02 51.01 -28.19
C GLU F 140 46.59 52.05 -29.21
N GLY F 141 46.30 51.59 -30.41
CA GLY F 141 45.87 52.50 -31.46
C GLY F 141 46.14 51.90 -32.83
N ARG F 142 45.78 52.68 -33.85
CA ARG F 142 45.91 52.29 -35.24
C ARG F 142 47.00 53.10 -35.91
N ILE F 143 47.85 52.42 -36.69
CA ILE F 143 48.88 53.10 -37.46
C ILE F 143 48.24 53.88 -38.60
N ASP F 144 48.82 55.03 -38.93
CA ASP F 144 48.25 55.90 -39.96
C ASP F 144 48.42 55.33 -41.36
N ASN F 145 49.36 54.41 -41.57
CA ASN F 145 49.51 53.75 -42.86
C ASN F 145 48.42 52.70 -43.02
N GLU F 146 47.56 52.87 -44.03
CA GLU F 146 46.51 51.90 -44.29
C GLU F 146 47.04 50.58 -44.84
N GLN F 147 48.24 50.59 -45.42
CA GLN F 147 48.88 49.34 -45.80
C GLN F 147 49.31 48.55 -44.57
N LEU F 148 49.72 49.24 -43.51
CA LEU F 148 50.17 48.58 -42.29
C LEU F 148 49.03 48.15 -41.38
N ALA F 149 47.81 48.63 -41.63
CA ALA F 149 46.68 48.21 -40.82
C ALA F 149 46.21 46.81 -41.17
N ALA F 150 46.43 46.37 -42.40
CA ALA F 150 46.04 45.03 -42.81
C ALA F 150 47.03 43.96 -42.38
N ILE F 151 48.17 44.35 -41.81
CA ILE F 151 49.14 43.38 -41.32
C ILE F 151 48.62 42.74 -40.05
N LYS F 152 48.77 41.41 -39.95
CA LYS F 152 48.34 40.65 -38.78
C LYS F 152 49.47 40.68 -37.75
N LEU F 153 49.53 41.75 -36.96
CA LEU F 153 50.50 41.85 -35.88
C LEU F 153 50.08 40.91 -34.75
N LYS F 154 51.03 40.13 -34.24
CA LYS F 154 50.76 39.16 -33.19
C LYS F 154 51.47 39.57 -31.90
N LYS F 155 50.82 39.33 -30.77
CA LYS F 155 51.42 39.59 -29.48
C LYS F 155 52.48 38.54 -29.16
N ALA F 156 53.39 38.89 -28.27
CA ALA F 156 54.52 38.03 -27.93
C ALA F 156 55.03 38.42 -26.55
N SER F 157 56.23 37.94 -26.22
CA SER F 157 56.89 38.22 -24.95
C SER F 157 57.54 39.59 -24.95
N ILE F 158 58.45 39.82 -23.99
CA ILE F 158 59.12 41.12 -23.83
C ILE F 158 60.05 41.45 -25.00
N TYR F 159 60.39 40.47 -25.85
CA TYR F 159 61.28 40.70 -26.98
C TYR F 159 60.59 41.44 -28.13
N ASP F 160 59.27 41.64 -28.05
CA ASP F 160 58.46 42.47 -28.96
C ASP F 160 58.53 41.95 -30.40
N LEU F 161 58.01 40.75 -30.59
CA LEU F 161 57.93 40.13 -31.90
C LEU F 161 56.63 40.55 -32.59
N GLU F 162 56.76 41.13 -33.78
CA GLU F 162 55.60 41.44 -34.61
C GLU F 162 55.78 40.80 -35.98
N TYR F 163 54.90 41.13 -36.93
CA TYR F 163 54.89 40.49 -38.25
C TYR F 163 55.21 41.51 -39.34
N GLY F 164 56.19 41.17 -40.17
CA GLY F 164 56.50 41.93 -41.37
C GLY F 164 55.83 41.38 -42.61
N ASP F 165 54.51 41.51 -42.72
CA ASP F 165 53.75 40.95 -43.83
C ASP F 165 53.60 41.94 -45.00
N VAL F 166 54.50 42.89 -45.13
CA VAL F 166 54.44 43.90 -46.19
C VAL F 166 54.89 43.28 -47.50
N PRO F 167 54.35 43.71 -48.66
CA PRO F 167 54.79 43.16 -49.95
C PRO F 167 56.16 43.67 -50.39
N GLN F 168 56.56 43.29 -51.60
CA GLN F 168 57.96 43.42 -52.02
C GLN F 168 58.37 44.85 -52.33
N CYS F 169 57.40 45.73 -52.61
CA CYS F 169 57.69 47.00 -53.25
C CYS F 169 58.39 48.03 -52.36
N MET F 170 58.43 47.83 -51.04
CA MET F 170 59.03 48.85 -50.19
C MET F 170 59.89 48.27 -49.05
N LYS F 171 60.30 47.01 -49.15
CA LYS F 171 61.09 46.37 -48.10
C LYS F 171 62.49 46.98 -48.00
N SER F 172 63.13 46.70 -46.86
CA SER F 172 64.48 47.17 -46.51
C SER F 172 64.56 48.70 -46.53
N ASP F 173 63.75 49.32 -45.66
CA ASP F 173 63.82 50.76 -45.48
C ASP F 173 65.12 51.17 -44.81
N THR F 174 65.50 50.45 -43.76
CA THR F 174 66.78 50.68 -43.08
C THR F 174 67.30 49.35 -42.57
N LEU F 175 68.61 49.30 -42.33
CA LEU F 175 69.27 48.08 -41.91
C LEU F 175 69.57 48.13 -40.41
N GLN F 176 69.26 47.04 -39.72
CA GLN F 176 69.56 46.94 -38.30
C GLN F 176 71.06 46.77 -38.08
N TYR F 177 71.55 47.37 -36.99
CA TYR F 177 72.98 47.42 -36.74
C TYR F 177 73.50 46.06 -36.28
N THR F 178 74.63 45.64 -36.86
CA THR F 178 75.26 44.36 -36.58
C THR F 178 76.09 44.41 -35.29
N SER F 179 76.95 43.41 -35.10
CA SER F 179 77.77 43.29 -33.90
C SER F 179 78.97 44.25 -33.97
N ASP F 180 79.92 44.05 -33.04
CA ASP F 180 81.11 44.90 -32.84
C ASP F 180 80.71 46.35 -32.57
N LYS F 181 80.05 46.53 -31.43
CA LYS F 181 79.46 47.81 -31.05
C LYS F 181 80.46 48.67 -30.30
N PRO F 182 80.84 49.84 -30.81
CA PRO F 182 81.70 50.74 -30.04
C PRO F 182 80.88 51.57 -29.07
N PRO F 183 81.47 52.08 -27.99
CA PRO F 183 80.74 53.01 -27.14
C PRO F 183 80.78 54.51 -27.44
N GLY F 184 81.07 54.89 -28.69
CA GLY F 184 81.18 56.29 -29.09
C GLY F 184 79.86 56.97 -29.40
N PHE F 185 79.85 57.80 -30.45
CA PHE F 185 78.71 58.64 -30.75
C PHE F 185 77.62 57.86 -31.47
N TYR F 186 76.36 58.17 -31.14
CA TYR F 186 75.20 57.58 -31.80
C TYR F 186 74.14 58.65 -32.01
N ASN F 187 73.33 58.45 -33.05
CA ASN F 187 72.30 59.41 -33.43
C ASN F 187 70.97 59.10 -32.73
N TRP F 188 70.19 60.15 -32.54
CA TRP F 188 68.90 60.07 -31.86
C TRP F 188 68.04 61.22 -32.36
N HIS F 189 66.72 61.04 -32.31
CA HIS F 189 65.81 62.02 -32.90
C HIS F 189 65.82 63.33 -32.12
N HIS F 190 65.84 63.26 -30.80
CA HIS F 190 65.83 64.46 -29.96
C HIS F 190 67.22 64.90 -29.53
N GLY F 191 68.27 64.21 -29.98
CA GLY F 191 69.62 64.56 -29.56
C GLY F 191 70.65 63.51 -29.90
N ALA F 192 71.49 63.16 -28.93
CA ALA F 192 72.53 62.16 -29.14
C ALA F 192 72.69 61.31 -27.89
N VAL F 193 73.08 60.05 -28.11
CA VAL F 193 73.40 59.12 -27.02
C VAL F 193 74.81 58.58 -27.25
N GLN F 194 75.50 58.29 -26.16
CA GLN F 194 76.91 57.92 -26.21
C GLN F 194 77.22 56.79 -25.24
N TYR F 195 76.38 55.75 -25.21
CA TYR F 195 76.63 54.60 -24.36
C TYR F 195 76.18 53.33 -25.06
N GLU F 196 76.97 52.27 -24.91
CA GLU F 196 76.71 50.97 -25.52
C GLU F 196 76.10 49.97 -24.54
N ASN F 197 76.73 49.79 -23.37
CA ASN F 197 76.20 48.86 -22.37
C ASN F 197 74.90 49.39 -21.77
N ASN F 198 74.83 50.70 -21.55
CA ASN F 198 73.64 51.39 -21.07
C ASN F 198 73.20 52.38 -22.13
N ARG F 199 72.26 53.24 -21.77
CA ARG F 199 71.89 54.38 -22.60
C ARG F 199 72.29 55.67 -21.88
N PHE F 200 72.54 56.71 -22.68
CA PHE F 200 73.12 57.94 -22.16
C PHE F 200 72.13 58.72 -21.32
N THR F 201 72.67 59.53 -20.40
CA THR F 201 71.87 60.41 -19.55
C THR F 201 71.52 61.66 -20.36
N VAL F 202 70.50 61.52 -21.20
CA VAL F 202 70.01 62.59 -22.06
C VAL F 202 69.33 63.64 -21.19
N PRO F 203 69.35 64.93 -21.56
CA PRO F 203 68.68 65.95 -20.73
C PRO F 203 67.17 65.92 -20.84
N ARG F 204 66.52 66.90 -20.21
CA ARG F 204 65.07 66.93 -20.15
C ARG F 204 64.47 67.39 -21.49
N GLY F 205 63.15 67.42 -21.55
CA GLY F 205 62.46 67.62 -22.81
C GLY F 205 62.12 66.28 -23.42
N VAL F 206 63.13 65.52 -23.78
CA VAL F 206 62.95 64.12 -24.17
C VAL F 206 62.80 63.28 -22.90
N GLY F 207 61.79 62.41 -22.88
CA GLY F 207 61.50 61.65 -21.68
C GLY F 207 60.18 62.04 -21.04
N GLY F 208 59.19 62.37 -21.87
CA GLY F 208 57.89 62.78 -21.37
C GLY F 208 56.85 61.68 -21.43
N LYS F 209 55.99 61.73 -22.44
CA LYS F 209 54.92 60.76 -22.57
C LYS F 209 54.57 60.61 -24.05
N GLY F 210 54.35 59.36 -24.47
CA GLY F 210 54.01 59.10 -25.86
C GLY F 210 55.18 59.15 -26.82
N ASP F 211 56.40 58.95 -26.33
CA ASP F 211 57.59 59.00 -27.18
C ASP F 211 58.18 57.61 -27.42
N SER F 212 57.40 56.56 -27.16
CA SER F 212 57.87 55.19 -27.30
C SER F 212 57.97 54.80 -28.77
N GLY F 213 58.83 53.83 -29.05
CA GLY F 213 58.98 53.28 -30.38
C GLY F 213 59.93 54.02 -31.29
N ARG F 214 60.51 55.12 -30.83
CA ARG F 214 61.43 55.88 -31.67
C ARG F 214 62.76 55.16 -31.76
N PRO F 215 63.26 54.89 -32.97
CA PRO F 215 64.53 54.15 -33.10
C PRO F 215 65.73 55.01 -32.75
N ILE F 216 66.83 54.32 -32.45
CA ILE F 216 68.12 54.94 -32.19
C ILE F 216 69.07 54.50 -33.29
N LEU F 217 69.55 55.46 -34.09
CA LEU F 217 70.32 55.16 -35.28
C LEU F 217 71.81 55.39 -35.04
N ASP F 218 72.61 54.85 -35.96
CA ASP F 218 74.05 54.98 -35.92
C ASP F 218 74.51 56.06 -36.90
N ASN F 219 75.83 56.20 -37.05
CA ASN F 219 76.39 57.23 -37.93
C ASN F 219 76.21 56.89 -39.41
N LYS F 220 75.95 55.62 -39.73
CA LYS F 220 75.68 55.20 -41.10
C LYS F 220 74.19 55.03 -41.37
N GLY F 221 73.33 55.49 -40.46
CA GLY F 221 71.90 55.32 -40.64
C GLY F 221 71.38 53.95 -40.30
N ARG F 222 72.05 53.24 -39.39
CA ARG F 222 71.65 51.89 -39.00
C ARG F 222 71.03 51.92 -37.60
N VAL F 223 69.83 51.35 -37.48
CA VAL F 223 69.10 51.38 -36.22
C VAL F 223 69.73 50.40 -35.24
N VAL F 224 70.01 50.87 -34.02
CA VAL F 224 70.64 50.06 -33.00
C VAL F 224 69.66 49.64 -31.90
N ALA F 225 68.78 50.54 -31.48
CA ALA F 225 67.91 50.26 -30.35
C ALA F 225 66.58 50.99 -30.52
N ILE F 226 65.56 50.50 -29.81
CA ILE F 226 64.23 51.09 -29.79
C ILE F 226 63.85 51.34 -28.34
N VAL F 227 63.49 52.58 -28.03
CA VAL F 227 63.20 52.97 -26.65
C VAL F 227 61.83 52.44 -26.23
N LEU F 228 61.71 52.12 -24.94
CA LEU F 228 60.44 51.68 -24.37
C LEU F 228 60.07 52.34 -23.05
N GLY F 229 61.02 52.87 -22.28
CA GLY F 229 60.69 53.39 -20.97
C GLY F 229 61.82 54.22 -20.40
N GLY F 230 61.72 54.51 -19.11
CA GLY F 230 62.68 55.40 -18.49
C GLY F 230 62.28 56.87 -18.59
N VAL F 231 61.16 57.22 -17.94
CA VAL F 231 60.63 58.59 -17.99
C VAL F 231 61.64 59.59 -17.44
N ASN F 232 61.96 59.47 -16.16
CA ASN F 232 62.90 60.36 -15.50
C ASN F 232 63.45 59.68 -14.26
N GLU F 233 64.76 59.74 -14.08
CA GLU F 233 65.44 59.14 -12.94
C GLU F 233 66.33 60.16 -12.24
N GLY F 234 65.82 61.38 -12.06
CA GLY F 234 66.58 62.43 -11.42
C GLY F 234 67.30 63.31 -12.42
N SER F 235 68.54 63.71 -12.09
CA SER F 235 69.34 64.48 -13.03
C SER F 235 69.86 63.64 -14.19
N ARG F 236 69.92 62.32 -14.02
CA ARG F 236 70.39 61.40 -15.04
C ARG F 236 69.25 60.46 -15.41
N THR F 237 68.85 60.48 -16.68
CA THR F 237 67.74 59.67 -17.17
C THR F 237 68.28 58.50 -17.99
N ALA F 238 67.85 57.29 -17.63
CA ALA F 238 68.27 56.07 -18.32
C ALA F 238 67.12 55.51 -19.13
N LEU F 239 67.42 55.07 -20.35
CA LEU F 239 66.43 54.57 -21.28
C LEU F 239 66.41 53.04 -21.26
N SER F 240 65.21 52.47 -21.20
CA SER F 240 65.02 51.03 -21.26
C SER F 240 64.77 50.65 -22.72
N VAL F 241 65.77 50.04 -23.37
CA VAL F 241 65.73 49.76 -24.78
C VAL F 241 65.92 48.25 -25.00
N VAL F 242 65.71 47.82 -26.23
CA VAL F 242 66.05 46.48 -26.68
C VAL F 242 67.21 46.58 -27.66
N THR F 243 68.05 45.55 -27.69
CA THR F 243 69.23 45.53 -28.54
C THR F 243 69.66 44.08 -28.72
N TRP F 244 70.81 43.89 -29.35
CA TRP F 244 71.44 42.58 -29.50
C TRP F 244 72.74 42.60 -28.73
N ASN F 245 72.97 41.58 -27.89
CA ASN F 245 74.10 41.63 -26.96
C ASN F 245 75.43 41.32 -27.65
N GLN F 246 75.59 40.11 -28.15
CA GLN F 246 76.87 39.73 -28.74
C GLN F 246 76.75 39.09 -30.12
N LYS F 247 75.74 38.26 -30.34
CA LYS F 247 75.67 37.43 -31.54
C LYS F 247 74.36 37.63 -32.28
N GLY F 248 73.76 38.81 -32.15
CA GLY F 248 72.51 39.10 -32.82
C GLY F 248 71.27 38.63 -32.11
N VAL F 249 71.40 37.94 -30.98
CA VAL F 249 70.23 37.50 -30.23
C VAL F 249 69.58 38.70 -29.55
N THR F 250 68.29 38.88 -29.78
CA THR F 250 67.58 40.05 -29.28
C THR F 250 67.43 39.96 -27.76
N VAL F 251 67.95 40.97 -27.06
CA VAL F 251 67.86 41.06 -25.62
C VAL F 251 67.09 42.33 -25.25
N LYS F 252 66.69 42.41 -23.98
CA LYS F 252 65.97 43.56 -23.45
C LYS F 252 66.66 44.02 -22.18
N ASP F 253 67.19 45.23 -22.20
CA ASP F 253 67.88 45.82 -21.05
C ASP F 253 66.97 46.87 -20.41
N THR F 254 66.75 46.73 -19.11
CA THR F 254 65.85 47.62 -18.38
C THR F 254 66.53 48.07 -17.10
N PRO F 255 66.79 49.37 -16.92
CA PRO F 255 67.34 49.85 -15.65
C PRO F 255 66.27 49.89 -14.56
N GLU F 256 66.73 50.21 -13.36
CA GLU F 256 65.83 50.23 -12.20
C GLU F 256 64.90 51.44 -12.26
N GLY F 257 63.64 51.21 -11.88
CA GLY F 257 62.64 52.27 -11.87
C GLY F 257 62.26 52.79 -13.23
N SER F 258 62.17 51.93 -14.24
CA SER F 258 61.86 52.34 -15.60
C SER F 258 60.37 52.19 -15.84
N GLU F 259 59.63 53.28 -15.64
CA GLU F 259 58.22 53.30 -15.97
C GLU F 259 58.03 53.31 -17.49
N PRO F 260 56.89 52.78 -17.99
CA PRO F 260 56.65 52.78 -19.44
C PRO F 260 56.51 54.18 -20.03
N TRP F 261 57.44 54.53 -20.90
CA TRP F 261 57.48 55.87 -21.51
C TRP F 261 57.38 55.76 -23.02
N TYR G 1 -55.85 45.43 -1.04
CA TYR G 1 -54.70 46.17 -1.56
C TYR G 1 -53.67 45.22 -2.17
N GLU G 2 -53.28 45.51 -3.40
CA GLU G 2 -52.38 44.65 -4.15
C GLU G 2 -50.94 44.81 -3.64
N HIS G 3 -50.31 43.67 -3.35
CA HIS G 3 -48.89 43.64 -3.04
C HIS G 3 -48.20 42.82 -4.12
N THR G 4 -47.23 43.43 -4.80
CA THR G 4 -46.54 42.79 -5.92
C THR G 4 -45.05 42.77 -5.65
N ALA G 5 -44.47 41.57 -5.64
CA ALA G 5 -43.04 41.40 -5.41
C ALA G 5 -42.61 40.08 -6.04
N VAL G 6 -41.37 39.69 -5.76
CA VAL G 6 -40.77 38.49 -6.33
C VAL G 6 -40.36 37.57 -5.17
N MET G 7 -40.83 36.33 -5.20
CA MET G 7 -40.49 35.33 -4.20
C MET G 7 -39.51 34.32 -4.79
N PRO G 8 -38.41 34.02 -4.12
CA PRO G 8 -37.51 32.98 -4.62
C PRO G 8 -38.13 31.59 -4.52
N ASN G 9 -37.71 30.71 -5.42
CA ASN G 9 -38.28 29.36 -5.52
C ASN G 9 -37.55 28.44 -4.54
N LYS G 10 -37.94 28.53 -3.28
CA LYS G 10 -37.47 27.63 -2.24
C LYS G 10 -38.65 27.17 -1.40
N VAL G 11 -38.52 25.98 -0.83
CA VAL G 11 -39.62 25.32 -0.14
C VAL G 11 -39.58 25.54 1.36
N GLY G 12 -38.42 25.30 1.98
CA GLY G 12 -38.36 25.32 3.43
C GLY G 12 -38.48 26.72 4.03
N ILE G 13 -37.76 27.69 3.46
CA ILE G 13 -37.71 29.04 4.03
C ILE G 13 -39.01 29.78 3.74
N PRO G 14 -39.44 30.68 4.62
CA PRO G 14 -40.59 31.52 4.32
C PRO G 14 -40.17 32.86 3.72
N TYR G 15 -41.15 33.57 3.20
CA TYR G 15 -40.96 34.90 2.62
C TYR G 15 -41.68 35.90 3.50
N LYS G 16 -40.93 36.83 4.09
CA LYS G 16 -41.48 37.85 4.97
C LYS G 16 -41.48 39.19 4.26
N ALA G 17 -42.60 39.91 4.36
CA ALA G 17 -42.72 41.22 3.74
C ALA G 17 -43.70 42.07 4.53
N LEU G 18 -43.42 43.37 4.58
CA LEU G 18 -44.28 44.33 5.26
C LEU G 18 -44.99 45.18 4.21
N VAL G 19 -46.31 45.18 4.23
CA VAL G 19 -47.12 45.86 3.22
C VAL G 19 -47.40 47.27 3.69
N GLU G 20 -47.00 48.26 2.88
CA GLU G 20 -47.14 49.67 3.23
C GLU G 20 -48.34 50.27 2.50
N ARG G 21 -49.23 50.88 3.27
CA ARG G 21 -50.38 51.58 2.73
C ARG G 21 -50.42 52.97 3.37
N PRO G 22 -50.61 54.03 2.59
CA PRO G 22 -50.65 55.38 3.18
C PRO G 22 -51.92 55.59 4.00
N GLY G 23 -51.74 56.17 5.19
CA GLY G 23 -52.84 56.38 6.11
C GLY G 23 -53.21 55.16 6.95
N TYR G 24 -52.51 54.04 6.79
CA TYR G 24 -52.80 52.82 7.53
C TYR G 24 -51.51 52.23 8.08
N ALA G 25 -51.64 51.55 9.21
CA ALA G 25 -50.49 50.88 9.80
C ALA G 25 -50.13 49.64 8.98
N PRO G 26 -48.84 49.35 8.82
CA PRO G 26 -48.43 48.19 8.01
C PRO G 26 -48.75 46.87 8.69
N VAL G 27 -48.89 45.84 7.86
CA VAL G 27 -49.17 44.49 8.32
C VAL G 27 -48.01 43.59 7.88
N HIS G 28 -47.93 42.42 8.51
CA HIS G 28 -46.89 41.45 8.22
C HIS G 28 -47.46 40.34 7.34
N LEU G 29 -46.82 40.10 6.20
CA LEU G 29 -47.27 39.11 5.24
C LEU G 29 -46.24 37.99 5.14
N GLN G 30 -46.70 36.76 5.30
CA GLN G 30 -45.84 35.58 5.20
C GLN G 30 -46.37 34.65 4.12
N ILE G 31 -45.51 34.30 3.17
CA ILE G 31 -45.82 33.32 2.13
C ILE G 31 -44.81 32.19 2.25
N GLN G 32 -45.31 30.96 2.41
CA GLN G 32 -44.46 29.79 2.57
C GLN G 32 -44.92 28.70 1.62
N LEU G 33 -43.99 28.11 0.90
CA LEU G 33 -44.28 27.00 0.00
C LEU G 33 -44.21 25.67 0.74
N VAL G 34 -45.03 24.72 0.29
CA VAL G 34 -45.03 23.36 0.81
C VAL G 34 -44.63 22.37 -0.28
N ASN G 35 -45.26 22.45 -1.44
CA ASN G 35 -44.97 21.59 -2.57
C ASN G 35 -44.69 22.43 -3.81
N THR G 36 -43.97 21.84 -4.76
CA THR G 36 -43.74 22.45 -6.07
C THR G 36 -43.61 21.31 -7.05
N ARG G 37 -44.69 21.03 -7.79
CA ARG G 37 -44.75 19.88 -8.67
C ARG G 37 -44.78 20.33 -10.13
N ILE G 38 -43.93 19.71 -10.94
CA ILE G 38 -43.91 19.98 -12.36
C ILE G 38 -44.53 18.73 -12.94
N ILE G 39 -45.65 18.88 -13.62
CA ILE G 39 -46.38 17.74 -14.18
C ILE G 39 -46.42 17.84 -15.70
N PRO G 40 -45.61 17.07 -16.41
CA PRO G 40 -45.68 17.07 -17.88
C PRO G 40 -46.82 16.20 -18.38
N SER G 41 -47.09 16.31 -19.67
CA SER G 41 -48.13 15.53 -20.33
C SER G 41 -47.48 14.32 -21.01
N THR G 42 -48.07 13.15 -20.81
CA THR G 42 -47.51 11.90 -21.30
C THR G 42 -48.60 11.07 -21.97
N ASN G 43 -48.21 10.38 -23.04
CA ASN G 43 -49.07 9.38 -23.69
C ASN G 43 -48.29 8.07 -23.77
N LEU G 44 -48.93 6.99 -23.35
CA LEU G 44 -48.27 5.70 -23.34
C LEU G 44 -48.19 5.13 -24.74
N GLU G 45 -46.98 4.73 -25.15
CA GLU G 45 -46.77 4.19 -26.49
C GLU G 45 -46.90 2.68 -26.51
N TYR G 46 -46.07 1.99 -25.74
CA TYR G 46 -46.07 0.53 -25.73
C TYR G 46 -45.46 0.04 -24.43
N ILE G 47 -45.68 -1.24 -24.13
CA ILE G 47 -45.12 -1.89 -22.96
C ILE G 47 -44.20 -3.02 -23.43
N THR G 48 -43.31 -3.45 -22.53
CA THR G 48 -42.32 -4.46 -22.83
C THR G 48 -42.22 -5.44 -21.67
N CYS G 49 -42.09 -6.73 -21.99
CA CYS G 49 -41.90 -7.76 -20.99
C CYS G 49 -41.14 -8.92 -21.62
N LYS G 50 -40.85 -9.93 -20.80
CA LYS G 50 -40.19 -11.13 -21.29
C LYS G 50 -41.17 -11.98 -22.10
N TYR G 51 -40.65 -12.63 -23.15
CA TYR G 51 -41.50 -13.40 -24.03
C TYR G 51 -41.67 -14.82 -23.51
N LYS G 52 -42.47 -15.61 -24.23
CA LYS G 52 -42.68 -17.02 -23.90
C LYS G 52 -43.06 -17.74 -25.19
N THR G 53 -42.10 -18.47 -25.76
CA THR G 53 -42.33 -19.16 -27.02
C THR G 53 -42.98 -20.50 -26.76
N LYS G 54 -44.21 -20.67 -27.27
CA LYS G 54 -44.97 -21.91 -27.14
C LYS G 54 -45.05 -22.60 -28.49
N VAL G 55 -44.77 -23.91 -28.51
CA VAL G 55 -44.78 -24.67 -29.75
C VAL G 55 -46.01 -25.56 -29.76
N PRO G 56 -46.72 -25.65 -30.88
CA PRO G 56 -47.76 -26.67 -31.02
C PRO G 56 -47.14 -28.03 -31.28
N SER G 57 -47.99 -29.06 -31.19
CA SER G 57 -47.53 -30.42 -31.43
C SER G 57 -47.24 -30.62 -32.91
N PRO G 58 -46.08 -31.17 -33.27
CA PRO G 58 -45.80 -31.43 -34.68
C PRO G 58 -46.58 -32.62 -35.21
N VAL G 59 -46.81 -32.62 -36.50
CA VAL G 59 -47.44 -33.74 -37.17
C VAL G 59 -46.35 -34.69 -37.64
N VAL G 60 -46.70 -35.96 -37.78
CA VAL G 60 -45.78 -36.99 -38.29
C VAL G 60 -46.47 -37.63 -39.48
N LYS G 61 -46.19 -37.11 -40.68
CA LYS G 61 -46.67 -37.73 -41.89
C LYS G 61 -45.82 -38.95 -42.21
N CYS G 62 -46.47 -40.08 -42.48
CA CYS G 62 -45.75 -41.34 -42.61
C CYS G 62 -45.14 -41.49 -44.00
N CYS G 63 -45.98 -41.52 -45.03
CA CYS G 63 -45.53 -41.68 -46.41
C CYS G 63 -46.15 -40.54 -47.21
N GLY G 64 -45.47 -39.39 -47.21
CA GLY G 64 -46.00 -38.23 -47.91
C GLY G 64 -45.22 -36.99 -47.52
N ALA G 65 -45.81 -35.84 -47.86
CA ALA G 65 -45.21 -34.55 -47.59
C ALA G 65 -46.27 -33.58 -47.09
N THR G 66 -45.82 -32.48 -46.50
CA THR G 66 -46.70 -31.49 -45.89
C THR G 66 -46.21 -30.10 -46.25
N GLN G 67 -47.15 -29.15 -46.31
CA GLN G 67 -46.84 -27.75 -46.52
C GLN G 67 -47.55 -26.91 -45.47
N CYS G 68 -47.09 -25.68 -45.29
CA CYS G 68 -47.66 -24.78 -44.30
C CYS G 68 -48.07 -23.46 -44.94
N THR G 69 -49.06 -22.81 -44.33
CA THR G 69 -49.53 -21.49 -44.73
C THR G 69 -49.02 -20.45 -43.76
N SER G 70 -48.96 -19.21 -44.23
CA SER G 70 -48.49 -18.08 -43.42
C SER G 70 -49.60 -17.70 -42.46
N LYS G 71 -49.61 -18.34 -41.29
CA LYS G 71 -50.59 -18.04 -40.27
C LYS G 71 -50.30 -16.68 -39.63
N PRO G 72 -51.34 -15.91 -39.27
CA PRO G 72 -51.09 -14.62 -38.62
C PRO G 72 -50.71 -14.79 -37.16
N HIS G 73 -49.42 -14.64 -36.87
CA HIS G 73 -48.87 -14.83 -35.54
C HIS G 73 -47.57 -14.04 -35.45
N PRO G 74 -47.24 -13.47 -34.30
CA PRO G 74 -45.97 -12.74 -34.17
C PRO G 74 -44.80 -13.70 -34.15
N ASP G 75 -43.80 -13.41 -35.01
CA ASP G 75 -42.57 -14.21 -35.18
C ASP G 75 -42.88 -15.67 -35.50
N TYR G 76 -43.84 -15.88 -36.40
CA TYR G 76 -44.21 -17.24 -36.79
C TYR G 76 -43.14 -17.86 -37.67
N GLN G 77 -42.88 -19.15 -37.44
CA GLN G 77 -41.90 -19.90 -38.21
C GLN G 77 -42.46 -21.27 -38.56
N CYS G 78 -42.11 -21.75 -39.75
CA CYS G 78 -42.46 -23.10 -40.16
C CYS G 78 -41.32 -23.67 -41.00
N GLN G 79 -41.22 -25.00 -41.01
CA GLN G 79 -40.24 -25.70 -41.82
C GLN G 79 -40.73 -27.12 -42.04
N VAL G 80 -40.04 -27.84 -42.92
CA VAL G 80 -40.34 -29.24 -43.21
C VAL G 80 -39.04 -30.02 -43.19
N PHE G 81 -39.00 -31.08 -42.40
CA PHE G 81 -37.83 -31.96 -42.31
C PHE G 81 -38.21 -33.32 -42.89
N SER G 82 -37.43 -33.77 -43.88
CA SER G 82 -37.78 -34.95 -44.67
C SER G 82 -36.93 -36.13 -44.23
N GLY G 83 -37.58 -37.27 -44.02
CA GLY G 83 -36.89 -38.50 -43.66
C GLY G 83 -36.44 -38.54 -42.21
N VAL G 84 -37.37 -38.54 -41.28
CA VAL G 84 -37.00 -38.45 -39.86
C VAL G 84 -37.00 -39.83 -39.19
N TYR G 85 -38.00 -40.68 -39.46
CA TYR G 85 -38.23 -42.00 -38.87
C TYR G 85 -38.20 -41.96 -37.35
N PRO G 86 -39.21 -41.39 -36.70
CA PRO G 86 -39.13 -41.20 -35.24
C PRO G 86 -39.41 -42.48 -34.46
N PHE G 87 -38.83 -42.54 -33.27
CA PHE G 87 -39.02 -43.65 -32.34
C PHE G 87 -39.73 -43.14 -31.11
N MET G 88 -40.77 -43.84 -30.69
CA MET G 88 -41.47 -43.58 -29.45
C MET G 88 -41.36 -44.83 -28.56
N TRP G 89 -42.11 -44.83 -27.47
CA TRP G 89 -42.19 -45.99 -26.59
C TRP G 89 -43.01 -47.04 -27.34
N GLY G 90 -42.67 -48.31 -27.15
CA GLY G 90 -43.37 -49.39 -27.84
C GLY G 90 -43.06 -49.44 -29.32
N GLY G 91 -41.78 -49.56 -29.66
CA GLY G 91 -41.37 -49.71 -31.04
C GLY G 91 -41.31 -48.39 -31.80
N ALA G 92 -41.06 -48.52 -33.10
CA ALA G 92 -41.02 -47.37 -33.99
C ALA G 92 -42.43 -46.82 -34.24
N TYR G 93 -42.45 -45.56 -34.69
CA TYR G 93 -43.68 -44.85 -35.07
C TYR G 93 -44.42 -45.19 -36.39
N CYS G 94 -43.66 -45.37 -37.48
CA CYS G 94 -44.25 -45.59 -38.82
C CYS G 94 -43.49 -46.55 -39.75
N PHE G 95 -44.16 -46.99 -40.83
CA PHE G 95 -43.55 -47.93 -41.76
C PHE G 95 -42.44 -47.32 -42.63
N CYS G 96 -42.74 -46.24 -43.33
CA CYS G 96 -41.98 -45.83 -44.52
C CYS G 96 -40.59 -45.33 -44.14
N ASP G 97 -39.59 -46.16 -44.42
CA ASP G 97 -38.20 -45.81 -44.14
C ASP G 97 -37.69 -44.77 -45.13
N THR G 98 -36.76 -43.95 -44.64
CA THR G 98 -36.06 -42.80 -45.27
C THR G 98 -36.96 -41.89 -46.11
N GLU G 99 -38.24 -41.80 -45.75
CA GLU G 99 -39.13 -40.74 -46.25
C GLU G 99 -40.26 -40.57 -45.24
N ASN G 100 -40.27 -39.39 -44.61
CA ASN G 100 -41.23 -39.04 -43.56
C ASN G 100 -41.24 -37.53 -43.45
N THR G 101 -42.23 -37.00 -42.72
CA THR G 101 -42.32 -35.56 -42.56
C THR G 101 -42.64 -35.22 -41.12
N GLN G 102 -42.02 -34.15 -40.61
CA GLN G 102 -42.32 -33.60 -39.30
C GLN G 102 -42.57 -32.11 -39.45
N MET G 103 -43.53 -31.60 -38.68
CA MET G 103 -43.96 -30.21 -38.86
C MET G 103 -43.02 -29.24 -38.14
N SER G 104 -42.97 -29.34 -36.81
CA SER G 104 -42.11 -28.53 -35.93
C SER G 104 -42.36 -27.03 -36.11
N GLU G 105 -43.57 -26.62 -35.73
CA GLU G 105 -44.00 -25.24 -35.82
C GLU G 105 -43.81 -24.54 -34.48
N ALA G 106 -43.36 -23.29 -34.52
CA ALA G 106 -43.17 -22.53 -33.29
C ALA G 106 -43.47 -21.04 -33.50
N TYR G 107 -43.97 -20.39 -32.45
CA TYR G 107 -44.24 -18.96 -32.52
C TYR G 107 -44.08 -18.38 -31.11
N VAL G 108 -44.07 -17.04 -31.04
CA VAL G 108 -43.70 -16.29 -29.85
C VAL G 108 -44.94 -15.57 -29.32
N GLU G 109 -45.17 -15.70 -28.02
CA GLU G 109 -46.28 -15.06 -27.31
C GLU G 109 -45.75 -14.48 -25.99
N ARG G 110 -46.43 -13.46 -25.46
CA ARG G 110 -45.97 -12.83 -24.23
C ARG G 110 -46.19 -13.76 -23.03
N SER G 111 -45.48 -13.46 -21.95
CA SER G 111 -45.50 -14.31 -20.76
C SER G 111 -46.69 -13.99 -19.88
N GLU G 112 -46.88 -14.83 -18.86
CA GLU G 112 -47.88 -14.58 -17.83
C GLU G 112 -47.37 -13.61 -16.76
N GLU G 113 -46.08 -13.32 -16.74
CA GLU G 113 -45.52 -12.33 -15.82
C GLU G 113 -45.56 -10.92 -16.38
N CYS G 114 -46.11 -10.73 -17.58
CA CYS G 114 -46.18 -9.41 -18.21
C CYS G 114 -47.14 -8.47 -17.47
N SER G 115 -48.07 -8.99 -16.70
CA SER G 115 -49.03 -8.17 -15.97
C SER G 115 -48.50 -7.67 -14.64
N ILE G 116 -47.28 -8.05 -14.25
CA ILE G 116 -46.71 -7.67 -12.96
C ILE G 116 -45.54 -6.70 -13.12
N ASP G 117 -44.47 -7.15 -13.80
CA ASP G 117 -43.31 -6.30 -14.04
C ASP G 117 -43.18 -6.06 -15.55
N HIS G 118 -43.51 -4.85 -15.98
CA HIS G 118 -43.34 -4.44 -17.37
C HIS G 118 -42.86 -3.00 -17.40
N ALA G 119 -42.18 -2.63 -18.47
CA ALA G 119 -41.66 -1.29 -18.65
C ALA G 119 -42.60 -0.49 -19.54
N LYS G 120 -43.04 0.66 -19.05
CA LYS G 120 -43.97 1.51 -19.79
C LYS G 120 -43.17 2.58 -20.51
N ALA G 121 -43.36 2.66 -21.83
CA ALA G 121 -42.63 3.59 -22.68
C ALA G 121 -43.51 4.82 -22.92
N TYR G 122 -43.12 5.94 -22.32
CA TYR G 122 -43.90 7.17 -22.39
C TYR G 122 -43.20 8.19 -23.27
N LYS G 123 -44.00 9.03 -23.92
CA LYS G 123 -43.49 10.18 -24.67
C LYS G 123 -43.95 11.44 -23.95
N VAL G 124 -43.00 12.30 -23.60
CA VAL G 124 -43.21 13.41 -22.67
C VAL G 124 -43.44 14.69 -23.47
N HIS G 125 -44.55 15.36 -23.17
CA HIS G 125 -44.87 16.68 -23.72
C HIS G 125 -45.02 17.64 -22.55
N THR G 126 -44.59 18.89 -22.75
CA THR G 126 -44.60 19.88 -21.67
C THR G 126 -46.02 20.23 -21.25
N GLY G 127 -46.21 20.42 -19.95
CA GLY G 127 -47.54 20.61 -19.40
C GLY G 127 -47.65 21.73 -18.39
N THR G 128 -48.30 21.46 -17.26
CA THR G 128 -48.63 22.47 -16.27
C THR G 128 -47.78 22.32 -15.02
N VAL G 129 -47.71 23.41 -14.25
CA VAL G 129 -47.00 23.47 -12.98
C VAL G 129 -48.01 23.93 -11.93
N GLN G 130 -48.02 23.25 -10.78
CA GLN G 130 -48.87 23.66 -9.67
C GLN G 130 -48.08 23.57 -8.36
N ALA G 131 -48.65 24.15 -7.31
CA ALA G 131 -47.97 24.24 -6.02
C ALA G 131 -49.01 24.39 -4.93
N MET G 132 -48.56 24.17 -3.69
CA MET G 132 -49.40 24.38 -2.50
C MET G 132 -48.71 25.45 -1.65
N VAL G 133 -49.48 26.48 -1.27
CA VAL G 133 -48.93 27.69 -0.68
C VAL G 133 -49.62 27.94 0.66
N ASN G 134 -48.82 28.09 1.71
CA ASN G 134 -49.33 28.47 3.04
C ASN G 134 -49.29 29.99 3.17
N ILE G 135 -50.39 30.56 3.66
CA ILE G 135 -50.59 32.00 3.67
C ILE G 135 -51.08 32.44 5.05
N THR G 136 -50.46 33.49 5.60
CA THR G 136 -51.00 34.18 6.76
C THR G 136 -50.69 35.67 6.64
N TYR G 137 -51.51 36.48 7.30
CA TYR G 137 -51.31 37.92 7.35
C TYR G 137 -51.98 38.47 8.61
N GLY G 138 -51.40 39.53 9.16
CA GLY G 138 -51.97 40.20 10.31
C GLY G 138 -52.04 39.34 11.57
N SER G 139 -53.25 38.91 11.93
CA SER G 139 -53.46 38.13 13.13
C SER G 139 -54.08 36.76 12.89
N VAL G 140 -54.62 36.49 11.71
CA VAL G 140 -55.24 35.20 11.44
C VAL G 140 -54.17 34.14 11.22
N SER G 141 -54.52 32.88 11.46
CA SER G 141 -53.57 31.78 11.48
C SER G 141 -53.25 31.30 10.07
N TRP G 142 -52.39 30.28 10.01
CA TRP G 142 -51.99 29.71 8.73
C TRP G 142 -53.07 28.79 8.17
N ARG G 143 -53.45 29.02 6.91
CA ARG G 143 -54.34 28.12 6.18
C ARG G 143 -53.96 28.18 4.72
N SER G 144 -54.12 27.05 4.04
CA SER G 144 -53.49 26.80 2.75
C SER G 144 -54.48 26.14 1.79
N ALA G 145 -54.19 26.28 0.51
CA ALA G 145 -54.95 25.59 -0.54
C ALA G 145 -54.08 25.47 -1.78
N ASP G 146 -54.50 24.61 -2.69
CA ASP G 146 -53.74 24.33 -3.91
C ASP G 146 -53.90 25.48 -4.90
N VAL G 147 -52.78 25.94 -5.46
CA VAL G 147 -52.76 27.02 -6.43
C VAL G 147 -52.17 26.51 -7.75
N TYR G 148 -52.31 27.32 -8.79
CA TYR G 148 -51.80 27.04 -10.12
C TYR G 148 -50.73 28.06 -10.50
N VAL G 149 -49.69 27.58 -11.17
CA VAL G 149 -48.55 28.43 -11.55
C VAL G 149 -48.75 28.82 -13.01
N ASN G 150 -49.45 29.92 -13.22
CA ASN G 150 -49.63 30.52 -14.54
C ASN G 150 -49.84 32.01 -14.34
N GLY G 151 -50.36 32.69 -15.36
CA GLY G 151 -50.67 34.10 -15.22
C GLY G 151 -52.14 34.41 -15.44
N GLU G 152 -53.00 33.40 -15.31
CA GLU G 152 -54.40 33.53 -15.67
C GLU G 152 -55.39 32.97 -14.65
N THR G 153 -54.93 32.31 -13.59
CA THR G 153 -55.82 31.66 -12.64
C THR G 153 -55.62 32.20 -11.23
N PRO G 154 -56.40 33.20 -10.81
CA PRO G 154 -56.41 33.57 -9.38
C PRO G 154 -56.96 32.46 -8.50
N ALA G 155 -56.48 32.42 -7.26
CA ALA G 155 -56.94 31.46 -6.28
C ALA G 155 -57.40 32.20 -5.03
N LYS G 156 -58.54 31.77 -4.49
CA LYS G 156 -59.13 32.39 -3.30
C LYS G 156 -58.59 31.67 -2.07
N ILE G 157 -57.61 32.30 -1.41
CA ILE G 157 -57.02 31.76 -0.19
C ILE G 157 -57.20 32.81 0.89
N GLY G 158 -57.83 32.42 2.01
CA GLY G 158 -58.17 33.38 3.02
C GLY G 158 -59.25 34.32 2.53
N ASP G 159 -59.28 35.52 3.11
CA ASP G 159 -60.15 36.57 2.59
C ASP G 159 -59.54 37.27 1.38
N ALA G 160 -58.26 37.08 1.11
CA ALA G 160 -57.57 37.74 0.02
C ALA G 160 -57.64 36.88 -1.25
N LYS G 161 -57.09 37.40 -2.34
CA LYS G 161 -56.99 36.68 -3.60
C LYS G 161 -55.53 36.67 -4.04
N LEU G 162 -55.01 35.49 -4.33
CA LEU G 162 -53.59 35.30 -4.61
C LEU G 162 -53.41 34.77 -6.03
N ILE G 163 -52.50 35.40 -6.78
CA ILE G 163 -52.14 34.96 -8.12
C ILE G 163 -50.65 34.62 -8.09
N ILE G 164 -50.34 33.33 -8.16
CA ILE G 164 -48.95 32.87 -8.18
C ILE G 164 -48.45 32.93 -9.63
N GLY G 165 -47.43 33.72 -9.87
CA GLY G 165 -46.94 33.97 -11.20
C GLY G 165 -46.16 32.79 -11.75
N PRO G 166 -45.88 32.85 -13.06
CA PRO G 166 -45.18 31.74 -13.72
C PRO G 166 -43.72 31.67 -13.32
N LEU G 167 -43.14 30.49 -13.52
CA LEU G 167 -41.75 30.24 -13.18
C LEU G 167 -40.82 31.01 -14.11
N SER G 168 -39.67 31.41 -13.57
CA SER G 168 -38.70 32.18 -14.34
C SER G 168 -37.98 31.33 -15.38
N SER G 169 -37.88 30.02 -15.14
CA SER G 169 -37.19 29.12 -16.04
C SER G 169 -38.10 27.96 -16.42
N ALA G 170 -38.02 27.53 -17.68
CA ALA G 170 -38.79 26.40 -18.18
C ALA G 170 -38.01 25.09 -18.11
N TRP G 171 -37.10 24.96 -17.15
CA TRP G 171 -36.29 23.76 -17.03
C TRP G 171 -37.11 22.61 -16.48
N SER G 172 -37.00 21.45 -17.12
CA SER G 172 -37.67 20.23 -16.67
C SER G 172 -36.69 19.07 -16.71
N PRO G 173 -36.67 18.22 -15.67
CA PRO G 173 -35.70 17.12 -15.63
C PRO G 173 -36.01 15.98 -16.59
N PHE G 174 -37.22 15.90 -17.13
CA PHE G 174 -37.58 14.80 -18.01
C PHE G 174 -37.09 15.05 -19.42
N ASP G 175 -36.78 13.96 -20.13
CA ASP G 175 -36.41 14.02 -21.53
C ASP G 175 -37.68 13.96 -22.39
N ASN G 176 -37.53 13.78 -23.70
CA ASN G 176 -38.69 13.60 -24.54
C ASN G 176 -39.30 12.21 -24.37
N LYS G 177 -38.45 11.19 -24.22
CA LYS G 177 -38.87 9.80 -24.08
C LYS G 177 -38.36 9.25 -22.76
N VAL G 178 -39.27 8.71 -21.94
CA VAL G 178 -38.91 8.12 -20.65
C VAL G 178 -39.45 6.71 -20.57
N VAL G 179 -38.84 5.93 -19.68
CA VAL G 179 -39.25 4.55 -19.41
C VAL G 179 -39.56 4.45 -17.92
N VAL G 180 -40.76 3.97 -17.59
CA VAL G 180 -41.20 3.81 -16.21
C VAL G 180 -41.20 2.32 -15.89
N TYR G 181 -40.31 1.91 -14.99
CA TYR G 181 -40.23 0.52 -14.53
C TYR G 181 -40.31 0.50 -13.01
N GLY G 182 -41.33 -0.15 -12.48
CA GLY G 182 -41.50 -0.22 -11.04
C GLY G 182 -41.95 1.10 -10.43
N HIS G 183 -41.04 1.75 -9.70
CA HIS G 183 -41.31 3.06 -9.11
C HIS G 183 -40.26 4.09 -9.47
N GLU G 184 -39.42 3.82 -10.47
CA GLU G 184 -38.37 4.74 -10.89
C GLU G 184 -38.44 4.93 -12.40
N VAL G 185 -38.01 6.11 -12.85
CA VAL G 185 -38.05 6.46 -14.26
C VAL G 185 -36.63 6.60 -14.79
N TYR G 186 -36.50 6.49 -16.11
CA TYR G 186 -35.21 6.55 -16.79
C TYR G 186 -35.34 7.42 -18.04
N ASN G 187 -34.23 7.99 -18.46
CA ASN G 187 -34.16 8.74 -19.72
C ASN G 187 -33.57 7.83 -20.79
N TYR G 188 -34.44 7.21 -21.58
CA TYR G 188 -34.05 6.18 -22.53
C TYR G 188 -34.72 6.43 -23.88
N ASP G 189 -34.07 5.98 -24.95
CA ASP G 189 -34.59 6.09 -26.30
C ASP G 189 -35.44 4.86 -26.65
N PHE G 190 -36.24 5.00 -27.71
CA PHE G 190 -37.13 3.93 -28.08
C PHE G 190 -36.79 3.37 -29.45
N PRO G 191 -37.12 2.10 -29.71
CA PRO G 191 -37.18 1.59 -31.08
C PRO G 191 -38.42 2.03 -31.86
N GLU G 192 -39.32 2.80 -31.25
CA GLU G 192 -40.44 3.49 -31.90
C GLU G 192 -41.45 2.53 -32.52
N TYR G 193 -41.59 1.33 -31.91
CA TYR G 193 -42.63 0.34 -32.18
C TYR G 193 -42.54 -0.32 -33.56
N GLY G 194 -41.63 0.13 -34.42
CA GLY G 194 -41.48 -0.48 -35.72
C GLY G 194 -40.24 -1.34 -35.81
N THR G 195 -39.16 -0.86 -35.22
CA THR G 195 -37.89 -1.55 -35.23
C THR G 195 -37.70 -2.36 -33.95
N GLY G 196 -36.74 -3.29 -34.00
CA GLY G 196 -36.36 -4.06 -32.85
C GLY G 196 -35.08 -4.82 -33.13
N LYS G 197 -34.09 -4.68 -32.24
CA LYS G 197 -32.80 -5.31 -32.44
C LYS G 197 -32.74 -6.69 -31.81
N ALA G 198 -33.88 -7.21 -31.34
CA ALA G 198 -34.12 -8.59 -30.89
C ALA G 198 -33.40 -8.98 -29.60
N GLY G 199 -32.54 -8.11 -29.08
CA GLY G 199 -31.86 -8.42 -27.84
C GLY G 199 -31.58 -7.26 -26.91
N SER G 200 -32.08 -6.06 -27.20
CA SER G 200 -31.70 -4.89 -26.41
C SER G 200 -32.89 -4.30 -25.64
N PHE G 201 -33.91 -3.78 -26.32
CA PHE G 201 -35.10 -3.33 -25.59
C PHE G 201 -36.42 -3.61 -26.30
N GLY G 202 -36.45 -3.76 -27.61
CA GLY G 202 -37.71 -3.80 -28.32
C GLY G 202 -37.99 -5.10 -29.03
N ASP G 203 -37.60 -6.22 -28.41
CA ASP G 203 -37.88 -7.53 -28.98
C ASP G 203 -39.31 -7.99 -28.78
N LEU G 204 -40.11 -7.27 -27.96
CA LEU G 204 -41.51 -7.62 -27.76
C LEU G 204 -42.24 -6.34 -27.34
N GLN G 205 -42.99 -5.76 -28.27
CA GLN G 205 -43.73 -4.53 -28.02
C GLN G 205 -45.22 -4.78 -28.21
N SER G 206 -46.01 -4.39 -27.21
CA SER G 206 -47.46 -4.47 -27.26
C SER G 206 -48.03 -3.09 -26.96
N ARG G 207 -49.07 -2.70 -27.70
CA ARG G 207 -49.59 -1.34 -27.62
C ARG G 207 -50.19 -1.02 -26.26
N THR G 208 -50.94 -1.96 -25.68
CA THR G 208 -51.40 -1.83 -24.30
C THR G 208 -50.99 -3.07 -23.52
N SER G 209 -51.45 -3.18 -22.27
CA SER G 209 -51.12 -4.35 -21.46
C SER G 209 -51.93 -5.58 -21.85
N THR G 210 -53.02 -5.41 -22.60
CA THR G 210 -53.87 -6.52 -23.01
C THR G 210 -54.23 -6.43 -24.49
N SER G 211 -53.36 -5.84 -25.29
CA SER G 211 -53.62 -5.71 -26.72
C SER G 211 -53.48 -7.06 -27.42
N ASN G 212 -54.34 -7.29 -28.42
CA ASN G 212 -54.25 -8.53 -29.19
C ASN G 212 -53.06 -8.50 -30.14
N ASP G 213 -52.80 -7.37 -30.78
CA ASP G 213 -51.67 -7.26 -31.69
C ASP G 213 -50.37 -7.17 -30.88
N LEU G 214 -49.32 -7.77 -31.42
CA LEU G 214 -48.05 -7.87 -30.71
C LEU G 214 -46.92 -7.93 -31.73
N TYR G 215 -45.95 -7.03 -31.61
CA TYR G 215 -44.75 -7.08 -32.42
C TYR G 215 -43.67 -7.86 -31.67
N ALA G 216 -42.97 -8.73 -32.39
CA ALA G 216 -41.96 -9.57 -31.78
C ALA G 216 -40.98 -10.04 -32.85
N ASN G 217 -39.73 -9.61 -32.75
CA ASN G 217 -38.62 -10.24 -33.45
C ASN G 217 -37.57 -10.72 -32.46
N THR G 218 -37.22 -12.00 -32.57
CA THR G 218 -36.33 -12.63 -31.60
C THR G 218 -35.34 -13.59 -32.24
N ASN G 219 -35.19 -13.54 -33.56
CA ASN G 219 -34.30 -14.44 -34.27
C ASN G 219 -34.62 -15.91 -34.02
N LEU G 220 -35.91 -16.24 -33.95
CA LEU G 220 -36.31 -17.60 -33.71
C LEU G 220 -36.08 -18.45 -34.96
N LYS G 221 -35.35 -19.54 -34.81
CA LYS G 221 -35.05 -20.43 -35.92
C LYS G 221 -35.28 -21.90 -35.57
N LEU G 222 -35.96 -22.63 -36.44
CA LEU G 222 -36.21 -24.05 -36.21
C LEU G 222 -34.95 -24.89 -36.43
N GLN G 223 -34.84 -25.99 -35.69
CA GLN G 223 -33.69 -26.89 -35.78
C GLN G 223 -34.19 -28.29 -36.09
N ARG G 224 -33.40 -29.08 -36.81
CA ARG G 224 -33.83 -30.41 -37.20
C ARG G 224 -33.86 -31.34 -35.98
N PRO G 225 -34.90 -32.17 -35.84
CA PRO G 225 -34.84 -33.24 -34.84
C PRO G 225 -33.79 -34.27 -35.19
N GLN G 226 -33.24 -34.91 -34.16
CA GLN G 226 -32.07 -35.76 -34.30
C GLN G 226 -32.37 -37.19 -33.89
N ALA G 227 -31.86 -38.13 -34.69
CA ALA G 227 -31.76 -39.56 -34.36
C ALA G 227 -33.11 -40.24 -34.14
N GLY G 228 -34.20 -39.67 -34.65
CA GLY G 228 -35.49 -40.32 -34.57
C GLY G 228 -36.19 -40.23 -33.24
N ILE G 229 -36.32 -39.01 -32.70
CA ILE G 229 -37.16 -38.76 -31.53
C ILE G 229 -38.06 -37.58 -31.85
N VAL G 230 -39.18 -37.51 -31.14
CA VAL G 230 -40.22 -36.53 -31.42
C VAL G 230 -40.04 -35.37 -30.45
N HIS G 231 -39.42 -34.30 -30.93
CA HIS G 231 -39.39 -33.02 -30.23
C HIS G 231 -39.11 -31.93 -31.25
N THR G 232 -39.47 -30.69 -30.89
CA THR G 232 -39.23 -29.55 -31.77
C THR G 232 -38.17 -28.66 -31.15
N PRO G 233 -36.92 -28.71 -31.63
CA PRO G 233 -35.89 -27.80 -31.12
C PRO G 233 -35.81 -26.51 -31.92
N PHE G 234 -35.62 -25.41 -31.20
CA PHE G 234 -35.50 -24.08 -31.81
C PHE G 234 -34.25 -23.41 -31.26
N THR G 235 -33.93 -22.24 -31.83
CA THR G 235 -32.76 -21.47 -31.41
C THR G 235 -33.07 -20.01 -31.58
N GLN G 236 -32.92 -19.23 -30.51
CA GLN G 236 -33.22 -17.81 -30.54
C GLN G 236 -32.32 -17.10 -29.54
N VAL G 237 -32.13 -15.80 -29.75
CA VAL G 237 -31.32 -14.97 -28.87
C VAL G 237 -32.11 -14.75 -27.57
N PRO G 238 -31.44 -14.53 -26.44
CA PRO G 238 -32.16 -14.29 -25.18
C PRO G 238 -32.89 -12.95 -25.18
N SER G 239 -33.66 -12.75 -24.10
CA SER G 239 -34.56 -11.62 -24.03
C SER G 239 -33.82 -10.31 -23.83
N GLY G 240 -34.39 -9.24 -24.38
CA GLY G 240 -33.83 -7.91 -24.21
C GLY G 240 -34.30 -7.24 -22.95
N PHE G 241 -35.44 -7.69 -22.41
CA PHE G 241 -35.91 -7.14 -21.14
C PHE G 241 -35.05 -7.62 -19.97
N GLU G 242 -34.53 -8.84 -20.04
CA GLU G 242 -33.60 -9.29 -19.02
C GLU G 242 -32.24 -8.62 -19.18
N ARG G 243 -31.78 -8.42 -20.42
CA ARG G 243 -30.50 -7.77 -20.66
C ARG G 243 -30.52 -6.30 -20.30
N TRP G 244 -31.66 -5.64 -20.49
CA TRP G 244 -31.81 -4.25 -20.03
C TRP G 244 -31.85 -4.18 -18.51
N LYS G 245 -32.39 -5.21 -17.86
CA LYS G 245 -32.51 -5.19 -16.40
C LYS G 245 -31.18 -5.41 -15.70
N LYS G 246 -30.17 -5.92 -16.40
CA LYS G 246 -28.82 -6.02 -15.86
C LYS G 246 -27.95 -4.84 -16.29
N ASP G 247 -27.87 -4.58 -17.59
CA ASP G 247 -27.09 -3.46 -18.13
C ASP G 247 -27.92 -2.19 -18.07
N LYS G 248 -28.12 -1.70 -16.85
CA LYS G 248 -28.95 -0.53 -16.59
C LYS G 248 -28.14 0.50 -15.82
N GLY G 249 -28.36 1.77 -16.16
CA GLY G 249 -27.70 2.87 -15.49
C GLY G 249 -28.46 3.32 -14.25
N ALA G 250 -28.11 4.50 -13.79
CA ALA G 250 -28.78 5.07 -12.62
C ALA G 250 -30.13 5.67 -13.04
N PRO G 251 -31.15 5.57 -12.18
CA PRO G 251 -32.45 6.17 -12.52
C PRO G 251 -32.39 7.68 -12.41
N LEU G 252 -33.46 8.32 -12.92
CA LEU G 252 -33.50 9.78 -12.94
C LEU G 252 -33.66 10.37 -11.55
N ASN G 253 -34.26 9.63 -10.62
CA ASN G 253 -34.41 10.14 -9.26
C ASN G 253 -33.10 10.16 -8.48
N ASP G 254 -32.06 9.48 -8.98
CA ASP G 254 -30.71 9.57 -8.42
C ASP G 254 -29.79 10.45 -9.26
N VAL G 255 -30.31 11.11 -10.30
CA VAL G 255 -29.48 11.76 -11.30
C VAL G 255 -29.91 13.22 -11.46
N ALA G 256 -31.18 13.51 -11.17
CA ALA G 256 -31.77 14.81 -11.49
C ALA G 256 -31.18 15.91 -10.61
N PRO G 257 -30.84 17.06 -11.18
CA PRO G 257 -30.25 18.15 -10.40
C PRO G 257 -31.32 18.93 -9.65
N PHE G 258 -30.86 19.92 -8.89
CA PHE G 258 -31.67 20.87 -8.09
C PHE G 258 -32.51 20.19 -7.02
N GLY G 259 -32.18 18.96 -6.64
CA GLY G 259 -32.93 18.23 -5.63
C GLY G 259 -34.35 17.87 -6.03
N CYS G 260 -34.54 17.40 -7.27
CA CYS G 260 -35.88 17.12 -7.79
C CYS G 260 -36.28 15.70 -7.42
N SER G 261 -37.07 15.57 -6.37
CA SER G 261 -37.64 14.28 -6.00
C SER G 261 -38.76 13.92 -6.98
N ILE G 262 -38.67 12.72 -7.54
CA ILE G 262 -39.63 12.30 -8.54
C ILE G 262 -40.64 11.27 -8.07
N ALA G 263 -41.90 11.64 -8.21
CA ALA G 263 -43.01 10.75 -7.89
C ALA G 263 -43.53 10.12 -9.19
N LEU G 264 -44.54 9.27 -9.06
CA LEU G 264 -44.88 8.39 -10.17
C LEU G 264 -46.30 8.52 -10.70
N GLU G 265 -47.31 8.61 -9.83
CA GLU G 265 -48.68 8.36 -10.26
C GLU G 265 -49.27 9.48 -11.12
N PRO G 266 -48.99 10.77 -10.89
CA PRO G 266 -49.11 11.76 -11.97
C PRO G 266 -47.80 12.08 -12.68
N LEU G 267 -46.71 11.38 -12.33
CA LEU G 267 -45.36 11.58 -12.87
C LEU G 267 -44.90 13.03 -12.67
N ARG G 268 -44.80 13.44 -11.40
CA ARG G 268 -44.37 14.78 -11.07
C ARG G 268 -42.86 14.82 -10.88
N ALA G 269 -42.35 16.03 -10.65
CA ALA G 269 -40.96 16.26 -10.25
C ALA G 269 -41.03 17.24 -9.08
N GLU G 270 -41.17 16.70 -7.87
CA GLU G 270 -41.51 17.50 -6.71
C GLU G 270 -40.29 18.22 -6.13
N ASN G 271 -40.55 19.42 -5.61
CA ASN G 271 -39.64 20.16 -4.74
C ASN G 271 -38.33 20.54 -5.42
N CYS G 272 -38.40 20.94 -6.68
CA CYS G 272 -37.25 21.53 -7.35
C CYS G 272 -37.06 22.96 -6.90
N ALA G 273 -35.81 23.44 -6.95
CA ALA G 273 -35.45 24.78 -6.49
C ALA G 273 -34.66 25.47 -7.60
N VAL G 274 -35.38 26.15 -8.50
CA VAL G 274 -34.75 26.87 -9.60
C VAL G 274 -35.63 28.08 -9.94
N GLY G 275 -34.96 29.22 -10.20
CA GLY G 275 -35.68 30.42 -10.61
C GLY G 275 -36.35 31.13 -9.45
N SER G 276 -37.34 31.96 -9.81
CA SER G 276 -38.10 32.74 -8.84
C SER G 276 -39.56 32.73 -9.24
N ILE G 277 -40.41 33.14 -8.30
CA ILE G 277 -41.86 33.16 -8.52
C ILE G 277 -42.41 34.55 -8.19
N PRO G 278 -42.94 35.27 -9.17
CA PRO G 278 -43.63 36.54 -8.86
C PRO G 278 -44.95 36.30 -8.16
N ILE G 279 -45.34 37.25 -7.31
CA ILE G 279 -46.54 37.13 -6.49
C ILE G 279 -47.42 38.35 -6.70
N SER G 280 -48.72 38.17 -6.45
CA SER G 280 -49.69 39.27 -6.47
C SER G 280 -50.85 38.86 -5.56
N ILE G 281 -50.89 39.43 -4.36
CA ILE G 281 -51.92 39.14 -3.38
C ILE G 281 -52.64 40.44 -3.04
N ASP G 282 -53.97 40.40 -3.05
CA ASP G 282 -54.82 41.57 -2.80
C ASP G 282 -55.46 41.42 -1.42
N ILE G 283 -54.78 41.92 -0.40
CA ILE G 283 -55.26 41.82 0.99
C ILE G 283 -56.45 42.75 1.17
N PRO G 284 -57.55 42.29 1.75
CA PRO G 284 -58.71 43.17 1.95
C PRO G 284 -58.47 44.20 3.03
N ASP G 285 -59.28 45.26 3.00
CA ASP G 285 -59.14 46.38 3.91
C ASP G 285 -59.62 46.08 5.33
N ALA G 286 -60.24 44.92 5.57
CA ALA G 286 -60.73 44.60 6.90
C ALA G 286 -59.60 44.27 7.87
N ALA G 287 -58.41 43.95 7.38
CA ALA G 287 -57.25 43.67 8.22
C ALA G 287 -56.34 44.87 8.37
N PHE G 288 -56.78 46.06 7.95
CA PHE G 288 -55.98 47.27 8.02
C PHE G 288 -56.49 48.15 9.15
N THR G 289 -55.57 48.60 10.00
CA THR G 289 -55.87 49.52 11.08
C THR G 289 -55.29 50.89 10.77
N ARG G 290 -55.68 51.88 11.58
CA ARG G 290 -55.34 53.26 11.32
C ARG G 290 -54.05 53.66 12.06
N ILE G 291 -53.54 54.85 11.70
CA ILE G 291 -52.38 55.41 12.38
C ILE G 291 -52.74 55.81 13.81
N SER G 292 -53.98 56.24 14.04
CA SER G 292 -54.40 56.68 15.36
C SER G 292 -54.48 55.51 16.34
N GLU G 293 -54.88 54.33 15.87
CA GLU G 293 -55.00 53.18 16.76
C GLU G 293 -53.64 52.61 17.14
N THR G 294 -52.69 52.57 16.19
CA THR G 294 -51.39 52.00 16.51
C THR G 294 -50.56 53.00 17.34
N PRO G 295 -49.77 52.52 18.29
CA PRO G 295 -48.90 53.43 19.04
C PRO G 295 -47.73 53.91 18.22
N THR G 296 -47.19 55.07 18.61
CA THR G 296 -45.97 55.60 18.05
C THR G 296 -44.83 55.41 19.04
N VAL G 297 -43.63 55.20 18.50
CA VAL G 297 -42.45 54.91 19.31
C VAL G 297 -41.34 55.88 18.96
N SER G 298 -40.42 56.06 19.91
CA SER G 298 -39.30 56.96 19.75
C SER G 298 -38.18 56.49 20.68
N ASP G 299 -37.01 57.14 20.52
CA ASP G 299 -35.78 56.87 21.28
C ASP G 299 -35.36 55.40 21.15
N LEU G 300 -35.16 54.99 19.91
CA LEU G 300 -34.78 53.62 19.58
C LEU G 300 -33.27 53.54 19.42
N GLU G 301 -32.62 52.74 20.27
CA GLU G 301 -31.19 52.48 20.16
C GLU G 301 -30.98 50.98 20.23
N CYS G 302 -30.05 50.48 19.41
CA CYS G 302 -29.90 49.04 19.19
C CYS G 302 -28.47 48.60 19.51
N LYS G 303 -28.35 47.44 20.15
CA LYS G 303 -27.05 46.86 20.49
C LYS G 303 -27.10 45.36 20.21
N ILE G 304 -26.10 44.86 19.50
CA ILE G 304 -25.98 43.44 19.20
C ILE G 304 -25.11 42.80 20.27
N THR G 305 -25.65 41.81 20.97
CA THR G 305 -24.93 41.14 22.03
C THR G 305 -24.14 39.93 21.54
N GLU G 306 -24.65 39.20 20.55
CA GLU G 306 -23.97 38.02 20.04
C GLU G 306 -24.40 37.76 18.61
N CYS G 307 -23.43 37.56 17.73
CA CYS G 307 -23.69 37.20 16.34
C CYS G 307 -22.78 36.05 15.93
N THR G 308 -23.29 35.20 15.04
CA THR G 308 -22.55 34.05 14.56
C THR G 308 -22.74 33.92 13.05
N TYR G 309 -21.67 33.51 12.36
CA TYR G 309 -21.66 33.29 10.92
C TYR G 309 -22.48 32.08 10.49
N ALA G 310 -22.91 31.24 11.41
CA ALA G 310 -23.47 29.93 11.09
C ALA G 310 -24.86 30.03 10.47
N PHE G 311 -25.40 28.86 10.12
CA PHE G 311 -26.76 28.75 9.62
C PHE G 311 -27.74 28.80 10.80
N ASP G 312 -29.02 28.59 10.50
CA ASP G 312 -30.18 28.74 11.41
C ASP G 312 -30.14 30.18 11.93
N PHE G 313 -30.45 30.41 13.20
CA PHE G 313 -30.51 31.76 13.76
C PHE G 313 -29.40 31.90 14.81
N GLY G 314 -28.21 32.28 14.36
CA GLY G 314 -27.06 32.43 15.22
C GLY G 314 -26.85 33.80 15.82
N GLY G 315 -27.74 34.74 15.57
CA GLY G 315 -27.61 36.10 16.07
C GLY G 315 -28.72 36.45 17.04
N ILE G 316 -28.37 37.24 18.06
CA ILE G 316 -29.34 37.69 19.06
C ILE G 316 -28.98 39.11 19.46
N ALA G 317 -29.95 40.02 19.39
CA ALA G 317 -29.73 41.42 19.73
C ALA G 317 -30.91 41.93 20.55
N THR G 318 -30.61 42.86 21.45
CA THR G 318 -31.63 43.52 22.27
C THR G 318 -31.71 44.99 21.88
N VAL G 319 -32.94 45.50 21.81
CA VAL G 319 -33.18 46.89 21.43
C VAL G 319 -33.92 47.56 22.59
N ALA G 320 -33.85 48.89 22.63
CA ALA G 320 -34.48 49.69 23.66
C ALA G 320 -35.41 50.69 23.01
N TYR G 321 -36.63 50.82 23.54
CA TYR G 321 -37.65 51.68 22.95
C TYR G 321 -38.24 52.59 24.02
N LYS G 322 -39.13 53.48 23.58
CA LYS G 322 -39.94 54.32 24.46
C LYS G 322 -41.28 54.51 23.77
N SER G 323 -42.24 53.66 24.11
CA SER G 323 -43.51 53.60 23.41
C SER G 323 -44.53 54.54 24.05
N SER G 324 -45.47 55.00 23.23
CA SER G 324 -46.54 55.85 23.74
C SER G 324 -47.56 55.05 24.55
N LYS G 325 -47.93 53.86 24.08
CA LYS G 325 -48.87 53.01 24.78
C LYS G 325 -48.61 51.56 24.38
N ALA G 326 -49.13 50.65 25.19
CA ALA G 326 -48.91 49.22 24.97
C ALA G 326 -49.74 48.74 23.78
N GLY G 327 -49.26 47.66 23.17
CA GLY G 327 -49.92 47.09 22.01
C GLY G 327 -48.98 46.18 21.25
N ASN G 328 -49.44 45.78 20.07
CA ASN G 328 -48.69 44.88 19.19
C ASN G 328 -48.44 45.57 17.86
N CYS G 329 -47.19 45.57 17.42
CA CYS G 329 -46.83 46.03 16.08
C CYS G 329 -45.81 45.05 15.51
N PRO G 330 -45.81 44.83 14.20
CA PRO G 330 -44.83 43.91 13.61
C PRO G 330 -43.46 44.56 13.48
N ILE G 331 -42.45 43.72 13.28
CA ILE G 331 -41.09 44.15 13.00
C ILE G 331 -40.63 43.48 11.72
N HIS G 332 -39.88 44.22 10.91
CA HIS G 332 -39.44 43.72 9.62
C HIS G 332 -38.19 44.47 9.19
N SER G 333 -37.31 43.79 8.47
CA SER G 333 -36.08 44.36 7.95
C SER G 333 -36.14 44.35 6.42
N PRO G 334 -35.99 45.49 5.75
CA PRO G 334 -36.08 45.50 4.29
C PRO G 334 -34.87 44.87 3.60
N SER G 335 -33.67 45.12 4.11
CA SER G 335 -32.47 44.62 3.46
C SER G 335 -32.30 43.12 3.69
N GLY G 336 -31.60 42.48 2.77
CA GLY G 336 -31.36 41.05 2.80
C GLY G 336 -30.18 40.61 3.62
N VAL G 337 -29.62 41.51 4.45
CA VAL G 337 -28.49 41.14 5.31
C VAL G 337 -28.93 40.19 6.41
N ALA G 338 -30.06 40.48 7.05
CA ALA G 338 -30.55 39.70 8.17
C ALA G 338 -32.02 39.35 7.97
N VAL G 339 -32.37 38.09 8.24
CA VAL G 339 -33.76 37.68 8.33
C VAL G 339 -34.16 37.69 9.81
N ILE G 340 -35.47 37.73 10.06
CA ILE G 340 -36.00 37.83 11.41
C ILE G 340 -36.79 36.57 11.73
N LYS G 341 -36.61 36.05 12.94
CA LYS G 341 -37.24 34.80 13.33
C LYS G 341 -38.73 34.96 13.56
N GLU G 342 -39.13 36.01 14.27
CA GLU G 342 -40.53 36.22 14.65
C GLU G 342 -41.05 37.52 14.06
N ASN G 343 -42.37 37.67 14.10
CA ASN G 343 -43.07 38.75 13.41
C ASN G 343 -43.47 39.88 14.34
N ASP G 344 -44.17 39.58 15.44
CA ASP G 344 -44.79 40.61 16.26
C ASP G 344 -44.03 40.83 17.57
N VAL G 345 -44.54 41.71 18.41
CA VAL G 345 -43.95 42.00 19.72
C VAL G 345 -45.06 42.42 20.67
N THR G 346 -44.94 42.00 21.93
CA THR G 346 -45.81 42.48 23.01
C THR G 346 -45.12 43.68 23.65
N LEU G 347 -45.47 44.88 23.20
CA LEU G 347 -44.82 46.08 23.68
C LEU G 347 -45.38 46.50 25.04
N ALA G 348 -44.70 47.44 25.67
CA ALA G 348 -45.11 47.97 26.97
C ALA G 348 -44.70 49.43 27.03
N GLU G 349 -44.71 50.01 28.23
CA GLU G 349 -44.34 51.40 28.44
C GLU G 349 -42.90 51.44 28.94
N SER G 350 -41.99 51.88 28.05
CA SER G 350 -40.56 52.10 28.33
C SER G 350 -39.88 50.83 28.83
N GLY G 351 -39.86 49.81 27.97
CA GLY G 351 -39.19 48.57 28.29
C GLY G 351 -38.13 48.20 27.27
N SER G 352 -37.86 46.91 27.11
CA SER G 352 -36.90 46.42 26.14
C SER G 352 -37.19 44.96 25.83
N PHE G 353 -37.00 44.57 24.56
CA PHE G 353 -37.13 43.18 24.16
C PHE G 353 -35.93 42.77 23.31
N THR G 354 -35.77 41.46 23.16
CA THR G 354 -34.70 40.86 22.37
C THR G 354 -35.32 40.12 21.18
N PHE G 355 -34.58 40.08 20.07
CA PHE G 355 -35.01 39.34 18.90
C PHE G 355 -33.83 38.57 18.32
N HIS G 356 -34.12 37.49 17.61
CA HIS G 356 -33.12 36.63 17.01
C HIS G 356 -33.07 36.85 15.51
N PHE G 357 -31.86 36.94 14.96
CA PHE G 357 -31.70 37.17 13.52
C PHE G 357 -30.67 36.21 12.93
N SER G 358 -30.34 36.39 11.65
CA SER G 358 -29.46 35.46 10.94
C SER G 358 -28.80 36.19 9.78
N THR G 359 -27.48 36.36 9.86
CA THR G 359 -26.72 37.01 8.81
C THR G 359 -25.71 36.05 8.19
N ALA G 360 -25.17 36.47 7.05
CA ALA G 360 -24.03 35.82 6.42
C ALA G 360 -22.88 36.81 6.24
N ASN G 361 -22.81 37.81 7.11
CA ASN G 361 -21.82 38.87 7.05
C ASN G 361 -20.98 38.88 8.33
N ILE G 362 -19.73 39.30 8.20
CA ILE G 362 -18.90 39.53 9.38
C ILE G 362 -19.42 40.75 10.15
N HIS G 363 -19.68 41.84 9.44
CA HIS G 363 -20.22 43.06 10.03
C HIS G 363 -21.59 43.35 9.45
N PRO G 364 -22.68 43.00 10.14
CA PRO G 364 -24.02 43.29 9.60
C PRO G 364 -24.39 44.74 9.88
N ALA G 365 -24.64 45.49 8.82
CA ALA G 365 -25.14 46.86 8.90
C ALA G 365 -26.63 46.92 8.57
N PHE G 366 -27.36 45.89 8.99
CA PHE G 366 -28.76 45.76 8.65
C PHE G 366 -29.63 46.75 9.44
N LYS G 367 -30.86 46.89 9.00
CA LYS G 367 -31.78 47.91 9.51
C LYS G 367 -33.18 47.31 9.55
N LEU G 368 -33.90 47.55 10.64
CA LEU G 368 -35.24 47.01 10.81
C LEU G 368 -36.18 48.11 11.31
N GLN G 369 -37.46 47.93 11.01
CA GLN G 369 -38.50 48.87 11.39
C GLN G 369 -39.33 48.29 12.53
N VAL G 370 -39.69 49.13 13.49
CA VAL G 370 -40.58 48.76 14.58
C VAL G 370 -41.65 49.84 14.75
N CYS G 371 -42.93 49.42 14.63
CA CYS G 371 -44.11 50.29 14.76
C CYS G 371 -44.05 51.51 13.84
N THR G 372 -43.87 51.24 12.53
CA THR G 372 -43.53 52.18 11.44
C THR G 372 -42.58 53.31 11.88
N SER G 373 -41.47 52.90 12.50
CA SER G 373 -40.40 53.80 12.88
C SER G 373 -39.07 53.08 12.64
N ALA G 374 -38.01 53.87 12.42
CA ALA G 374 -36.75 53.37 11.90
C ALA G 374 -35.66 53.32 12.95
N VAL G 375 -34.82 52.29 12.86
CA VAL G 375 -33.63 52.15 13.69
C VAL G 375 -32.66 51.25 12.93
N THR G 376 -31.36 51.43 13.19
CA THR G 376 -30.31 50.65 12.56
C THR G 376 -29.52 49.88 13.62
N CYS G 377 -28.88 48.80 13.18
CA CYS G 377 -28.09 47.94 14.06
C CYS G 377 -26.76 47.61 13.40
N LYS G 378 -25.69 47.65 14.19
CA LYS G 378 -24.35 47.30 13.74
C LYS G 378 -23.70 46.38 14.76
N GLY G 379 -22.75 45.57 14.29
CA GLY G 379 -22.07 44.66 15.18
C GLY G 379 -21.02 43.85 14.47
N ASP G 380 -20.50 42.85 15.16
CA ASP G 380 -19.47 41.95 14.65
C ASP G 380 -19.91 40.51 14.87
N CYS G 381 -19.39 39.61 14.03
CA CYS G 381 -19.71 38.19 14.09
C CYS G 381 -18.45 37.36 14.02
N LYS G 382 -18.54 36.13 14.54
CA LYS G 382 -17.45 35.18 14.60
C LYS G 382 -17.75 33.95 13.76
N PRO G 383 -16.74 33.29 13.21
CA PRO G 383 -16.98 32.06 12.47
C PRO G 383 -17.40 30.93 13.39
N PRO G 384 -18.18 29.97 12.91
CA PRO G 384 -18.64 28.87 13.75
C PRO G 384 -17.66 27.69 13.75
N LYS G 385 -17.91 26.76 14.65
CA LYS G 385 -17.10 25.56 14.77
C LYS G 385 -17.66 24.36 14.03
N ASP G 386 -18.94 24.41 13.64
CA ASP G 386 -19.54 23.31 12.91
C ASP G 386 -19.02 23.27 11.47
N HIS G 387 -18.75 22.07 10.98
CA HIS G 387 -18.25 21.87 9.63
C HIS G 387 -19.34 21.48 8.63
N ILE G 388 -20.26 20.59 9.04
CA ILE G 388 -21.33 20.12 8.18
C ILE G 388 -22.61 20.05 9.02
N VAL G 389 -23.69 20.64 8.48
CA VAL G 389 -24.98 20.64 9.17
C VAL G 389 -26.00 19.94 8.28
N ASP G 390 -27.13 19.59 8.88
CA ASP G 390 -28.17 18.82 8.21
C ASP G 390 -29.37 19.66 7.78
N TYR G 391 -29.26 20.98 7.86
CA TYR G 391 -30.35 21.87 7.49
C TYR G 391 -29.84 22.96 6.55
N PRO G 392 -30.68 23.42 5.63
CA PRO G 392 -30.22 24.45 4.67
C PRO G 392 -30.14 25.82 5.32
N ALA G 393 -29.55 26.75 4.57
CA ALA G 393 -29.32 28.10 5.08
C ALA G 393 -30.61 28.91 5.11
N GLN G 394 -30.76 29.74 6.14
CA GLN G 394 -31.91 30.63 6.25
C GLN G 394 -31.65 32.01 5.64
N HIS G 395 -30.40 32.37 5.43
CA HIS G 395 -30.04 33.67 4.91
C HIS G 395 -29.69 33.58 3.42
N THR G 396 -29.19 34.69 2.87
CA THR G 396 -28.75 34.74 1.47
C THR G 396 -27.33 35.26 1.45
N GLU G 397 -26.42 34.48 0.88
CA GLU G 397 -25.01 34.87 0.81
C GLU G 397 -24.80 35.81 -0.37
N SER G 398 -24.19 36.96 -0.08
CA SER G 398 -23.96 38.00 -1.08
C SER G 398 -22.47 38.01 -1.47
N PHE G 399 -22.11 38.98 -2.30
CA PHE G 399 -20.75 39.09 -2.81
C PHE G 399 -19.84 39.90 -1.88
N THR G 400 -20.35 40.97 -1.29
CA THR G 400 -19.59 41.81 -0.38
C THR G 400 -19.74 41.39 1.07
N SER G 401 -20.42 40.27 1.34
CA SER G 401 -20.69 39.84 2.71
C SER G 401 -19.45 39.26 3.39
N ALA G 402 -18.44 38.85 2.62
CA ALA G 402 -17.26 38.19 3.18
C ALA G 402 -16.13 39.16 3.50
N ILE G 403 -16.30 40.45 3.24
CA ILE G 403 -15.22 41.42 3.40
C ILE G 403 -15.20 41.90 4.84
N SER G 404 -14.09 41.63 5.54
CA SER G 404 -13.90 42.12 6.89
C SER G 404 -13.41 43.57 6.88
N ALA G 405 -13.49 44.21 8.04
CA ALA G 405 -13.11 45.62 8.14
C ALA G 405 -11.61 45.81 8.05
N THR G 406 -10.83 44.79 8.43
CA THR G 406 -9.38 44.87 8.28
C THR G 406 -8.98 44.83 6.81
N ALA G 407 -9.55 43.89 6.05
CA ALA G 407 -9.23 43.77 4.64
C ALA G 407 -9.88 44.86 3.80
N TRP G 408 -10.96 45.49 4.30
CA TRP G 408 -11.57 46.58 3.56
C TRP G 408 -10.72 47.85 3.62
N SER G 409 -9.99 48.05 4.73
CA SER G 409 -9.05 49.15 4.80
C SER G 409 -7.80 48.89 3.99
N TRP G 410 -7.45 47.61 3.79
CA TRP G 410 -6.30 47.28 2.97
C TRP G 410 -6.56 47.56 1.50
N ILE G 411 -7.78 47.30 1.02
CA ILE G 411 -8.13 47.57 -0.37
C ILE G 411 -8.68 48.98 -0.56
N LYS G 412 -8.74 49.79 0.48
CA LYS G 412 -9.09 51.19 0.35
C LYS G 412 -7.88 52.09 0.14
N VAL G 413 -6.67 51.56 0.32
CA VAL G 413 -5.46 52.33 0.06
C VAL G 413 -4.72 51.84 -1.18
N LEU G 414 -4.98 50.61 -1.65
CA LEU G 414 -4.40 50.14 -2.91
C LEU G 414 -5.14 50.69 -4.12
N VAL G 415 -6.36 51.19 -3.95
CA VAL G 415 -7.11 51.81 -5.03
C VAL G 415 -7.40 53.28 -4.77
N GLY G 416 -7.26 53.75 -3.53
CA GLY G 416 -7.52 55.14 -3.21
C GLY G 416 -6.27 56.01 -3.25
N GLY G 417 -5.20 55.55 -2.58
CA GLY G 417 -3.98 56.34 -2.53
C GLY G 417 -3.18 56.25 -3.83
N THR G 418 -3.23 55.10 -4.51
CA THR G 418 -2.49 54.96 -5.76
C THR G 418 -3.13 55.75 -6.89
N SER G 419 -4.46 55.68 -7.01
CA SER G 419 -5.15 56.39 -8.09
C SER G 419 -5.15 57.90 -7.87
N ALA G 420 -5.07 58.36 -6.62
CA ALA G 420 -4.91 59.77 -6.35
C ALA G 420 -3.46 60.23 -6.48
N PHE G 421 -2.51 59.30 -6.48
CA PHE G 421 -1.11 59.66 -6.70
C PHE G 421 -0.86 60.00 -8.17
N ILE G 422 -1.56 59.33 -9.09
CA ILE G 422 -1.51 59.68 -10.50
C ILE G 422 -2.11 61.07 -10.73
N VAL G 423 -3.14 61.42 -9.96
CA VAL G 423 -3.71 62.76 -10.00
C VAL G 423 -2.69 63.79 -9.53
N LEU G 424 -1.90 63.45 -8.50
CA LEU G 424 -0.78 64.28 -8.09
C LEU G 424 0.29 64.34 -9.17
N GLY G 425 0.54 63.21 -9.85
CA GLY G 425 1.50 63.21 -10.94
C GLY G 425 1.02 63.96 -12.17
N LEU G 426 -0.28 63.94 -12.43
CA LEU G 426 -0.82 64.59 -13.63
C LEU G 426 -0.87 66.10 -13.51
N ILE G 427 -1.11 66.63 -12.30
CA ILE G 427 -1.18 68.08 -12.13
C ILE G 427 0.21 68.72 -12.14
N ALA G 428 1.27 67.93 -11.98
CA ALA G 428 2.62 68.46 -12.12
C ALA G 428 2.90 68.85 -13.57
N THR G 429 2.35 68.08 -14.52
CA THR G 429 2.43 68.46 -15.92
C THR G 429 1.54 69.67 -16.22
N ALA G 430 0.41 69.78 -15.52
CA ALA G 430 -0.51 70.90 -15.74
C ALA G 430 0.06 72.21 -15.23
N VAL G 431 0.97 72.18 -14.25
CA VAL G 431 1.57 73.39 -13.73
C VAL G 431 2.94 73.70 -14.35
N VAL G 432 3.61 72.70 -14.93
CA VAL G 432 4.88 72.99 -15.59
C VAL G 432 4.66 73.63 -16.95
N ALA G 433 3.46 73.46 -17.54
CA ALA G 433 3.15 74.17 -18.77
C ALA G 433 2.84 75.64 -18.51
N LEU G 434 2.36 75.96 -17.30
CA LEU G 434 2.08 77.35 -16.95
C LEU G 434 3.36 78.12 -16.64
N VAL G 435 4.33 77.46 -16.01
CA VAL G 435 5.60 78.10 -15.72
C VAL G 435 6.41 78.33 -17.01
N LEU G 436 6.40 77.33 -17.91
CA LEU G 436 7.13 77.47 -19.15
C LEU G 436 6.47 78.47 -20.10
N PHE G 437 5.15 78.64 -20.00
CA PHE G 437 4.48 79.69 -20.77
C PHE G 437 4.84 81.07 -20.22
N PHE G 438 5.00 81.18 -18.90
CA PHE G 438 5.33 82.46 -18.29
C PHE G 438 6.79 82.85 -18.55
N HIS G 439 7.64 81.91 -18.96
CA HIS G 439 8.98 82.25 -19.39
C HIS G 439 8.96 83.05 -20.69
N ARG G 440 8.02 82.75 -21.58
CA ARG G 440 7.92 83.47 -22.84
C ARG G 440 7.37 84.88 -22.64
N HIS G 441 6.14 84.97 -22.16
CA HIS G 441 5.47 86.26 -21.98
C HIS G 441 4.33 86.14 -20.97
N ASP H 1 -64.06 -24.24 -2.74
CA ASP H 1 -64.15 -25.68 -2.52
C ASP H 1 -63.09 -26.42 -3.32
N LEU H 2 -62.76 -27.65 -2.89
CA LEU H 2 -61.68 -28.39 -3.53
C LEU H 2 -62.11 -28.96 -4.88
N ASP H 3 -63.39 -29.27 -5.05
CA ASP H 3 -63.86 -29.81 -6.32
C ASP H 3 -63.98 -28.75 -7.42
N THR H 4 -63.96 -27.47 -7.05
CA THR H 4 -64.10 -26.41 -8.05
C THR H 4 -62.85 -26.29 -8.90
N HIS H 5 -61.67 -26.44 -8.30
CA HIS H 5 -60.42 -26.29 -9.04
C HIS H 5 -60.03 -27.54 -9.81
N PHE H 6 -60.75 -28.64 -9.64
CA PHE H 6 -60.46 -29.90 -10.34
C PHE H 6 -61.54 -30.25 -11.35
N THR H 7 -62.35 -29.28 -11.77
CA THR H 7 -63.47 -29.55 -12.67
C THR H 7 -63.03 -29.74 -14.11
N GLN H 8 -61.78 -29.42 -14.46
CA GLN H 8 -61.26 -29.64 -15.79
C GLN H 8 -60.03 -30.53 -15.81
N TYR H 9 -59.34 -30.71 -14.69
CA TYR H 9 -58.22 -31.63 -14.61
C TYR H 9 -58.66 -33.08 -14.45
N LYS H 10 -59.91 -33.30 -14.09
CA LYS H 10 -60.43 -34.64 -13.97
C LYS H 10 -60.45 -35.34 -15.34
N LEU H 11 -60.73 -34.56 -16.38
CA LEU H 11 -60.92 -35.08 -17.73
C LEU H 11 -59.61 -35.33 -18.47
N ALA H 12 -58.49 -35.01 -17.83
CA ALA H 12 -57.18 -35.14 -18.44
C ALA H 12 -56.43 -36.34 -17.85
N ARG H 13 -55.40 -36.76 -18.56
CA ARG H 13 -54.62 -37.93 -18.21
C ARG H 13 -53.14 -37.61 -18.35
N PRO H 14 -52.28 -38.32 -17.61
CA PRO H 14 -50.84 -38.20 -17.84
C PRO H 14 -50.44 -38.86 -19.16
N TYR H 15 -49.26 -38.48 -19.64
CA TYR H 15 -48.74 -39.02 -20.88
C TYR H 15 -47.24 -39.30 -20.71
N ILE H 16 -46.72 -40.12 -21.61
CA ILE H 16 -45.31 -40.51 -21.61
C ILE H 16 -44.63 -39.79 -22.77
N ALA H 17 -43.65 -38.96 -22.44
CA ALA H 17 -42.89 -38.22 -23.44
C ALA H 17 -41.40 -38.34 -23.12
N ASP H 18 -40.58 -38.19 -24.15
CA ASP H 18 -39.14 -38.35 -23.97
C ASP H 18 -38.55 -37.14 -23.25
N CYS H 19 -37.45 -37.37 -22.55
CA CYS H 19 -36.73 -36.33 -21.84
C CYS H 19 -35.26 -36.73 -21.81
N PRO H 20 -34.34 -35.76 -21.88
CA PRO H 20 -32.92 -36.12 -21.80
C PRO H 20 -32.54 -36.48 -20.38
N ASN H 21 -31.54 -37.38 -20.27
CA ASN H 21 -30.84 -37.72 -19.04
C ASN H 21 -31.78 -38.29 -17.97
N CYS H 22 -32.44 -39.39 -18.32
CA CYS H 22 -33.21 -40.17 -17.34
C CYS H 22 -32.28 -40.74 -16.28
N GLY H 23 -31.46 -41.68 -16.73
CA GLY H 23 -30.35 -42.25 -16.00
C GLY H 23 -29.10 -41.80 -16.73
N HIS H 24 -28.62 -42.66 -17.63
CA HIS H 24 -27.49 -42.33 -18.49
C HIS H 24 -27.87 -42.02 -19.93
N SER H 25 -28.98 -42.57 -20.44
CA SER H 25 -29.17 -42.60 -21.90
C SER H 25 -30.60 -42.25 -22.32
N ARG H 26 -31.18 -41.21 -21.70
CA ARG H 26 -32.33 -40.41 -22.20
C ARG H 26 -33.54 -41.24 -22.64
N CYS H 27 -34.20 -41.87 -21.66
CA CYS H 27 -35.30 -42.76 -21.98
C CYS H 27 -36.57 -41.96 -22.31
N ASP H 28 -37.67 -42.68 -22.45
CA ASP H 28 -39.01 -42.10 -22.44
C ASP H 28 -39.63 -42.38 -21.08
N SER H 29 -40.05 -41.34 -20.38
CA SER H 29 -40.46 -41.47 -19.00
C SER H 29 -41.82 -40.83 -18.78
N PRO H 30 -42.59 -41.32 -17.79
CA PRO H 30 -43.82 -40.61 -17.41
C PRO H 30 -43.57 -39.21 -16.87
N ILE H 31 -42.42 -38.98 -16.24
CA ILE H 31 -42.02 -37.65 -15.82
C ILE H 31 -41.24 -37.01 -16.96
N ALA H 32 -41.63 -35.79 -17.34
CA ALA H 32 -40.96 -35.06 -18.41
C ALA H 32 -41.03 -33.58 -18.09
N ILE H 33 -39.90 -33.00 -17.73
CA ILE H 33 -39.85 -31.61 -17.27
C ILE H 33 -39.93 -30.68 -18.49
N GLU H 34 -40.96 -29.84 -18.53
CA GLU H 34 -41.11 -28.82 -19.55
C GLU H 34 -41.36 -27.48 -18.88
N GLU H 35 -40.70 -26.43 -19.40
CA GLU H 35 -40.96 -25.03 -19.07
C GLU H 35 -40.77 -24.74 -17.57
N VAL H 36 -39.52 -24.85 -17.14
CA VAL H 36 -39.16 -24.39 -15.80
C VAL H 36 -39.25 -22.87 -15.78
N ARG H 37 -39.99 -22.34 -14.81
CA ARG H 37 -40.24 -20.91 -14.71
C ARG H 37 -39.59 -20.40 -13.45
N GLY H 38 -38.53 -19.60 -13.60
CA GLY H 38 -37.77 -19.13 -12.46
C GLY H 38 -37.55 -17.63 -12.46
N ASP H 39 -38.56 -16.86 -12.87
CA ASP H 39 -38.47 -15.41 -12.91
C ASP H 39 -38.94 -14.77 -11.61
N ALA H 40 -38.82 -15.53 -10.50
CA ALA H 40 -39.16 -15.14 -9.11
C ALA H 40 -38.09 -14.29 -8.38
N HIS H 41 -38.38 -13.82 -7.16
CA HIS H 41 -37.49 -12.95 -6.41
C HIS H 41 -36.97 -13.55 -5.12
N ALA H 42 -37.36 -14.79 -4.85
CA ALA H 42 -36.94 -15.50 -3.65
C ALA H 42 -36.30 -16.85 -3.97
N GLY H 43 -36.09 -17.12 -5.25
CA GLY H 43 -35.53 -18.40 -5.69
C GLY H 43 -36.57 -19.48 -5.89
N VAL H 44 -37.84 -19.14 -5.68
CA VAL H 44 -38.95 -20.08 -5.87
C VAL H 44 -39.14 -20.36 -7.36
N ILE H 45 -39.56 -21.56 -7.71
CA ILE H 45 -39.75 -21.91 -9.12
C ILE H 45 -40.99 -22.77 -9.26
N ARG H 46 -41.48 -22.85 -10.49
CA ARG H 46 -42.64 -23.66 -10.84
C ARG H 46 -42.28 -24.58 -12.00
N ILE H 47 -42.50 -25.88 -11.83
CA ILE H 47 -42.11 -26.89 -12.80
C ILE H 47 -43.37 -27.55 -13.34
N GLN H 48 -43.48 -27.65 -14.66
CA GLN H 48 -44.57 -28.36 -15.32
C GLN H 48 -44.05 -29.69 -15.82
N THR H 49 -44.75 -30.76 -15.47
CA THR H 49 -44.36 -32.11 -15.87
C THR H 49 -45.51 -32.77 -16.63
N SER H 50 -45.33 -34.07 -16.92
CA SER H 50 -46.35 -34.85 -17.61
C SER H 50 -47.18 -35.71 -16.68
N ALA H 51 -46.72 -35.94 -15.45
CA ALA H 51 -47.49 -36.70 -14.49
C ALA H 51 -48.60 -35.85 -13.87
N MET H 52 -49.45 -36.48 -13.08
CA MET H 52 -50.58 -35.82 -12.44
C MET H 52 -50.44 -35.94 -10.93
N PHE H 53 -50.50 -34.81 -10.25
CA PHE H 53 -50.37 -34.73 -8.80
C PHE H 53 -51.69 -34.29 -8.20
N GLY H 54 -52.03 -34.86 -7.04
CA GLY H 54 -53.29 -34.55 -6.42
C GLY H 54 -54.49 -35.11 -7.13
N LEU H 55 -54.33 -36.20 -7.87
CA LEU H 55 -55.41 -36.77 -8.66
C LEU H 55 -55.22 -38.27 -8.80
N LYS H 56 -56.34 -38.96 -9.03
CA LYS H 56 -56.32 -40.38 -9.33
C LYS H 56 -57.52 -40.67 -10.22
N THR H 57 -57.89 -41.94 -10.30
CA THR H 57 -59.09 -42.36 -11.03
C THR H 57 -60.35 -41.83 -10.37
N ASP H 58 -60.30 -41.59 -9.06
CA ASP H 58 -61.43 -41.03 -8.32
C ASP H 58 -61.32 -39.51 -8.21
N GLY H 59 -60.25 -39.03 -7.61
CA GLY H 59 -59.95 -37.61 -7.60
C GLY H 59 -60.12 -36.93 -6.26
N VAL H 60 -60.18 -35.59 -6.32
CA VAL H 60 -60.24 -34.58 -5.25
C VAL H 60 -59.56 -34.98 -3.94
N ASP H 61 -58.33 -35.49 -4.03
CA ASP H 61 -57.53 -35.78 -2.85
C ASP H 61 -56.11 -35.31 -3.09
N LEU H 62 -55.49 -34.79 -2.03
CA LEU H 62 -54.20 -34.12 -2.14
C LEU H 62 -53.04 -34.97 -1.62
N ALA H 63 -53.17 -36.29 -1.67
CA ALA H 63 -52.08 -37.17 -1.24
C ALA H 63 -51.87 -38.35 -2.17
N TYR H 64 -52.43 -38.31 -3.38
CA TYR H 64 -52.28 -39.38 -4.35
C TYR H 64 -51.80 -38.81 -5.68
N MET H 65 -51.11 -39.67 -6.43
CA MET H 65 -50.43 -39.28 -7.67
C MET H 65 -50.86 -40.23 -8.77
N SER H 66 -51.19 -39.67 -9.94
CA SER H 66 -51.57 -40.46 -11.10
C SER H 66 -50.51 -40.33 -12.18
N PHE H 67 -50.01 -41.47 -12.66
CA PHE H 67 -49.13 -41.54 -13.82
C PHE H 67 -49.52 -42.77 -14.62
N MET H 68 -48.85 -42.99 -15.75
CA MET H 68 -49.16 -44.14 -16.57
C MET H 68 -47.88 -44.79 -17.07
N ASN H 69 -47.92 -46.13 -17.16
CA ASN H 69 -46.87 -46.92 -17.80
C ASN H 69 -47.52 -47.79 -18.86
N GLY H 70 -46.95 -47.78 -20.06
CA GLY H 70 -47.59 -48.44 -21.18
C GLY H 70 -48.84 -47.72 -21.62
N LYS H 71 -50.00 -48.33 -21.40
CA LYS H 71 -51.28 -47.70 -21.71
C LYS H 71 -52.25 -47.69 -20.55
N THR H 72 -51.84 -48.14 -19.37
CA THR H 72 -52.70 -48.21 -18.19
C THR H 72 -52.32 -47.10 -17.22
N GLN H 73 -53.28 -46.25 -16.88
CA GLN H 73 -53.05 -45.18 -15.92
C GLN H 73 -53.05 -45.75 -14.51
N LYS H 74 -52.01 -45.41 -13.74
CA LYS H 74 -51.83 -45.93 -12.40
C LYS H 74 -52.24 -44.90 -11.36
N SER H 75 -52.10 -45.27 -10.09
CA SER H 75 -52.42 -44.39 -8.97
C SER H 75 -51.56 -44.82 -7.80
N ILE H 76 -50.63 -43.95 -7.38
CA ILE H 76 -49.59 -44.30 -6.42
C ILE H 76 -49.52 -43.22 -5.36
N LYS H 77 -49.50 -43.63 -4.09
CA LYS H 77 -49.34 -42.70 -2.98
C LYS H 77 -47.96 -42.06 -3.01
N ILE H 78 -47.92 -40.75 -2.80
CA ILE H 78 -46.66 -40.01 -2.80
C ILE H 78 -45.90 -40.33 -1.52
N ASP H 79 -44.77 -41.01 -1.65
CA ASP H 79 -43.92 -41.32 -0.52
C ASP H 79 -42.58 -40.59 -0.56
N ASN H 80 -41.96 -40.47 -1.73
CA ASN H 80 -40.72 -39.71 -1.89
C ASN H 80 -40.75 -39.02 -3.24
N LEU H 81 -41.25 -37.79 -3.26
CA LEU H 81 -41.19 -36.92 -4.43
C LEU H 81 -40.24 -35.77 -4.11
N HIS H 82 -39.18 -35.63 -4.90
CA HIS H 82 -38.11 -34.70 -4.57
C HIS H 82 -37.74 -33.85 -5.78
N VAL H 83 -37.40 -32.60 -5.52
CA VAL H 83 -36.87 -31.68 -6.54
C VAL H 83 -35.44 -31.33 -6.13
N ARG H 84 -34.50 -31.49 -7.05
CA ARG H 84 -33.09 -31.27 -6.77
C ARG H 84 -32.49 -30.41 -7.87
N THR H 85 -31.83 -29.32 -7.48
CA THR H 85 -31.10 -28.47 -8.41
C THR H 85 -29.60 -28.63 -8.27
N SER H 86 -29.06 -28.33 -7.08
CA SER H 86 -27.73 -28.75 -6.67
C SER H 86 -27.70 -29.26 -5.24
N ALA H 87 -28.66 -28.87 -4.42
CA ALA H 87 -28.98 -29.36 -3.09
C ALA H 87 -30.47 -29.70 -3.09
N PRO H 88 -30.90 -30.63 -2.24
CA PRO H 88 -32.33 -31.01 -2.23
C PRO H 88 -33.23 -29.85 -1.80
N CYS H 89 -34.12 -29.47 -2.72
CA CYS H 89 -35.07 -28.39 -2.49
C CYS H 89 -36.21 -28.84 -1.59
N SER H 90 -37.00 -27.88 -1.16
CA SER H 90 -38.21 -28.12 -0.37
C SER H 90 -39.39 -27.64 -1.20
N LEU H 91 -40.16 -28.57 -1.75
CA LEU H 91 -41.28 -28.21 -2.60
C LEU H 91 -42.43 -27.66 -1.76
N VAL H 92 -43.12 -26.66 -2.30
CA VAL H 92 -44.18 -25.98 -1.58
C VAL H 92 -45.48 -26.75 -1.69
N SER H 93 -45.93 -26.99 -2.92
CA SER H 93 -47.19 -27.69 -3.17
C SER H 93 -47.15 -28.31 -4.55
N HIS H 94 -48.26 -28.95 -4.93
CA HIS H 94 -48.38 -29.60 -6.23
C HIS H 94 -49.86 -29.64 -6.61
N HIS H 95 -50.13 -29.45 -7.90
CA HIS H 95 -51.51 -29.45 -8.40
C HIS H 95 -51.50 -29.75 -9.89
N GLY H 96 -52.10 -30.87 -10.28
CA GLY H 96 -52.25 -31.21 -11.68
C GLY H 96 -50.95 -31.55 -12.37
N TYR H 97 -50.57 -30.74 -13.36
CA TYR H 97 -49.33 -30.91 -14.10
C TYR H 97 -48.15 -30.18 -13.47
N TYR H 98 -48.37 -29.49 -12.35
CA TYR H 98 -47.43 -28.48 -11.88
C TYR H 98 -46.91 -28.79 -10.49
N ILE H 99 -45.63 -28.51 -10.27
CA ILE H 99 -44.98 -28.60 -8.97
C ILE H 99 -44.42 -27.23 -8.62
N LEU H 100 -44.66 -26.77 -7.40
CA LEU H 100 -44.07 -25.55 -6.90
C LEU H 100 -42.96 -25.90 -5.91
N ALA H 101 -41.78 -25.32 -6.11
CA ALA H 101 -40.61 -25.65 -5.32
C ALA H 101 -39.80 -24.40 -5.00
N GLN H 102 -38.96 -24.51 -3.99
CA GLN H 102 -38.08 -23.43 -3.55
C GLN H 102 -36.65 -23.98 -3.56
N CYS H 103 -35.83 -23.48 -4.49
CA CYS H 103 -34.58 -24.18 -4.78
C CYS H 103 -33.37 -23.28 -4.63
N PRO H 104 -32.24 -23.84 -4.21
CA PRO H 104 -30.96 -23.12 -4.30
C PRO H 104 -30.52 -23.04 -5.75
N PRO H 105 -29.64 -22.09 -6.09
CA PRO H 105 -29.20 -21.94 -7.48
C PRO H 105 -28.35 -23.10 -7.98
N GLY H 106 -28.30 -23.24 -9.30
CA GLY H 106 -27.55 -24.31 -9.92
C GLY H 106 -27.76 -24.28 -11.43
N ASP H 107 -27.35 -25.37 -12.07
CA ASP H 107 -27.40 -25.47 -13.52
C ASP H 107 -28.34 -26.54 -14.06
N THR H 108 -28.86 -27.43 -13.20
CA THR H 108 -29.76 -28.50 -13.63
C THR H 108 -31.05 -28.43 -12.83
N VAL H 109 -32.05 -29.15 -13.32
CA VAL H 109 -33.31 -29.30 -12.63
C VAL H 109 -33.58 -30.81 -12.65
N THR H 110 -33.84 -31.40 -11.49
CA THR H 110 -34.09 -32.84 -11.40
C THR H 110 -35.32 -33.08 -10.54
N VAL H 111 -36.23 -33.90 -11.04
CA VAL H 111 -37.40 -34.33 -10.28
C VAL H 111 -37.57 -35.84 -10.50
N GLY H 112 -38.15 -36.51 -9.52
CA GLY H 112 -38.30 -37.95 -9.58
C GLY H 112 -39.23 -38.43 -8.49
N PHE H 113 -39.56 -39.72 -8.55
CA PHE H 113 -40.51 -40.30 -7.61
C PHE H 113 -40.25 -41.79 -7.45
N HIS H 114 -40.44 -42.27 -6.22
CA HIS H 114 -40.30 -43.70 -5.92
C HIS H 114 -41.65 -44.38 -6.10
N ASP H 115 -41.74 -45.30 -7.05
CA ASP H 115 -42.99 -46.04 -7.28
C ASP H 115 -42.95 -47.36 -6.50
N GLY H 116 -42.02 -48.24 -6.85
CA GLY H 116 -41.73 -49.41 -6.08
C GLY H 116 -40.29 -49.42 -5.65
N PRO H 117 -39.50 -50.32 -6.25
CA PRO H 117 -38.04 -50.22 -6.17
C PRO H 117 -37.40 -49.44 -7.32
N ASN H 118 -38.19 -48.76 -8.14
CA ASN H 118 -37.70 -48.04 -9.30
C ASN H 118 -37.24 -46.63 -8.91
N ARG H 119 -36.51 -45.99 -9.84
CA ARG H 119 -35.97 -44.66 -9.60
C ARG H 119 -36.85 -43.57 -10.22
N HIS H 120 -37.11 -43.67 -11.53
CA HIS H 120 -38.06 -42.83 -12.27
C HIS H 120 -37.73 -41.34 -12.16
N THR H 121 -36.54 -40.97 -12.64
CA THR H 121 -36.06 -39.60 -12.56
C THR H 121 -35.78 -39.04 -13.95
N CYS H 122 -35.84 -37.71 -14.04
CA CYS H 122 -35.47 -36.99 -15.25
C CYS H 122 -34.70 -35.73 -14.87
N THR H 123 -33.83 -35.28 -15.77
CA THR H 123 -32.93 -34.17 -15.49
C THR H 123 -32.80 -33.30 -16.72
N VAL H 124 -33.15 -32.02 -16.60
CA VAL H 124 -33.01 -31.07 -17.68
C VAL H 124 -31.96 -30.04 -17.28
N ALA H 125 -31.46 -29.32 -18.29
CA ALA H 125 -30.44 -28.29 -18.09
C ALA H 125 -31.13 -26.93 -18.15
N HIS H 126 -31.25 -26.27 -17.01
CA HIS H 126 -31.83 -24.95 -16.92
C HIS H 126 -31.06 -24.11 -15.90
N LYS H 127 -30.80 -22.86 -16.25
CA LYS H 127 -30.06 -22.01 -15.34
C LYS H 127 -31.01 -21.24 -14.45
N VAL H 128 -30.98 -21.59 -13.17
CA VAL H 128 -31.79 -20.94 -12.15
C VAL H 128 -30.85 -20.30 -11.14
N GLU H 129 -31.13 -19.03 -10.81
CA GLU H 129 -30.26 -18.24 -9.96
C GLU H 129 -31.08 -17.47 -8.94
N PHE H 130 -30.44 -17.16 -7.81
CA PHE H 130 -31.08 -16.33 -6.80
C PHE H 130 -31.17 -14.89 -7.29
N ARG H 131 -32.27 -14.21 -6.93
CA ARG H 131 -32.56 -12.86 -7.40
C ARG H 131 -32.84 -11.96 -6.21
N PRO H 132 -31.81 -11.36 -5.62
CA PRO H 132 -32.05 -10.44 -4.49
C PRO H 132 -32.79 -9.18 -4.93
N VAL H 133 -33.65 -8.69 -4.04
CA VAL H 133 -34.45 -7.50 -4.28
C VAL H 133 -33.90 -6.36 -3.43
N GLY H 134 -33.66 -5.22 -4.04
CA GLY H 134 -33.09 -4.08 -3.37
C GLY H 134 -31.73 -3.71 -3.91
N ARG H 135 -30.93 -3.08 -3.04
CA ARG H 135 -29.61 -2.59 -3.41
C ARG H 135 -28.49 -3.34 -2.72
N GLU H 136 -28.79 -4.51 -2.13
CA GLU H 136 -27.78 -5.38 -1.54
C GLU H 136 -27.89 -6.76 -2.15
N LYS H 137 -26.74 -7.35 -2.48
CA LYS H 137 -26.71 -8.64 -3.17
C LYS H 137 -26.46 -9.75 -2.15
N TYR H 138 -27.53 -10.12 -1.45
CA TYR H 138 -27.46 -11.22 -0.51
C TYR H 138 -27.73 -12.54 -1.22
N ARG H 139 -27.30 -13.63 -0.57
CA ARG H 139 -27.39 -14.96 -1.16
C ARG H 139 -28.46 -15.84 -0.53
N HIS H 140 -29.16 -15.33 0.50
CA HIS H 140 -30.26 -16.03 1.15
C HIS H 140 -31.07 -14.99 1.90
N PRO H 141 -32.41 -15.10 1.93
CA PRO H 141 -33.23 -14.09 2.63
C PRO H 141 -32.99 -14.11 4.13
N PRO H 142 -32.90 -12.95 4.75
CA PRO H 142 -32.54 -12.88 6.17
C PRO H 142 -33.77 -13.04 7.06
N GLU H 143 -33.52 -13.20 8.36
CA GLU H 143 -34.60 -13.29 9.32
C GLU H 143 -35.33 -11.94 9.41
N HIS H 144 -34.53 -10.87 9.40
CA HIS H 144 -35.05 -9.51 9.49
C HIS H 144 -34.22 -8.53 8.67
N GLY H 145 -34.86 -7.49 8.15
CA GLY H 145 -34.14 -6.47 7.41
C GLY H 145 -34.99 -5.23 7.17
N VAL H 146 -35.54 -5.17 5.97
CA VAL H 146 -36.43 -4.10 5.51
C VAL H 146 -37.46 -4.72 4.59
N GLU H 147 -38.65 -4.12 4.48
CA GLU H 147 -39.65 -4.76 3.63
C GLU H 147 -39.74 -4.03 2.30
N LEU H 148 -39.60 -4.78 1.21
CA LEU H 148 -39.64 -4.25 -0.14
C LEU H 148 -40.65 -5.02 -0.98
N PRO H 149 -41.29 -4.37 -1.95
CA PRO H 149 -42.21 -5.09 -2.82
C PRO H 149 -41.48 -6.02 -3.78
N CYS H 150 -42.05 -7.20 -4.00
CA CYS H 150 -41.43 -8.20 -4.84
C CYS H 150 -42.51 -9.05 -5.49
N ASN H 151 -42.13 -9.76 -6.55
CA ASN H 151 -43.03 -10.63 -7.29
C ASN H 151 -42.61 -12.08 -7.10
N ARG H 152 -43.58 -12.94 -6.77
CA ARG H 152 -43.31 -14.34 -6.54
C ARG H 152 -44.52 -15.15 -6.94
N TYR H 153 -44.30 -16.44 -7.17
CA TYR H 153 -45.40 -17.35 -7.51
C TYR H 153 -46.24 -17.63 -6.28
N THR H 154 -47.56 -17.55 -6.45
CA THR H 154 -48.47 -17.63 -5.30
C THR H 154 -48.60 -19.05 -4.79
N HIS H 155 -48.99 -19.15 -3.51
CA HIS H 155 -49.22 -20.45 -2.87
C HIS H 155 -50.53 -21.08 -3.33
N LYS H 156 -51.57 -20.26 -3.49
CA LYS H 156 -52.92 -20.76 -3.69
C LYS H 156 -53.17 -21.12 -5.15
N ARG H 157 -54.03 -22.11 -5.34
CA ARG H 157 -54.51 -22.50 -6.66
C ARG H 157 -55.90 -21.91 -6.89
N ALA H 158 -56.10 -21.33 -8.07
CA ALA H 158 -57.35 -20.68 -8.45
C ALA H 158 -57.36 -20.53 -9.98
N ASP H 159 -58.31 -19.75 -10.49
CA ASP H 159 -58.38 -19.49 -11.92
C ASP H 159 -57.38 -18.40 -12.31
N GLN H 160 -57.57 -17.19 -11.79
CA GLN H 160 -56.67 -16.04 -11.87
C GLN H 160 -56.39 -15.57 -13.31
N GLY H 161 -57.23 -15.93 -14.26
CA GLY H 161 -57.16 -15.36 -15.59
C GLY H 161 -56.05 -15.84 -16.49
N HIS H 162 -55.33 -16.90 -16.12
CA HIS H 162 -54.28 -17.47 -16.95
C HIS H 162 -54.64 -18.89 -17.29
N TYR H 163 -54.49 -19.26 -18.57
CA TYR H 163 -55.01 -20.51 -19.09
C TYR H 163 -53.98 -21.21 -19.96
N VAL H 164 -54.15 -22.53 -20.07
CA VAL H 164 -53.43 -23.37 -21.02
C VAL H 164 -54.47 -24.27 -21.66
N GLU H 165 -54.13 -24.85 -22.81
CA GLU H 165 -55.09 -25.62 -23.58
C GLU H 165 -54.74 -27.11 -23.57
N MET H 166 -55.78 -27.94 -23.69
CA MET H 166 -55.63 -29.37 -23.83
C MET H 166 -56.23 -29.82 -25.16
N HIS H 167 -55.66 -30.87 -25.74
CA HIS H 167 -56.00 -31.30 -27.08
C HIS H 167 -56.35 -32.77 -27.09
N GLN H 168 -57.01 -33.19 -28.17
CA GLN H 168 -57.29 -34.61 -28.38
C GLN H 168 -55.98 -35.34 -28.67
N PRO H 169 -55.71 -36.46 -27.99
CA PRO H 169 -54.43 -37.15 -28.20
C PRO H 169 -54.34 -37.81 -29.57
N GLY H 170 -53.12 -37.76 -30.09
CA GLY H 170 -52.74 -38.30 -31.39
C GLY H 170 -52.49 -39.78 -31.32
N LEU H 171 -52.33 -40.41 -32.48
CA LEU H 171 -52.11 -41.85 -32.50
C LEU H 171 -50.83 -42.21 -31.75
N VAL H 172 -50.97 -43.23 -30.91
CA VAL H 172 -49.91 -43.78 -30.08
C VAL H 172 -49.62 -45.20 -30.54
N ALA H 173 -48.34 -45.48 -30.80
CA ALA H 173 -47.93 -46.75 -31.38
C ALA H 173 -47.57 -47.73 -30.27
N ASP H 174 -48.27 -48.86 -30.23
CA ASP H 174 -48.03 -49.91 -29.25
C ASP H 174 -47.71 -51.19 -29.99
N HIS H 175 -46.53 -51.76 -29.70
CA HIS H 175 -46.10 -53.01 -30.32
C HIS H 175 -46.37 -54.25 -29.46
N SER H 176 -46.94 -54.05 -28.27
CA SER H 176 -47.22 -55.17 -27.39
C SER H 176 -48.55 -55.85 -27.68
N LEU H 177 -49.40 -55.25 -28.52
CA LEU H 177 -50.71 -55.80 -28.83
C LEU H 177 -50.73 -56.52 -30.17
N LEU H 178 -49.56 -56.78 -30.77
CA LEU H 178 -49.44 -57.61 -31.96
C LEU H 178 -48.72 -58.90 -31.57
N SER H 179 -49.40 -60.03 -31.78
CA SER H 179 -48.83 -61.34 -31.50
C SER H 179 -49.30 -62.32 -32.55
N ILE H 180 -48.56 -63.42 -32.68
CA ILE H 180 -48.90 -64.47 -33.63
C ILE H 180 -49.86 -65.44 -32.97
N HIS H 181 -50.96 -65.75 -33.65
CA HIS H 181 -51.98 -66.63 -33.09
C HIS H 181 -51.56 -68.10 -33.21
N SER H 182 -51.45 -68.60 -34.43
CA SER H 182 -50.85 -69.91 -34.69
C SER H 182 -49.68 -69.80 -35.66
N ALA H 183 -49.91 -69.22 -36.83
CA ALA H 183 -48.85 -68.87 -37.76
C ALA H 183 -49.09 -67.52 -38.43
N LYS H 184 -50.14 -66.81 -38.05
CA LYS H 184 -50.46 -65.49 -38.58
C LYS H 184 -50.59 -64.51 -37.42
N VAL H 185 -50.34 -63.24 -37.70
CA VAL H 185 -50.36 -62.22 -36.65
C VAL H 185 -51.79 -61.89 -36.27
N LYS H 186 -52.02 -61.67 -34.98
CA LYS H 186 -53.34 -61.35 -34.45
C LYS H 186 -53.29 -60.04 -33.68
N ILE H 187 -54.34 -59.24 -33.81
CA ILE H 187 -54.45 -57.93 -33.17
C ILE H 187 -55.37 -58.06 -31.96
N THR H 188 -54.88 -57.66 -30.79
CA THR H 188 -55.66 -57.66 -29.57
C THR H 188 -56.04 -56.23 -29.24
N VAL H 189 -57.34 -55.94 -29.28
CA VAL H 189 -57.81 -54.59 -29.00
C VAL H 189 -58.55 -54.55 -27.65
N PRO H 190 -58.04 -53.77 -26.68
CA PRO H 190 -58.69 -53.73 -25.36
C PRO H 190 -59.79 -52.69 -25.24
N SER H 191 -61.02 -53.17 -24.99
CA SER H 191 -62.16 -52.37 -24.57
C SER H 191 -62.52 -51.26 -25.56
N GLY H 192 -62.62 -51.66 -26.83
CA GLY H 192 -62.96 -50.73 -27.90
C GLY H 192 -61.92 -49.67 -28.16
N ALA H 193 -60.65 -50.05 -28.21
CA ALA H 193 -59.57 -49.08 -28.40
C ALA H 193 -59.40 -48.67 -29.85
N GLN H 194 -60.02 -49.38 -30.79
CA GLN H 194 -60.03 -49.08 -32.22
C GLN H 194 -58.60 -49.05 -32.80
N VAL H 195 -57.96 -50.21 -32.79
CA VAL H 195 -56.55 -50.30 -33.20
C VAL H 195 -56.45 -50.13 -34.71
N LYS H 196 -55.65 -49.16 -35.15
CA LYS H 196 -55.30 -49.01 -36.55
C LYS H 196 -54.14 -49.93 -36.89
N TYR H 197 -54.09 -50.34 -38.17
CA TYR H 197 -53.03 -51.25 -38.61
C TYR H 197 -52.52 -50.79 -39.97
N TYR H 198 -51.34 -51.29 -40.32
CA TYR H 198 -50.72 -51.00 -41.61
C TYR H 198 -49.75 -52.12 -41.94
N CYS H 199 -50.15 -53.03 -42.83
CA CYS H 199 -49.32 -54.13 -43.27
C CYS H 199 -48.88 -53.89 -44.71
N LYS H 200 -47.63 -54.25 -45.01
CA LYS H 200 -47.06 -54.22 -46.36
C LYS H 200 -46.30 -55.52 -46.62
N CYS H 201 -46.88 -56.62 -46.16
CA CYS H 201 -46.30 -57.95 -46.26
C CYS H 201 -46.20 -58.46 -47.71
N PRO H 202 -47.28 -58.59 -48.55
CA PRO H 202 -47.01 -58.45 -50.00
C PRO H 202 -47.37 -57.08 -50.58
N ASP H 203 -48.20 -56.31 -49.88
CA ASP H 203 -48.76 -55.06 -50.39
C ASP H 203 -49.42 -54.35 -49.22
N VAL H 204 -49.94 -53.15 -49.49
CA VAL H 204 -50.57 -52.34 -48.45
C VAL H 204 -51.88 -52.91 -47.92
N ARG H 205 -51.99 -52.94 -46.59
CA ARG H 205 -53.19 -53.40 -45.91
C ARG H 205 -53.52 -52.40 -44.82
N LYS H 206 -54.01 -51.22 -45.22
CA LYS H 206 -54.33 -50.17 -44.28
C LYS H 206 -55.81 -50.11 -43.99
N GLY H 207 -56.17 -50.12 -42.72
CA GLY H 207 -57.56 -50.08 -42.32
C GLY H 207 -57.69 -49.93 -40.82
N ILE H 208 -58.92 -49.69 -40.39
CA ILE H 208 -59.26 -49.47 -38.98
C ILE H 208 -60.21 -50.58 -38.54
N THR H 209 -59.88 -51.25 -37.44
CA THR H 209 -60.74 -52.28 -36.88
C THR H 209 -61.19 -51.87 -35.47
N SER H 210 -62.06 -52.70 -34.90
CA SER H 210 -62.49 -52.54 -33.52
C SER H 210 -62.58 -53.84 -32.75
N SER H 211 -62.48 -54.99 -33.41
CA SER H 211 -62.60 -56.28 -32.75
C SER H 211 -61.86 -57.33 -33.56
N ASP H 212 -61.04 -58.12 -32.85
CA ASP H 212 -60.28 -59.26 -33.37
C ASP H 212 -59.39 -58.90 -34.55
N HIS H 213 -59.85 -59.22 -35.77
CA HIS H 213 -59.16 -58.94 -37.05
C HIS H 213 -57.77 -59.59 -37.09
N THR H 214 -57.79 -60.92 -37.12
CA THR H 214 -56.56 -61.69 -37.32
C THR H 214 -56.00 -61.44 -38.71
N THR H 215 -54.86 -60.75 -38.78
CA THR H 215 -54.27 -60.39 -40.06
C THR H 215 -53.64 -61.62 -40.72
N THR H 216 -53.81 -61.72 -42.04
CA THR H 216 -53.48 -62.92 -42.80
C THR H 216 -52.03 -62.95 -43.30
N CYS H 217 -51.09 -62.32 -42.60
CA CYS H 217 -49.68 -62.40 -42.98
C CYS H 217 -48.84 -62.95 -41.83
N THR H 218 -47.57 -63.19 -42.15
CA THR H 218 -46.73 -64.09 -41.36
C THR H 218 -46.04 -63.39 -40.18
N ASP H 219 -45.22 -62.38 -40.47
CA ASP H 219 -44.31 -61.83 -39.48
C ASP H 219 -44.93 -60.64 -38.75
N VAL H 220 -44.47 -60.44 -37.51
CA VAL H 220 -44.91 -59.29 -36.71
C VAL H 220 -44.08 -58.05 -36.98
N LYS H 221 -42.91 -58.22 -37.57
CA LYS H 221 -42.06 -57.11 -37.93
C LYS H 221 -42.61 -56.20 -39.04
N GLN H 222 -43.30 -56.80 -40.01
CA GLN H 222 -43.71 -56.12 -41.23
C GLN H 222 -45.12 -55.54 -41.11
N CYS H 223 -45.51 -55.12 -39.90
CA CYS H 223 -46.81 -54.50 -39.69
C CYS H 223 -46.76 -53.60 -38.47
N ARG H 224 -47.38 -52.42 -38.56
CA ARG H 224 -47.41 -51.48 -37.45
C ARG H 224 -48.83 -51.39 -36.86
N ALA H 225 -48.91 -50.77 -35.69
CA ALA H 225 -50.17 -50.64 -34.97
C ALA H 225 -50.27 -49.25 -34.34
N TYR H 226 -51.52 -48.83 -34.13
CA TYR H 226 -51.90 -47.53 -33.58
C TYR H 226 -53.08 -47.68 -32.62
N LEU H 227 -53.34 -46.64 -31.82
CA LEU H 227 -54.39 -46.69 -30.80
C LEU H 227 -55.02 -45.31 -30.69
N ILE H 228 -56.31 -45.26 -31.00
CA ILE H 228 -57.05 -44.03 -30.92
C ILE H 228 -57.94 -44.13 -29.70
N ASP H 229 -57.68 -43.26 -28.74
CA ASP H 229 -58.45 -43.22 -27.51
C ASP H 229 -58.88 -41.78 -27.36
N ASN H 230 -60.16 -41.56 -27.09
CA ASN H 230 -60.66 -40.20 -26.95
C ASN H 230 -61.38 -39.99 -25.63
N LYS H 231 -61.14 -40.86 -24.64
CA LYS H 231 -61.79 -40.69 -23.33
C LYS H 231 -61.20 -39.52 -22.57
N LYS H 232 -59.87 -39.39 -22.58
CA LYS H 232 -59.18 -38.31 -21.89
C LYS H 232 -58.35 -37.50 -22.86
N TRP H 233 -58.20 -36.21 -22.57
CA TRP H 233 -57.50 -35.28 -23.43
C TRP H 233 -56.21 -34.81 -22.76
N VAL H 234 -55.13 -34.77 -23.52
CA VAL H 234 -53.83 -34.40 -23.00
C VAL H 234 -53.50 -32.97 -23.41
N TYR H 235 -52.52 -32.39 -22.74
CA TYR H 235 -52.04 -31.07 -23.10
C TYR H 235 -51.13 -31.17 -24.31
N ASN H 236 -51.25 -30.19 -25.22
CA ASN H 236 -50.54 -30.24 -26.50
C ASN H 236 -49.06 -29.91 -26.26
N SER H 237 -48.30 -30.94 -25.91
CA SER H 237 -46.88 -30.79 -25.70
C SER H 237 -46.15 -30.71 -27.04
N GLY H 238 -44.94 -30.18 -26.99
CA GLY H 238 -44.10 -30.14 -28.18
C GLY H 238 -43.40 -31.44 -28.50
N ARG H 239 -43.50 -32.44 -27.63
CA ARG H 239 -42.86 -33.74 -27.82
C ARG H 239 -43.89 -34.85 -28.05
N LEU H 240 -45.05 -34.50 -28.58
CA LEU H 240 -46.11 -35.46 -28.87
C LEU H 240 -46.60 -35.24 -30.31
N PRO H 241 -46.99 -36.32 -31.00
CA PRO H 241 -47.57 -36.15 -32.34
C PRO H 241 -48.94 -35.51 -32.28
N ARG H 242 -49.26 -34.77 -33.34
CA ARG H 242 -50.53 -34.07 -33.43
C ARG H 242 -51.63 -35.01 -33.91
N GLY H 243 -52.88 -34.62 -33.65
CA GLY H 243 -54.02 -35.43 -34.03
C GLY H 243 -54.27 -35.41 -35.53
N GLU H 244 -55.20 -36.27 -35.95
CA GLU H 244 -55.49 -36.43 -37.37
C GLU H 244 -56.34 -35.28 -37.90
N GLY H 245 -57.54 -35.10 -37.35
CA GLY H 245 -58.39 -34.01 -37.76
C GLY H 245 -58.05 -32.71 -37.05
N ASP H 246 -59.07 -32.03 -36.53
CA ASP H 246 -58.85 -30.84 -35.72
C ASP H 246 -59.01 -31.19 -34.25
N THR H 247 -58.09 -30.69 -33.44
CA THR H 247 -58.09 -30.93 -32.00
C THR H 247 -58.76 -29.75 -31.31
N PHE H 248 -59.67 -30.06 -30.38
CA PHE H 248 -60.49 -29.03 -29.76
C PHE H 248 -59.67 -28.18 -28.80
N LYS H 249 -60.17 -26.97 -28.53
CA LYS H 249 -59.51 -26.00 -27.67
C LYS H 249 -60.25 -25.93 -26.35
N GLY H 250 -59.70 -26.56 -25.32
CA GLY H 250 -60.28 -26.52 -24.00
C GLY H 250 -59.35 -25.89 -22.99
N LYS H 251 -59.77 -24.79 -22.36
CA LYS H 251 -58.90 -24.03 -21.49
C LYS H 251 -58.73 -24.73 -20.14
N LEU H 252 -57.47 -24.83 -19.70
CA LEU H 252 -57.11 -25.36 -18.39
C LEU H 252 -56.37 -24.28 -17.61
N HIS H 253 -56.82 -24.00 -16.39
CA HIS H 253 -56.19 -22.97 -15.58
C HIS H 253 -54.84 -23.44 -15.04
N VAL H 254 -53.96 -22.48 -14.77
CA VAL H 254 -52.70 -22.80 -14.10
C VAL H 254 -52.84 -22.45 -12.62
N PRO H 255 -52.31 -23.27 -11.71
CA PRO H 255 -52.52 -23.02 -10.28
C PRO H 255 -51.78 -21.81 -9.73
N PHE H 256 -50.48 -21.71 -9.97
CA PHE H 256 -49.61 -20.76 -9.30
C PHE H 256 -49.22 -19.66 -10.28
N VAL H 257 -50.05 -18.62 -10.35
CA VAL H 257 -49.78 -17.46 -11.19
C VAL H 257 -48.82 -16.52 -10.45
N PRO H 258 -48.08 -15.66 -11.16
CA PRO H 258 -47.27 -14.66 -10.45
C PRO H 258 -48.15 -13.58 -9.82
N VAL H 259 -47.85 -13.25 -8.57
CA VAL H 259 -48.51 -12.17 -7.85
C VAL H 259 -47.43 -11.26 -7.27
N LYS H 260 -47.84 -10.08 -6.84
CA LYS H 260 -46.95 -9.11 -6.21
C LYS H 260 -47.09 -9.23 -4.70
N ALA H 261 -45.97 -9.46 -4.02
CA ALA H 261 -45.96 -9.65 -2.58
C ALA H 261 -44.96 -8.71 -1.91
N LYS H 262 -44.71 -8.92 -0.62
CA LYS H 262 -43.75 -8.11 0.13
C LYS H 262 -42.57 -8.99 0.53
N CYS H 263 -41.40 -8.69 0.01
CA CYS H 263 -40.18 -9.42 0.34
C CYS H 263 -39.38 -8.66 1.38
N ILE H 264 -38.43 -9.37 1.99
CA ILE H 264 -37.61 -8.83 3.07
C ILE H 264 -36.15 -8.86 2.64
N ALA H 265 -35.47 -7.73 2.74
CA ALA H 265 -34.09 -7.58 2.29
C ALA H 265 -33.20 -7.17 3.46
N THR H 266 -31.90 -7.35 3.27
CA THR H 266 -30.92 -7.04 4.30
C THR H 266 -30.76 -5.54 4.48
N LEU H 267 -30.32 -5.16 5.68
CA LEU H 267 -29.97 -3.78 5.99
C LEU H 267 -28.49 -3.71 6.31
N ALA H 268 -27.79 -2.81 5.63
CA ALA H 268 -26.36 -2.66 5.84
C ALA H 268 -26.09 -1.94 7.17
N PRO H 269 -24.94 -2.21 7.80
CA PRO H 269 -24.55 -1.40 8.96
C PRO H 269 -24.30 0.05 8.57
N GLU H 270 -24.64 0.96 9.48
CA GLU H 270 -24.52 2.38 9.21
C GLU H 270 -23.04 2.79 9.16
N PRO H 271 -22.69 3.78 8.34
CA PRO H 271 -21.30 4.18 8.24
C PRO H 271 -20.89 5.12 9.37
N LEU H 272 -19.57 5.21 9.57
CA LEU H 272 -18.99 6.13 10.52
C LEU H 272 -18.72 7.46 9.82
N VAL H 273 -19.37 8.52 10.32
CA VAL H 273 -19.38 9.81 9.64
C VAL H 273 -18.56 10.79 10.45
N GLU H 274 -17.49 11.30 9.84
CA GLU H 274 -16.70 12.39 10.41
C GLU H 274 -16.59 13.52 9.40
N HIS H 275 -16.57 14.75 9.89
CA HIS H 275 -16.64 15.93 9.06
C HIS H 275 -15.28 16.62 8.97
N LYS H 276 -15.06 17.30 7.85
CA LYS H 276 -13.90 18.16 7.65
C LYS H 276 -14.39 19.45 6.99
N HIS H 277 -13.45 20.29 6.57
CA HIS H 277 -13.79 21.53 5.87
C HIS H 277 -14.13 21.19 4.43
N ARG H 278 -15.44 21.28 4.09
CA ARG H 278 -15.99 20.98 2.76
C ARG H 278 -15.64 19.56 2.32
N THR H 279 -15.67 18.62 3.26
CA THR H 279 -15.30 17.23 2.98
C THR H 279 -16.05 16.32 3.94
N LEU H 280 -16.71 15.31 3.39
CA LEU H 280 -17.44 14.32 4.17
C LEU H 280 -16.77 12.97 4.00
N ILE H 281 -16.47 12.31 5.12
CA ILE H 281 -15.76 11.04 5.14
C ILE H 281 -16.69 9.96 5.68
N LEU H 282 -16.80 8.85 4.94
CA LEU H 282 -17.65 7.74 5.33
C LEU H 282 -16.81 6.48 5.44
N HIS H 283 -16.92 5.80 6.57
CA HIS H 283 -16.26 4.52 6.80
C HIS H 283 -17.30 3.42 6.61
N LEU H 284 -17.25 2.75 5.46
CA LEU H 284 -18.22 1.74 5.09
C LEU H 284 -17.64 0.36 5.34
N HIS H 285 -18.36 -0.47 6.09
CA HIS H 285 -17.95 -1.83 6.42
C HIS H 285 -19.07 -2.79 6.03
N PRO H 286 -19.15 -3.21 4.76
CA PRO H 286 -20.23 -4.09 4.34
C PRO H 286 -19.88 -5.57 4.52
N ASP H 287 -20.93 -6.36 4.70
CA ASP H 287 -20.83 -7.81 4.71
C ASP H 287 -21.38 -8.43 3.43
N HIS H 288 -22.07 -7.66 2.61
CA HIS H 288 -22.57 -8.04 1.29
C HIS H 288 -22.17 -6.95 0.31
N PRO H 289 -22.13 -7.25 -0.98
CA PRO H 289 -21.93 -6.19 -1.99
C PRO H 289 -23.05 -5.17 -1.95
N THR H 290 -22.71 -3.93 -1.60
CA THR H 290 -23.67 -2.89 -1.26
C THR H 290 -23.44 -1.68 -2.16
N LEU H 291 -24.54 -1.05 -2.58
CA LEU H 291 -24.50 0.06 -3.52
C LEU H 291 -24.50 1.40 -2.79
N LEU H 292 -23.63 2.31 -3.23
CA LEU H 292 -23.55 3.66 -2.68
C LEU H 292 -23.66 4.66 -3.81
N THR H 293 -24.73 5.45 -3.81
CA THR H 293 -24.95 6.50 -4.81
C THR H 293 -25.00 7.86 -4.14
N THR H 294 -24.29 8.83 -4.71
CA THR H 294 -24.28 10.20 -4.22
C THR H 294 -24.68 11.14 -5.34
N ARG H 295 -25.21 12.30 -4.95
CA ARG H 295 -25.57 13.34 -5.90
C ARG H 295 -25.57 14.69 -5.16
N SER H 296 -25.33 15.76 -5.92
CA SER H 296 -25.31 17.10 -5.38
C SER H 296 -26.59 17.83 -5.73
N LEU H 297 -27.02 18.72 -4.83
CA LEU H 297 -28.28 19.44 -4.96
C LEU H 297 -28.13 20.80 -5.65
N GLY H 298 -27.09 20.98 -6.45
CA GLY H 298 -26.88 22.22 -7.15
C GLY H 298 -27.27 22.14 -8.62
N SER H 299 -26.65 22.98 -9.45
CA SER H 299 -26.91 22.93 -10.88
C SER H 299 -26.29 21.70 -11.51
N ASP H 300 -25.04 21.38 -11.15
CA ASP H 300 -24.38 20.16 -11.60
C ASP H 300 -24.58 19.09 -10.54
N ALA H 301 -25.28 18.01 -10.92
CA ALA H 301 -25.58 16.95 -9.96
C ALA H 301 -24.34 16.14 -9.61
N ASN H 302 -23.48 15.86 -10.61
CA ASN H 302 -22.26 15.06 -10.53
C ASN H 302 -22.52 13.70 -9.89
N PRO H 303 -23.24 12.80 -10.57
CA PRO H 303 -23.66 11.56 -9.91
C PRO H 303 -22.58 10.48 -9.95
N THR H 304 -22.34 9.89 -8.79
CA THR H 304 -21.42 8.76 -8.65
C THR H 304 -22.16 7.55 -8.13
N ARG H 305 -21.74 6.38 -8.60
CA ARG H 305 -22.29 5.11 -8.18
C ARG H 305 -21.19 4.05 -8.16
N GLN H 306 -21.21 3.16 -7.14
CA GLN H 306 -20.22 2.09 -7.06
C GLN H 306 -20.78 1.03 -6.13
N TRP H 307 -20.26 -0.19 -6.28
CA TRP H 307 -20.61 -1.32 -5.44
C TRP H 307 -19.46 -1.59 -4.47
N ILE H 308 -19.77 -1.60 -3.17
CA ILE H 308 -18.77 -1.75 -2.13
C ILE H 308 -18.81 -3.19 -1.62
N GLU H 309 -17.69 -3.89 -1.75
CA GLU H 309 -17.57 -5.28 -1.28
C GLU H 309 -16.54 -5.46 -0.18
N ARG H 310 -15.65 -4.50 0.01
CA ARG H 310 -14.59 -4.54 1.01
C ARG H 310 -14.68 -3.29 1.88
N PRO H 311 -14.16 -3.33 3.12
CA PRO H 311 -14.19 -2.14 3.97
C PRO H 311 -13.26 -1.04 3.48
N THR H 312 -13.84 0.00 2.89
CA THR H 312 -13.11 1.13 2.32
C THR H 312 -13.55 2.43 2.99
N THR H 313 -12.95 3.53 2.55
CA THR H 313 -13.34 4.86 2.99
C THR H 313 -13.37 5.79 1.78
N VAL H 314 -14.36 6.67 1.76
CA VAL H 314 -14.60 7.56 0.62
C VAL H 314 -14.72 8.99 1.12
N ASN H 315 -14.21 9.93 0.31
CA ASN H 315 -14.28 11.35 0.61
C ASN H 315 -15.12 12.04 -0.45
N PHE H 316 -16.09 12.84 -0.02
CA PHE H 316 -16.96 13.59 -0.93
C PHE H 316 -16.89 15.07 -0.60
N THR H 317 -16.81 15.89 -1.63
CA THR H 317 -16.68 17.34 -1.48
C THR H 317 -18.07 17.93 -1.36
N VAL H 318 -18.47 18.27 -0.14
CA VAL H 318 -19.75 18.88 0.13
C VAL H 318 -19.60 20.39 0.06
N THR H 319 -20.42 21.03 -0.76
CA THR H 319 -20.41 22.48 -0.92
C THR H 319 -21.55 23.10 -0.13
N GLY H 320 -21.75 24.41 -0.30
CA GLY H 320 -22.84 25.08 0.37
C GLY H 320 -24.21 24.76 -0.19
N GLU H 321 -24.27 24.29 -1.43
CA GLU H 321 -25.56 23.93 -2.02
C GLU H 321 -26.08 22.63 -1.43
N GLY H 322 -25.21 21.67 -1.16
CA GLY H 322 -25.56 20.46 -0.46
C GLY H 322 -25.07 19.21 -1.15
N LEU H 323 -25.39 18.08 -0.56
CA LEU H 323 -25.04 16.77 -1.10
C LEU H 323 -26.00 15.75 -0.51
N GLU H 324 -26.44 14.79 -1.33
CA GLU H 324 -27.33 13.74 -0.91
C GLU H 324 -26.72 12.39 -1.25
N TYR H 325 -26.66 11.50 -0.27
CA TYR H 325 -26.07 10.19 -0.44
C TYR H 325 -26.98 9.12 0.15
N THR H 326 -27.08 7.99 -0.53
CA THR H 326 -27.78 6.82 -0.05
C THR H 326 -26.79 5.67 0.12
N TRP H 327 -27.00 4.87 1.15
CA TRP H 327 -26.11 3.74 1.46
C TRP H 327 -26.98 2.51 1.71
N GLY H 328 -27.00 1.58 0.75
CA GLY H 328 -27.77 0.37 0.92
C GLY H 328 -29.26 0.63 0.81
N ASN H 329 -30.02 0.00 1.70
CA ASN H 329 -31.47 0.18 1.77
C ASN H 329 -31.88 1.28 2.74
N HIS H 330 -30.91 2.02 3.28
CA HIS H 330 -31.21 3.13 4.17
C HIS H 330 -31.83 4.29 3.40
N PRO H 331 -32.65 5.11 4.05
CA PRO H 331 -33.20 6.31 3.40
C PRO H 331 -32.11 7.32 3.10
N PRO H 332 -32.30 8.17 2.08
CA PRO H 332 -31.28 9.16 1.74
C PRO H 332 -31.10 10.23 2.81
N LYS H 333 -29.88 10.73 2.91
CA LYS H 333 -29.52 11.76 3.87
C LYS H 333 -28.93 12.95 3.13
N ARG H 334 -29.30 14.16 3.55
CA ARG H 334 -28.82 15.39 2.95
C ARG H 334 -27.97 16.15 3.95
N VAL H 335 -26.81 16.62 3.50
CA VAL H 335 -25.86 17.34 4.36
C VAL H 335 -25.45 18.63 3.66
N TRP H 336 -25.30 19.69 4.44
CA TRP H 336 -24.88 21.00 3.94
C TRP H 336 -23.62 21.45 4.66
N ALA H 337 -22.68 22.03 3.91
CA ALA H 337 -21.41 22.47 4.45
C ALA H 337 -21.49 23.93 4.87
N GLN H 338 -21.02 24.22 6.09
CA GLN H 338 -21.05 25.56 6.63
C GLN H 338 -19.81 26.34 6.19
N GLU H 339 -19.58 27.50 6.82
CA GLU H 339 -18.52 28.42 6.44
C GLU H 339 -17.54 28.62 7.58
N SER H 340 -17.06 27.51 8.16
CA SER H 340 -16.22 27.57 9.36
C SER H 340 -14.89 28.27 9.09
N GLY H 341 -14.23 27.93 7.98
CA GLY H 341 -12.99 28.58 7.61
C GLY H 341 -11.80 28.09 8.39
N GLU H 342 -10.62 28.48 7.92
CA GLU H 342 -9.35 28.08 8.54
C GLU H 342 -8.41 29.28 8.62
N GLY H 343 -8.92 30.42 9.11
CA GLY H 343 -8.08 31.59 9.21
C GLY H 343 -8.69 32.68 10.06
N ASN H 344 -7.91 33.73 10.28
CA ASN H 344 -8.32 34.89 11.06
C ASN H 344 -8.50 36.08 10.13
N PRO H 345 -9.71 36.63 9.99
CA PRO H 345 -9.92 37.72 9.03
C PRO H 345 -9.39 39.06 9.49
N HIS H 346 -9.12 39.25 10.77
CA HIS H 346 -8.61 40.51 11.30
C HIS H 346 -7.23 40.26 11.90
N GLY H 347 -6.25 41.00 11.43
CA GLY H 347 -4.90 40.89 11.95
C GLY H 347 -3.87 41.23 10.89
N TRP H 348 -2.74 40.55 11.00
CA TRP H 348 -1.64 40.74 10.05
C TRP H 348 -2.03 40.23 8.67
N PRO H 349 -1.48 40.81 7.59
CA PRO H 349 -1.84 40.32 6.25
C PRO H 349 -1.17 39.01 5.84
N HIS H 350 -0.33 38.42 6.69
CA HIS H 350 0.14 37.07 6.45
C HIS H 350 -0.85 36.02 6.92
N GLU H 351 -1.87 36.41 7.70
CA GLU H 351 -2.97 35.53 8.06
C GLU H 351 -4.30 35.99 7.52
N VAL H 352 -4.40 37.25 7.06
CA VAL H 352 -5.62 37.71 6.39
C VAL H 352 -5.75 37.04 5.02
N VAL H 353 -4.64 36.93 4.30
CA VAL H 353 -4.62 36.28 2.99
C VAL H 353 -4.94 34.79 3.08
N VAL H 354 -4.36 34.08 4.06
CA VAL H 354 -4.61 32.64 4.20
C VAL H 354 -6.02 32.33 4.68
N TYR H 355 -6.74 33.31 5.22
CA TYR H 355 -8.15 33.10 5.55
C TYR H 355 -9.00 33.09 4.28
N TYR H 356 -8.73 34.01 3.36
CA TYR H 356 -9.49 34.09 2.11
C TYR H 356 -9.02 33.09 1.06
N TYR H 357 -7.85 32.48 1.23
CA TYR H 357 -7.41 31.47 0.27
C TYR H 357 -8.20 30.17 0.45
N ASN H 358 -8.49 29.79 1.68
CA ASN H 358 -9.27 28.58 1.92
C ASN H 358 -10.74 28.81 1.57
N ARG H 359 -11.27 29.99 1.87
CA ARG H 359 -12.66 30.29 1.56
C ARG H 359 -12.86 30.51 0.06
N TYR H 360 -11.99 31.30 -0.56
CA TYR H 360 -12.09 31.64 -1.97
C TYR H 360 -10.75 31.38 -2.66
N PRO H 361 -10.48 30.13 -3.06
CA PRO H 361 -9.24 29.85 -3.79
C PRO H 361 -9.29 30.25 -5.25
N LEU H 362 -10.47 30.58 -5.79
CA LEU H 362 -10.60 30.92 -7.20
C LEU H 362 -10.57 32.43 -7.45
N THR H 363 -10.78 33.25 -6.42
CA THR H 363 -10.73 34.70 -6.57
C THR H 363 -9.52 35.35 -5.95
N THR H 364 -8.91 34.73 -4.93
CA THR H 364 -7.73 35.32 -4.28
C THR H 364 -6.50 35.24 -5.16
N ILE H 365 -6.34 34.16 -5.93
CA ILE H 365 -5.20 34.04 -6.83
C ILE H 365 -5.31 35.04 -7.98
N ILE H 366 -6.50 35.15 -8.57
CA ILE H 366 -6.71 36.09 -9.67
C ILE H 366 -6.66 37.53 -9.16
N GLY H 367 -7.26 37.79 -7.99
CA GLY H 367 -7.37 39.15 -7.51
C GLY H 367 -6.05 39.73 -7.02
N LEU H 368 -5.16 38.88 -6.50
CA LEU H 368 -3.88 39.37 -6.00
C LEU H 368 -2.93 39.70 -7.16
N CYS H 369 -2.94 38.89 -8.21
CA CYS H 369 -2.09 39.17 -9.37
C CYS H 369 -2.58 40.37 -10.15
N THR H 370 -3.89 40.61 -10.14
CA THR H 370 -4.43 41.84 -10.72
C THR H 370 -4.04 43.05 -9.90
N CYS H 371 -4.03 42.92 -8.56
CA CYS H 371 -3.74 44.04 -7.68
C CYS H 371 -2.29 44.49 -7.78
N VAL H 372 -1.35 43.55 -7.91
CA VAL H 372 0.05 43.91 -8.11
C VAL H 372 0.35 44.35 -9.54
N ALA H 373 -0.59 44.16 -10.47
CA ALA H 373 -0.44 44.69 -11.82
C ALA H 373 -0.96 46.11 -11.94
N ILE H 374 -1.97 46.47 -11.15
CA ILE H 374 -2.49 47.84 -11.16
C ILE H 374 -1.48 48.79 -10.53
N ILE H 375 -0.82 48.36 -9.46
CA ILE H 375 0.22 49.17 -8.83
C ILE H 375 1.43 49.32 -9.75
N MET H 376 1.80 48.24 -10.43
CA MET H 376 2.97 48.28 -11.31
C MET H 376 2.72 49.09 -12.57
N VAL H 377 1.49 49.06 -13.11
CA VAL H 377 1.20 49.88 -14.29
C VAL H 377 1.00 51.34 -13.91
N SER H 378 0.77 51.64 -12.62
CA SER H 378 0.71 53.01 -12.14
C SER H 378 2.05 53.51 -11.63
N CYS H 379 2.97 52.61 -11.25
CA CYS H 379 4.30 53.02 -10.86
C CYS H 379 5.17 53.37 -12.06
N VAL H 380 4.92 52.76 -13.23
CA VAL H 380 5.65 53.13 -14.44
C VAL H 380 5.11 54.39 -15.08
N THR H 381 3.94 54.86 -14.66
CA THR H 381 3.45 56.18 -15.03
C THR H 381 3.87 57.25 -14.04
N SER H 382 4.72 56.89 -13.07
CA SER H 382 5.31 57.87 -12.14
C SER H 382 6.67 58.34 -12.63
N VAL H 383 7.57 57.41 -12.94
CA VAL H 383 8.91 57.77 -13.40
C VAL H 383 8.89 58.32 -14.82
N TRP H 384 7.81 58.10 -15.57
CA TRP H 384 7.61 58.77 -16.85
C TRP H 384 6.91 60.11 -16.69
N LEU H 385 6.49 60.45 -15.48
CA LEU H 385 5.83 61.72 -15.19
C LEU H 385 6.61 62.60 -14.23
N LEU H 386 7.22 62.00 -13.20
CA LEU H 386 8.04 62.78 -12.27
C LEU H 386 9.35 63.21 -12.92
N CYS H 387 10.02 62.29 -13.61
CA CYS H 387 11.27 62.62 -14.28
C CYS H 387 11.06 63.44 -15.54
N ARG H 388 9.88 63.35 -16.16
CA ARG H 388 9.54 64.24 -17.27
C ARG H 388 9.45 65.69 -16.80
N THR H 389 8.83 65.92 -15.64
CA THR H 389 8.81 67.25 -15.06
C THR H 389 10.17 67.62 -14.49
N ARG H 390 10.94 66.63 -14.04
CA ARG H 390 12.28 66.91 -13.53
C ARG H 390 13.25 67.22 -14.66
N ASN H 391 13.03 66.67 -15.85
CA ASN H 391 13.84 67.04 -17.00
C ASN H 391 13.50 68.44 -17.51
N LEU H 392 12.31 68.93 -17.22
CA LEU H 392 11.93 70.30 -17.56
C LEU H 392 12.29 71.28 -16.45
N CYS H 393 12.87 70.81 -15.35
CA CYS H 393 13.36 71.68 -14.30
C CYS H 393 14.67 72.35 -14.69
N ILE H 394 15.70 71.54 -14.93
CA ILE H 394 17.07 72.03 -14.91
C ILE H 394 17.63 72.34 -16.30
N THR H 395 17.03 71.82 -17.37
CA THR H 395 17.49 72.19 -18.71
C THR H 395 17.25 73.64 -19.11
N PRO H 396 16.27 74.40 -18.58
CA PRO H 396 16.38 75.87 -18.69
C PRO H 396 17.50 76.47 -17.86
N TYR H 397 18.02 75.77 -16.85
CA TYR H 397 19.05 76.31 -15.98
C TYR H 397 20.42 75.67 -16.18
N LYS H 398 20.49 74.50 -16.81
CA LYS H 398 21.79 73.96 -17.21
C LYS H 398 22.39 74.70 -18.38
N LEU H 399 21.57 75.41 -19.14
CA LEU H 399 22.03 76.25 -20.24
C LEU H 399 22.37 77.66 -19.79
N ALA H 400 22.18 77.97 -18.50
CA ALA H 400 22.49 79.28 -17.95
C ALA H 400 23.38 79.10 -16.72
N PRO H 401 24.69 78.94 -16.93
CA PRO H 401 25.60 78.81 -15.79
C PRO H 401 25.88 80.12 -15.07
N ASN H 402 25.43 81.25 -15.63
CA ASN H 402 25.61 82.55 -15.00
C ASN H 402 24.31 83.07 -14.38
N ALA H 403 23.36 82.18 -14.11
CA ALA H 403 22.08 82.54 -13.50
C ALA H 403 21.88 81.71 -12.24
N GLN H 404 21.16 82.29 -11.28
CA GLN H 404 20.93 81.66 -9.99
C GLN H 404 19.49 81.13 -9.93
N VAL H 405 19.34 79.87 -9.55
CA VAL H 405 18.03 79.23 -9.46
C VAL H 405 17.32 79.75 -8.21
N PRO H 406 15.99 79.78 -8.18
CA PRO H 406 15.31 80.13 -6.94
C PRO H 406 15.29 78.94 -5.98
N ILE H 407 15.33 79.26 -4.69
CA ILE H 407 15.39 78.23 -3.65
C ILE H 407 14.07 77.49 -3.47
N LEU H 408 12.97 78.02 -4.01
CA LEU H 408 11.71 77.28 -3.99
C LEU H 408 11.75 76.09 -4.93
N LEU H 409 12.33 76.27 -6.11
CA LEU H 409 12.46 75.19 -7.09
C LEU H 409 13.78 74.44 -6.97
N ALA H 410 14.72 74.93 -6.16
CA ALA H 410 15.99 74.23 -5.99
C ALA H 410 15.85 72.99 -5.10
N LEU H 411 15.06 73.09 -4.04
CA LEU H 411 14.96 72.02 -3.06
C LEU H 411 13.56 71.43 -2.95
N LEU H 412 12.52 72.26 -2.85
CA LEU H 412 11.19 71.76 -2.54
C LEU H 412 10.50 71.18 -3.77
N CYS H 413 10.28 72.01 -4.79
CA CYS H 413 9.52 71.58 -5.96
C CYS H 413 10.31 70.65 -6.86
N CYS H 414 11.63 70.80 -6.92
CA CYS H 414 12.46 69.94 -7.73
C CYS H 414 13.69 69.54 -6.94
N ILE H 415 14.39 68.50 -7.42
CA ILE H 415 15.30 67.75 -6.57
C ILE H 415 16.68 68.39 -6.53
N LYS H 416 17.32 68.53 -7.69
CA LYS H 416 18.76 68.82 -7.74
C LYS H 416 19.07 70.26 -7.35
N PRO H 417 19.88 70.51 -6.31
CA PRO H 417 20.22 71.88 -5.93
C PRO H 417 21.41 72.42 -6.70
N THR H 418 21.87 73.61 -6.32
CA THR H 418 23.06 74.20 -6.91
C THR H 418 24.31 73.38 -6.57
N ARG H 419 25.21 73.28 -7.53
CA ARG H 419 26.47 72.54 -7.37
C ARG H 419 27.61 73.47 -7.77
N ALA H 420 28.19 74.14 -6.77
CA ALA H 420 29.29 75.11 -6.91
C ALA H 420 29.00 76.22 -7.92
N ASP I 111 35.66 83.10 -34.00
CA ASP I 111 35.08 81.98 -33.26
C ASP I 111 35.46 80.65 -33.90
N LYS I 112 35.32 79.57 -33.14
CA LYS I 112 35.62 78.21 -33.61
C LYS I 112 34.36 77.38 -33.45
N THR I 113 33.50 77.41 -34.45
CA THR I 113 32.25 76.65 -34.47
C THR I 113 32.33 75.62 -35.59
N PHE I 114 32.33 74.35 -35.21
CA PHE I 114 32.45 73.28 -36.20
C PHE I 114 31.10 73.04 -36.88
N PRO I 115 31.04 73.05 -38.20
CA PRO I 115 29.76 72.81 -38.88
C PRO I 115 29.47 71.33 -39.04
N ILE I 116 28.17 71.02 -39.12
CA ILE I 116 27.72 69.65 -39.35
C ILE I 116 27.94 69.30 -40.81
N MET I 117 28.11 68.01 -41.09
CA MET I 117 28.30 67.50 -42.44
C MET I 117 27.28 66.41 -42.73
N LEU I 118 26.62 66.51 -43.89
CA LEU I 118 25.66 65.50 -44.32
C LEU I 118 25.82 65.32 -45.82
N ASN I 119 26.32 64.14 -46.23
CA ASN I 119 26.54 63.75 -47.62
C ASN I 119 27.43 64.75 -48.37
N GLY I 120 28.46 65.22 -47.69
CA GLY I 120 29.40 66.18 -48.29
C GLY I 120 29.09 67.64 -48.05
N GLN I 121 27.89 68.08 -48.44
CA GLN I 121 27.49 69.47 -48.27
C GLN I 121 27.12 69.75 -46.82
N VAL I 122 27.06 71.04 -46.49
CA VAL I 122 26.74 71.48 -45.14
C VAL I 122 25.23 71.50 -44.95
N ASN I 123 24.80 71.33 -43.71
CA ASN I 123 23.40 71.39 -43.34
C ASN I 123 23.13 72.20 -42.08
N GLY I 124 24.17 72.72 -41.42
CA GLY I 124 23.99 73.49 -40.21
C GLY I 124 25.31 73.70 -39.48
N TYR I 125 25.34 74.65 -38.55
CA TYR I 125 26.52 74.97 -37.78
C TYR I 125 26.29 74.65 -36.32
N ALA I 126 27.21 73.89 -35.72
CA ALA I 126 27.12 73.51 -34.31
C ALA I 126 28.14 74.33 -33.53
N CYS I 127 27.68 75.41 -32.92
CA CYS I 127 28.55 76.29 -32.17
C CYS I 127 28.91 75.68 -30.82
N VAL I 128 30.01 76.17 -30.24
CA VAL I 128 30.52 75.68 -28.97
C VAL I 128 30.52 76.84 -27.99
N VAL I 129 29.69 76.76 -26.96
CA VAL I 129 29.61 77.73 -25.89
C VAL I 129 30.06 77.06 -24.60
N GLY I 130 30.74 77.82 -23.73
CA GLY I 130 31.19 77.30 -22.45
C GLY I 130 30.09 76.86 -21.52
N GLY I 131 30.14 75.61 -21.10
CA GLY I 131 29.12 75.04 -20.24
C GLY I 131 28.34 73.94 -20.94
N ARG I 132 28.00 74.16 -22.21
CA ARG I 132 27.27 73.20 -23.02
C ARG I 132 27.45 73.57 -24.48
N VAL I 133 27.94 72.63 -25.28
CA VAL I 133 28.00 72.85 -26.72
C VAL I 133 26.59 72.79 -27.29
N PHE I 134 26.36 73.53 -28.38
CA PHE I 134 25.03 73.67 -28.95
C PHE I 134 25.02 73.06 -30.35
N LYS I 135 24.11 72.11 -30.57
CA LYS I 135 23.92 71.51 -31.89
C LYS I 135 22.43 71.31 -32.15
N PRO I 136 21.91 71.83 -33.25
CA PRO I 136 20.48 71.68 -33.53
C PRO I 136 20.14 70.25 -33.95
N LEU I 137 19.13 69.68 -33.29
CA LEU I 137 18.61 68.37 -33.65
C LEU I 137 17.58 68.42 -34.76
N HIS I 138 17.16 69.63 -35.17
CA HIS I 138 16.32 69.76 -36.34
C HIS I 138 17.08 69.38 -37.61
N VAL I 139 18.35 69.78 -37.70
CA VAL I 139 19.22 69.35 -38.79
C VAL I 139 19.86 68.02 -38.40
N GLU I 140 20.45 67.33 -39.37
CA GLU I 140 21.08 66.05 -39.10
C GLU I 140 22.53 66.05 -39.56
N GLY I 141 23.21 64.92 -39.41
CA GLY I 141 24.61 64.79 -39.79
C GLY I 141 25.47 64.41 -38.62
N ARG I 142 26.77 64.32 -38.90
CA ARG I 142 27.78 63.95 -37.91
C ARG I 142 28.92 64.95 -37.94
N ILE I 143 29.49 65.21 -36.75
CA ILE I 143 30.62 66.13 -36.65
C ILE I 143 31.88 65.44 -37.16
N ASP I 144 32.55 66.08 -38.13
CA ASP I 144 33.76 65.51 -38.72
C ASP I 144 34.97 65.59 -37.81
N ASN I 145 34.94 66.43 -36.78
CA ASN I 145 36.05 66.53 -35.83
C ASN I 145 36.10 65.28 -34.96
N GLU I 146 37.31 64.73 -34.78
CA GLU I 146 37.46 63.51 -34.00
C GLU I 146 37.30 63.77 -32.51
N GLN I 147 37.69 64.96 -32.03
CA GLN I 147 37.57 65.27 -30.62
C GLN I 147 36.11 65.47 -30.20
N LEU I 148 35.28 66.03 -31.08
CA LEU I 148 33.87 66.21 -30.80
C LEU I 148 33.02 65.02 -31.23
N ALA I 149 33.61 64.02 -31.86
CA ALA I 149 32.88 62.80 -32.20
C ALA I 149 32.70 61.87 -31.01
N ALA I 150 33.48 62.06 -29.95
CA ALA I 150 33.36 61.27 -28.74
C ALA I 150 32.34 61.83 -27.77
N ILE I 151 31.72 62.96 -28.08
CA ILE I 151 30.67 63.52 -27.24
C ILE I 151 29.41 62.67 -27.40
N LYS I 152 28.82 62.29 -26.26
CA LYS I 152 27.64 61.44 -26.29
C LYS I 152 26.43 62.25 -26.73
N LEU I 153 25.73 61.75 -27.75
CA LEU I 153 24.56 62.42 -28.29
C LEU I 153 23.37 62.13 -27.38
N LYS I 154 22.99 63.12 -26.57
CA LYS I 154 21.82 63.02 -25.71
C LYS I 154 20.72 63.93 -26.24
N LYS I 155 19.51 63.39 -26.34
CA LYS I 155 18.38 64.18 -26.77
C LYS I 155 17.97 65.16 -25.67
N ALA I 156 17.22 66.18 -26.07
CA ALA I 156 16.83 67.25 -25.15
C ALA I 156 15.40 67.65 -25.46
N SER I 157 15.00 68.82 -24.98
CA SER I 157 13.66 69.37 -25.18
C SER I 157 13.53 70.00 -26.56
N ILE I 158 12.49 70.82 -26.75
CA ILE I 158 12.17 71.43 -28.04
C ILE I 158 13.20 72.48 -28.48
N TYR I 159 14.17 72.79 -27.62
CA TYR I 159 15.21 73.76 -27.93
C TYR I 159 16.22 73.27 -28.96
N ASP I 160 16.18 71.98 -29.33
CA ASP I 160 17.11 71.33 -30.26
C ASP I 160 18.56 71.45 -29.77
N LEU I 161 18.81 70.78 -28.65
CA LEU I 161 20.03 70.93 -27.88
C LEU I 161 20.77 69.60 -27.78
N GLU I 162 22.10 69.68 -27.83
CA GLU I 162 22.98 68.53 -27.65
C GLU I 162 23.73 68.69 -26.32
N TYR I 163 23.92 67.58 -25.61
CA TYR I 163 24.57 67.59 -24.30
C TYR I 163 26.03 68.02 -24.41
N GLY I 164 26.43 68.90 -23.49
CA GLY I 164 27.78 69.45 -23.47
C GLY I 164 28.77 68.64 -22.67
N ASP I 165 29.23 67.51 -23.23
CA ASP I 165 30.22 66.66 -22.58
C ASP I 165 31.65 67.01 -22.99
N VAL I 166 31.90 68.26 -23.35
CA VAL I 166 33.23 68.70 -23.77
C VAL I 166 34.17 68.73 -22.56
N PRO I 167 35.43 68.34 -22.69
CA PRO I 167 36.39 68.53 -21.60
C PRO I 167 36.60 70.01 -21.30
N GLN I 168 36.93 70.30 -20.04
CA GLN I 168 36.84 71.67 -19.52
C GLN I 168 37.99 72.57 -19.98
N CYS I 169 39.04 72.02 -20.57
CA CYS I 169 40.17 72.86 -20.97
C CYS I 169 39.85 73.69 -22.21
N MET I 170 39.22 73.09 -23.21
CA MET I 170 38.76 73.79 -24.40
C MET I 170 37.33 74.27 -24.27
N LYS I 171 36.82 74.40 -23.04
CA LYS I 171 35.53 75.00 -22.77
C LYS I 171 35.73 76.42 -22.26
N SER I 172 34.67 77.23 -22.40
CA SER I 172 34.63 78.65 -22.01
C SER I 172 35.66 79.48 -22.77
N ASP I 173 35.98 79.06 -24.00
CA ASP I 173 36.74 79.90 -24.91
C ASP I 173 35.85 80.97 -25.53
N THR I 174 34.55 80.70 -25.63
CA THR I 174 33.56 81.64 -26.15
C THR I 174 32.57 81.96 -25.04
N LEU I 175 32.70 83.14 -24.45
CA LEU I 175 31.76 83.58 -23.44
C LEU I 175 30.42 83.94 -24.08
N GLN I 176 29.36 83.84 -23.28
CA GLN I 176 28.01 84.12 -23.73
C GLN I 176 27.47 85.35 -23.01
N TYR I 177 26.75 86.18 -23.76
CA TYR I 177 26.13 87.37 -23.19
C TYR I 177 24.95 86.98 -22.30
N THR I 178 24.74 87.77 -21.26
CA THR I 178 23.63 87.56 -20.33
C THR I 178 22.37 88.21 -20.87
N SER I 179 21.35 88.33 -20.03
CA SER I 179 20.09 88.93 -20.43
C SER I 179 20.16 90.44 -20.28
N ASP I 180 18.99 91.10 -20.37
CA ASP I 180 18.83 92.56 -20.34
C ASP I 180 19.68 93.24 -21.42
N LYS I 181 19.51 92.77 -22.64
CA LYS I 181 20.32 93.29 -23.75
C LYS I 181 19.83 94.66 -24.18
N PRO I 182 20.71 95.52 -24.68
CA PRO I 182 20.28 96.80 -25.26
C PRO I 182 19.64 96.58 -26.62
N PRO I 183 18.86 97.55 -27.11
CA PRO I 183 18.30 97.43 -28.47
C PRO I 183 19.25 97.90 -29.57
N GLY I 184 20.55 98.01 -29.27
CA GLY I 184 21.51 98.55 -30.21
C GLY I 184 21.98 97.56 -31.26
N PHE I 185 23.20 97.80 -31.76
CA PHE I 185 23.77 97.01 -32.84
C PHE I 185 24.17 95.61 -32.39
N TYR I 186 23.94 94.63 -33.26
CA TYR I 186 24.44 93.28 -33.08
C TYR I 186 24.92 92.76 -34.42
N ASN I 187 26.10 92.16 -34.45
CA ASN I 187 26.75 91.77 -35.69
C ASN I 187 26.35 90.35 -36.06
N TRP I 188 25.44 90.23 -37.01
CA TRP I 188 25.17 88.95 -37.66
C TRP I 188 26.32 88.63 -38.62
N HIS I 189 26.48 87.35 -38.94
CA HIS I 189 27.59 86.91 -39.79
C HIS I 189 27.48 87.47 -41.19
N HIS I 190 26.27 87.72 -41.69
CA HIS I 190 26.07 88.30 -43.01
C HIS I 190 25.23 89.58 -42.95
N GLY I 191 25.24 90.29 -41.83
CA GLY I 191 24.47 91.50 -41.71
C GLY I 191 24.50 92.11 -40.33
N ALA I 192 23.44 92.82 -39.95
CA ALA I 192 23.37 93.45 -38.64
C ALA I 192 21.91 93.52 -38.19
N VAL I 193 21.69 93.25 -36.91
CA VAL I 193 20.36 93.26 -36.30
C VAL I 193 20.35 94.31 -35.20
N GLN I 194 19.34 95.18 -35.21
CA GLN I 194 19.19 96.25 -34.21
C GLN I 194 17.77 96.21 -33.65
N TYR I 195 17.55 95.36 -32.65
CA TYR I 195 16.32 95.34 -31.88
C TYR I 195 16.57 94.57 -30.58
N GLU I 196 15.62 94.67 -29.64
CA GLU I 196 15.73 94.01 -28.36
C GLU I 196 14.67 92.92 -28.16
N ASN I 197 13.39 93.28 -28.25
CA ASN I 197 12.33 92.30 -28.01
C ASN I 197 12.12 91.41 -29.23
N ASN I 198 11.74 92.00 -30.35
CA ASN I 198 11.66 91.28 -31.62
C ASN I 198 13.03 91.31 -32.29
N ARG I 199 13.08 90.89 -33.55
CA ARG I 199 14.30 90.89 -34.34
C ARG I 199 14.15 91.87 -35.49
N PHE I 200 15.18 92.68 -35.72
CA PHE I 200 15.15 93.69 -36.77
C PHE I 200 15.26 93.04 -38.15
N THR I 201 14.89 93.80 -39.17
CA THR I 201 14.86 93.28 -40.53
C THR I 201 16.28 93.12 -41.08
N VAL I 202 16.44 92.05 -41.87
CA VAL I 202 17.71 91.73 -42.52
C VAL I 202 17.49 91.97 -44.01
N PRO I 203 18.50 92.41 -44.77
CA PRO I 203 18.36 92.47 -46.23
C PRO I 203 18.07 91.11 -46.84
N ARG I 204 17.27 91.11 -47.90
CA ARG I 204 16.75 89.88 -48.48
C ARG I 204 17.84 89.13 -49.24
N GLY I 205 17.65 87.81 -49.34
CA GLY I 205 18.60 86.96 -50.02
C GLY I 205 19.32 86.01 -49.09
N VAL I 206 19.72 86.51 -47.93
CA VAL I 206 20.39 85.68 -46.93
C VAL I 206 19.36 84.90 -46.13
N GLY I 207 19.76 83.74 -45.61
CA GLY I 207 18.82 82.88 -44.94
C GLY I 207 18.17 81.87 -45.87
N GLY I 208 18.98 81.02 -46.49
CA GLY I 208 18.47 80.03 -47.41
C GLY I 208 18.10 78.74 -46.72
N LYS I 209 18.83 77.66 -47.01
CA LYS I 209 18.56 76.36 -46.41
C LYS I 209 19.86 75.70 -45.97
N GLY I 210 19.81 75.07 -44.80
CA GLY I 210 20.94 74.32 -44.28
C GLY I 210 22.15 75.13 -43.86
N ASP I 211 21.93 76.32 -43.28
CA ASP I 211 23.03 77.11 -42.75
C ASP I 211 22.66 77.78 -41.43
N SER I 212 21.82 77.13 -40.63
CA SER I 212 21.39 77.67 -39.35
C SER I 212 22.36 77.28 -38.25
N GLY I 213 22.09 77.75 -37.03
CA GLY I 213 22.94 77.48 -35.90
C GLY I 213 24.10 78.45 -35.73
N ARG I 214 24.21 79.45 -36.59
CA ARG I 214 25.27 80.44 -36.45
C ARG I 214 24.95 81.40 -35.32
N PRO I 215 25.86 81.61 -34.37
CA PRO I 215 25.56 82.47 -33.22
C PRO I 215 25.52 83.94 -33.59
N ILE I 216 24.59 84.66 -32.97
CA ILE I 216 24.52 86.11 -33.08
C ILE I 216 25.32 86.70 -31.93
N LEU I 217 26.37 87.46 -32.27
CA LEU I 217 27.29 87.97 -31.28
C LEU I 217 27.01 89.46 -31.03
N ASP I 218 27.80 90.03 -30.13
CA ASP I 218 27.71 91.44 -29.77
C ASP I 218 29.00 92.15 -30.19
N ASN I 219 29.09 93.44 -29.85
CA ASN I 219 30.32 94.18 -30.10
C ASN I 219 31.46 93.75 -29.17
N LYS I 220 31.14 93.16 -28.02
CA LYS I 220 32.14 92.62 -27.11
C LYS I 220 32.52 91.18 -27.46
N GLY I 221 31.91 90.59 -28.48
CA GLY I 221 32.21 89.23 -28.88
C GLY I 221 31.47 88.16 -28.13
N ARG I 222 30.65 88.51 -27.13
CA ARG I 222 29.90 87.52 -26.39
C ARG I 222 28.72 87.00 -27.22
N VAL I 223 28.41 85.72 -27.04
CA VAL I 223 27.32 85.10 -27.77
C VAL I 223 26.00 85.53 -27.16
N VAL I 224 25.12 86.12 -27.98
CA VAL I 224 23.84 86.61 -27.51
C VAL I 224 22.71 85.63 -27.82
N ALA I 225 22.69 85.05 -29.01
CA ALA I 225 21.56 84.23 -29.43
C ALA I 225 22.01 83.21 -30.45
N ILE I 226 21.25 82.12 -30.55
CA ILE I 226 21.53 81.02 -31.48
C ILE I 226 20.34 80.88 -32.42
N VAL I 227 20.57 81.06 -33.72
CA VAL I 227 19.50 81.05 -34.70
C VAL I 227 19.08 79.61 -35.00
N LEU I 228 17.77 79.42 -35.24
CA LEU I 228 17.24 78.12 -35.65
C LEU I 228 16.35 78.20 -36.89
N GLY I 229 15.61 79.28 -37.07
CA GLY I 229 14.68 79.42 -38.17
C GLY I 229 14.88 80.72 -38.93
N GLY I 230 13.80 81.17 -39.57
CA GLY I 230 13.83 82.40 -40.32
C GLY I 230 14.41 82.32 -41.71
N VAL I 231 13.76 81.58 -42.60
CA VAL I 231 14.22 81.48 -43.98
C VAL I 231 13.76 82.69 -44.81
N ASN I 232 12.45 82.86 -44.93
CA ASN I 232 11.90 83.98 -45.70
C ASN I 232 10.55 84.35 -45.12
N GLU I 233 10.43 85.59 -44.66
CA GLU I 233 9.23 86.08 -43.98
C GLU I 233 8.85 87.45 -44.53
N GLY I 234 8.82 87.58 -45.85
CA GLY I 234 8.44 88.82 -46.48
C GLY I 234 9.61 89.76 -46.70
N SER I 235 9.27 91.04 -46.94
CA SER I 235 10.30 92.06 -47.12
C SER I 235 11.03 92.34 -45.83
N ARG I 236 10.32 92.34 -44.70
CA ARG I 236 10.93 92.50 -43.39
C ARG I 236 11.32 91.11 -42.89
N THR I 237 12.62 90.81 -42.89
CA THR I 237 13.11 89.48 -42.58
C THR I 237 13.20 89.33 -41.06
N ALA I 238 12.29 88.54 -40.50
CA ALA I 238 12.32 88.17 -39.10
C ALA I 238 12.78 86.72 -38.98
N LEU I 239 13.55 86.43 -37.95
CA LEU I 239 14.19 85.13 -37.82
C LEU I 239 13.96 84.56 -36.43
N SER I 240 13.52 83.30 -36.39
CA SER I 240 13.19 82.63 -35.14
C SER I 240 14.47 82.24 -34.42
N VAL I 241 14.56 82.59 -33.14
CA VAL I 241 15.81 82.49 -32.40
C VAL I 241 15.50 82.05 -30.97
N VAL I 242 16.53 81.52 -30.30
CA VAL I 242 16.49 81.33 -28.86
C VAL I 242 17.10 82.57 -28.22
N THR I 243 16.70 82.87 -27.00
CA THR I 243 17.12 84.10 -26.35
C THR I 243 17.01 83.95 -24.84
N TRP I 244 17.56 84.94 -24.13
CA TRP I 244 17.51 85.01 -22.68
C TRP I 244 16.61 86.18 -22.31
N ASN I 245 15.51 85.90 -21.59
CA ASN I 245 14.39 86.83 -21.55
C ASN I 245 14.64 88.00 -20.59
N GLN I 246 14.71 87.73 -19.30
CA GLN I 246 14.99 88.82 -18.37
C GLN I 246 16.05 88.50 -17.35
N LYS I 247 16.08 87.28 -16.82
CA LYS I 247 16.96 86.92 -15.70
C LYS I 247 17.85 85.73 -16.04
N GLY I 248 17.99 85.39 -17.31
CA GLY I 248 18.78 84.25 -17.72
C GLY I 248 18.01 83.03 -18.15
N VAL I 249 16.68 83.11 -18.23
CA VAL I 249 15.87 81.98 -18.65
C VAL I 249 16.00 81.81 -20.17
N THR I 250 16.34 80.61 -20.61
CA THR I 250 16.55 80.32 -22.02
C THR I 250 15.19 80.08 -22.67
N VAL I 251 14.75 81.05 -23.46
CA VAL I 251 13.42 81.03 -24.07
C VAL I 251 13.58 81.09 -25.57
N LYS I 252 12.88 80.19 -26.28
CA LYS I 252 12.80 80.25 -27.74
C LYS I 252 11.64 81.14 -28.15
N ASP I 253 11.91 82.11 -29.02
CA ASP I 253 10.89 83.00 -29.56
C ASP I 253 10.76 82.73 -31.05
N THR I 254 9.57 82.35 -31.49
CA THR I 254 9.27 82.14 -32.90
C THR I 254 8.18 83.10 -33.34
N PRO I 255 8.35 83.82 -34.43
CA PRO I 255 7.32 84.76 -34.89
C PRO I 255 6.20 84.03 -35.62
N GLU I 256 5.18 84.80 -35.98
CA GLU I 256 4.04 84.25 -36.71
C GLU I 256 4.43 83.90 -38.13
N GLY I 257 3.99 82.73 -38.58
CA GLY I 257 4.36 82.23 -39.89
C GLY I 257 5.83 81.85 -40.00
N SER I 258 6.38 81.24 -38.96
CA SER I 258 7.79 80.88 -38.95
C SER I 258 8.03 79.64 -39.80
N GLU I 259 9.28 79.49 -40.25
CA GLU I 259 9.69 78.38 -41.11
C GLU I 259 11.03 77.87 -40.61
N PRO I 260 11.21 76.55 -40.48
CA PRO I 260 12.50 76.02 -40.03
C PRO I 260 13.59 76.23 -41.07
N TRP I 261 14.83 76.35 -40.58
CA TRP I 261 15.97 76.66 -41.42
C TRP I 261 16.96 75.51 -41.40
N TYR J 1 -2.26 -30.27 -81.94
CA TYR J 1 -1.80 -28.91 -81.67
C TYR J 1 -1.52 -28.72 -80.18
N GLU J 2 -0.65 -27.77 -79.86
CA GLU J 2 -0.25 -27.49 -78.50
C GLU J 2 -0.44 -26.01 -78.21
N HIS J 3 -1.07 -25.70 -77.08
CA HIS J 3 -1.38 -24.33 -76.68
C HIS J 3 -0.79 -24.08 -75.30
N THR J 4 0.26 -23.27 -75.24
CA THR J 4 0.94 -22.95 -73.99
C THR J 4 0.45 -21.61 -73.45
N ALA J 5 0.08 -21.62 -72.18
CA ALA J 5 -0.46 -20.44 -71.46
C ALA J 5 -0.23 -20.45 -69.92
N VAL J 6 -0.48 -19.32 -69.24
CA VAL J 6 -0.24 -19.20 -67.80
C VAL J 6 -1.59 -18.92 -67.14
N MET J 7 -1.98 -19.75 -66.19
CA MET J 7 -3.25 -19.56 -65.51
C MET J 7 -3.06 -19.21 -64.04
N PRO J 8 -3.86 -18.26 -63.56
CA PRO J 8 -3.78 -17.82 -62.16
C PRO J 8 -4.19 -18.95 -61.22
N ASN J 9 -3.59 -18.98 -60.03
CA ASN J 9 -3.88 -20.04 -59.08
C ASN J 9 -5.13 -19.76 -58.27
N LYS J 10 -6.29 -19.97 -58.89
CA LYS J 10 -7.58 -19.77 -58.26
C LYS J 10 -8.39 -21.05 -58.45
N VAL J 11 -9.22 -21.39 -57.48
CA VAL J 11 -9.95 -22.65 -57.50
C VAL J 11 -11.27 -22.50 -58.25
N GLY J 12 -12.14 -21.62 -57.77
CA GLY J 12 -13.47 -21.52 -58.32
C GLY J 12 -13.61 -20.75 -59.61
N ILE J 13 -12.54 -20.13 -60.09
CA ILE J 13 -12.57 -19.31 -61.31
C ILE J 13 -12.07 -20.17 -62.47
N PRO J 14 -12.88 -20.42 -63.50
CA PRO J 14 -12.37 -21.13 -64.67
C PRO J 14 -11.46 -20.26 -65.51
N TYR J 15 -10.55 -20.91 -66.22
CA TYR J 15 -9.62 -20.23 -67.13
C TYR J 15 -10.09 -20.46 -68.55
N LYS J 16 -10.46 -19.37 -69.23
CA LYS J 16 -10.98 -19.45 -70.59
C LYS J 16 -9.92 -18.97 -71.57
N ALA J 17 -9.63 -19.80 -72.57
CA ALA J 17 -8.68 -19.46 -73.62
C ALA J 17 -9.16 -20.03 -74.93
N LEU J 18 -8.85 -19.34 -76.01
CA LEU J 18 -9.31 -19.70 -77.35
C LEU J 18 -8.09 -20.05 -78.19
N VAL J 19 -7.95 -21.33 -78.53
CA VAL J 19 -6.86 -21.78 -79.38
C VAL J 19 -7.15 -21.38 -80.82
N GLU J 20 -6.11 -21.03 -81.56
CA GLU J 20 -6.24 -20.44 -82.89
C GLU J 20 -5.32 -21.17 -83.85
N ARG J 21 -5.86 -22.16 -84.56
CA ARG J 21 -5.13 -22.83 -85.63
C ARG J 21 -5.44 -22.14 -86.95
N PRO J 22 -4.45 -21.62 -87.67
CA PRO J 22 -4.74 -20.98 -88.97
C PRO J 22 -5.18 -22.01 -90.01
N GLY J 23 -6.22 -21.65 -90.75
CA GLY J 23 -6.83 -22.56 -91.69
C GLY J 23 -7.95 -23.40 -91.11
N TYR J 24 -8.16 -23.35 -89.80
CA TYR J 24 -9.19 -24.13 -89.13
C TYR J 24 -9.99 -23.22 -88.22
N ALA J 25 -11.14 -23.70 -87.79
CA ALA J 25 -11.98 -22.95 -86.88
C ALA J 25 -11.38 -22.96 -85.48
N PRO J 26 -11.50 -21.87 -84.72
CA PRO J 26 -11.01 -21.86 -83.34
C PRO J 26 -11.84 -22.75 -82.43
N VAL J 27 -11.20 -23.25 -81.38
CA VAL J 27 -11.83 -24.15 -80.42
C VAL J 27 -11.75 -23.49 -79.05
N HIS J 28 -12.89 -23.33 -78.40
CA HIS J 28 -12.91 -22.77 -77.06
C HIS J 28 -12.39 -23.79 -76.05
N LEU J 29 -11.50 -23.35 -75.17
CA LEU J 29 -10.88 -24.22 -74.18
C LEU J 29 -11.12 -23.63 -72.79
N GLN J 30 -11.55 -24.48 -71.85
CA GLN J 30 -11.87 -24.06 -70.49
C GLN J 30 -11.22 -25.04 -69.52
N ILE J 31 -10.30 -24.53 -68.70
CA ILE J 31 -9.61 -25.32 -67.69
C ILE J 31 -9.96 -24.76 -66.32
N GLN J 32 -10.41 -25.64 -65.43
CA GLN J 32 -10.85 -25.21 -64.11
C GLN J 32 -10.25 -26.13 -63.05
N LEU J 33 -9.67 -25.55 -62.01
CA LEU J 33 -9.16 -26.31 -60.88
C LEU J 33 -10.29 -26.73 -59.95
N VAL J 34 -10.15 -27.91 -59.36
CA VAL J 34 -11.12 -28.40 -58.40
C VAL J 34 -10.47 -28.45 -57.03
N ASN J 35 -9.19 -28.85 -57.02
CA ASN J 35 -8.40 -28.97 -55.80
C ASN J 35 -6.94 -28.61 -56.04
N THR J 36 -6.32 -28.06 -55.00
CA THR J 36 -4.91 -27.74 -54.99
C THR J 36 -4.42 -28.28 -53.67
N ARG J 37 -3.45 -29.19 -53.70
CA ARG J 37 -2.97 -29.77 -52.45
C ARG J 37 -1.46 -29.77 -52.30
N ILE J 38 -0.98 -29.35 -51.14
CA ILE J 38 0.46 -29.40 -50.89
C ILE J 38 0.71 -30.49 -49.86
N ILE J 39 1.42 -31.54 -50.28
CA ILE J 39 1.63 -32.71 -49.42
C ILE J 39 3.09 -32.83 -49.06
N PRO J 40 3.51 -32.39 -47.88
CA PRO J 40 4.89 -32.63 -47.44
C PRO J 40 5.09 -34.06 -46.96
N SER J 41 6.35 -34.45 -46.88
CA SER J 41 6.73 -35.78 -46.42
C SER J 41 7.08 -35.71 -44.94
N THR J 42 6.38 -36.50 -44.12
CA THR J 42 6.54 -36.50 -42.68
C THR J 42 6.91 -37.88 -42.19
N ASN J 43 7.76 -37.93 -41.17
CA ASN J 43 8.09 -39.15 -40.47
C ASN J 43 7.84 -38.97 -38.98
N LEU J 44 7.23 -39.97 -38.35
CA LEU J 44 6.87 -39.89 -36.94
C LEU J 44 8.10 -40.04 -36.06
N GLU J 45 8.28 -39.11 -35.14
CA GLU J 45 9.38 -39.18 -34.19
C GLU J 45 8.95 -39.92 -32.91
N TYR J 46 7.93 -39.41 -32.23
CA TYR J 46 7.42 -40.03 -31.01
C TYR J 46 5.99 -39.58 -30.81
N ILE J 47 5.32 -40.23 -29.85
CA ILE J 47 4.01 -39.79 -29.39
C ILE J 47 4.11 -39.43 -27.91
N THR J 48 3.11 -38.71 -27.42
CA THR J 48 3.07 -38.32 -26.01
C THR J 48 1.62 -38.32 -25.55
N CYS J 49 1.43 -38.58 -24.25
CA CYS J 49 0.10 -38.62 -23.64
C CYS J 49 0.26 -38.39 -22.14
N LYS J 50 -0.84 -38.63 -21.42
CA LYS J 50 -0.86 -38.48 -19.97
C LYS J 50 -0.31 -39.76 -19.33
N TYR J 51 0.49 -39.62 -18.28
CA TYR J 51 1.06 -40.78 -17.62
C TYR J 51 0.11 -41.34 -16.56
N LYS J 52 0.45 -42.54 -16.09
CA LYS J 52 -0.22 -43.14 -14.94
C LYS J 52 0.87 -43.79 -14.09
N THR J 53 0.96 -43.40 -12.83
CA THR J 53 1.96 -43.94 -11.93
C THR J 53 1.40 -45.14 -11.19
N LYS J 54 2.15 -46.24 -11.18
CA LYS J 54 1.73 -47.49 -10.56
C LYS J 54 2.60 -47.76 -9.35
N VAL J 55 1.98 -47.98 -8.20
CA VAL J 55 2.67 -48.30 -6.96
C VAL J 55 2.42 -49.77 -6.63
N PRO J 56 3.47 -50.57 -6.50
CA PRO J 56 3.30 -51.96 -6.04
C PRO J 56 3.09 -52.00 -4.54
N SER J 57 2.82 -53.20 -4.03
CA SER J 57 2.64 -53.37 -2.60
C SER J 57 3.97 -53.24 -1.87
N PRO J 58 4.07 -52.37 -0.87
CA PRO J 58 5.33 -52.24 -0.13
C PRO J 58 5.59 -53.43 0.77
N VAL J 59 6.86 -53.76 0.93
CA VAL J 59 7.27 -54.83 1.84
C VAL J 59 7.50 -54.22 3.22
N VAL J 60 7.20 -55.00 4.25
CA VAL J 60 7.36 -54.59 5.64
C VAL J 60 8.22 -55.62 6.33
N LYS J 61 9.47 -55.25 6.62
CA LYS J 61 10.33 -56.08 7.46
C LYS J 61 10.10 -55.69 8.90
N CYS J 62 9.74 -56.67 9.74
CA CYS J 62 9.26 -56.38 11.09
C CYS J 62 10.40 -55.93 12.00
N CYS J 63 11.52 -56.65 11.96
CA CYS J 63 12.72 -56.19 12.67
C CYS J 63 13.91 -56.72 11.89
N GLY J 64 14.53 -55.85 11.10
CA GLY J 64 15.62 -56.22 10.23
C GLY J 64 15.87 -55.11 9.24
N ALA J 65 16.56 -55.44 8.16
CA ALA J 65 16.83 -54.48 7.11
C ALA J 65 16.56 -55.11 5.75
N THR J 66 16.16 -54.27 4.79
CA THR J 66 15.86 -54.72 3.44
C THR J 66 16.45 -53.72 2.45
N GLN J 67 16.88 -54.23 1.30
CA GLN J 67 17.43 -53.42 0.23
C GLN J 67 16.78 -53.80 -1.09
N CYS J 68 16.84 -52.88 -2.06
CA CYS J 68 16.25 -53.10 -3.36
C CYS J 68 17.30 -52.86 -4.44
N THR J 69 17.12 -53.54 -5.57
CA THR J 69 18.04 -53.44 -6.70
C THR J 69 17.60 -52.31 -7.62
N SER J 70 18.21 -52.23 -8.81
CA SER J 70 17.88 -51.22 -9.81
C SER J 70 17.14 -51.93 -10.94
N LYS J 71 15.82 -52.03 -10.81
CA LYS J 71 15.00 -52.67 -11.82
C LYS J 71 14.89 -51.78 -13.06
N PRO J 72 14.84 -52.38 -14.26
CA PRO J 72 14.66 -51.57 -15.48
C PRO J 72 13.21 -51.14 -15.62
N HIS J 73 12.96 -49.85 -15.35
CA HIS J 73 11.63 -49.28 -15.40
C HIS J 73 11.76 -47.80 -15.73
N PRO J 74 10.78 -47.21 -16.40
CA PRO J 74 10.81 -45.76 -16.64
C PRO J 74 10.48 -45.00 -15.36
N ASP J 75 11.40 -44.12 -14.94
CA ASP J 75 11.31 -43.31 -13.72
C ASP J 75 11.11 -44.18 -12.48
N TYR J 76 11.98 -45.18 -12.32
CA TYR J 76 11.90 -46.06 -11.17
C TYR J 76 12.44 -45.38 -9.92
N GLN J 77 11.73 -45.53 -8.81
CA GLN J 77 12.11 -44.96 -7.52
C GLN J 77 12.02 -46.02 -6.44
N CYS J 78 12.99 -46.01 -5.53
CA CYS J 78 13.00 -46.95 -4.41
C CYS J 78 13.60 -46.27 -3.20
N GLN J 79 13.09 -46.60 -2.02
CA GLN J 79 13.55 -45.99 -0.78
C GLN J 79 13.44 -47.01 0.35
N VAL J 80 13.98 -46.64 1.51
CA VAL J 80 13.87 -47.42 2.73
C VAL J 80 13.57 -46.46 3.87
N PHE J 81 12.47 -46.68 4.59
CA PHE J 81 12.10 -45.90 5.75
C PHE J 81 12.15 -46.78 6.99
N SER J 82 12.86 -46.32 8.01
CA SER J 82 13.15 -47.12 9.18
C SER J 82 12.34 -46.64 10.38
N GLY J 83 11.85 -47.60 11.17
CA GLY J 83 11.12 -47.29 12.39
C GLY J 83 9.76 -46.69 12.15
N VAL J 84 8.86 -47.47 11.55
CA VAL J 84 7.53 -46.98 11.20
C VAL J 84 6.47 -47.41 12.21
N TYR J 85 6.50 -48.69 12.63
CA TYR J 85 5.51 -49.37 13.46
C TYR J 85 4.10 -49.21 12.90
N PRO J 86 3.76 -49.91 11.82
CA PRO J 86 2.45 -49.72 11.20
C PRO J 86 1.33 -50.32 12.03
N PHE J 87 0.13 -49.80 11.81
CA PHE J 87 -1.08 -50.24 12.50
C PHE J 87 -2.14 -50.61 11.46
N MET J 88 -2.27 -51.90 11.20
CA MET J 88 -3.31 -52.40 10.31
C MET J 88 -4.60 -52.62 11.13
N TRP J 89 -5.58 -53.26 10.50
CA TRP J 89 -6.82 -53.60 11.18
C TRP J 89 -6.53 -54.78 12.11
N GLY J 90 -7.25 -54.88 13.22
CA GLY J 90 -7.02 -55.96 14.18
C GLY J 90 -5.69 -55.91 14.90
N GLY J 91 -5.28 -54.73 15.35
CA GLY J 91 -4.06 -54.59 16.12
C GLY J 91 -2.88 -54.17 15.26
N ALA J 92 -1.73 -54.05 15.94
CA ALA J 92 -0.49 -53.71 15.28
C ALA J 92 0.00 -54.87 14.42
N TYR J 93 0.90 -54.57 13.49
CA TYR J 93 1.38 -55.58 12.56
C TYR J 93 2.27 -56.61 13.26
N CYS J 94 3.24 -56.14 14.05
CA CYS J 94 4.14 -57.04 14.76
C CYS J 94 4.75 -56.34 15.97
N PHE J 95 5.68 -57.03 16.61
CA PHE J 95 6.12 -56.77 17.98
C PHE J 95 7.42 -55.98 18.06
N CYS J 96 8.30 -56.10 17.07
CA CYS J 96 9.64 -55.53 17.12
C CYS J 96 9.55 -54.00 17.08
N ASP J 97 9.67 -53.38 18.25
CA ASP J 97 9.37 -51.96 18.42
C ASP J 97 10.49 -51.10 17.86
N THR J 98 10.09 -49.95 17.29
CA THR J 98 10.84 -48.74 16.96
C THR J 98 11.95 -48.90 15.92
N GLU J 99 12.15 -50.10 15.40
CA GLU J 99 13.00 -50.29 14.22
C GLU J 99 12.28 -51.29 13.32
N ASN J 100 12.02 -50.87 12.09
CA ASN J 100 11.35 -51.65 11.06
C ASN J 100 11.94 -51.25 9.71
N THR J 101 11.24 -51.63 8.63
CA THR J 101 11.65 -51.25 7.29
C THR J 101 10.44 -51.30 6.36
N GLN J 102 10.16 -50.19 5.69
CA GLN J 102 9.14 -50.14 4.64
C GLN J 102 9.80 -49.66 3.35
N MET J 103 9.61 -50.42 2.28
CA MET J 103 10.28 -50.11 1.01
C MET J 103 9.52 -49.04 0.23
N SER J 104 8.29 -49.36 -0.20
CA SER J 104 7.37 -48.45 -0.91
C SER J 104 7.99 -47.90 -2.20
N GLU J 105 8.23 -48.83 -3.13
CA GLU J 105 8.74 -48.45 -4.44
C GLU J 105 7.61 -47.94 -5.34
N ALA J 106 7.99 -47.22 -6.39
CA ALA J 106 7.03 -46.67 -7.34
C ALA J 106 7.71 -46.48 -8.69
N TYR J 107 6.90 -46.55 -9.76
CA TYR J 107 7.38 -46.32 -11.11
C TYR J 107 6.20 -45.86 -11.98
N VAL J 108 6.54 -45.25 -13.11
CA VAL J 108 5.54 -44.60 -13.96
C VAL J 108 5.38 -45.41 -15.25
N GLU J 109 4.24 -45.19 -15.91
CA GLU J 109 3.92 -45.85 -17.18
C GLU J 109 2.89 -45.01 -17.91
N ARG J 110 2.68 -45.32 -19.18
CA ARG J 110 1.65 -44.64 -19.94
C ARG J 110 0.26 -45.14 -19.57
N SER J 111 -0.74 -44.31 -19.80
CA SER J 111 -2.09 -44.61 -19.36
C SER J 111 -2.86 -45.38 -20.42
N GLU J 112 -4.06 -45.82 -20.05
CA GLU J 112 -4.93 -46.55 -20.97
C GLU J 112 -5.69 -45.62 -21.91
N GLU J 113 -5.70 -44.31 -21.64
CA GLU J 113 -6.29 -43.34 -22.54
C GLU J 113 -5.32 -42.90 -23.63
N CYS J 114 -4.08 -43.39 -23.62
CA CYS J 114 -3.12 -43.01 -24.64
C CYS J 114 -3.47 -43.58 -26.02
N SER J 115 -4.24 -44.66 -26.06
CA SER J 115 -4.65 -45.26 -27.33
C SER J 115 -5.80 -44.51 -27.98
N ILE J 116 -6.42 -43.55 -27.30
CA ILE J 116 -7.59 -42.86 -27.83
C ILE J 116 -7.16 -41.46 -28.29
N ASP J 117 -6.60 -40.67 -27.38
CA ASP J 117 -6.11 -39.33 -27.70
C ASP J 117 -4.65 -39.20 -27.31
N HIS J 118 -3.83 -38.78 -28.26
CA HIS J 118 -2.41 -38.55 -28.05
C HIS J 118 -1.91 -37.58 -29.11
N ALA J 119 -0.76 -36.98 -28.86
CA ALA J 119 -0.16 -36.02 -29.76
C ALA J 119 0.97 -36.68 -30.54
N LYS J 120 0.91 -36.59 -31.86
CA LYS J 120 1.92 -37.18 -32.73
C LYS J 120 2.93 -36.11 -33.15
N ALA J 121 4.21 -36.42 -33.00
CA ALA J 121 5.29 -35.50 -33.33
C ALA J 121 5.84 -35.86 -34.70
N TYR J 122 5.85 -34.89 -35.61
CA TYR J 122 6.28 -35.10 -36.98
C TYR J 122 7.37 -34.11 -37.35
N LYS J 123 8.30 -34.56 -38.19
CA LYS J 123 9.27 -33.70 -38.83
C LYS J 123 8.97 -33.67 -40.32
N VAL J 124 8.80 -32.49 -40.89
CA VAL J 124 8.34 -32.36 -42.25
C VAL J 124 9.54 -32.22 -43.18
N HIS J 125 9.28 -32.44 -44.47
CA HIS J 125 10.25 -32.24 -45.53
C HIS J 125 9.44 -32.03 -46.81
N THR J 126 9.89 -31.11 -47.65
CA THR J 126 9.10 -30.66 -48.80
C THR J 126 8.95 -31.78 -49.83
N GLY J 127 7.72 -31.99 -50.28
CA GLY J 127 7.39 -33.09 -51.16
C GLY J 127 6.57 -32.63 -52.34
N THR J 128 5.65 -33.51 -52.76
CA THR J 128 4.90 -33.31 -53.99
C THR J 128 3.73 -32.35 -53.80
N VAL J 129 3.34 -31.72 -54.90
CA VAL J 129 2.13 -30.92 -55.00
C VAL J 129 1.30 -31.49 -56.14
N GLN J 130 0.04 -31.81 -55.87
CA GLN J 130 -0.85 -32.35 -56.88
C GLN J 130 -2.21 -31.68 -56.79
N ALA J 131 -2.93 -31.71 -57.91
CA ALA J 131 -4.20 -31.01 -58.03
C ALA J 131 -5.14 -31.78 -58.93
N MET J 132 -6.43 -31.48 -58.83
CA MET J 132 -7.46 -32.06 -59.67
C MET J 132 -8.07 -30.97 -60.53
N VAL J 133 -8.11 -31.22 -61.85
CA VAL J 133 -8.56 -30.24 -62.82
C VAL J 133 -9.84 -30.75 -63.49
N ASN J 134 -10.72 -29.82 -63.84
CA ASN J 134 -11.91 -30.09 -64.64
C ASN J 134 -11.76 -29.34 -65.95
N ILE J 135 -11.82 -30.06 -67.07
CA ILE J 135 -11.48 -29.49 -68.36
C ILE J 135 -12.57 -29.82 -69.38
N THR J 136 -12.66 -28.98 -70.41
CA THR J 136 -13.54 -29.20 -71.56
C THR J 136 -12.99 -28.40 -72.74
N TYR J 137 -13.29 -28.87 -73.94
CA TYR J 137 -12.84 -28.19 -75.15
C TYR J 137 -13.77 -28.55 -76.30
N GLY J 138 -14.16 -27.53 -77.07
CA GLY J 138 -14.99 -27.75 -78.25
C GLY J 138 -16.39 -28.23 -77.88
N SER J 139 -16.79 -29.35 -78.46
CA SER J 139 -18.07 -29.97 -78.19
C SER J 139 -17.96 -31.15 -77.23
N VAL J 140 -16.81 -31.32 -76.59
CA VAL J 140 -16.59 -32.40 -75.64
C VAL J 140 -16.95 -31.89 -74.25
N SER J 141 -17.71 -32.70 -73.51
CA SER J 141 -18.20 -32.32 -72.20
C SER J 141 -17.08 -32.38 -71.15
N TRP J 142 -17.44 -32.07 -69.90
CA TRP J 142 -16.45 -31.98 -68.84
C TRP J 142 -15.96 -33.36 -68.41
N ARG J 143 -14.65 -33.49 -68.30
CA ARG J 143 -14.01 -34.69 -67.76
C ARG J 143 -12.93 -34.26 -66.79
N SER J 144 -12.80 -34.98 -65.68
CA SER J 144 -11.91 -34.60 -64.60
C SER J 144 -10.91 -35.72 -64.32
N ALA J 145 -9.66 -35.33 -64.06
CA ALA J 145 -8.61 -36.26 -63.69
C ALA J 145 -7.56 -35.48 -62.91
N ASP J 146 -6.97 -36.12 -61.91
CA ASP J 146 -5.99 -35.44 -61.08
C ASP J 146 -4.61 -35.47 -61.74
N VAL J 147 -3.87 -34.37 -61.57
CA VAL J 147 -2.55 -34.20 -62.19
C VAL J 147 -1.51 -34.07 -61.10
N TYR J 148 -0.23 -33.99 -61.51
CA TYR J 148 0.86 -33.66 -60.62
C TYR J 148 1.39 -32.28 -61.01
N VAL J 149 1.54 -31.41 -60.02
CA VAL J 149 1.89 -29.99 -60.30
C VAL J 149 3.41 -29.95 -60.37
N ASN J 150 3.89 -30.34 -61.55
CA ASN J 150 5.29 -30.31 -61.96
C ASN J 150 5.29 -30.22 -63.49
N GLY J 151 6.29 -29.57 -64.07
CA GLY J 151 6.31 -29.44 -65.52
C GLY J 151 6.83 -30.62 -66.32
N GLU J 152 6.78 -31.83 -65.77
CA GLU J 152 7.27 -33.01 -66.46
C GLU J 152 6.16 -34.02 -66.76
N THR J 153 5.41 -34.45 -65.75
CA THR J 153 4.50 -35.59 -65.91
C THR J 153 3.21 -35.17 -66.59
N PRO J 154 2.84 -35.76 -67.71
CA PRO J 154 1.55 -35.45 -68.34
C PRO J 154 0.43 -36.35 -67.84
N ALA J 155 -0.79 -35.82 -67.94
CA ALA J 155 -2.00 -36.55 -67.60
C ALA J 155 -2.95 -36.55 -68.78
N LYS J 156 -3.57 -37.69 -69.05
CA LYS J 156 -4.47 -37.84 -70.18
C LYS J 156 -5.90 -37.68 -69.68
N ILE J 157 -6.49 -36.51 -69.93
CA ILE J 157 -7.89 -36.25 -69.61
C ILE J 157 -8.67 -36.37 -70.92
N GLY J 158 -9.29 -37.52 -71.13
CA GLY J 158 -9.94 -37.81 -72.39
C GLY J 158 -8.92 -38.20 -73.43
N ASP J 159 -8.76 -37.35 -74.46
CA ASP J 159 -7.76 -37.56 -75.50
C ASP J 159 -6.68 -36.48 -75.51
N ALA J 160 -6.69 -35.58 -74.54
CA ALA J 160 -5.77 -34.44 -74.50
C ALA J 160 -4.77 -34.65 -73.37
N LYS J 161 -3.49 -34.43 -73.67
CA LYS J 161 -2.41 -34.59 -72.71
C LYS J 161 -2.11 -33.23 -72.08
N LEU J 162 -2.49 -33.08 -70.81
CA LEU J 162 -2.30 -31.83 -70.08
C LEU J 162 -1.06 -31.94 -69.20
N ILE J 163 -0.21 -30.92 -69.27
CA ILE J 163 0.96 -30.80 -68.40
C ILE J 163 0.76 -29.55 -67.57
N ILE J 164 0.61 -29.73 -66.26
CA ILE J 164 0.43 -28.61 -65.34
C ILE J 164 1.82 -28.19 -64.87
N GLY J 165 2.15 -26.92 -65.04
CA GLY J 165 3.47 -26.44 -64.73
C GLY J 165 3.70 -26.29 -63.24
N PRO J 166 4.95 -26.08 -62.86
CA PRO J 166 5.27 -25.88 -61.45
C PRO J 166 4.77 -24.54 -60.93
N LEU J 167 4.50 -24.49 -59.63
CA LEU J 167 4.07 -23.26 -59.00
C LEU J 167 5.22 -22.27 -58.94
N SER J 168 4.89 -20.97 -59.09
CA SER J 168 5.93 -19.94 -59.13
C SER J 168 6.53 -19.64 -57.77
N SER J 169 5.89 -20.07 -56.69
CA SER J 169 6.38 -19.83 -55.34
C SER J 169 6.54 -21.15 -54.60
N ALA J 170 7.57 -21.23 -53.76
CA ALA J 170 7.83 -22.41 -52.94
C ALA J 170 7.28 -22.25 -51.52
N TRP J 171 6.18 -21.53 -51.38
CA TRP J 171 5.60 -21.26 -50.06
C TRP J 171 4.84 -22.48 -49.56
N SER J 172 5.16 -22.89 -48.33
CA SER J 172 4.45 -23.93 -47.63
C SER J 172 4.15 -23.48 -46.21
N PRO J 173 2.95 -23.73 -45.69
CA PRO J 173 2.59 -23.21 -44.37
C PRO J 173 3.21 -23.97 -43.20
N PHE J 174 3.74 -25.17 -43.42
CA PHE J 174 4.26 -25.97 -42.33
C PHE J 174 5.69 -25.56 -42.00
N ASP J 175 5.96 -25.34 -40.71
CA ASP J 175 7.32 -25.21 -40.24
C ASP J 175 7.92 -26.59 -40.02
N ASN J 176 9.20 -26.64 -39.63
CA ASN J 176 9.99 -27.86 -39.67
C ASN J 176 9.52 -28.93 -38.69
N LYS J 177 8.81 -28.55 -37.63
CA LYS J 177 8.27 -29.50 -36.67
C LYS J 177 6.81 -29.19 -36.41
N VAL J 178 5.95 -30.20 -36.54
CA VAL J 178 4.52 -30.04 -36.33
C VAL J 178 4.02 -31.09 -35.35
N VAL J 179 2.97 -30.74 -34.61
CA VAL J 179 2.30 -31.64 -33.68
C VAL J 179 0.86 -31.80 -34.14
N VAL J 180 0.42 -33.04 -34.30
CA VAL J 180 -0.92 -33.35 -34.80
C VAL J 180 -1.69 -33.97 -33.65
N TYR J 181 -2.54 -33.17 -33.01
CA TYR J 181 -3.44 -33.64 -31.96
C TYR J 181 -4.86 -33.64 -32.48
N GLY J 182 -5.49 -34.81 -32.49
CA GLY J 182 -6.87 -34.93 -32.93
C GLY J 182 -7.03 -34.72 -34.42
N HIS J 183 -7.67 -33.61 -34.81
CA HIS J 183 -7.86 -33.25 -36.20
C HIS J 183 -7.22 -31.92 -36.57
N GLU J 184 -6.48 -31.31 -35.66
CA GLU J 184 -5.83 -30.03 -35.90
C GLU J 184 -4.33 -30.16 -35.68
N VAL J 185 -3.56 -29.36 -36.42
CA VAL J 185 -2.10 -29.40 -36.34
C VAL J 185 -1.60 -28.07 -35.77
N TYR J 186 -0.37 -28.11 -35.28
CA TYR J 186 0.27 -26.94 -34.67
C TYR J 186 1.70 -26.84 -35.18
N ASN J 187 2.36 -25.75 -34.82
CA ASN J 187 3.77 -25.51 -35.15
C ASN J 187 4.52 -25.38 -33.84
N TYR J 188 5.04 -26.50 -33.34
CA TYR J 188 5.64 -26.56 -32.02
C TYR J 188 6.95 -27.35 -32.08
N ASP J 189 7.94 -26.88 -31.34
CA ASP J 189 9.25 -27.53 -31.29
C ASP J 189 9.20 -28.79 -30.42
N PHE J 190 10.25 -29.62 -30.55
CA PHE J 190 10.32 -30.86 -29.80
C PHE J 190 11.52 -30.86 -28.87
N PRO J 191 11.47 -31.62 -27.77
CA PRO J 191 12.67 -31.91 -26.99
C PRO J 191 13.55 -33.03 -27.57
N GLU J 192 13.24 -33.52 -28.77
CA GLU J 192 14.12 -34.36 -29.59
C GLU J 192 14.39 -35.73 -28.95
N TYR J 193 13.45 -36.21 -28.12
CA TYR J 193 13.38 -37.57 -27.57
C TYR J 193 14.49 -37.90 -26.56
N GLY J 194 15.47 -37.02 -26.38
CA GLY J 194 16.54 -37.27 -25.45
C GLY J 194 16.36 -36.46 -24.18
N THR J 195 15.84 -35.25 -24.34
CA THR J 195 15.59 -34.34 -23.23
C THR J 195 14.10 -34.28 -22.92
N GLY J 196 13.80 -33.71 -21.76
CA GLY J 196 12.44 -33.45 -21.36
C GLY J 196 12.43 -32.59 -20.12
N LYS J 197 11.67 -31.49 -20.13
CA LYS J 197 11.68 -30.56 -19.01
C LYS J 197 10.65 -30.91 -17.96
N ALA J 198 10.10 -32.13 -17.99
CA ALA J 198 9.29 -32.79 -16.98
C ALA J 198 7.92 -32.17 -16.75
N GLY J 199 7.59 -31.05 -17.38
CA GLY J 199 6.31 -30.44 -17.14
C GLY J 199 5.64 -29.74 -18.31
N SER J 200 6.26 -29.73 -19.49
CA SER J 200 5.75 -28.90 -20.58
C SER J 200 5.24 -29.73 -21.76
N PHE J 201 6.08 -30.50 -22.44
CA PHE J 201 5.57 -31.35 -23.51
C PHE J 201 6.21 -32.73 -23.59
N GLY J 202 7.47 -32.89 -23.19
CA GLY J 202 8.18 -34.14 -23.43
C GLY J 202 8.45 -34.93 -22.17
N ASP J 203 7.52 -34.91 -21.24
CA ASP J 203 7.68 -35.65 -19.99
C ASP J 203 7.32 -37.13 -20.14
N LEU J 204 6.80 -37.55 -21.29
CA LEU J 204 6.52 -38.96 -21.54
C LEU J 204 6.55 -39.17 -23.06
N GLN J 205 7.64 -39.72 -23.56
CA GLN J 205 7.85 -39.91 -24.99
C GLN J 205 7.97 -41.40 -25.30
N SER J 206 7.18 -41.86 -26.28
CA SER J 206 7.23 -43.22 -26.76
C SER J 206 7.21 -43.20 -28.29
N ARG J 207 7.97 -44.11 -28.89
CA ARG J 207 8.13 -44.11 -30.34
C ARG J 207 6.84 -44.53 -31.06
N THR J 208 6.12 -45.49 -30.48
CA THR J 208 4.91 -46.02 -31.09
C THR J 208 3.91 -46.25 -29.96
N SER J 209 2.61 -46.22 -30.29
CA SER J 209 1.57 -46.48 -29.29
C SER J 209 1.59 -47.90 -28.76
N THR J 210 2.18 -48.85 -29.50
CA THR J 210 2.36 -50.22 -29.03
C THR J 210 3.81 -50.55 -28.75
N SER J 211 4.66 -49.54 -28.61
CA SER J 211 6.08 -49.75 -28.36
C SER J 211 6.32 -50.14 -26.90
N ASN J 212 7.55 -50.56 -26.62
CA ASN J 212 7.92 -51.07 -25.31
C ASN J 212 9.03 -50.29 -24.63
N ASP J 213 9.60 -49.28 -25.27
CA ASP J 213 10.63 -48.43 -24.68
C ASP J 213 10.04 -47.07 -24.38
N LEU J 214 10.10 -46.66 -23.12
CA LEU J 214 9.49 -45.42 -22.67
C LEU J 214 10.53 -44.53 -22.00
N TYR J 215 10.51 -43.25 -22.33
CA TYR J 215 11.28 -42.24 -21.62
C TYR J 215 10.31 -41.34 -20.86
N ALA J 216 10.53 -41.20 -19.56
CA ALA J 216 9.65 -40.38 -18.74
C ALA J 216 10.42 -39.91 -17.51
N ASN J 217 10.62 -38.60 -17.39
CA ASN J 217 11.07 -37.99 -16.16
C ASN J 217 9.97 -37.07 -15.65
N THR J 218 9.40 -37.40 -14.49
CA THR J 218 8.27 -36.69 -13.95
C THR J 218 8.53 -36.15 -12.55
N ASN J 219 9.82 -36.09 -12.15
CA ASN J 219 10.27 -35.65 -10.83
C ASN J 219 9.60 -36.44 -9.71
N LEU J 220 9.54 -37.76 -9.88
CA LEU J 220 8.89 -38.63 -8.91
C LEU J 220 9.76 -38.77 -7.67
N LYS J 221 9.24 -38.35 -6.53
CA LYS J 221 9.95 -38.39 -5.27
C LYS J 221 9.07 -39.09 -4.24
N LEU J 222 9.59 -40.16 -3.64
CA LEU J 222 8.85 -40.88 -2.61
C LEU J 222 8.88 -40.09 -1.30
N GLN J 223 7.83 -40.30 -0.49
CA GLN J 223 7.68 -39.60 0.77
C GLN J 223 7.47 -40.62 1.89
N ARG J 224 7.80 -40.21 3.10
CA ARG J 224 7.74 -41.09 4.25
C ARG J 224 6.29 -41.34 4.66
N PRO J 225 5.89 -42.59 4.86
CA PRO J 225 4.58 -42.86 5.46
C PRO J 225 4.56 -42.41 6.93
N GLN J 226 3.44 -41.82 7.33
CA GLN J 226 3.34 -41.16 8.62
C GLN J 226 2.32 -41.86 9.51
N ALA J 227 2.49 -41.68 10.82
CA ALA J 227 1.56 -42.08 11.87
C ALA J 227 1.28 -43.57 11.92
N GLY J 228 2.18 -44.40 11.39
CA GLY J 228 2.06 -45.84 11.49
C GLY J 228 0.89 -46.47 10.75
N ILE J 229 0.71 -46.11 9.48
CA ILE J 229 -0.30 -46.74 8.63
C ILE J 229 0.38 -47.24 7.37
N VAL J 230 -0.24 -48.24 6.75
CA VAL J 230 0.34 -48.90 5.58
C VAL J 230 -0.20 -48.20 4.34
N HIS J 231 0.59 -47.27 3.80
CA HIS J 231 0.32 -46.65 2.51
C HIS J 231 1.63 -46.11 1.96
N THR J 232 1.66 -45.92 0.65
CA THR J 232 2.84 -45.37 -0.02
C THR J 232 2.56 -44.01 -0.65
N PRO J 233 2.97 -42.91 -0.02
CA PRO J 233 2.77 -41.59 -0.60
C PRO J 233 3.95 -41.16 -1.47
N PHE J 234 3.64 -40.31 -2.44
CA PHE J 234 4.66 -39.76 -3.33
C PHE J 234 4.25 -38.35 -3.74
N THR J 235 5.13 -37.70 -4.48
CA THR J 235 4.82 -36.38 -5.04
C THR J 235 5.55 -36.24 -6.37
N GLN J 236 4.89 -35.58 -7.32
CA GLN J 236 5.46 -35.36 -8.65
C GLN J 236 4.73 -34.18 -9.28
N VAL J 237 5.36 -33.58 -10.28
CA VAL J 237 4.77 -32.46 -11.02
C VAL J 237 3.68 -32.98 -11.95
N PRO J 238 2.72 -32.11 -12.27
CA PRO J 238 1.57 -32.42 -13.13
C PRO J 238 1.98 -32.72 -14.56
N SER J 239 1.18 -33.49 -15.29
CA SER J 239 1.55 -33.90 -16.64
C SER J 239 1.62 -32.71 -17.59
N GLY J 240 2.62 -32.72 -18.47
CA GLY J 240 2.75 -31.67 -19.45
C GLY J 240 1.76 -31.77 -20.59
N PHE J 241 1.23 -32.98 -20.85
CA PHE J 241 0.22 -33.13 -21.89
C PHE J 241 -1.08 -32.45 -21.51
N GLU J 242 -1.48 -32.56 -20.23
CA GLU J 242 -2.66 -31.85 -19.76
C GLU J 242 -2.40 -30.36 -19.59
N ARG J 243 -1.13 -29.97 -19.38
CA ARG J 243 -0.79 -28.55 -19.34
C ARG J 243 -0.77 -27.94 -20.74
N TRP J 244 -0.28 -28.70 -21.73
CA TRP J 244 -0.23 -28.22 -23.10
C TRP J 244 -1.62 -28.05 -23.70
N LYS J 245 -2.57 -28.91 -23.29
CA LYS J 245 -3.92 -28.85 -23.82
C LYS J 245 -4.72 -27.66 -23.31
N LYS J 246 -4.25 -26.97 -22.28
CA LYS J 246 -4.92 -25.78 -21.77
C LYS J 246 -4.32 -24.48 -22.29
N ASP J 247 -3.03 -24.48 -22.63
CA ASP J 247 -2.34 -23.26 -23.05
C ASP J 247 -1.86 -23.32 -24.51
N LYS J 248 -2.34 -24.27 -25.29
CA LYS J 248 -2.06 -24.27 -26.72
C LYS J 248 -2.82 -23.13 -27.39
N GLY J 249 -2.17 -22.49 -28.36
CA GLY J 249 -2.75 -21.37 -29.07
C GLY J 249 -3.73 -21.80 -30.14
N ALA J 250 -3.90 -20.94 -31.13
CA ALA J 250 -4.74 -21.27 -32.27
C ALA J 250 -4.03 -22.29 -33.16
N PRO J 251 -4.78 -23.22 -33.77
CA PRO J 251 -4.15 -24.20 -34.66
C PRO J 251 -3.71 -23.56 -35.97
N LEU J 252 -2.95 -24.34 -36.73
CA LEU J 252 -2.47 -23.87 -38.03
C LEU J 252 -3.58 -23.76 -39.06
N ASN J 253 -4.68 -24.50 -38.87
CA ASN J 253 -5.82 -24.40 -39.78
C ASN J 253 -6.72 -23.21 -39.48
N ASP J 254 -6.33 -22.35 -38.53
CA ASP J 254 -7.03 -21.10 -38.26
C ASP J 254 -6.19 -19.86 -38.51
N VAL J 255 -4.86 -20.00 -38.61
CA VAL J 255 -3.95 -18.88 -38.77
C VAL J 255 -3.17 -18.93 -40.07
N ALA J 256 -3.50 -19.89 -40.94
CA ALA J 256 -2.76 -20.03 -42.19
C ALA J 256 -3.13 -18.90 -43.16
N PRO J 257 -2.14 -18.28 -43.82
CA PRO J 257 -2.45 -17.25 -44.81
C PRO J 257 -2.95 -17.89 -46.10
N PHE J 258 -3.42 -17.01 -47.01
CA PHE J 258 -3.91 -17.33 -48.35
C PHE J 258 -5.12 -18.28 -48.33
N GLY J 259 -5.85 -18.33 -47.22
CA GLY J 259 -7.04 -19.16 -47.13
C GLY J 259 -6.82 -20.66 -47.18
N CYS J 260 -5.72 -21.14 -46.61
CA CYS J 260 -5.45 -22.57 -46.61
C CYS J 260 -6.37 -23.30 -45.62
N SER J 261 -6.89 -24.44 -46.06
CA SER J 261 -7.63 -25.35 -45.21
C SER J 261 -6.84 -26.64 -45.10
N ILE J 262 -6.59 -27.08 -43.87
CA ILE J 262 -5.64 -28.16 -43.61
C ILE J 262 -6.41 -29.46 -43.39
N ALA J 263 -6.12 -30.45 -44.24
CA ALA J 263 -6.62 -31.81 -44.07
C ALA J 263 -5.56 -32.63 -43.35
N LEU J 264 -5.87 -33.89 -43.06
CA LEU J 264 -5.08 -34.63 -42.09
C LEU J 264 -4.51 -35.94 -42.57
N GLU J 265 -5.23 -36.70 -43.40
CA GLU J 265 -4.89 -38.11 -43.58
C GLU J 265 -3.63 -38.32 -44.44
N PRO J 266 -3.36 -37.54 -45.50
CA PRO J 266 -1.96 -37.38 -45.95
C PRO J 266 -1.28 -36.11 -45.45
N LEU J 267 -1.93 -35.36 -44.54
CA LEU J 267 -1.48 -34.08 -44.01
C LEU J 267 -1.22 -33.07 -45.13
N ARG J 268 -2.31 -32.73 -45.82
CA ARG J 268 -2.25 -31.77 -46.91
C ARG J 268 -2.40 -30.35 -46.38
N ALA J 269 -2.36 -29.39 -47.31
CA ALA J 269 -2.72 -28.00 -47.04
C ALA J 269 -3.54 -27.55 -48.25
N GLU J 270 -4.85 -27.77 -48.18
CA GLU J 270 -5.71 -27.64 -49.34
C GLU J 270 -6.06 -26.19 -49.64
N ASN J 271 -6.15 -25.89 -50.94
CA ASN J 271 -6.86 -24.71 -51.47
C ASN J 271 -6.20 -23.39 -51.06
N CYS J 272 -4.88 -23.34 -51.16
CA CYS J 272 -4.16 -22.07 -50.99
C CYS J 272 -4.04 -21.36 -52.33
N ALA J 273 -4.22 -20.05 -52.31
CA ALA J 273 -4.22 -19.23 -53.53
C ALA J 273 -2.96 -18.36 -53.52
N VAL J 274 -1.86 -18.91 -54.02
CA VAL J 274 -0.59 -18.21 -54.08
C VAL J 274 0.08 -18.55 -55.41
N GLY J 275 0.61 -17.53 -56.09
CA GLY J 275 1.36 -17.74 -57.31
C GLY J 275 0.49 -17.96 -58.52
N SER J 276 1.10 -18.56 -59.54
CA SER J 276 0.43 -18.84 -60.80
C SER J 276 0.93 -20.16 -61.35
N ILE J 277 0.11 -20.78 -62.20
CA ILE J 277 0.49 -22.04 -62.77
C ILE J 277 0.46 -22.00 -64.29
N PRO J 278 1.57 -22.36 -64.91
CA PRO J 278 1.61 -22.43 -66.38
C PRO J 278 0.85 -23.64 -66.91
N ILE J 279 0.60 -23.61 -68.22
CA ILE J 279 -0.27 -24.56 -68.89
C ILE J 279 0.37 -25.02 -70.19
N SER J 280 0.37 -26.33 -70.40
CA SER J 280 0.84 -26.90 -71.64
C SER J 280 -0.21 -27.97 -71.91
N ILE J 281 -0.98 -27.80 -72.97
CA ILE J 281 -2.01 -28.79 -73.28
C ILE J 281 -1.93 -29.26 -74.72
N ASP J 282 -1.99 -30.56 -74.92
CA ASP J 282 -1.96 -31.09 -76.26
C ASP J 282 -3.38 -31.43 -76.67
N ILE J 283 -3.93 -30.64 -77.59
CA ILE J 283 -5.27 -30.85 -78.12
C ILE J 283 -5.19 -31.77 -79.34
N PRO J 284 -6.05 -32.80 -79.43
CA PRO J 284 -5.98 -33.72 -80.58
C PRO J 284 -6.38 -33.05 -81.89
N ASP J 285 -5.89 -33.63 -82.98
CA ASP J 285 -6.13 -33.10 -84.32
C ASP J 285 -7.55 -33.36 -84.82
N ALA J 286 -8.30 -34.25 -84.18
CA ALA J 286 -9.66 -34.54 -84.61
C ALA J 286 -10.67 -33.54 -84.05
N ALA J 287 -10.26 -32.63 -83.18
CA ALA J 287 -11.14 -31.61 -82.63
C ALA J 287 -11.22 -30.35 -83.47
N PHE J 288 -10.45 -30.27 -84.55
CA PHE J 288 -10.43 -29.10 -85.42
C PHE J 288 -11.18 -29.41 -86.71
N THR J 289 -12.08 -28.51 -87.09
CA THR J 289 -12.77 -28.58 -88.37
C THR J 289 -12.27 -27.47 -89.27
N ARG J 290 -12.47 -27.65 -90.57
CA ARG J 290 -12.02 -26.66 -91.55
C ARG J 290 -12.88 -25.41 -91.47
N ILE J 291 -12.31 -24.29 -91.91
CA ILE J 291 -12.99 -23.00 -91.81
C ILE J 291 -14.08 -22.82 -92.86
N SER J 292 -14.12 -23.68 -93.88
CA SER J 292 -15.16 -23.60 -94.91
C SER J 292 -16.50 -24.13 -94.43
N GLU J 293 -16.55 -24.82 -93.30
CA GLU J 293 -17.79 -25.35 -92.75
C GLU J 293 -18.28 -24.58 -91.53
N THR J 294 -17.70 -23.41 -91.26
CA THR J 294 -18.02 -22.61 -90.09
C THR J 294 -18.33 -21.18 -90.52
N PRO J 295 -19.16 -20.46 -89.75
CA PRO J 295 -19.47 -19.08 -90.11
C PRO J 295 -18.28 -18.15 -90.01
N THR J 296 -18.32 -17.08 -90.79
CA THR J 296 -17.31 -16.01 -90.78
C THR J 296 -18.05 -14.69 -90.71
N VAL J 297 -17.64 -13.84 -89.78
CA VAL J 297 -18.38 -12.63 -89.40
C VAL J 297 -17.54 -11.41 -89.71
N SER J 298 -18.12 -10.46 -90.44
CA SER J 298 -17.52 -9.15 -90.69
C SER J 298 -18.55 -8.07 -90.36
N ASP J 299 -18.05 -6.82 -90.36
CA ASP J 299 -18.84 -5.60 -90.15
C ASP J 299 -19.54 -5.61 -88.78
N LEU J 300 -18.71 -5.58 -87.74
CA LEU J 300 -19.18 -5.64 -86.36
C LEU J 300 -19.26 -4.24 -85.75
N GLU J 301 -20.26 -4.03 -84.90
CA GLU J 301 -20.43 -2.78 -84.17
C GLU J 301 -20.91 -3.10 -82.77
N CYS J 302 -20.10 -2.78 -81.77
CA CYS J 302 -20.33 -3.18 -80.39
C CYS J 302 -20.81 -1.99 -79.56
N LYS J 303 -21.92 -2.17 -78.85
CA LYS J 303 -22.49 -1.14 -77.98
C LYS J 303 -22.73 -1.72 -76.60
N ILE J 304 -22.31 -0.99 -75.56
CA ILE J 304 -22.52 -1.49 -74.22
C ILE J 304 -23.77 -0.84 -73.64
N THR J 305 -24.79 -1.64 -73.38
CA THR J 305 -26.03 -1.14 -72.81
C THR J 305 -25.88 -0.65 -71.38
N GLU J 306 -25.16 -1.40 -70.56
CA GLU J 306 -24.97 -1.05 -69.15
C GLU J 306 -23.69 -1.66 -68.58
N CYS J 307 -23.16 -1.08 -67.51
CA CYS J 307 -21.97 -1.64 -66.89
C CYS J 307 -21.89 -1.20 -65.43
N THR J 308 -21.31 -2.07 -64.62
CA THR J 308 -21.14 -1.87 -63.18
C THR J 308 -19.83 -2.51 -62.68
N TYR J 309 -19.37 -2.11 -61.50
CA TYR J 309 -18.13 -2.61 -60.91
C TYR J 309 -18.26 -3.98 -60.27
N ALA J 310 -19.50 -4.48 -60.19
CA ALA J 310 -19.86 -5.66 -59.40
C ALA J 310 -19.14 -6.98 -59.59
N PHE J 311 -18.87 -7.66 -58.47
CA PHE J 311 -18.16 -8.93 -58.55
C PHE J 311 -18.91 -9.93 -59.44
N ASP J 312 -20.23 -9.83 -59.47
CA ASP J 312 -21.09 -10.62 -60.33
C ASP J 312 -21.00 -10.05 -61.75
N PHE J 313 -21.52 -10.81 -62.74
CA PHE J 313 -21.48 -10.42 -64.15
C PHE J 313 -22.44 -9.25 -64.37
N GLY J 314 -21.94 -8.05 -64.08
CA GLY J 314 -22.71 -6.83 -64.07
C GLY J 314 -22.75 -6.04 -65.36
N GLY J 315 -22.22 -6.58 -66.46
CA GLY J 315 -22.19 -5.87 -67.72
C GLY J 315 -23.04 -6.57 -68.76
N ILE J 316 -23.69 -5.77 -69.61
CA ILE J 316 -24.49 -6.26 -70.72
C ILE J 316 -24.14 -5.44 -71.96
N ALA J 317 -23.77 -6.12 -73.04
CA ALA J 317 -23.42 -5.44 -74.29
C ALA J 317 -24.02 -6.19 -75.46
N THR J 318 -24.36 -5.44 -76.51
CA THR J 318 -24.91 -5.99 -77.75
C THR J 318 -23.97 -5.69 -78.91
N VAL J 319 -23.98 -6.56 -79.91
CA VAL J 319 -23.17 -6.38 -81.11
C VAL J 319 -24.00 -6.80 -82.32
N ALA J 320 -23.74 -6.16 -83.46
CA ALA J 320 -24.46 -6.40 -84.70
C ALA J 320 -23.48 -6.93 -85.74
N TYR J 321 -23.88 -8.00 -86.44
CA TYR J 321 -23.01 -8.72 -87.35
C TYR J 321 -23.69 -8.93 -88.69
N LYS J 322 -22.95 -9.52 -89.63
CA LYS J 322 -23.52 -10.06 -90.86
C LYS J 322 -22.64 -11.25 -91.26
N SER J 323 -23.08 -12.46 -90.90
CA SER J 323 -22.27 -13.64 -91.08
C SER J 323 -22.41 -14.21 -92.49
N SER J 324 -21.49 -15.09 -92.85
CA SER J 324 -21.56 -15.76 -94.15
C SER J 324 -22.64 -16.82 -94.17
N LYS J 325 -22.78 -17.58 -93.08
CA LYS J 325 -23.78 -18.64 -93.00
C LYS J 325 -24.16 -18.84 -91.54
N ALA J 326 -25.25 -19.57 -91.34
CA ALA J 326 -25.75 -19.82 -89.99
C ALA J 326 -24.91 -20.89 -89.30
N GLY J 327 -24.85 -20.80 -87.98
CA GLY J 327 -24.09 -21.75 -87.20
C GLY J 327 -23.53 -21.10 -85.95
N ASN J 328 -23.00 -21.94 -85.08
CA ASN J 328 -22.42 -21.50 -83.81
C ASN J 328 -20.93 -21.28 -83.96
N CYS J 329 -20.42 -20.20 -83.34
CA CYS J 329 -18.99 -19.97 -83.30
C CYS J 329 -18.66 -19.22 -82.02
N PRO J 330 -17.54 -19.52 -81.37
CA PRO J 330 -17.30 -19.01 -80.02
C PRO J 330 -16.87 -17.55 -79.97
N ILE J 331 -16.93 -17.00 -78.77
CA ILE J 331 -16.48 -15.64 -78.49
C ILE J 331 -15.45 -15.70 -77.36
N HIS J 332 -14.55 -14.71 -77.34
CA HIS J 332 -13.50 -14.64 -76.34
C HIS J 332 -12.96 -13.21 -76.29
N SER J 333 -12.61 -12.76 -75.09
CA SER J 333 -11.95 -11.47 -74.92
C SER J 333 -10.53 -11.72 -74.42
N PRO J 334 -9.49 -11.49 -75.23
CA PRO J 334 -8.13 -11.87 -74.84
C PRO J 334 -7.47 -10.93 -73.85
N SER J 335 -8.00 -9.74 -73.63
CA SER J 335 -7.37 -8.78 -72.73
C SER J 335 -7.66 -9.13 -71.28
N GLY J 336 -7.08 -8.37 -70.37
CA GLY J 336 -7.27 -8.54 -68.94
C GLY J 336 -8.29 -7.60 -68.32
N VAL J 337 -9.12 -6.95 -69.12
CA VAL J 337 -10.09 -6.01 -68.58
C VAL J 337 -11.35 -6.73 -68.12
N ALA J 338 -12.00 -7.45 -69.03
CA ALA J 338 -13.26 -8.10 -68.73
C ALA J 338 -13.20 -9.58 -69.11
N VAL J 339 -14.05 -10.34 -68.41
CA VAL J 339 -14.25 -11.78 -68.56
C VAL J 339 -15.66 -11.96 -69.15
N ILE J 340 -15.85 -13.00 -69.96
CA ILE J 340 -17.10 -13.18 -70.68
C ILE J 340 -17.83 -14.37 -70.10
N LYS J 341 -19.14 -14.20 -69.85
CA LYS J 341 -19.96 -15.28 -69.29
C LYS J 341 -20.27 -16.37 -70.31
N GLU J 342 -20.38 -16.00 -71.58
CA GLU J 342 -20.81 -16.93 -72.62
C GLU J 342 -19.60 -17.52 -73.36
N ASN J 343 -19.73 -18.79 -73.74
CA ASN J 343 -18.70 -19.46 -74.52
C ASN J 343 -18.98 -19.38 -76.02
N ASP J 344 -20.17 -19.78 -76.44
CA ASP J 344 -20.55 -19.78 -77.84
C ASP J 344 -21.89 -19.08 -78.04
N VAL J 345 -22.09 -18.57 -79.25
CA VAL J 345 -23.34 -17.90 -79.61
C VAL J 345 -23.84 -18.47 -80.93
N THR J 346 -25.15 -18.39 -81.14
CA THR J 346 -25.78 -18.92 -82.34
C THR J 346 -26.08 -17.77 -83.29
N LEU J 347 -25.59 -17.87 -84.53
CA LEU J 347 -25.64 -16.78 -85.49
C LEU J 347 -26.66 -17.06 -86.59
N ALA J 348 -26.84 -16.06 -87.44
CA ALA J 348 -27.71 -16.13 -88.61
C ALA J 348 -27.11 -15.21 -89.67
N GLU J 349 -27.91 -14.83 -90.66
CA GLU J 349 -27.48 -13.85 -91.67
C GLU J 349 -28.00 -12.48 -91.26
N SER J 350 -27.08 -11.58 -90.92
CA SER J 350 -27.33 -10.17 -90.59
C SER J 350 -28.29 -10.02 -89.41
N GLY J 351 -27.83 -10.50 -88.25
CA GLY J 351 -28.60 -10.37 -87.03
C GLY J 351 -27.89 -9.61 -85.94
N SER J 352 -28.20 -9.92 -84.68
CA SER J 352 -27.56 -9.30 -83.52
C SER J 352 -27.72 -10.23 -82.33
N PHE J 353 -26.75 -10.19 -81.42
CA PHE J 353 -26.82 -10.99 -80.19
C PHE J 353 -26.20 -10.20 -79.05
N THR J 354 -26.54 -10.62 -77.83
CA THR J 354 -26.09 -9.97 -76.61
C THR J 354 -25.21 -10.94 -75.81
N PHE J 355 -24.22 -10.37 -75.11
CA PHE J 355 -23.38 -11.14 -74.21
C PHE J 355 -23.21 -10.38 -72.90
N HIS J 356 -22.90 -11.13 -71.84
CA HIS J 356 -22.72 -10.58 -70.51
C HIS J 356 -21.26 -10.67 -70.10
N PHE J 357 -20.76 -9.62 -69.44
CA PHE J 357 -19.37 -9.56 -69.01
C PHE J 357 -19.30 -9.01 -67.60
N SER J 358 -18.06 -8.96 -67.07
CA SER J 358 -17.80 -8.43 -65.75
C SER J 358 -16.43 -7.76 -65.75
N THR J 359 -16.37 -6.54 -65.21
CA THR J 359 -15.14 -5.76 -65.24
C THR J 359 -15.06 -4.87 -64.01
N ALA J 360 -13.86 -4.38 -63.73
CA ALA J 360 -13.62 -3.44 -62.65
C ALA J 360 -13.24 -2.05 -63.12
N ASN J 361 -13.03 -1.86 -64.42
CA ASN J 361 -12.67 -0.56 -64.96
C ASN J 361 -13.88 0.37 -65.00
N ILE J 362 -13.63 1.66 -64.79
CA ILE J 362 -14.69 2.65 -64.97
C ILE J 362 -15.07 2.77 -66.44
N HIS J 363 -14.06 2.87 -67.31
CA HIS J 363 -14.27 2.93 -68.76
C HIS J 363 -13.56 1.74 -69.39
N PRO J 364 -14.27 0.65 -69.69
CA PRO J 364 -13.61 -0.51 -70.30
C PRO J 364 -13.25 -0.24 -71.76
N ALA J 365 -12.03 -0.62 -72.13
CA ALA J 365 -11.55 -0.52 -73.51
C ALA J 365 -11.15 -1.88 -74.06
N PHE J 366 -11.82 -2.93 -73.58
CA PHE J 366 -11.49 -4.29 -73.99
C PHE J 366 -12.00 -4.57 -75.39
N LYS J 367 -11.32 -5.48 -76.07
CA LYS J 367 -11.76 -5.99 -77.36
C LYS J 367 -12.07 -7.47 -77.23
N LEU J 368 -12.96 -7.95 -78.08
CA LEU J 368 -13.31 -9.36 -78.12
C LEU J 368 -13.32 -9.84 -79.57
N GLN J 369 -13.07 -11.13 -79.74
CA GLN J 369 -13.00 -11.74 -81.06
C GLN J 369 -14.12 -12.75 -81.21
N VAL J 370 -14.96 -12.55 -82.22
CA VAL J 370 -16.03 -13.48 -82.58
C VAL J 370 -15.85 -13.89 -84.03
N CYS J 371 -15.81 -15.20 -84.27
CA CYS J 371 -15.69 -15.83 -85.59
C CYS J 371 -14.43 -15.34 -86.34
N THR J 372 -13.28 -15.56 -85.69
CA THR J 372 -11.93 -15.06 -85.97
C THR J 372 -11.92 -13.63 -86.53
N SER J 373 -12.61 -12.71 -85.85
CA SER J 373 -12.63 -11.31 -86.24
C SER J 373 -12.81 -10.48 -84.97
N ALA J 374 -12.01 -9.43 -84.81
CA ALA J 374 -11.95 -8.67 -83.57
C ALA J 374 -12.70 -7.36 -83.69
N VAL J 375 -13.45 -7.02 -82.64
CA VAL J 375 -14.18 -5.77 -82.55
C VAL J 375 -13.99 -5.19 -81.15
N THR J 376 -13.70 -3.90 -81.07
CA THR J 376 -13.49 -3.23 -79.78
C THR J 376 -14.81 -2.75 -79.19
N CYS J 377 -14.83 -2.60 -77.88
CA CYS J 377 -16.02 -2.15 -77.15
C CYS J 377 -15.62 -1.06 -76.16
N LYS J 378 -16.50 -0.09 -75.98
CA LYS J 378 -16.26 1.02 -75.06
C LYS J 378 -17.55 1.34 -74.32
N GLY J 379 -17.39 1.99 -73.17
CA GLY J 379 -18.55 2.39 -72.38
C GLY J 379 -18.13 2.96 -71.05
N ASP J 380 -19.12 3.23 -70.21
CA ASP J 380 -18.92 3.74 -68.86
C ASP J 380 -19.60 2.81 -67.86
N CYS J 381 -19.12 2.83 -66.62
CA CYS J 381 -19.63 1.97 -65.57
C CYS J 381 -19.92 2.78 -64.32
N LYS J 382 -20.90 2.31 -63.54
CA LYS J 382 -21.31 2.95 -62.30
C LYS J 382 -20.96 2.07 -61.10
N PRO J 383 -20.62 2.66 -59.96
CA PRO J 383 -20.27 1.85 -58.78
C PRO J 383 -21.49 1.16 -58.21
N PRO J 384 -21.30 0.01 -57.55
CA PRO J 384 -22.43 -0.70 -56.96
C PRO J 384 -22.76 -0.15 -55.57
N LYS J 385 -23.92 -0.55 -55.08
CA LYS J 385 -24.40 -0.08 -53.79
C LYS J 385 -24.15 -1.06 -52.65
N ASP J 386 -23.95 -2.34 -52.95
CA ASP J 386 -23.68 -3.32 -51.92
C ASP J 386 -22.28 -3.11 -51.33
N HIS J 387 -22.15 -3.41 -50.04
CA HIS J 387 -20.90 -3.18 -49.32
C HIS J 387 -20.10 -4.46 -49.09
N ILE J 388 -20.76 -5.57 -48.80
CA ILE J 388 -20.09 -6.83 -48.51
C ILE J 388 -20.88 -7.95 -49.19
N VAL J 389 -20.18 -8.79 -49.94
CA VAL J 389 -20.80 -9.95 -50.60
C VAL J 389 -20.09 -11.21 -50.12
N ASP J 390 -20.53 -12.36 -50.61
CA ASP J 390 -19.99 -13.65 -50.20
C ASP J 390 -19.55 -14.49 -51.39
N TYR J 391 -19.03 -13.82 -52.42
CA TYR J 391 -18.40 -14.50 -53.55
C TYR J 391 -17.19 -13.71 -54.00
N PRO J 392 -16.15 -14.38 -54.48
CA PRO J 392 -14.95 -13.67 -54.94
C PRO J 392 -15.18 -12.99 -56.28
N ALA J 393 -14.23 -12.13 -56.64
CA ALA J 393 -14.31 -11.36 -57.88
C ALA J 393 -13.98 -12.24 -59.07
N GLN J 394 -14.84 -12.19 -60.10
CA GLN J 394 -14.56 -12.90 -61.33
C GLN J 394 -13.46 -12.22 -62.13
N HIS J 395 -13.37 -10.90 -62.04
CA HIS J 395 -12.42 -10.13 -62.82
C HIS J 395 -11.11 -9.97 -62.03
N THR J 396 -10.23 -9.10 -62.52
CA THR J 396 -9.03 -8.72 -61.81
C THR J 396 -8.89 -7.20 -61.85
N GLU J 397 -8.23 -6.65 -60.85
CA GLU J 397 -8.11 -5.21 -60.69
C GLU J 397 -6.68 -4.78 -61.02
N SER J 398 -6.56 -3.87 -61.99
CA SER J 398 -5.26 -3.38 -62.42
C SER J 398 -4.92 -2.10 -61.66
N PHE J 399 -3.85 -1.43 -62.08
CA PHE J 399 -3.42 -0.19 -61.42
C PHE J 399 -4.13 1.03 -61.98
N THR J 400 -4.48 1.02 -63.28
CA THR J 400 -5.21 2.11 -63.91
C THR J 400 -6.71 1.85 -64.00
N SER J 401 -7.22 0.92 -63.18
CA SER J 401 -8.63 0.57 -63.25
C SER J 401 -9.55 1.63 -62.66
N ALA J 402 -9.05 2.38 -61.67
CA ALA J 402 -9.89 3.30 -60.90
C ALA J 402 -9.82 4.74 -61.39
N ILE J 403 -9.16 5.01 -62.51
CA ILE J 403 -8.98 6.37 -63.01
C ILE J 403 -10.07 6.65 -64.04
N SER J 404 -10.76 7.77 -63.88
CA SER J 404 -11.84 8.17 -64.77
C SER J 404 -11.33 9.20 -65.78
N ALA J 405 -12.24 9.61 -66.67
CA ALA J 405 -11.87 10.58 -67.71
C ALA J 405 -11.73 11.99 -67.14
N THR J 406 -12.43 12.30 -66.07
CA THR J 406 -12.28 13.60 -65.42
C THR J 406 -10.95 13.69 -64.69
N ALA J 407 -10.54 12.60 -64.02
CA ALA J 407 -9.25 12.58 -63.34
C ALA J 407 -8.09 12.52 -64.32
N TRP J 408 -8.30 11.93 -65.51
CA TRP J 408 -7.27 11.95 -66.54
C TRP J 408 -7.12 13.33 -67.15
N SER J 409 -8.21 14.09 -67.25
CA SER J 409 -8.12 15.45 -67.78
C SER J 409 -7.42 16.38 -66.81
N TRP J 410 -7.57 16.15 -65.51
CA TRP J 410 -6.87 16.98 -64.52
C TRP J 410 -5.38 16.65 -64.46
N ILE J 411 -5.02 15.39 -64.71
CA ILE J 411 -3.61 15.00 -64.72
C ILE J 411 -2.91 15.59 -65.96
N LYS J 412 -3.55 15.49 -67.13
CA LYS J 412 -2.95 15.98 -68.36
C LYS J 412 -2.85 17.50 -68.38
N VAL J 413 -3.79 18.20 -67.76
CA VAL J 413 -3.69 19.65 -67.63
C VAL J 413 -2.56 20.01 -66.67
N LEU J 414 -2.45 19.30 -65.55
CA LEU J 414 -1.39 19.57 -64.58
C LEU J 414 -0.01 19.22 -65.13
N VAL J 415 0.10 18.10 -65.84
CA VAL J 415 1.38 17.73 -66.45
C VAL J 415 1.71 18.65 -67.63
N GLY J 416 0.71 18.93 -68.47
CA GLY J 416 0.95 19.70 -69.67
C GLY J 416 1.30 21.16 -69.41
N GLY J 417 0.61 21.79 -68.45
CA GLY J 417 0.89 23.20 -68.17
C GLY J 417 2.18 23.39 -67.40
N THR J 418 2.62 22.38 -66.63
CA THR J 418 3.87 22.48 -65.92
C THR J 418 5.07 22.40 -66.87
N SER J 419 5.02 21.46 -67.82
CA SER J 419 6.11 21.31 -68.78
C SER J 419 6.15 22.47 -69.77
N ALA J 420 4.99 22.98 -70.16
CA ALA J 420 4.96 24.13 -71.06
C ALA J 420 5.38 25.42 -70.36
N PHE J 421 5.27 25.49 -69.04
CA PHE J 421 5.76 26.64 -68.31
C PHE J 421 7.28 26.65 -68.21
N ILE J 422 7.90 25.47 -68.17
CA ILE J 422 9.35 25.39 -68.16
C ILE J 422 9.95 25.33 -69.57
N VAL J 423 9.13 25.03 -70.58
CA VAL J 423 9.57 25.16 -71.97
C VAL J 423 9.71 26.63 -72.34
N LEU J 424 8.74 27.45 -71.90
CA LEU J 424 8.76 28.89 -72.17
C LEU J 424 9.93 29.58 -71.47
N GLY J 425 10.32 29.08 -70.29
CA GLY J 425 11.52 29.59 -69.65
C GLY J 425 12.78 29.23 -70.42
N LEU J 426 12.82 28.02 -71.00
CA LEU J 426 13.95 27.62 -71.81
C LEU J 426 13.96 28.30 -73.18
N ILE J 427 12.78 28.59 -73.73
CA ILE J 427 12.70 29.26 -75.02
C ILE J 427 13.15 30.72 -74.89
N ALA J 428 12.68 31.41 -73.85
CA ALA J 428 13.05 32.81 -73.64
C ALA J 428 14.50 32.98 -73.23
N THR J 429 15.14 31.92 -72.70
CA THR J 429 16.56 31.98 -72.39
C THR J 429 17.38 32.04 -73.67
N ALA J 430 17.07 31.20 -74.65
CA ALA J 430 17.80 31.18 -75.91
C ALA J 430 17.40 32.31 -76.85
N VAL J 431 16.31 33.01 -76.57
CA VAL J 431 15.91 34.15 -77.41
C VAL J 431 16.82 35.34 -77.16
N VAL J 432 17.10 35.65 -75.89
CA VAL J 432 17.92 36.82 -75.58
C VAL J 432 19.39 36.54 -75.80
N ALA J 433 19.78 35.27 -75.91
CA ALA J 433 21.16 34.94 -76.26
C ALA J 433 21.44 35.24 -77.72
N LEU J 434 20.42 35.17 -78.57
CA LEU J 434 20.60 35.45 -79.99
C LEU J 434 20.77 36.94 -80.25
N VAL J 435 19.97 37.77 -79.58
CA VAL J 435 20.05 39.21 -79.82
C VAL J 435 21.23 39.86 -79.12
N LEU J 436 21.75 39.25 -78.04
CA LEU J 436 23.01 39.72 -77.48
C LEU J 436 24.18 39.36 -78.38
N PHE J 437 24.10 38.21 -79.04
CA PHE J 437 25.12 37.85 -80.03
C PHE J 437 25.02 38.72 -81.27
N PHE J 438 23.79 39.07 -81.67
CA PHE J 438 23.59 39.89 -82.86
C PHE J 438 23.95 41.35 -82.65
N HIS J 439 24.13 41.78 -81.39
CA HIS J 439 24.58 43.14 -81.14
C HIS J 439 26.04 43.33 -81.52
N ARG J 440 26.85 42.27 -81.40
CA ARG J 440 28.26 42.38 -81.71
C ARG J 440 28.51 42.25 -83.21
N HIS J 441 28.18 41.09 -83.77
CA HIS J 441 28.42 40.81 -85.19
C HIS J 441 27.51 39.70 -85.70
N ASP K 1 -22.94 -64.84 -22.02
CA ASP K 1 -23.23 -65.30 -20.66
C ASP K 1 -22.47 -64.47 -19.62
N LEU K 2 -22.82 -64.64 -18.36
CA LEU K 2 -22.18 -63.92 -17.27
C LEU K 2 -20.85 -64.56 -16.88
N ASP K 3 -20.69 -65.86 -17.13
CA ASP K 3 -19.51 -66.58 -16.66
C ASP K 3 -18.25 -66.21 -17.42
N THR K 4 -18.41 -65.75 -18.67
CA THR K 4 -17.29 -65.31 -19.49
C THR K 4 -16.59 -64.06 -18.94
N HIS K 5 -17.39 -63.09 -18.48
CA HIS K 5 -16.87 -61.86 -17.91
C HIS K 5 -16.41 -62.05 -16.47
N PHE K 6 -17.09 -62.89 -15.71
CA PHE K 6 -16.80 -63.11 -14.30
C PHE K 6 -15.96 -64.38 -14.08
N THR K 7 -15.07 -64.69 -15.01
CA THR K 7 -14.27 -65.91 -14.89
C THR K 7 -13.14 -65.73 -13.88
N GLN K 8 -12.25 -64.77 -14.14
CA GLN K 8 -11.11 -64.56 -13.24
C GLN K 8 -11.48 -63.74 -12.00
N TYR K 9 -12.62 -63.05 -12.02
CA TYR K 9 -13.04 -62.28 -10.85
C TYR K 9 -13.58 -63.17 -9.74
N LYS K 10 -14.03 -64.38 -10.07
CA LYS K 10 -14.48 -65.32 -9.05
C LYS K 10 -13.32 -65.79 -8.18
N LEU K 11 -12.12 -65.89 -8.74
CA LEU K 11 -10.94 -66.30 -7.99
C LEU K 11 -10.45 -65.24 -7.01
N ALA K 12 -10.92 -64.00 -7.13
CA ALA K 12 -10.47 -62.90 -6.29
C ALA K 12 -11.46 -62.64 -5.15
N ARG K 13 -11.00 -61.88 -4.17
CA ARG K 13 -11.77 -61.56 -2.98
C ARG K 13 -11.55 -60.10 -2.61
N PRO K 14 -12.49 -59.49 -1.86
CA PRO K 14 -12.25 -58.13 -1.36
C PRO K 14 -11.18 -58.06 -0.29
N TYR K 15 -10.88 -56.85 0.17
CA TYR K 15 -9.88 -56.66 1.21
C TYR K 15 -10.21 -55.36 1.96
N ILE K 16 -9.50 -55.14 3.05
CA ILE K 16 -9.67 -53.95 3.88
C ILE K 16 -8.38 -53.16 3.83
N ALA K 17 -8.47 -51.90 3.42
CA ALA K 17 -7.30 -51.04 3.26
C ALA K 17 -7.56 -49.71 3.97
N ASP K 18 -6.53 -48.87 3.99
CA ASP K 18 -6.63 -47.57 4.64
C ASP K 18 -7.43 -46.60 3.78
N CYS K 19 -8.37 -45.90 4.41
CA CYS K 19 -9.19 -44.90 3.73
C CYS K 19 -9.16 -43.62 4.57
N PRO K 20 -8.67 -42.50 4.02
CA PRO K 20 -8.75 -41.25 4.77
C PRO K 20 -10.17 -40.71 4.75
N ASN K 21 -10.58 -40.13 5.89
CA ASN K 21 -11.91 -39.57 6.12
C ASN K 21 -13.02 -40.58 5.83
N CYS K 22 -12.84 -41.79 6.37
CA CYS K 22 -13.87 -42.82 6.28
C CYS K 22 -15.13 -42.39 7.02
N GLY K 23 -14.99 -42.11 8.30
CA GLY K 23 -16.04 -41.47 9.08
C GLY K 23 -15.61 -40.03 9.31
N HIS K 24 -15.02 -39.78 10.47
CA HIS K 24 -14.36 -38.52 10.74
C HIS K 24 -12.89 -38.70 11.14
N SER K 25 -12.41 -39.95 11.26
CA SER K 25 -11.12 -40.18 11.88
C SER K 25 -10.30 -41.25 11.16
N ARG K 26 -10.45 -41.36 9.84
CA ARG K 26 -9.65 -42.19 8.89
C ARG K 26 -9.43 -43.63 9.37
N CYS K 27 -10.54 -44.37 9.45
CA CYS K 27 -10.49 -45.75 9.91
C CYS K 27 -10.02 -46.66 8.79
N ASP K 28 -10.08 -47.98 9.02
CA ASP K 28 -9.83 -48.97 8.00
C ASP K 28 -11.17 -49.40 7.41
N SER K 29 -11.38 -49.08 6.14
CA SER K 29 -12.71 -49.23 5.56
C SER K 29 -12.78 -50.50 4.73
N PRO K 30 -13.95 -51.18 4.73
CA PRO K 30 -14.13 -52.30 3.80
C PRO K 30 -14.14 -51.88 2.33
N ILE K 31 -14.55 -50.65 2.05
CA ILE K 31 -14.52 -50.09 0.69
C ILE K 31 -13.59 -48.88 0.71
N ALA K 32 -12.50 -48.97 -0.05
CA ALA K 32 -11.45 -47.95 -0.04
C ALA K 32 -11.23 -47.45 -1.45
N ILE K 33 -11.29 -46.13 -1.62
CA ILE K 33 -11.23 -45.52 -2.95
C ILE K 33 -9.77 -45.45 -3.41
N GLU K 34 -9.49 -46.08 -4.56
CA GLU K 34 -8.17 -46.00 -5.19
C GLU K 34 -8.34 -45.67 -6.67
N GLU K 35 -7.54 -44.70 -7.14
CA GLU K 35 -7.30 -44.41 -8.56
C GLU K 35 -8.60 -44.03 -9.29
N VAL K 36 -9.13 -42.87 -8.91
CA VAL K 36 -10.27 -42.29 -9.59
C VAL K 36 -9.81 -41.78 -10.96
N ARG K 37 -10.52 -42.18 -12.01
CA ARG K 37 -10.26 -41.72 -13.36
C ARG K 37 -11.41 -40.82 -13.82
N GLY K 38 -11.09 -39.58 -14.18
CA GLY K 38 -12.12 -38.61 -14.49
C GLY K 38 -11.83 -37.72 -15.68
N ASP K 39 -11.22 -38.26 -16.73
CA ASP K 39 -10.76 -37.49 -17.88
C ASP K 39 -11.54 -37.80 -19.15
N ALA K 40 -12.86 -37.93 -19.04
CA ALA K 40 -13.72 -38.10 -20.19
C ALA K 40 -14.27 -36.74 -20.62
N HIS K 41 -15.18 -36.74 -21.59
CA HIS K 41 -15.74 -35.52 -22.14
C HIS K 41 -17.22 -35.33 -21.82
N ALA K 42 -17.74 -36.05 -20.81
CA ALA K 42 -19.13 -35.86 -20.43
C ALA K 42 -19.34 -35.88 -18.92
N GLY K 43 -18.27 -35.75 -18.14
CA GLY K 43 -18.39 -35.83 -16.70
C GLY K 43 -18.66 -37.22 -16.16
N VAL K 44 -18.27 -38.26 -16.88
CA VAL K 44 -18.44 -39.63 -16.44
C VAL K 44 -17.11 -40.16 -15.92
N ILE K 45 -17.12 -40.70 -14.71
CA ILE K 45 -15.90 -41.13 -14.03
C ILE K 45 -15.98 -42.62 -13.75
N ARG K 46 -14.80 -43.20 -13.49
CA ARG K 46 -14.68 -44.62 -13.14
C ARG K 46 -13.91 -44.71 -11.82
N ILE K 47 -14.51 -45.38 -10.84
CA ILE K 47 -13.95 -45.46 -9.50
C ILE K 47 -13.62 -46.92 -9.20
N GLN K 48 -12.41 -47.18 -8.73
CA GLN K 48 -11.98 -48.51 -8.32
C GLN K 48 -11.94 -48.57 -6.79
N THR K 49 -12.60 -49.58 -6.23
CA THR K 49 -12.71 -49.73 -4.79
C THR K 49 -12.05 -51.02 -4.33
N SER K 50 -12.16 -51.31 -3.04
CA SER K 50 -11.65 -52.56 -2.47
C SER K 50 -12.75 -53.57 -2.21
N ALA K 51 -14.00 -53.21 -2.40
CA ALA K 51 -15.10 -54.17 -2.30
C ALA K 51 -15.28 -54.90 -3.63
N MET K 52 -16.28 -55.77 -3.70
CA MET K 52 -16.58 -56.51 -4.91
C MET K 52 -18.05 -56.36 -5.23
N PHE K 53 -18.33 -55.95 -6.47
CA PHE K 53 -19.70 -55.71 -6.93
C PHE K 53 -20.07 -56.74 -7.99
N GLY K 54 -21.34 -57.14 -7.98
CA GLY K 54 -21.81 -58.16 -8.90
C GLY K 54 -21.23 -59.53 -8.67
N LEU K 55 -21.05 -59.92 -7.41
CA LEU K 55 -20.44 -61.20 -7.09
C LEU K 55 -20.91 -61.67 -5.71
N LYS K 56 -21.29 -62.95 -5.64
CA LYS K 56 -21.74 -63.60 -4.41
C LYS K 56 -20.99 -64.93 -4.28
N THR K 57 -20.77 -65.40 -3.06
CA THR K 57 -20.01 -66.63 -2.90
C THR K 57 -20.66 -67.81 -3.64
N ASP K 58 -21.98 -67.95 -3.49
CA ASP K 58 -22.74 -69.01 -4.16
C ASP K 58 -22.74 -68.94 -5.69
N GLY K 59 -22.94 -67.74 -6.23
CA GLY K 59 -22.98 -67.50 -7.66
C GLY K 59 -22.98 -66.04 -8.08
N VAL K 60 -22.72 -65.78 -9.36
CA VAL K 60 -22.75 -64.42 -9.89
C VAL K 60 -24.19 -63.93 -9.91
N ASP K 61 -24.37 -62.63 -9.63
CA ASP K 61 -25.66 -61.95 -9.68
C ASP K 61 -25.38 -60.45 -9.68
N LEU K 62 -26.12 -59.71 -10.51
CA LEU K 62 -25.89 -58.28 -10.64
C LEU K 62 -26.50 -57.46 -9.51
N ALA K 63 -27.28 -58.08 -8.62
CA ALA K 63 -27.91 -57.37 -7.52
C ALA K 63 -27.32 -57.76 -6.17
N TYR K 64 -26.13 -58.38 -6.16
CA TYR K 64 -25.48 -58.79 -4.93
C TYR K 64 -24.02 -58.37 -4.96
N MET K 65 -23.54 -57.88 -3.81
CA MET K 65 -22.15 -57.46 -3.67
C MET K 65 -21.50 -58.24 -2.53
N SER K 66 -20.17 -58.28 -2.57
CA SER K 66 -19.38 -59.00 -1.58
C SER K 66 -18.37 -58.07 -0.94
N PHE K 67 -18.23 -58.16 0.38
CA PHE K 67 -17.27 -57.36 1.13
C PHE K 67 -16.81 -58.16 2.33
N MET K 68 -15.86 -57.60 3.08
CA MET K 68 -15.23 -58.29 4.19
C MET K 68 -15.32 -57.47 5.46
N ASN K 69 -15.80 -58.10 6.53
CA ASN K 69 -15.68 -57.56 7.88
C ASN K 69 -14.93 -58.58 8.73
N GLY K 70 -13.84 -58.14 9.35
CA GLY K 70 -12.94 -59.06 10.02
C GLY K 70 -12.21 -59.96 9.03
N LYS K 71 -12.35 -61.27 9.19
CA LYS K 71 -11.77 -62.22 8.26
C LYS K 71 -12.80 -62.96 7.42
N THR K 72 -14.10 -62.69 7.63
CA THR K 72 -15.16 -63.42 6.96
C THR K 72 -15.75 -62.56 5.84
N GLN K 73 -15.78 -63.12 4.64
CA GLN K 73 -16.40 -62.45 3.50
C GLN K 73 -17.91 -62.53 3.63
N LYS K 74 -18.58 -61.37 3.50
CA LYS K 74 -20.02 -61.27 3.64
C LYS K 74 -20.64 -60.84 2.32
N SER K 75 -21.85 -61.33 2.05
CA SER K 75 -22.60 -60.97 0.86
C SER K 75 -23.89 -60.29 1.25
N ILE K 76 -24.13 -59.11 0.68
CA ILE K 76 -25.30 -58.30 0.99
C ILE K 76 -25.88 -57.80 -0.32
N LYS K 77 -27.22 -57.78 -0.41
CA LYS K 77 -27.90 -57.22 -1.57
C LYS K 77 -27.63 -55.73 -1.68
N ILE K 78 -27.38 -55.27 -2.90
CA ILE K 78 -27.15 -53.85 -3.16
C ILE K 78 -28.47 -53.12 -2.97
N ASP K 79 -28.60 -52.36 -1.89
CA ASP K 79 -29.83 -51.69 -1.54
C ASP K 79 -29.72 -50.18 -1.73
N ASN K 80 -28.72 -49.55 -1.10
CA ASN K 80 -28.46 -48.13 -1.28
C ASN K 80 -26.95 -47.97 -1.47
N LEU K 81 -26.49 -48.09 -2.70
CA LEU K 81 -25.12 -47.81 -3.08
C LEU K 81 -25.11 -46.47 -3.81
N HIS K 82 -24.43 -45.48 -3.24
CA HIS K 82 -24.50 -44.11 -3.73
C HIS K 82 -23.10 -43.57 -3.95
N VAL K 83 -22.94 -42.79 -5.02
CA VAL K 83 -21.74 -42.02 -5.29
C VAL K 83 -22.15 -40.56 -5.35
N ARG K 84 -21.47 -39.71 -4.57
CA ARG K 84 -21.75 -38.30 -4.61
C ARG K 84 -20.44 -37.52 -4.63
N THR K 85 -20.45 -36.41 -5.36
CA THR K 85 -19.32 -35.50 -5.44
C THR K 85 -19.65 -34.15 -4.81
N SER K 86 -20.69 -33.48 -5.31
CA SER K 86 -21.37 -32.41 -4.61
C SER K 86 -22.89 -32.55 -4.67
N ALA K 87 -23.40 -33.30 -5.65
CA ALA K 87 -24.78 -33.73 -5.78
C ALA K 87 -24.74 -35.23 -5.99
N PRO K 88 -25.83 -35.96 -5.65
CA PRO K 88 -25.83 -37.42 -5.86
C PRO K 88 -25.75 -37.83 -7.33
N CYS K 89 -24.64 -38.46 -7.69
CA CYS K 89 -24.43 -38.93 -9.04
C CYS K 89 -25.31 -40.14 -9.33
N SER K 90 -25.55 -40.36 -10.62
CA SER K 90 -26.32 -41.52 -11.09
C SER K 90 -25.32 -42.53 -11.65
N LEU K 91 -25.09 -43.59 -10.90
CA LEU K 91 -24.13 -44.62 -11.30
C LEU K 91 -24.69 -45.45 -12.46
N VAL K 92 -23.79 -45.86 -13.36
CA VAL K 92 -24.19 -46.54 -14.58
C VAL K 92 -24.07 -48.04 -14.40
N SER K 93 -22.87 -48.53 -14.09
CA SER K 93 -22.64 -49.97 -14.00
C SER K 93 -21.62 -50.25 -12.91
N HIS K 94 -21.46 -51.54 -12.60
CA HIS K 94 -20.49 -52.00 -11.64
C HIS K 94 -20.09 -53.42 -12.00
N HIS K 95 -18.79 -53.71 -11.90
CA HIS K 95 -18.28 -55.02 -12.29
C HIS K 95 -17.01 -55.29 -11.50
N GLY K 96 -17.13 -56.09 -10.44
CA GLY K 96 -15.99 -56.43 -9.61
C GLY K 96 -15.50 -55.30 -8.76
N TYR K 97 -14.27 -54.85 -9.01
CA TYR K 97 -13.65 -53.79 -8.22
C TYR K 97 -14.08 -52.39 -8.63
N TYR K 98 -14.82 -52.25 -9.72
CA TYR K 98 -14.99 -50.95 -10.37
C TYR K 98 -16.45 -50.51 -10.34
N ILE K 99 -16.63 -49.19 -10.22
CA ILE K 99 -17.94 -48.54 -10.32
C ILE K 99 -17.85 -47.46 -11.38
N LEU K 100 -18.89 -47.36 -12.21
CA LEU K 100 -19.00 -46.31 -13.21
C LEU K 100 -20.13 -45.36 -12.81
N ALA K 101 -19.86 -44.06 -12.90
CA ALA K 101 -20.83 -43.07 -12.46
C ALA K 101 -20.74 -41.82 -13.32
N GLN K 102 -21.81 -41.03 -13.29
CA GLN K 102 -21.93 -39.78 -14.03
C GLN K 102 -22.08 -38.66 -13.00
N CYS K 103 -20.99 -37.93 -12.74
CA CYS K 103 -20.96 -37.04 -11.58
C CYS K 103 -20.91 -35.58 -11.99
N PRO K 104 -21.53 -34.69 -11.21
CA PRO K 104 -21.31 -33.25 -11.38
C PRO K 104 -19.94 -32.86 -10.88
N PRO K 105 -19.41 -31.71 -11.30
CA PRO K 105 -18.08 -31.29 -10.84
C PRO K 105 -18.05 -30.94 -9.36
N GLY K 106 -16.85 -31.04 -8.80
CA GLY K 106 -16.66 -30.79 -7.38
C GLY K 106 -15.24 -31.08 -6.97
N ASP K 107 -15.01 -31.14 -5.66
CA ASP K 107 -13.67 -31.39 -5.12
C ASP K 107 -13.48 -32.68 -4.31
N THR K 108 -14.53 -33.48 -4.16
CA THR K 108 -14.44 -34.71 -3.38
C THR K 108 -15.15 -35.86 -4.05
N VAL K 109 -14.77 -37.09 -3.68
CA VAL K 109 -15.43 -38.25 -4.26
C VAL K 109 -15.88 -39.11 -3.09
N THR K 110 -17.15 -39.48 -3.05
CA THR K 110 -17.65 -40.28 -1.93
C THR K 110 -18.46 -41.50 -2.33
N VAL K 111 -18.24 -42.60 -1.62
CA VAL K 111 -19.00 -43.81 -1.86
C VAL K 111 -19.49 -44.35 -0.53
N GLY K 112 -20.58 -45.11 -0.57
CA GLY K 112 -21.13 -45.71 0.63
C GLY K 112 -22.21 -46.74 0.36
N PHE K 113 -22.37 -47.69 1.28
CA PHE K 113 -23.38 -48.73 1.15
C PHE K 113 -23.75 -49.23 2.53
N HIS K 114 -25.04 -49.52 2.74
CA HIS K 114 -25.51 -50.05 4.00
C HIS K 114 -25.83 -51.53 3.87
N ASP K 115 -25.71 -52.26 4.98
CA ASP K 115 -26.17 -53.63 5.10
C ASP K 115 -27.29 -53.75 6.14
N GLY K 116 -27.03 -53.30 7.36
CA GLY K 116 -28.06 -53.17 8.36
C GLY K 116 -28.17 -51.72 8.79
N PRO K 117 -27.85 -51.43 10.04
CA PRO K 117 -27.75 -50.03 10.49
C PRO K 117 -26.38 -49.39 10.33
N ASN K 118 -25.46 -50.02 9.60
CA ASN K 118 -24.13 -49.49 9.39
C ASN K 118 -24.12 -48.48 8.24
N ARG K 119 -23.00 -47.78 8.10
CA ARG K 119 -22.88 -46.73 7.10
C ARG K 119 -21.84 -47.04 6.02
N HIS K 120 -20.60 -47.35 6.42
CA HIS K 120 -19.51 -47.83 5.56
C HIS K 120 -19.20 -46.85 4.42
N THR K 121 -18.73 -45.67 4.83
CA THR K 121 -18.47 -44.57 3.91
C THR K 121 -16.96 -44.36 3.78
N CYS K 122 -16.53 -43.93 2.58
CA CYS K 122 -15.15 -43.52 2.35
C CYS K 122 -15.16 -42.28 1.47
N THR K 123 -14.36 -41.29 1.84
CA THR K 123 -14.26 -40.06 1.07
C THR K 123 -12.80 -39.80 0.75
N VAL K 124 -12.49 -39.64 -0.53
CA VAL K 124 -11.13 -39.36 -0.95
C VAL K 124 -11.12 -38.07 -1.75
N ALA K 125 -10.23 -37.15 -1.40
CA ALA K 125 -10.17 -35.90 -2.12
C ALA K 125 -9.69 -36.09 -3.55
N HIS K 126 -10.40 -35.48 -4.48
CA HIS K 126 -10.06 -35.53 -5.90
C HIS K 126 -10.87 -34.48 -6.64
N LYS K 127 -10.20 -33.68 -7.46
CA LYS K 127 -10.86 -32.59 -8.19
C LYS K 127 -11.36 -33.14 -9.51
N VAL K 128 -12.66 -33.40 -9.60
CA VAL K 128 -13.29 -33.75 -10.85
C VAL K 128 -13.89 -32.49 -11.46
N GLU K 129 -14.12 -32.53 -12.76
CA GLU K 129 -14.63 -31.35 -13.47
C GLU K 129 -15.40 -31.81 -14.70
N PHE K 130 -16.21 -30.90 -15.22
CA PHE K 130 -16.97 -31.14 -16.44
C PHE K 130 -16.16 -30.64 -17.63
N ARG K 131 -15.91 -31.51 -18.60
CA ARG K 131 -15.14 -31.15 -19.78
C ARG K 131 -16.05 -31.13 -20.99
N PRO K 132 -16.44 -29.95 -21.49
CA PRO K 132 -17.31 -29.89 -22.66
C PRO K 132 -16.56 -30.21 -23.94
N VAL K 133 -17.32 -30.47 -25.00
CA VAL K 133 -16.79 -30.78 -26.32
C VAL K 133 -17.09 -29.60 -27.23
N GLY K 134 -16.07 -29.12 -27.93
CA GLY K 134 -16.23 -28.03 -28.87
C GLY K 134 -15.75 -26.70 -28.34
N ARG K 135 -16.26 -25.65 -28.96
CA ARG K 135 -15.84 -24.28 -28.68
C ARG K 135 -16.81 -23.52 -27.79
N GLU K 136 -17.78 -24.21 -27.18
CA GLU K 136 -18.69 -23.61 -26.23
C GLU K 136 -18.58 -24.32 -24.89
N LYS K 137 -18.53 -23.54 -23.81
CA LYS K 137 -18.30 -24.07 -22.47
C LYS K 137 -19.64 -24.22 -21.76
N TYR K 138 -20.37 -25.28 -22.12
CA TYR K 138 -21.61 -25.59 -21.44
C TYR K 138 -21.33 -26.34 -20.13
N ARG K 139 -22.35 -26.42 -19.29
CA ARG K 139 -22.21 -27.02 -17.96
C ARG K 139 -23.06 -28.28 -17.79
N HIS K 140 -23.76 -28.71 -18.84
CA HIS K 140 -24.59 -29.90 -18.82
C HIS K 140 -24.83 -30.30 -20.27
N PRO K 141 -24.91 -31.59 -20.59
CA PRO K 141 -25.17 -32.00 -21.98
C PRO K 141 -26.58 -31.60 -22.41
N PRO K 142 -26.71 -30.93 -23.54
CA PRO K 142 -27.98 -30.32 -23.91
C PRO K 142 -28.95 -31.32 -24.53
N GLU K 143 -30.18 -30.84 -24.73
CA GLU K 143 -31.19 -31.65 -25.40
C GLU K 143 -30.87 -31.80 -26.89
N HIS K 144 -30.39 -30.73 -27.52
CA HIS K 144 -30.16 -30.72 -28.96
C HIS K 144 -28.90 -29.91 -29.27
N GLY K 145 -28.35 -30.15 -30.45
CA GLY K 145 -27.18 -29.42 -30.89
C GLY K 145 -26.52 -30.02 -32.11
N VAL K 146 -25.19 -30.15 -32.07
CA VAL K 146 -24.41 -30.72 -33.16
C VAL K 146 -23.57 -31.86 -32.59
N GLU K 147 -23.53 -32.98 -33.29
CA GLU K 147 -22.75 -34.12 -32.86
C GLU K 147 -21.25 -33.86 -33.04
N LEU K 148 -20.47 -34.20 -32.03
CA LEU K 148 -19.02 -33.99 -32.09
C LEU K 148 -18.29 -35.23 -31.60
N PRO K 149 -17.10 -35.49 -32.16
CA PRO K 149 -16.35 -36.66 -31.72
C PRO K 149 -15.95 -36.49 -30.26
N CYS K 150 -16.19 -37.53 -29.46
CA CYS K 150 -15.87 -37.50 -28.04
C CYS K 150 -15.42 -38.87 -27.57
N ASN K 151 -14.65 -38.89 -26.49
CA ASN K 151 -14.19 -40.14 -25.92
C ASN K 151 -14.82 -40.32 -24.54
N ARG K 152 -15.48 -41.45 -24.33
CA ARG K 152 -16.14 -41.71 -23.06
C ARG K 152 -15.98 -43.17 -22.64
N TYR K 153 -16.04 -43.40 -21.34
CA TYR K 153 -15.90 -44.75 -20.81
C TYR K 153 -17.19 -45.51 -21.14
N THR K 154 -17.04 -46.60 -21.88
CA THR K 154 -18.14 -47.45 -22.28
C THR K 154 -18.67 -48.25 -21.10
N HIS K 155 -19.95 -48.61 -21.17
CA HIS K 155 -20.61 -49.36 -20.12
C HIS K 155 -20.65 -50.85 -20.39
N LYS K 156 -19.74 -51.34 -21.23
CA LYS K 156 -19.62 -52.77 -21.51
C LYS K 156 -18.43 -53.33 -20.76
N ARG K 157 -18.62 -54.52 -20.17
CA ARG K 157 -17.61 -55.15 -19.33
C ARG K 157 -16.77 -56.17 -20.08
N ALA K 158 -16.49 -55.92 -21.36
CA ALA K 158 -15.70 -56.84 -22.16
C ALA K 158 -14.21 -56.67 -21.86
N ASP K 159 -13.40 -57.56 -22.45
CA ASP K 159 -11.95 -57.58 -22.25
C ASP K 159 -11.27 -56.33 -22.81
N GLN K 160 -11.30 -56.18 -24.14
CA GLN K 160 -10.76 -55.06 -24.90
C GLN K 160 -9.26 -54.83 -24.68
N GLY K 161 -8.51 -55.87 -24.28
CA GLY K 161 -7.06 -55.83 -24.32
C GLY K 161 -6.36 -55.15 -23.17
N HIS K 162 -7.09 -54.63 -22.18
CA HIS K 162 -6.48 -53.95 -21.04
C HIS K 162 -6.60 -54.82 -19.81
N TYR K 163 -5.49 -54.96 -19.07
CA TYR K 163 -5.40 -55.92 -17.98
C TYR K 163 -4.78 -55.27 -16.75
N VAL K 164 -5.14 -55.81 -15.58
CA VAL K 164 -4.47 -55.51 -14.32
C VAL K 164 -4.15 -56.85 -13.67
N GLU K 165 -3.18 -56.84 -12.75
CA GLU K 165 -2.68 -58.06 -12.16
C GLU K 165 -3.14 -58.19 -10.71
N MET K 166 -3.26 -59.44 -10.26
CA MET K 166 -3.63 -59.76 -8.89
C MET K 166 -2.55 -60.63 -8.26
N HIS K 167 -2.42 -60.53 -6.94
CA HIS K 167 -1.32 -61.16 -6.23
C HIS K 167 -1.83 -61.96 -5.04
N GLN K 168 -0.95 -62.83 -4.55
CA GLN K 168 -1.20 -63.53 -3.29
C GLN K 168 -1.20 -62.53 -2.15
N PRO K 169 -2.17 -62.60 -1.24
CA PRO K 169 -2.18 -61.66 -0.10
C PRO K 169 -1.04 -61.93 0.88
N GLY K 170 -0.62 -60.83 1.51
CA GLY K 170 0.41 -60.82 2.52
C GLY K 170 -0.15 -61.24 3.87
N LEU K 171 0.73 -61.46 4.83
CA LEU K 171 0.25 -61.87 6.15
C LEU K 171 -0.66 -60.79 6.72
N VAL K 172 -1.80 -61.23 7.23
CA VAL K 172 -2.81 -60.38 7.83
C VAL K 172 -2.83 -60.64 9.34
N ALA K 173 -2.72 -59.57 10.13
CA ALA K 173 -2.58 -59.68 11.57
C ALA K 173 -3.95 -59.61 12.22
N ASP K 174 -4.32 -60.67 12.95
CA ASP K 174 -5.58 -60.74 13.66
C ASP K 174 -5.29 -60.96 15.14
N HIS K 175 -5.80 -60.04 15.97
CA HIS K 175 -5.62 -60.11 17.41
C HIS K 175 -6.80 -60.75 18.15
N SER K 176 -7.85 -61.13 17.41
CA SER K 176 -9.03 -61.72 18.03
C SER K 176 -8.89 -63.23 18.23
N LEU K 177 -7.88 -63.87 17.65
CA LEU K 177 -7.69 -65.30 17.77
C LEU K 177 -6.65 -65.68 18.80
N LEU K 178 -6.21 -64.73 19.63
CA LEU K 178 -5.35 -65.00 20.77
C LEU K 178 -6.14 -64.77 22.05
N SER K 179 -6.27 -65.81 22.86
CA SER K 179 -6.96 -65.72 24.13
C SER K 179 -6.26 -66.60 25.16
N ILE K 180 -6.50 -66.30 26.43
CA ILE K 180 -5.91 -67.06 27.53
C ILE K 180 -6.80 -68.26 27.83
N HIS K 181 -6.20 -69.44 27.91
CA HIS K 181 -6.96 -70.67 28.15
C HIS K 181 -7.33 -70.79 29.62
N SER K 182 -6.33 -70.97 30.49
CA SER K 182 -6.52 -70.90 31.93
C SER K 182 -5.61 -69.84 32.55
N ALA K 183 -4.30 -69.93 32.31
CA ALA K 183 -3.36 -68.90 32.68
C ALA K 183 -2.30 -68.68 31.62
N LYS K 184 -2.40 -69.37 30.48
CA LYS K 184 -1.47 -69.24 29.37
C LYS K 184 -2.25 -68.93 28.10
N VAL K 185 -1.61 -68.26 27.15
CA VAL K 185 -2.29 -67.84 25.94
C VAL K 185 -2.49 -69.04 25.01
N LYS K 186 -3.63 -69.08 24.33
CA LYS K 186 -3.97 -70.15 23.42
C LYS K 186 -4.30 -69.57 22.05
N ILE K 187 -3.89 -70.29 21.00
CA ILE K 187 -4.08 -69.87 19.62
C ILE K 187 -5.23 -70.68 19.03
N THR K 188 -6.24 -69.99 18.50
CA THR K 188 -7.36 -70.64 17.84
C THR K 188 -7.22 -70.46 16.34
N VAL K 189 -7.03 -71.57 15.62
CA VAL K 189 -6.86 -71.51 14.17
C VAL K 189 -8.10 -72.07 13.47
N PRO K 190 -8.78 -71.25 12.67
CA PRO K 190 -10.00 -71.74 12.00
C PRO K 190 -9.75 -72.39 10.65
N SER K 191 -10.08 -73.68 10.55
CA SER K 191 -10.19 -74.44 9.30
C SER K 191 -8.88 -74.45 8.50
N GLY K 192 -7.79 -74.78 9.20
CA GLY K 192 -6.48 -74.85 8.58
C GLY K 192 -5.94 -73.51 8.11
N ALA K 193 -6.08 -72.47 8.91
CA ALA K 193 -5.64 -71.14 8.50
C ALA K 193 -4.14 -70.94 8.64
N GLN K 194 -3.45 -71.85 9.34
CA GLN K 194 -1.99 -71.85 9.51
C GLN K 194 -1.49 -70.55 10.17
N VAL K 195 -1.89 -70.36 11.42
CA VAL K 195 -1.59 -69.12 12.14
C VAL K 195 -0.11 -69.07 12.49
N LYS K 196 0.57 -68.02 12.05
CA LYS K 196 1.93 -67.74 12.47
C LYS K 196 1.94 -67.01 13.81
N TYR K 197 3.01 -67.20 14.58
CA TYR K 197 3.11 -66.58 15.89
C TYR K 197 4.52 -66.04 16.09
N TYR K 198 4.64 -65.15 17.07
CA TYR K 198 5.93 -64.56 17.43
C TYR K 198 5.85 -64.09 18.87
N CYS K 199 6.43 -64.85 19.79
CA CYS K 199 6.48 -64.49 21.19
C CYS K 199 7.90 -64.10 21.58
N LYS K 200 8.01 -63.09 22.44
CA LYS K 200 9.28 -62.65 23.04
C LYS K 200 9.09 -62.42 24.53
N CYS K 201 8.33 -63.33 25.15
CA CYS K 201 8.00 -63.27 26.56
C CYS K 201 9.22 -63.46 27.49
N PRO K 202 10.01 -64.58 27.48
CA PRO K 202 11.42 -64.38 27.88
C PRO K 202 12.40 -64.27 26.73
N ASP K 203 12.02 -64.73 25.53
CA ASP K 203 12.91 -64.83 24.39
C ASP K 203 12.06 -65.11 23.15
N VAL K 204 12.70 -65.21 22.00
CA VAL K 204 11.98 -65.44 20.76
C VAL K 204 11.56 -66.90 20.57
N ARG K 205 10.28 -67.10 20.27
CA ARG K 205 9.77 -68.44 20.03
C ARG K 205 8.91 -68.40 18.77
N LYS K 206 9.52 -68.00 17.66
CA LYS K 206 8.84 -67.91 16.38
C LYS K 206 8.58 -69.28 15.76
N GLY K 207 7.48 -69.41 15.02
CA GLY K 207 7.18 -70.66 14.36
C GLY K 207 5.81 -70.61 13.71
N ILE K 208 5.52 -71.64 12.93
CA ILE K 208 4.27 -71.77 12.20
C ILE K 208 3.54 -73.02 12.69
N THR K 209 2.28 -72.88 13.07
CA THR K 209 1.47 -74.00 13.49
C THR K 209 0.29 -74.17 12.54
N SER K 210 -0.49 -75.23 12.78
CA SER K 210 -1.73 -75.47 12.06
C SER K 210 -2.86 -75.96 12.95
N SER K 211 -2.59 -76.33 14.20
CA SER K 211 -3.62 -76.84 15.09
C SER K 211 -3.21 -76.60 16.53
N ASP K 212 -4.16 -76.05 17.31
CA ASP K 212 -4.05 -75.80 18.74
C ASP K 212 -2.84 -74.92 19.10
N HIS K 213 -1.77 -75.55 19.59
CA HIS K 213 -0.51 -74.90 19.98
C HIS K 213 -0.73 -73.84 21.07
N THR K 214 -1.12 -74.33 22.24
CA THR K 214 -1.22 -73.49 23.43
C THR K 214 0.16 -72.98 23.84
N THR K 215 0.39 -71.68 23.66
CA THR K 215 1.69 -71.08 23.95
C THR K 215 1.91 -70.99 25.46
N THR K 216 3.14 -71.28 25.89
CA THR K 216 3.47 -71.46 27.30
C THR K 216 3.88 -70.16 28.01
N CYS K 217 3.36 -69.01 27.56
CA CYS K 217 3.64 -67.75 28.26
C CYS K 217 2.35 -67.08 28.70
N THR K 218 2.51 -66.00 29.47
CA THR K 218 1.45 -65.48 30.32
C THR K 218 0.52 -64.50 29.60
N ASP K 219 1.06 -63.41 29.10
CA ASP K 219 0.26 -62.28 28.63
C ASP K 219 -0.03 -62.38 27.14
N VAL K 220 -1.17 -61.79 26.75
CA VAL K 220 -1.56 -61.74 25.34
C VAL K 220 -0.94 -60.54 24.62
N LYS K 221 -0.41 -59.58 25.37
CA LYS K 221 0.17 -58.36 24.81
C LYS K 221 1.56 -58.59 24.23
N GLN K 222 2.29 -59.59 24.73
CA GLN K 222 3.67 -59.83 24.35
C GLN K 222 3.79 -60.92 23.29
N CYS K 223 2.80 -61.04 22.41
CA CYS K 223 2.85 -62.02 21.33
C CYS K 223 1.97 -61.56 20.19
N ARG K 224 2.44 -61.72 18.96
CA ARG K 224 1.69 -61.34 17.77
C ARG K 224 1.22 -62.57 17.01
N ALA K 225 0.30 -62.35 16.07
CA ALA K 225 -0.29 -63.42 15.28
C ALA K 225 -0.45 -62.97 13.83
N TYR K 226 -0.52 -63.95 12.93
CA TYR K 226 -0.72 -63.69 11.51
C TYR K 226 -1.68 -64.75 10.97
N LEU K 227 -1.90 -64.72 9.65
CA LEU K 227 -2.83 -65.64 9.00
C LEU K 227 -2.49 -65.73 7.52
N ILE K 228 -2.14 -66.93 7.06
CA ILE K 228 -1.92 -67.18 5.65
C ILE K 228 -3.10 -68.00 5.14
N ASP K 229 -3.82 -67.10 4.44
CA ASP K 229 -4.88 -67.60 3.58
C ASP K 229 -4.42 -67.54 2.12
N ASN K 230 -4.60 -68.64 1.40
CA ASN K 230 -4.13 -68.76 0.03
C ASN K 230 -5.21 -69.19 -0.95
N LYS K 231 -6.46 -69.26 -0.48
CA LYS K 231 -7.60 -69.64 -1.32
C LYS K 231 -7.98 -68.66 -2.44
N LYS K 232 -7.94 -67.36 -2.13
CA LYS K 232 -8.32 -66.31 -3.08
C LYS K 232 -7.21 -65.27 -3.15
N TRP K 233 -7.01 -64.72 -4.34
CA TRP K 233 -5.99 -63.70 -4.56
C TRP K 233 -6.60 -62.30 -4.39
N VAL K 234 -5.74 -61.30 -4.32
CA VAL K 234 -6.15 -59.91 -4.20
C VAL K 234 -5.35 -59.06 -5.18
N TYR K 235 -5.92 -57.93 -5.56
CA TYR K 235 -5.19 -56.96 -6.36
C TYR K 235 -4.16 -56.25 -5.49
N ASN K 236 -2.94 -56.12 -6.00
CA ASN K 236 -1.82 -55.59 -5.23
C ASN K 236 -1.96 -54.07 -5.12
N SER K 237 -2.63 -53.63 -4.07
CA SER K 237 -2.73 -52.21 -3.80
C SER K 237 -1.47 -51.70 -3.12
N GLY K 238 -1.35 -50.38 -3.05
CA GLY K 238 -0.28 -49.76 -2.29
C GLY K 238 -0.54 -49.65 -0.82
N ARG K 239 -1.72 -50.07 -0.36
CA ARG K 239 -2.10 -50.01 1.05
C ARG K 239 -2.08 -51.39 1.71
N LEU K 240 -1.45 -52.37 1.06
CA LEU K 240 -1.37 -53.73 1.60
C LEU K 240 0.09 -54.17 1.64
N PRO K 241 0.49 -54.91 2.67
CA PRO K 241 1.87 -55.42 2.71
C PRO K 241 2.05 -56.56 1.72
N ARG K 242 3.25 -56.62 1.15
CA ARG K 242 3.58 -57.62 0.15
C ARG K 242 3.86 -58.97 0.81
N GLY K 243 3.86 -60.02 -0.01
CA GLY K 243 4.19 -61.35 0.44
C GLY K 243 5.68 -61.54 0.61
N GLU K 244 6.04 -62.73 1.11
CA GLU K 244 7.45 -63.01 1.38
C GLU K 244 8.16 -63.55 0.14
N GLY K 245 7.64 -64.62 -0.44
CA GLY K 245 8.25 -65.24 -1.60
C GLY K 245 7.90 -64.52 -2.88
N ASP K 246 8.33 -65.10 -3.99
CA ASP K 246 8.01 -64.56 -5.31
C ASP K 246 6.53 -64.78 -5.59
N THR K 247 5.86 -63.73 -6.07
CA THR K 247 4.43 -63.72 -6.23
C THR K 247 4.08 -63.72 -7.72
N PHE K 248 3.15 -64.59 -8.11
CA PHE K 248 2.75 -64.68 -9.50
C PHE K 248 1.89 -63.48 -9.89
N LYS K 249 1.82 -63.23 -11.19
CA LYS K 249 0.98 -62.16 -11.72
C LYS K 249 -0.31 -62.77 -12.28
N GLY K 250 -1.44 -62.17 -11.91
CA GLY K 250 -2.71 -62.51 -12.51
C GLY K 250 -3.00 -61.64 -13.71
N LYS K 251 -4.19 -61.85 -14.28
CA LYS K 251 -4.64 -61.05 -15.42
C LYS K 251 -6.13 -60.78 -15.23
N LEU K 252 -6.44 -59.66 -14.58
CA LEU K 252 -7.81 -59.20 -14.40
C LEU K 252 -8.06 -58.05 -15.36
N HIS K 253 -9.09 -58.18 -16.19
CA HIS K 253 -9.37 -57.18 -17.21
C HIS K 253 -10.06 -55.97 -16.62
N VAL K 254 -9.69 -54.79 -17.10
CA VAL K 254 -10.37 -53.55 -16.72
C VAL K 254 -11.65 -53.48 -17.55
N PRO K 255 -12.83 -53.45 -16.92
CA PRO K 255 -14.08 -53.53 -17.67
C PRO K 255 -14.41 -52.29 -18.51
N PHE K 256 -14.39 -51.11 -17.91
CA PHE K 256 -14.86 -49.90 -18.59
C PHE K 256 -13.67 -49.11 -19.12
N VAL K 257 -13.13 -49.61 -20.23
CA VAL K 257 -12.01 -49.00 -20.92
C VAL K 257 -12.51 -47.77 -21.69
N PRO K 258 -11.67 -46.77 -21.93
CA PRO K 258 -12.11 -45.62 -22.73
C PRO K 258 -12.24 -45.99 -24.21
N VAL K 259 -13.33 -45.51 -24.82
CA VAL K 259 -13.58 -45.63 -26.24
C VAL K 259 -13.84 -44.24 -26.81
N LYS K 260 -14.06 -44.18 -28.12
CA LYS K 260 -14.37 -42.92 -28.77
C LYS K 260 -15.72 -43.08 -29.44
N ALA K 261 -16.67 -42.21 -29.11
CA ALA K 261 -18.00 -42.30 -29.71
C ALA K 261 -18.48 -40.95 -30.26
N LYS K 262 -19.64 -40.50 -29.80
CA LYS K 262 -20.21 -39.24 -30.25
C LYS K 262 -20.70 -38.46 -29.05
N CYS K 263 -20.59 -37.13 -29.12
CA CYS K 263 -21.03 -36.26 -28.04
C CYS K 263 -21.88 -35.13 -28.60
N ILE K 264 -22.82 -34.62 -27.80
CA ILE K 264 -23.68 -33.54 -28.26
C ILE K 264 -23.21 -32.21 -27.71
N ALA K 265 -23.01 -31.27 -28.62
CA ALA K 265 -22.54 -29.92 -28.28
C ALA K 265 -23.60 -28.86 -28.53
N THR K 266 -23.56 -27.75 -27.79
CA THR K 266 -24.52 -26.67 -27.97
C THR K 266 -24.21 -25.83 -29.20
N LEU K 267 -25.27 -25.32 -29.80
CA LEU K 267 -25.17 -24.41 -30.95
C LEU K 267 -25.48 -23.00 -30.49
N ALA K 268 -24.57 -22.07 -30.81
CA ALA K 268 -24.74 -20.68 -30.41
C ALA K 268 -25.86 -20.03 -31.21
N PRO K 269 -26.53 -19.02 -30.64
CA PRO K 269 -27.50 -18.25 -31.42
C PRO K 269 -26.83 -17.47 -32.55
N GLU K 270 -27.57 -17.26 -33.62
CA GLU K 270 -27.02 -16.62 -34.81
C GLU K 270 -26.78 -15.14 -34.54
N PRO K 271 -25.64 -14.60 -34.96
CA PRO K 271 -25.40 -13.17 -34.79
C PRO K 271 -26.16 -12.35 -35.82
N LEU K 272 -26.27 -11.05 -35.54
CA LEU K 272 -26.91 -10.09 -36.44
C LEU K 272 -25.82 -9.30 -37.14
N VAL K 273 -25.78 -9.39 -38.46
CA VAL K 273 -24.72 -8.78 -39.25
C VAL K 273 -25.21 -7.46 -39.84
N GLU K 274 -24.35 -6.44 -39.78
CA GLU K 274 -24.60 -5.14 -40.37
C GLU K 274 -23.39 -4.78 -41.23
N HIS K 275 -23.66 -4.30 -42.44
CA HIS K 275 -22.61 -4.06 -43.42
C HIS K 275 -22.35 -2.56 -43.55
N LYS K 276 -21.05 -2.24 -43.49
CA LYS K 276 -20.49 -0.88 -43.58
C LYS K 276 -19.31 -0.89 -44.57
N HIS K 277 -18.91 0.27 -45.06
CA HIS K 277 -17.83 0.33 -46.05
C HIS K 277 -16.58 -0.31 -45.47
N ARG K 278 -16.25 -1.50 -45.97
CA ARG K 278 -15.10 -2.28 -45.50
C ARG K 278 -15.18 -2.54 -44.00
N THR K 279 -16.37 -2.89 -43.53
CA THR K 279 -16.57 -3.11 -42.10
C THR K 279 -17.70 -4.11 -41.90
N LEU K 280 -17.42 -5.15 -41.13
CA LEU K 280 -18.42 -6.14 -40.74
C LEU K 280 -18.69 -6.01 -39.25
N ILE K 281 -19.96 -5.78 -38.90
CA ILE K 281 -20.36 -5.60 -37.50
C ILE K 281 -21.23 -6.79 -37.10
N LEU K 282 -20.83 -7.48 -36.04
CA LEU K 282 -21.55 -8.64 -35.54
C LEU K 282 -22.12 -8.31 -34.16
N HIS K 283 -23.43 -8.46 -34.01
CA HIS K 283 -24.09 -8.30 -32.72
C HIS K 283 -24.25 -9.69 -32.12
N LEU K 284 -23.35 -10.05 -31.21
CA LEU K 284 -23.34 -11.38 -30.62
C LEU K 284 -24.10 -11.36 -29.30
N HIS K 285 -25.04 -12.29 -29.14
CA HIS K 285 -25.82 -12.45 -27.92
C HIS K 285 -25.73 -13.90 -27.46
N PRO K 286 -24.65 -14.26 -26.78
CA PRO K 286 -24.44 -15.63 -26.31
C PRO K 286 -24.94 -15.92 -24.89
N ASP K 287 -25.26 -17.18 -24.61
CA ASP K 287 -25.71 -17.61 -23.30
C ASP K 287 -24.66 -18.39 -22.52
N HIS K 288 -23.70 -19.01 -23.20
CA HIS K 288 -22.54 -19.65 -22.64
C HIS K 288 -21.29 -18.96 -23.18
N PRO K 289 -20.14 -19.10 -22.51
CA PRO K 289 -18.89 -18.57 -23.08
C PRO K 289 -18.55 -19.24 -24.40
N THR K 290 -18.42 -18.41 -25.44
CA THR K 290 -18.32 -18.86 -26.82
C THR K 290 -17.08 -18.26 -27.46
N LEU K 291 -16.47 -19.02 -28.37
CA LEU K 291 -15.21 -18.63 -29.01
C LEU K 291 -15.50 -18.05 -30.39
N LEU K 292 -14.86 -16.92 -30.69
CA LEU K 292 -14.98 -16.25 -31.99
C LEU K 292 -13.58 -16.01 -32.53
N THR K 293 -13.24 -16.69 -33.63
CA THR K 293 -11.92 -16.61 -34.23
C THR K 293 -12.04 -16.19 -35.69
N THR K 294 -11.32 -15.14 -36.06
CA THR K 294 -11.33 -14.62 -37.44
C THR K 294 -9.92 -14.67 -38.02
N ARG K 295 -9.85 -14.54 -39.34
CA ARG K 295 -8.60 -14.45 -40.07
C ARG K 295 -8.87 -13.78 -41.41
N SER K 296 -7.80 -13.34 -42.06
CA SER K 296 -7.89 -12.73 -43.38
C SER K 296 -7.29 -13.65 -44.43
N LEU K 297 -7.83 -13.57 -45.65
CA LEU K 297 -7.43 -14.44 -46.75
C LEU K 297 -6.33 -13.84 -47.61
N GLY K 298 -5.49 -12.98 -47.05
CA GLY K 298 -4.42 -12.35 -47.77
C GLY K 298 -3.06 -12.97 -47.46
N SER K 299 -2.02 -12.17 -47.65
CA SER K 299 -0.67 -12.65 -47.39
C SER K 299 -0.39 -12.77 -45.90
N ASP K 300 -1.04 -11.94 -45.07
CA ASP K 300 -0.96 -12.03 -43.63
C ASP K 300 -2.34 -12.29 -43.06
N ALA K 301 -2.46 -13.31 -42.22
CA ALA K 301 -3.77 -13.73 -41.72
C ALA K 301 -4.32 -12.72 -40.72
N ASN K 302 -3.47 -12.20 -39.83
CA ASN K 302 -3.79 -11.33 -38.70
C ASN K 302 -4.90 -11.92 -37.84
N PRO K 303 -4.63 -13.01 -37.11
CA PRO K 303 -5.72 -13.73 -36.44
C PRO K 303 -6.13 -13.08 -35.13
N THR K 304 -7.43 -13.12 -34.86
CA THR K 304 -8.01 -12.70 -33.59
C THR K 304 -8.67 -13.90 -32.93
N ARG K 305 -8.68 -13.89 -31.60
CA ARG K 305 -9.30 -14.97 -30.83
C ARG K 305 -9.72 -14.41 -29.49
N GLN K 306 -11.00 -14.55 -29.16
CA GLN K 306 -11.53 -14.04 -27.90
C GLN K 306 -12.74 -14.85 -27.49
N TRP K 307 -12.91 -15.01 -26.18
CA TRP K 307 -14.06 -15.70 -25.60
C TRP K 307 -15.13 -14.68 -25.26
N ILE K 308 -16.32 -14.86 -25.80
CA ILE K 308 -17.43 -13.94 -25.62
C ILE K 308 -18.35 -14.48 -24.52
N GLU K 309 -18.51 -13.71 -23.45
CA GLU K 309 -19.38 -14.09 -22.34
C GLU K 309 -20.57 -13.16 -22.18
N ARG K 310 -20.37 -11.86 -22.32
CA ARG K 310 -21.40 -10.85 -22.30
C ARG K 310 -21.83 -10.51 -23.73
N PRO K 311 -23.04 -9.96 -23.92
CA PRO K 311 -23.42 -9.50 -25.26
C PRO K 311 -22.62 -8.30 -25.73
N THR K 312 -21.70 -8.53 -26.67
CA THR K 312 -20.83 -7.50 -27.19
C THR K 312 -21.02 -7.35 -28.69
N THR K 313 -20.58 -6.21 -29.22
CA THR K 313 -20.53 -5.95 -30.65
C THR K 313 -19.07 -5.78 -31.06
N VAL K 314 -18.68 -6.47 -32.13
CA VAL K 314 -17.30 -6.46 -32.60
C VAL K 314 -17.28 -5.96 -34.04
N ASN K 315 -16.36 -5.05 -34.34
CA ASN K 315 -16.18 -4.51 -35.67
C ASN K 315 -14.91 -5.10 -36.29
N PHE K 316 -15.03 -5.67 -37.47
CA PHE K 316 -13.91 -6.26 -38.18
C PHE K 316 -13.74 -5.57 -39.52
N THR K 317 -12.49 -5.49 -39.98
CA THR K 317 -12.17 -4.83 -41.24
C THR K 317 -12.04 -5.88 -42.33
N VAL K 318 -12.90 -5.77 -43.34
CA VAL K 318 -12.87 -6.70 -44.46
C VAL K 318 -12.38 -5.95 -45.69
N THR K 319 -11.30 -6.46 -46.28
CA THR K 319 -10.72 -5.87 -47.47
C THR K 319 -11.21 -6.63 -48.70
N GLY K 320 -10.63 -6.33 -49.86
CA GLY K 320 -11.01 -7.02 -51.08
C GLY K 320 -10.50 -8.44 -51.19
N GLU K 321 -9.49 -8.80 -50.39
CA GLU K 321 -8.97 -10.16 -50.41
C GLU K 321 -9.93 -11.13 -49.72
N GLY K 322 -10.55 -10.68 -48.62
CA GLY K 322 -11.54 -11.49 -47.94
C GLY K 322 -11.37 -11.57 -46.44
N LEU K 323 -12.31 -12.21 -45.77
CA LEU K 323 -12.28 -12.39 -44.32
C LEU K 323 -13.14 -13.59 -43.97
N GLU K 324 -12.67 -14.39 -43.03
CA GLU K 324 -13.35 -15.62 -42.63
C GLU K 324 -13.45 -15.65 -41.12
N TYR K 325 -14.66 -15.85 -40.60
CA TYR K 325 -14.91 -15.84 -39.17
C TYR K 325 -15.71 -17.08 -38.78
N THR K 326 -15.38 -17.64 -37.61
CA THR K 326 -16.09 -18.77 -37.03
C THR K 326 -16.65 -18.37 -35.68
N TRP K 327 -17.91 -18.72 -35.44
CA TRP K 327 -18.62 -18.34 -34.21
C TRP K 327 -19.19 -19.60 -33.58
N GLY K 328 -18.51 -20.11 -32.55
CA GLY K 328 -19.01 -21.28 -31.85
C GLY K 328 -18.87 -22.55 -32.68
N ASN K 329 -19.90 -23.40 -32.61
CA ASN K 329 -19.92 -24.64 -33.35
C ASN K 329 -20.60 -24.50 -34.71
N HIS K 330 -20.61 -23.30 -35.27
CA HIS K 330 -21.12 -23.01 -36.60
C HIS K 330 -20.02 -23.20 -37.64
N PRO K 331 -20.39 -23.53 -38.88
CA PRO K 331 -19.39 -23.57 -39.95
C PRO K 331 -18.88 -22.18 -40.26
N PRO K 332 -17.64 -22.06 -40.75
CA PRO K 332 -17.09 -20.73 -41.02
C PRO K 332 -17.73 -20.08 -42.24
N LYS K 333 -17.75 -18.75 -42.22
CA LYS K 333 -18.35 -17.95 -43.29
C LYS K 333 -17.31 -17.00 -43.84
N ARG K 334 -17.26 -16.88 -45.17
CA ARG K 334 -16.33 -15.99 -45.84
C ARG K 334 -17.08 -14.83 -46.48
N VAL K 335 -16.53 -13.62 -46.36
CA VAL K 335 -17.14 -12.41 -46.88
C VAL K 335 -16.08 -11.60 -47.61
N TRP K 336 -16.46 -11.02 -48.74
CA TRP K 336 -15.59 -10.15 -49.51
C TRP K 336 -16.20 -8.76 -49.62
N ALA K 337 -15.34 -7.74 -49.64
CA ALA K 337 -15.77 -6.35 -49.68
C ALA K 337 -15.72 -5.84 -51.11
N GLN K 338 -16.76 -5.12 -51.52
CA GLN K 338 -16.86 -4.59 -52.86
C GLN K 338 -16.20 -3.21 -52.94
N GLU K 339 -16.43 -2.50 -54.04
CA GLU K 339 -15.79 -1.22 -54.31
C GLU K 339 -16.81 -0.09 -54.35
N SER K 340 -17.71 -0.05 -53.36
CA SER K 340 -18.83 0.89 -53.38
C SER K 340 -18.36 2.34 -53.26
N GLY K 341 -17.52 2.64 -52.27
CA GLY K 341 -17.03 3.99 -52.10
C GLY K 341 -18.08 4.93 -51.52
N GLU K 342 -17.72 6.20 -51.49
CA GLU K 342 -18.63 7.23 -50.98
C GLU K 342 -18.85 8.39 -51.94
N GLY K 343 -17.82 8.82 -52.66
CA GLY K 343 -17.91 9.94 -53.56
C GLY K 343 -18.20 9.51 -54.99
N ASN K 344 -18.08 10.48 -55.90
CA ASN K 344 -18.22 10.22 -57.32
C ASN K 344 -17.00 10.77 -58.06
N PRO K 345 -16.50 10.06 -59.07
CA PRO K 345 -15.27 10.50 -59.76
C PRO K 345 -15.50 11.56 -60.83
N HIS K 346 -16.73 11.82 -61.24
CA HIS K 346 -17.03 12.81 -62.26
C HIS K 346 -17.65 14.05 -61.61
N GLY K 347 -17.06 15.21 -61.90
CA GLY K 347 -17.60 16.44 -61.37
C GLY K 347 -16.56 17.43 -60.89
N TRP K 348 -16.90 18.18 -59.84
CA TRP K 348 -16.03 19.21 -59.31
C TRP K 348 -14.83 18.59 -58.58
N PRO K 349 -13.71 19.31 -58.48
CA PRO K 349 -12.53 18.77 -57.79
C PRO K 349 -12.73 18.47 -56.30
N HIS K 350 -13.72 19.07 -55.65
CA HIS K 350 -14.00 18.75 -54.26
C HIS K 350 -14.83 17.47 -54.11
N GLU K 351 -15.23 16.84 -55.20
CA GLU K 351 -15.88 15.54 -55.18
C GLU K 351 -15.03 14.42 -55.75
N VAL K 352 -14.08 14.74 -56.63
CA VAL K 352 -13.17 13.72 -57.18
C VAL K 352 -12.19 13.26 -56.11
N VAL K 353 -11.65 14.20 -55.32
CA VAL K 353 -10.68 13.89 -54.28
C VAL K 353 -11.34 13.10 -53.15
N VAL K 354 -12.61 13.38 -52.85
CA VAL K 354 -13.35 12.68 -51.82
C VAL K 354 -13.55 11.21 -52.20
N TYR K 355 -13.77 10.95 -53.50
CA TYR K 355 -13.92 9.58 -53.98
C TYR K 355 -12.63 8.78 -53.84
N TYR K 356 -11.48 9.41 -54.13
CA TYR K 356 -10.21 8.69 -54.07
C TYR K 356 -9.65 8.60 -52.65
N TYR K 357 -10.15 9.40 -51.71
CA TYR K 357 -9.71 9.26 -50.33
C TYR K 357 -10.36 8.06 -49.64
N ASN K 358 -11.56 7.67 -50.09
CA ASN K 358 -12.23 6.51 -49.53
C ASN K 358 -11.78 5.20 -50.18
N ARG K 359 -11.24 5.25 -51.39
CA ARG K 359 -10.77 4.07 -52.09
C ARG K 359 -9.28 3.80 -51.85
N TYR K 360 -8.45 4.84 -51.93
CA TYR K 360 -7.01 4.75 -51.68
C TYR K 360 -6.65 5.83 -50.67
N PRO K 361 -6.77 5.53 -49.36
CA PRO K 361 -6.60 6.57 -48.35
C PRO K 361 -5.15 6.98 -48.10
N LEU K 362 -4.18 6.34 -48.72
CA LEU K 362 -2.77 6.68 -48.52
C LEU K 362 -2.07 7.12 -49.80
N THR K 363 -2.45 6.57 -50.95
CA THR K 363 -1.76 6.89 -52.20
C THR K 363 -2.06 8.32 -52.65
N THR K 364 -3.30 8.79 -52.49
CA THR K 364 -3.64 10.16 -52.86
C THR K 364 -3.14 11.18 -51.85
N ILE K 365 -2.81 10.75 -50.63
CA ILE K 365 -2.19 11.66 -49.66
C ILE K 365 -0.77 12.00 -50.11
N ILE K 366 0.00 10.97 -50.50
CA ILE K 366 1.34 11.20 -51.05
C ILE K 366 1.31 11.56 -52.52
N GLY K 367 0.18 11.36 -53.21
CA GLY K 367 0.05 11.76 -54.60
C GLY K 367 -0.33 13.21 -54.78
N LEU K 368 -0.83 13.87 -53.74
CA LEU K 368 -1.15 15.28 -53.79
C LEU K 368 0.02 16.15 -53.33
N CYS K 369 0.83 15.65 -52.40
CA CYS K 369 2.02 16.39 -51.99
C CYS K 369 3.09 16.35 -53.07
N THR K 370 3.11 15.29 -53.88
CA THR K 370 4.05 15.21 -54.99
C THR K 370 3.70 16.20 -56.09
N CYS K 371 2.41 16.29 -56.44
CA CYS K 371 1.97 17.19 -57.50
C CYS K 371 2.07 18.65 -57.09
N VAL K 372 1.96 18.94 -55.79
CA VAL K 372 2.18 20.30 -55.32
C VAL K 372 3.65 20.67 -55.42
N ALA K 373 4.54 19.75 -55.00
CA ALA K 373 5.98 20.01 -55.07
C ALA K 373 6.50 20.01 -56.49
N ILE K 374 5.86 19.25 -57.39
CA ILE K 374 6.23 19.30 -58.81
C ILE K 374 5.86 20.66 -59.40
N ILE K 375 4.69 21.18 -59.04
CA ILE K 375 4.26 22.50 -59.51
C ILE K 375 5.13 23.60 -58.90
N MET K 376 5.42 23.50 -57.59
CA MET K 376 6.11 24.56 -56.88
C MET K 376 7.57 24.69 -57.32
N VAL K 377 8.22 23.56 -57.60
CA VAL K 377 9.61 23.60 -58.08
C VAL K 377 9.67 24.15 -59.50
N SER K 378 8.77 23.70 -60.38
CA SER K 378 8.80 24.12 -61.77
C SER K 378 8.31 25.56 -61.96
N CYS K 379 7.48 26.08 -61.05
CA CYS K 379 7.03 27.46 -61.17
C CYS K 379 8.14 28.43 -60.81
N VAL K 380 8.92 28.13 -59.77
CA VAL K 380 9.99 29.04 -59.36
C VAL K 380 11.26 28.83 -60.18
N THR K 381 11.36 27.73 -60.91
CA THR K 381 12.51 27.54 -61.79
C THR K 381 12.39 28.42 -63.03
N SER K 382 11.20 28.45 -63.64
CA SER K 382 11.03 29.20 -64.88
C SER K 382 10.86 30.69 -64.61
N VAL K 383 10.25 31.05 -63.47
CA VAL K 383 10.10 32.47 -63.16
C VAL K 383 11.41 33.08 -62.70
N TRP K 384 12.39 32.26 -62.30
CA TRP K 384 13.76 32.75 -62.16
C TRP K 384 14.39 32.94 -63.52
N LEU K 385 14.09 32.05 -64.48
CA LEU K 385 14.58 32.21 -65.85
C LEU K 385 13.92 33.39 -66.54
N LEU K 386 12.64 33.62 -66.27
CA LEU K 386 11.93 34.72 -66.91
C LEU K 386 12.35 36.07 -66.32
N CYS K 387 12.69 36.11 -65.03
CA CYS K 387 13.20 37.34 -64.44
C CYS K 387 14.63 37.61 -64.82
N ARG K 388 15.44 36.56 -64.99
CA ARG K 388 16.81 36.72 -65.49
C ARG K 388 16.81 37.14 -66.96
N THR K 389 15.79 36.71 -67.71
CA THR K 389 15.59 37.23 -69.06
C THR K 389 15.31 38.73 -69.05
N ARG K 390 14.46 39.18 -68.12
CA ARG K 390 14.17 40.61 -67.99
C ARG K 390 15.37 41.38 -67.48
N ASN K 391 16.21 40.77 -66.62
CA ASN K 391 17.43 41.43 -66.19
C ASN K 391 18.45 41.54 -67.33
N LEU K 392 18.35 40.67 -68.34
CA LEU K 392 19.12 40.81 -69.56
C LEU K 392 18.34 41.52 -70.67
N CYS K 393 17.08 41.85 -70.44
CA CYS K 393 16.30 42.59 -71.43
C CYS K 393 16.80 44.03 -71.55
N ILE K 394 16.99 44.69 -70.41
CA ILE K 394 17.17 46.13 -70.35
C ILE K 394 18.55 46.54 -69.88
N THR K 395 19.42 45.58 -69.56
CA THR K 395 20.77 45.92 -69.11
C THR K 395 21.61 46.67 -70.14
N PRO K 396 21.67 46.29 -71.43
CA PRO K 396 22.33 47.18 -72.39
C PRO K 396 21.53 48.44 -72.71
N TYR K 397 20.23 48.47 -72.42
CA TYR K 397 19.43 49.66 -72.63
C TYR K 397 19.32 50.54 -71.40
N LYS K 398 19.93 50.14 -70.28
CA LYS K 398 20.01 51.00 -69.11
C LYS K 398 21.35 51.74 -69.01
N LEU K 399 22.39 51.23 -69.69
CA LEU K 399 23.69 51.86 -69.69
C LEU K 399 23.77 53.01 -70.68
N ALA K 400 22.81 53.12 -71.60
CA ALA K 400 22.75 54.18 -72.60
C ALA K 400 21.39 54.85 -72.47
N PRO K 401 21.25 55.84 -71.58
CA PRO K 401 19.93 56.46 -71.36
C PRO K 401 19.46 57.32 -72.53
N ASN K 402 20.36 57.77 -73.41
CA ASN K 402 20.00 58.64 -74.52
C ASN K 402 19.81 57.87 -75.84
N ALA K 403 19.57 56.57 -75.77
CA ALA K 403 19.31 55.75 -76.94
C ALA K 403 17.80 55.71 -77.22
N GLN K 404 17.39 54.83 -78.12
CA GLN K 404 15.98 54.68 -78.49
C GLN K 404 15.60 53.20 -78.37
N VAL K 405 14.89 52.86 -77.32
CA VAL K 405 14.42 51.48 -77.13
C VAL K 405 13.30 51.19 -78.15
N PRO K 406 13.30 50.03 -78.80
CA PRO K 406 12.21 49.72 -79.73
C PRO K 406 10.91 49.45 -79.00
N ILE K 407 9.80 49.69 -79.70
CA ILE K 407 8.48 49.55 -79.10
C ILE K 407 8.06 48.09 -78.99
N LEU K 408 8.70 47.18 -79.73
CA LEU K 408 8.42 45.76 -79.54
C LEU K 408 9.07 45.21 -78.29
N LEU K 409 10.26 45.71 -77.95
CA LEU K 409 10.96 45.25 -76.75
C LEU K 409 10.32 45.80 -75.48
N ALA K 410 9.92 47.07 -75.49
CA ALA K 410 9.45 47.76 -74.30
C ALA K 410 8.00 47.44 -73.94
N LEU K 411 7.27 46.72 -74.80
CA LEU K 411 5.85 46.48 -74.56
C LEU K 411 5.52 45.01 -74.35
N LEU K 412 5.92 44.13 -75.27
CA LEU K 412 5.44 42.75 -75.27
C LEU K 412 6.44 41.79 -74.65
N CYS K 413 7.66 41.73 -75.18
CA CYS K 413 8.62 40.75 -74.71
C CYS K 413 9.19 41.12 -73.34
N CYS K 414 9.52 42.38 -73.14
CA CYS K 414 10.13 42.84 -71.90
C CYS K 414 9.25 43.94 -71.33
N ILE K 415 9.27 44.10 -70.00
CA ILE K 415 8.24 44.86 -69.30
C ILE K 415 8.56 46.35 -69.25
N LYS K 416 9.84 46.71 -69.11
CA LYS K 416 10.22 48.09 -68.77
C LYS K 416 10.00 49.05 -69.94
N PRO K 417 9.20 50.10 -69.77
CA PRO K 417 8.96 51.05 -70.86
C PRO K 417 10.07 52.10 -71.00
N THR K 418 9.84 53.10 -71.85
CA THR K 418 10.83 54.14 -72.10
C THR K 418 11.03 55.01 -70.86
N ARG K 419 12.29 55.41 -70.64
CA ARG K 419 12.67 56.21 -69.49
C ARG K 419 13.60 57.33 -69.94
N ALA K 420 13.40 58.52 -69.35
CA ALA K 420 14.18 59.73 -69.60
C ALA K 420 14.24 60.13 -71.08
N ASP L 111 40.11 65.66 -64.08
CA ASP L 111 38.75 65.21 -64.32
C ASP L 111 38.13 64.62 -63.06
N LYS L 112 37.16 63.74 -63.23
CA LYS L 112 36.45 63.10 -62.12
C LYS L 112 36.53 61.59 -62.33
N THR L 113 37.57 60.97 -61.75
CA THR L 113 37.77 59.52 -61.85
C THR L 113 38.45 59.10 -60.55
N PHE L 114 37.68 58.51 -59.63
CA PHE L 114 38.20 58.13 -58.33
C PHE L 114 38.70 56.69 -58.37
N PRO L 115 39.96 56.42 -58.07
CA PRO L 115 40.47 55.06 -58.17
C PRO L 115 40.04 54.19 -57.00
N ILE L 116 40.18 52.88 -57.20
CA ILE L 116 39.87 51.88 -56.19
C ILE L 116 41.18 51.40 -55.57
N MET L 117 41.24 51.39 -54.24
CA MET L 117 42.41 50.97 -53.50
C MET L 117 42.10 49.72 -52.67
N LEU L 118 42.91 48.68 -52.85
CA LEU L 118 42.87 47.48 -52.03
C LEU L 118 44.23 47.31 -51.35
N ASN L 119 44.21 47.16 -50.02
CA ASN L 119 45.40 47.08 -49.17
C ASN L 119 46.33 48.28 -49.35
N GLY L 120 45.73 49.46 -49.52
CA GLY L 120 46.49 50.69 -49.68
C GLY L 120 47.16 50.88 -51.02
N GLN L 121 46.82 50.07 -52.03
CA GLN L 121 47.45 50.14 -53.34
C GLN L 121 46.39 50.32 -54.42
N VAL L 122 46.67 51.19 -55.37
CA VAL L 122 45.77 51.44 -56.49
C VAL L 122 45.89 50.29 -57.48
N ASN L 123 44.79 49.57 -57.69
CA ASN L 123 44.76 48.47 -58.65
C ASN L 123 43.68 48.64 -59.71
N GLY L 124 42.88 49.69 -59.65
CA GLY L 124 41.85 49.90 -60.65
C GLY L 124 41.28 51.30 -60.52
N TYR L 125 40.63 51.73 -61.59
CA TYR L 125 40.03 53.05 -61.68
C TYR L 125 38.55 52.93 -61.98
N ALA L 126 37.74 53.71 -61.27
CA ALA L 126 36.30 53.77 -61.48
C ALA L 126 35.93 55.12 -62.06
N CYS L 127 35.22 55.10 -63.19
CA CYS L 127 34.84 56.30 -63.90
C CYS L 127 33.33 56.51 -63.82
N VAL L 128 32.92 57.76 -63.70
CA VAL L 128 31.51 58.14 -63.62
C VAL L 128 31.08 58.72 -64.96
N VAL L 129 29.96 58.22 -65.48
CA VAL L 129 29.36 58.71 -66.72
C VAL L 129 28.04 59.31 -66.24
N GLY L 130 27.25 59.90 -67.14
CA GLY L 130 26.03 60.60 -66.79
C GLY L 130 24.99 59.76 -66.07
N GLY L 131 24.81 60.04 -64.78
CA GLY L 131 23.89 59.33 -63.92
C GLY L 131 24.46 58.14 -63.16
N ARG L 132 25.21 57.28 -63.83
CA ARG L 132 25.67 56.02 -63.26
C ARG L 132 27.19 55.97 -63.20
N VAL L 133 27.72 55.29 -62.19
CA VAL L 133 29.15 55.06 -62.06
C VAL L 133 29.46 53.66 -62.59
N PHE L 134 30.61 53.53 -63.26
CA PHE L 134 31.04 52.28 -63.88
C PHE L 134 32.34 51.84 -63.24
N LYS L 135 32.37 50.61 -62.73
CA LYS L 135 33.53 50.05 -62.07
C LYS L 135 33.75 48.62 -62.56
N PRO L 136 34.97 48.26 -62.95
CA PRO L 136 35.25 46.87 -63.33
C PRO L 136 35.16 45.93 -62.13
N LEU L 137 34.50 44.79 -62.34
CA LEU L 137 34.26 43.84 -61.27
C LEU L 137 35.31 42.73 -61.22
N HIS L 138 36.31 42.77 -62.10
CA HIS L 138 37.44 41.86 -61.98
C HIS L 138 38.52 42.40 -61.05
N VAL L 139 38.37 43.63 -60.57
CA VAL L 139 39.22 44.19 -59.54
C VAL L 139 38.43 44.24 -58.24
N GLU L 140 39.15 44.29 -57.12
CA GLU L 140 38.55 44.28 -55.81
C GLU L 140 39.11 45.42 -54.98
N GLY L 141 38.34 45.84 -53.99
CA GLY L 141 38.75 46.91 -53.11
C GLY L 141 37.55 47.75 -52.68
N ARG L 142 37.81 49.04 -52.46
CA ARG L 142 36.80 49.97 -52.02
C ARG L 142 37.13 51.35 -52.58
N ILE L 143 36.11 52.03 -53.12
CA ILE L 143 36.29 53.39 -53.62
C ILE L 143 36.55 54.32 -52.46
N ASP L 144 37.56 55.19 -52.59
CA ASP L 144 38.01 56.01 -51.49
C ASP L 144 37.03 57.13 -51.13
N ASN L 145 36.11 57.49 -52.03
CA ASN L 145 35.13 58.51 -51.73
C ASN L 145 34.10 57.97 -50.74
N GLU L 146 33.86 58.73 -49.67
CA GLU L 146 32.85 58.35 -48.69
C GLU L 146 31.44 58.53 -49.26
N GLN L 147 31.27 59.45 -50.20
CA GLN L 147 30.00 59.59 -50.90
C GLN L 147 29.74 58.38 -51.80
N LEU L 148 30.78 57.89 -52.47
CA LEU L 148 30.61 56.78 -53.41
C LEU L 148 30.45 55.45 -52.68
N ALA L 149 31.00 55.31 -51.49
CA ALA L 149 30.99 54.03 -50.77
C ALA L 149 29.64 53.72 -50.14
N ALA L 150 28.73 54.68 -50.06
CA ALA L 150 27.39 54.43 -49.53
C ALA L 150 26.42 53.91 -50.58
N ILE L 151 26.87 53.75 -51.82
CA ILE L 151 26.03 53.28 -52.92
C ILE L 151 26.18 51.77 -53.04
N LYS L 152 25.05 51.08 -53.22
CA LYS L 152 25.05 49.64 -53.41
C LYS L 152 25.69 49.26 -54.73
N LEU L 153 26.11 48.00 -54.83
CA LEU L 153 26.71 47.46 -56.04
C LEU L 153 25.89 46.26 -56.51
N LYS L 154 25.48 46.29 -57.78
CA LYS L 154 24.74 45.19 -58.39
C LYS L 154 25.55 44.60 -59.53
N LYS L 155 25.41 43.29 -59.72
CA LYS L 155 26.23 42.55 -60.66
C LYS L 155 25.59 42.55 -62.04
N ALA L 156 26.44 42.29 -63.03
CA ALA L 156 26.03 42.25 -64.43
C ALA L 156 26.97 41.29 -65.17
N SER L 157 27.03 41.43 -66.48
CA SER L 157 28.06 40.81 -67.32
C SER L 157 29.35 41.61 -67.24
N ILE L 158 30.26 41.43 -68.19
CA ILE L 158 31.59 42.04 -68.11
C ILE L 158 31.48 43.47 -68.68
N TYR L 159 30.24 43.92 -68.94
CA TYR L 159 29.93 45.35 -69.08
C TYR L 159 30.27 46.16 -67.83
N ASP L 160 30.34 45.50 -66.66
CA ASP L 160 30.83 46.07 -65.40
C ASP L 160 29.98 47.25 -64.92
N LEU L 161 28.75 46.91 -64.57
CA LEU L 161 27.75 47.87 -64.12
C LEU L 161 27.78 48.04 -62.61
N GLU L 162 27.53 49.28 -62.16
CA GLU L 162 27.35 49.62 -60.77
C GLU L 162 26.16 50.57 -60.67
N TYR L 163 25.46 50.53 -59.52
CA TYR L 163 24.27 51.36 -59.31
C TYR L 163 24.59 52.86 -59.37
N GLY L 164 23.74 53.59 -60.10
CA GLY L 164 23.83 55.03 -60.17
C GLY L 164 22.91 55.73 -59.20
N ASP L 165 23.15 55.55 -57.90
CA ASP L 165 22.36 56.19 -56.85
C ASP L 165 23.04 57.43 -56.30
N VAL L 166 23.69 58.19 -57.18
CA VAL L 166 24.46 59.38 -56.82
C VAL L 166 23.55 60.47 -56.29
N PRO L 167 24.01 61.32 -55.37
CA PRO L 167 23.17 62.42 -54.89
C PRO L 167 23.02 63.52 -55.93
N GLN L 168 22.06 64.42 -55.66
CA GLN L 168 21.62 65.44 -56.60
C GLN L 168 22.70 66.48 -56.90
N CYS L 169 23.65 66.71 -56.00
CA CYS L 169 24.60 67.80 -56.13
C CYS L 169 25.72 67.53 -57.13
N MET L 170 25.82 66.32 -57.69
CA MET L 170 27.00 65.93 -58.46
C MET L 170 26.65 65.37 -59.84
N LYS L 171 25.36 65.18 -60.13
CA LYS L 171 24.90 64.48 -61.33
C LYS L 171 25.30 65.20 -62.62
N SER L 172 25.40 64.40 -63.70
CA SER L 172 25.77 64.82 -65.05
C SER L 172 27.16 65.47 -65.07
N ASP L 173 28.16 64.70 -64.63
CA ASP L 173 29.54 65.16 -64.65
C ASP L 173 30.13 64.98 -66.05
N THR L 174 30.19 63.74 -66.53
CA THR L 174 30.68 63.43 -67.87
C THR L 174 29.55 62.79 -68.67
N LEU L 175 29.41 63.24 -69.92
CA LEU L 175 28.37 62.74 -70.80
C LEU L 175 28.94 61.77 -71.82
N GLN L 176 28.18 60.72 -72.12
CA GLN L 176 28.61 59.70 -73.06
C GLN L 176 28.48 60.19 -74.49
N TYR L 177 29.07 59.44 -75.42
CA TYR L 177 28.99 59.73 -76.84
C TYR L 177 28.18 58.64 -77.54
N THR L 178 27.26 59.08 -78.40
CA THR L 178 26.42 58.18 -79.19
C THR L 178 27.15 57.68 -80.43
N SER L 179 26.40 57.15 -81.39
CA SER L 179 26.95 56.65 -82.63
C SER L 179 27.30 57.81 -83.58
N ASP L 180 27.54 57.48 -84.85
CA ASP L 180 28.21 58.32 -85.84
C ASP L 180 29.56 58.78 -85.29
N LYS L 181 30.37 57.77 -84.95
CA LYS L 181 31.69 58.00 -84.38
C LYS L 181 32.73 57.94 -85.48
N PRO L 182 33.52 59.00 -85.69
CA PRO L 182 34.51 59.00 -86.78
C PRO L 182 35.69 58.11 -86.43
N PRO L 183 36.56 57.81 -87.41
CA PRO L 183 37.85 57.18 -87.08
C PRO L 183 38.69 58.08 -86.19
N GLY L 184 38.95 59.30 -86.63
CA GLY L 184 39.48 60.47 -85.94
C GLY L 184 40.74 60.23 -85.11
N PHE L 185 40.95 61.14 -84.16
CA PHE L 185 42.01 61.04 -83.17
C PHE L 185 41.42 61.35 -81.81
N TYR L 186 41.52 60.40 -80.88
CA TYR L 186 40.94 60.53 -79.55
C TYR L 186 42.05 60.56 -78.51
N ASN L 187 41.98 61.53 -77.60
CA ASN L 187 42.98 61.66 -76.55
C ASN L 187 42.83 60.54 -75.53
N TRP L 188 43.94 60.24 -74.85
CA TRP L 188 44.01 59.15 -73.90
C TRP L 188 44.92 59.62 -72.78
N HIS L 189 44.73 59.03 -71.59
CA HIS L 189 45.43 59.53 -70.39
C HIS L 189 46.93 59.33 -70.44
N HIS L 190 47.42 58.34 -71.18
CA HIS L 190 48.85 58.13 -71.38
C HIS L 190 49.24 58.21 -72.84
N GLY L 191 48.53 59.02 -73.63
CA GLY L 191 48.85 59.15 -75.04
C GLY L 191 47.66 59.51 -75.91
N ALA L 192 47.46 58.77 -77.00
CA ALA L 192 46.34 59.01 -77.90
C ALA L 192 45.98 57.72 -78.60
N VAL L 193 44.70 57.61 -78.99
CA VAL L 193 44.20 56.45 -79.73
C VAL L 193 43.40 56.95 -80.92
N GLN L 194 43.70 56.40 -82.11
CA GLN L 194 43.11 56.84 -83.38
C GLN L 194 42.57 55.63 -84.14
N TYR L 195 41.36 55.20 -83.80
CA TYR L 195 40.63 54.18 -84.55
C TYR L 195 39.16 54.23 -84.14
N GLU L 196 38.33 53.53 -84.91
CA GLU L 196 36.89 53.49 -84.68
C GLU L 196 36.36 52.12 -84.35
N ASN L 197 36.69 51.10 -85.15
CA ASN L 197 36.18 49.74 -84.93
C ASN L 197 36.74 49.14 -83.65
N ASN L 198 38.04 49.32 -83.42
CA ASN L 198 38.65 49.00 -82.13
C ASN L 198 39.39 50.24 -81.64
N ARG L 199 40.21 50.09 -80.61
CA ARG L 199 41.10 51.17 -80.24
C ARG L 199 42.44 51.01 -80.96
N PHE L 200 43.24 52.07 -80.91
CA PHE L 200 44.57 52.01 -81.50
C PHE L 200 45.47 51.07 -80.70
N THR L 201 46.18 50.20 -81.41
CA THR L 201 47.16 49.34 -80.76
C THR L 201 48.36 50.18 -80.37
N VAL L 202 48.38 50.65 -79.12
CA VAL L 202 49.39 51.57 -78.61
C VAL L 202 50.72 50.83 -78.49
N PRO L 203 51.86 51.53 -78.57
CA PRO L 203 53.16 50.85 -78.44
C PRO L 203 53.39 50.35 -77.02
N ARG L 204 54.41 49.51 -76.89
CA ARG L 204 54.71 48.82 -75.65
C ARG L 204 55.23 49.80 -74.60
N GLY L 205 55.12 49.39 -73.34
CA GLY L 205 55.37 50.24 -72.19
C GLY L 205 54.11 50.89 -71.66
N VAL L 206 53.30 51.44 -72.56
CA VAL L 206 51.98 51.95 -72.19
C VAL L 206 51.05 50.76 -71.97
N GLY L 207 50.24 50.83 -70.91
CA GLY L 207 49.34 49.74 -70.60
C GLY L 207 49.91 48.73 -69.63
N GLY L 208 50.31 49.21 -68.45
CA GLY L 208 50.86 48.33 -67.42
C GLY L 208 49.79 47.61 -66.65
N LYS L 209 49.83 47.67 -65.31
CA LYS L 209 48.81 47.08 -64.47
C LYS L 209 48.16 48.16 -63.62
N GLY L 210 46.85 48.05 -63.44
CA GLY L 210 46.10 49.08 -62.76
C GLY L 210 45.51 50.14 -63.66
N ASP L 211 45.46 49.90 -64.97
CA ASP L 211 44.92 50.87 -65.93
C ASP L 211 43.48 50.57 -66.33
N SER L 212 42.82 49.63 -65.67
CA SER L 212 41.45 49.27 -66.03
C SER L 212 40.47 50.35 -65.58
N GLY L 213 39.41 50.51 -66.37
CA GLY L 213 38.38 51.47 -66.06
C GLY L 213 38.66 52.90 -66.50
N ARG L 214 39.78 53.14 -67.18
CA ARG L 214 40.10 54.48 -67.64
C ARG L 214 39.23 54.83 -68.85
N PRO L 215 38.48 55.94 -68.80
CA PRO L 215 37.67 56.32 -69.96
C PRO L 215 38.53 56.88 -71.08
N ILE L 216 38.10 56.61 -72.31
CA ILE L 216 38.70 57.18 -73.51
C ILE L 216 37.77 58.27 -74.01
N LEU L 217 38.29 59.50 -74.08
CA LEU L 217 37.47 60.66 -74.35
C LEU L 217 37.66 61.16 -75.77
N ASP L 218 36.72 61.99 -76.21
CA ASP L 218 36.77 62.64 -77.51
C ASP L 218 37.48 63.99 -77.37
N ASN L 219 37.47 64.80 -78.43
CA ASN L 219 38.01 66.14 -78.35
C ASN L 219 37.10 67.10 -77.61
N LYS L 220 35.82 66.75 -77.45
CA LYS L 220 34.86 67.55 -76.71
C LYS L 220 34.62 67.01 -75.30
N GLY L 221 35.43 66.06 -74.85
CA GLY L 221 35.26 65.47 -73.54
C GLY L 221 34.25 64.35 -73.46
N ARG L 222 33.74 63.87 -74.59
CA ARG L 222 32.74 62.81 -74.61
C ARG L 222 33.42 61.45 -74.52
N VAL L 223 33.04 60.65 -73.54
CA VAL L 223 33.63 59.34 -73.34
C VAL L 223 33.04 58.36 -74.38
N VAL L 224 33.92 57.66 -75.09
CA VAL L 224 33.50 56.70 -76.10
C VAL L 224 33.84 55.27 -75.73
N ALA L 225 34.67 55.03 -74.72
CA ALA L 225 35.12 53.69 -74.39
C ALA L 225 35.59 53.65 -72.95
N ILE L 226 35.64 52.44 -72.39
CA ILE L 226 36.21 52.19 -71.08
C ILE L 226 37.13 50.98 -71.20
N VAL L 227 38.41 51.16 -70.89
CA VAL L 227 39.42 50.13 -71.11
C VAL L 227 39.30 49.06 -70.03
N LEU L 228 39.24 47.79 -70.45
CA LEU L 228 39.15 46.67 -69.53
C LEU L 228 40.33 45.72 -69.63
N GLY L 229 40.63 45.22 -70.83
CA GLY L 229 41.66 44.21 -70.98
C GLY L 229 42.60 44.45 -72.14
N GLY L 230 43.39 43.44 -72.50
CA GLY L 230 44.34 43.57 -73.59
C GLY L 230 45.68 44.13 -73.16
N VAL L 231 46.35 43.43 -72.23
CA VAL L 231 47.63 43.90 -71.71
C VAL L 231 48.72 43.81 -72.78
N ASN L 232 48.82 42.66 -73.46
CA ASN L 232 49.84 42.46 -74.48
C ASN L 232 49.21 41.80 -75.69
N GLU L 233 49.49 42.33 -76.88
CA GLU L 233 48.92 41.84 -78.12
C GLU L 233 49.98 41.76 -79.21
N GLY L 234 51.15 41.27 -78.88
CA GLY L 234 52.20 41.04 -79.87
C GLY L 234 53.08 42.27 -80.05
N SER L 235 53.09 42.81 -81.27
CA SER L 235 53.93 43.97 -81.57
C SER L 235 53.42 45.22 -80.86
N ARG L 236 52.11 45.44 -80.85
CA ARG L 236 51.50 46.54 -80.14
C ARG L 236 50.25 46.03 -79.44
N THR L 237 49.92 46.65 -78.31
CA THR L 237 48.88 46.14 -77.42
C THR L 237 47.54 46.76 -77.79
N ALA L 238 46.60 45.91 -78.23
CA ALA L 238 45.25 46.35 -78.50
C ALA L 238 44.45 46.44 -77.20
N LEU L 239 43.35 47.18 -77.25
CA LEU L 239 42.55 47.47 -76.07
C LEU L 239 41.22 46.73 -76.15
N SER L 240 40.86 46.06 -75.06
CA SER L 240 39.57 45.38 -74.94
C SER L 240 38.64 46.31 -74.16
N VAL L 241 37.80 47.05 -74.89
CA VAL L 241 36.96 48.07 -74.32
C VAL L 241 35.49 47.71 -74.53
N VAL L 242 34.62 48.43 -73.81
CA VAL L 242 33.19 48.40 -74.05
C VAL L 242 32.84 49.57 -74.96
N THR L 243 31.88 49.36 -75.84
CA THR L 243 31.60 50.31 -76.91
C THR L 243 30.09 50.39 -77.09
N TRP L 244 29.59 51.58 -77.46
CA TRP L 244 28.23 51.73 -77.93
C TRP L 244 28.20 51.53 -79.44
N ASN L 245 27.28 50.68 -79.91
CA ASN L 245 27.30 50.21 -81.29
C ASN L 245 26.72 51.24 -82.26
N GLN L 246 26.40 50.79 -83.49
CA GLN L 246 25.93 51.67 -84.55
C GLN L 246 24.58 52.31 -84.24
N LYS L 247 23.75 51.71 -83.38
CA LYS L 247 22.57 52.41 -82.85
C LYS L 247 22.44 52.21 -81.32
N GLY L 248 23.20 53.01 -80.58
CA GLY L 248 23.07 53.20 -79.13
C GLY L 248 22.94 52.02 -78.17
N VAL L 249 23.40 50.83 -78.53
CA VAL L 249 23.38 49.68 -77.63
C VAL L 249 24.83 49.35 -77.26
N THR L 250 25.07 49.14 -75.97
CA THR L 250 26.41 48.86 -75.48
C THR L 250 26.82 47.44 -75.81
N VAL L 251 28.00 47.30 -76.43
CA VAL L 251 28.56 45.98 -76.72
C VAL L 251 29.93 45.90 -76.06
N LYS L 252 30.62 44.78 -76.26
CA LYS L 252 31.95 44.58 -75.70
C LYS L 252 32.84 43.96 -76.77
N ASP L 253 33.95 44.63 -77.07
CA ASP L 253 34.88 44.19 -78.10
C ASP L 253 36.13 43.63 -77.44
N THR L 254 36.51 42.41 -77.84
CA THR L 254 37.68 41.75 -77.28
C THR L 254 38.54 41.19 -78.42
N PRO L 255 39.83 41.52 -78.46
CA PRO L 255 40.75 40.78 -79.32
C PRO L 255 41.06 39.42 -78.69
N GLU L 256 41.46 38.48 -79.55
CA GLU L 256 41.78 37.15 -79.10
C GLU L 256 43.10 37.13 -78.34
N GLY L 257 43.15 36.33 -77.27
CA GLY L 257 44.31 36.29 -76.40
C GLY L 257 44.56 37.56 -75.62
N SER L 258 43.50 38.16 -75.07
CA SER L 258 43.61 39.40 -74.31
C SER L 258 43.51 39.06 -72.82
N GLU L 259 44.63 39.15 -72.13
CA GLU L 259 44.64 38.90 -70.69
C GLU L 259 44.00 40.09 -69.96
N PRO L 260 43.18 39.83 -68.95
CA PRO L 260 42.54 40.92 -68.21
C PRO L 260 43.52 41.67 -67.32
N TRP L 261 43.15 42.89 -66.97
CA TRP L 261 44.01 43.73 -66.15
C TRP L 261 44.01 43.29 -64.70
N LYS M 2 -33.29 -51.95 -39.27
CA LYS M 2 -32.83 -51.30 -40.49
C LYS M 2 -31.38 -50.85 -40.35
N CYS M 3 -30.45 -51.78 -40.48
CA CYS M 3 -29.03 -51.48 -40.36
C CYS M 3 -28.25 -52.48 -41.21
N GLU M 4 -26.94 -52.50 -41.02
CA GLU M 4 -26.06 -53.42 -41.70
C GLU M 4 -26.32 -54.85 -41.21
N PRO M 5 -26.15 -55.86 -42.08
CA PRO M 5 -26.20 -57.26 -41.62
C PRO M 5 -25.14 -57.62 -40.58
N SER M 6 -24.07 -56.84 -40.44
CA SER M 6 -23.14 -56.95 -39.32
C SER M 6 -23.64 -56.26 -38.06
N GLN M 7 -24.92 -55.86 -38.02
CA GLN M 7 -25.56 -55.30 -36.84
C GLN M 7 -26.83 -56.07 -36.54
N PHE M 8 -27.26 -56.02 -35.29
CA PHE M 8 -28.42 -56.77 -34.82
C PHE M 8 -29.50 -55.80 -34.34
N GLN M 9 -30.75 -56.12 -34.65
CA GLN M 9 -31.91 -55.33 -34.25
C GLN M 9 -32.89 -56.19 -33.44
N CYS M 10 -33.40 -55.66 -32.33
CA CYS M 10 -34.31 -56.41 -31.49
C CYS M 10 -35.75 -56.05 -31.88
N THR M 11 -36.72 -56.50 -31.08
CA THR M 11 -38.13 -56.31 -31.42
C THR M 11 -38.59 -54.87 -31.28
N ASN M 12 -37.85 -54.03 -30.56
CA ASN M 12 -38.18 -52.61 -30.51
C ASN M 12 -37.88 -51.92 -31.83
N GLY M 13 -36.73 -52.21 -32.43
CA GLY M 13 -36.36 -51.61 -33.70
C GLY M 13 -34.99 -50.98 -33.66
N ARG M 14 -34.45 -50.79 -32.46
CA ARG M 14 -33.11 -50.21 -32.32
C ARG M 14 -32.06 -51.22 -32.77
N CYS M 15 -31.01 -50.71 -33.41
CA CYS M 15 -29.97 -51.55 -33.99
C CYS M 15 -28.72 -51.50 -33.11
N ILE M 16 -28.23 -52.67 -32.73
CA ILE M 16 -27.01 -52.81 -31.94
C ILE M 16 -26.03 -53.70 -32.71
N THR M 17 -24.80 -53.79 -32.18
CA THR M 17 -23.78 -54.59 -32.82
C THR M 17 -23.93 -56.08 -32.48
N LEU M 18 -23.25 -56.92 -33.26
CA LEU M 18 -23.31 -58.36 -33.05
C LEU M 18 -22.55 -58.82 -31.82
N LEU M 19 -21.60 -58.01 -31.32
CA LEU M 19 -20.84 -58.36 -30.13
C LEU M 19 -21.67 -58.25 -28.86
N TRP M 20 -22.85 -57.65 -28.91
CA TRP M 20 -23.75 -57.53 -27.76
C TRP M 20 -24.83 -58.60 -27.79
N LYS M 21 -24.61 -59.69 -28.52
CA LYS M 21 -25.58 -60.77 -28.63
C LYS M 21 -25.45 -61.68 -27.41
N CYS M 22 -26.43 -61.57 -26.50
CA CYS M 22 -26.56 -62.32 -25.23
C CYS M 22 -25.25 -62.35 -24.44
N ASP M 23 -24.62 -61.18 -24.32
CA ASP M 23 -23.41 -61.03 -23.53
C ASP M 23 -23.69 -60.88 -22.05
N GLY M 24 -24.95 -60.76 -21.65
CA GLY M 24 -25.33 -60.56 -20.27
C GLY M 24 -26.07 -59.26 -20.01
N ASP M 25 -25.83 -58.23 -20.82
CA ASP M 25 -26.46 -56.92 -20.67
C ASP M 25 -27.57 -56.78 -21.69
N GLU M 26 -28.77 -56.45 -21.22
CA GLU M 26 -29.89 -56.12 -22.10
C GLU M 26 -29.68 -54.72 -22.66
N ASP M 27 -29.16 -54.64 -23.89
CA ASP M 27 -28.79 -53.34 -24.45
C ASP M 27 -30.01 -52.53 -24.86
N CYS M 28 -30.98 -53.16 -25.51
CA CYS M 28 -32.18 -52.45 -25.93
C CYS M 28 -33.27 -52.63 -24.88
N VAL M 29 -34.48 -52.17 -25.18
CA VAL M 29 -35.50 -52.01 -24.15
C VAL M 29 -36.14 -53.35 -23.79
N ASP M 30 -36.59 -54.10 -24.80
CA ASP M 30 -37.29 -55.35 -24.55
C ASP M 30 -36.38 -56.47 -24.08
N GLY M 31 -35.08 -56.38 -24.35
CA GLY M 31 -34.14 -57.41 -23.94
C GLY M 31 -34.31 -58.74 -24.64
N SER M 32 -34.68 -58.72 -25.91
CA SER M 32 -34.78 -59.96 -26.69
C SER M 32 -33.42 -60.45 -27.18
N ASP M 33 -32.38 -59.62 -27.05
CA ASP M 33 -31.03 -60.05 -27.42
C ASP M 33 -30.45 -61.06 -26.44
N GLU M 34 -30.99 -61.13 -25.22
CA GLU M 34 -30.55 -62.07 -24.21
C GLU M 34 -31.41 -63.33 -24.16
N LYS M 35 -32.10 -63.67 -25.25
CA LYS M 35 -33.08 -64.74 -25.22
C LYS M 35 -32.63 -66.00 -25.95
N ASN M 36 -32.25 -65.87 -27.22
CA ASN M 36 -32.07 -67.03 -28.11
C ASN M 36 -30.61 -67.18 -28.50
N CYS M 37 -29.85 -67.89 -27.67
CA CYS M 37 -28.52 -68.36 -28.03
C CYS M 37 -28.22 -69.62 -27.22
N VAL M 38 -27.23 -70.38 -27.68
CA VAL M 38 -26.88 -71.66 -27.10
C VAL M 38 -25.92 -71.44 -25.94
N LYS M 39 -26.00 -72.33 -24.94
CA LYS M 39 -25.11 -72.27 -23.79
C LYS M 39 -23.77 -72.90 -24.12
N LYS M 40 -22.68 -72.24 -23.74
CA LYS M 40 -21.35 -72.75 -24.00
C LYS M 40 -21.03 -73.93 -23.10
N THR M 41 -20.00 -74.67 -23.48
CA THR M 41 -19.55 -75.83 -22.71
C THR M 41 -18.58 -75.39 -21.61
N CYS M 42 -18.54 -76.17 -20.55
CA CYS M 42 -17.65 -75.91 -19.43
C CYS M 42 -16.28 -76.53 -19.69
N ALA M 43 -15.28 -76.05 -18.95
CA ALA M 43 -13.91 -76.51 -19.13
C ALA M 43 -13.72 -77.89 -18.52
N GLU M 44 -12.72 -78.60 -19.04
CA GLU M 44 -12.41 -79.94 -18.54
C GLU M 44 -11.68 -79.89 -17.20
N SER M 45 -10.91 -78.84 -16.94
CA SER M 45 -10.14 -78.73 -15.71
C SER M 45 -10.96 -78.27 -14.52
N ASP M 46 -12.22 -77.88 -14.72
CA ASP M 46 -13.08 -77.43 -13.65
C ASP M 46 -14.00 -78.56 -13.20
N PHE M 47 -14.59 -78.38 -12.02
CA PHE M 47 -15.54 -79.33 -11.46
C PHE M 47 -16.95 -78.86 -11.73
N VAL M 48 -17.81 -79.77 -12.19
CA VAL M 48 -19.19 -79.46 -12.56
C VAL M 48 -20.09 -79.72 -11.37
N CYS M 49 -20.90 -78.73 -11.01
CA CYS M 49 -21.88 -78.89 -9.94
C CYS M 49 -23.11 -79.60 -10.48
N ASN M 50 -24.08 -79.85 -9.58
CA ASN M 50 -25.33 -80.47 -10.00
C ASN M 50 -26.17 -79.52 -10.85
N ASN M 51 -26.13 -78.22 -10.54
CA ASN M 51 -26.83 -77.23 -11.34
C ASN M 51 -25.99 -76.71 -12.49
N GLY M 52 -24.72 -77.07 -12.58
CA GLY M 52 -23.87 -76.67 -13.67
C GLY M 52 -22.94 -75.51 -13.40
N GLN M 53 -22.82 -75.06 -12.15
CA GLN M 53 -21.91 -73.97 -11.82
C GLN M 53 -20.49 -74.51 -11.74
N CYS M 54 -19.64 -74.07 -12.66
CA CYS M 54 -18.27 -74.57 -12.76
C CYS M 54 -17.39 -73.94 -11.68
N VAL M 55 -16.71 -74.77 -10.92
CA VAL M 55 -15.78 -74.34 -9.88
C VAL M 55 -14.44 -75.01 -10.17
N PRO M 56 -13.32 -74.40 -9.77
CA PRO M 56 -12.03 -75.07 -9.96
C PRO M 56 -11.90 -76.31 -9.09
N SER M 57 -11.09 -77.26 -9.58
CA SER M 57 -10.92 -78.54 -8.92
C SER M 57 -10.10 -78.44 -7.63
N ARG M 58 -9.38 -77.33 -7.43
CA ARG M 58 -8.71 -77.10 -6.17
C ARG M 58 -9.71 -76.84 -5.05
N TRP M 59 -10.85 -76.24 -5.38
CA TRP M 59 -11.86 -75.91 -4.39
C TRP M 59 -12.72 -77.10 -3.96
N LYS M 60 -12.56 -78.26 -4.60
CA LYS M 60 -13.29 -79.44 -4.19
C LYS M 60 -12.66 -80.06 -2.94
N CYS M 61 -13.51 -80.36 -1.96
CA CYS M 61 -13.16 -81.03 -0.70
C CYS M 61 -12.13 -80.24 0.10
N ASP M 62 -12.53 -79.01 0.45
CA ASP M 62 -11.74 -78.09 1.27
C ASP M 62 -12.45 -77.64 2.56
N GLY M 63 -13.70 -78.06 2.77
CA GLY M 63 -14.44 -77.67 3.95
C GLY M 63 -15.05 -76.28 3.87
N ASP M 64 -15.51 -75.86 2.68
CA ASP M 64 -16.10 -74.56 2.48
C ASP M 64 -17.04 -74.65 1.28
N PRO M 65 -18.27 -74.16 1.41
CA PRO M 65 -19.21 -74.17 0.27
C PRO M 65 -18.82 -73.21 -0.84
N ASP M 66 -18.66 -73.76 -2.05
CA ASP M 66 -18.33 -72.99 -3.24
C ASP M 66 -19.42 -73.09 -4.31
N CYS M 67 -20.57 -73.65 -3.97
CA CYS M 67 -21.66 -73.82 -4.91
C CYS M 67 -22.97 -73.49 -4.22
N GLU M 68 -23.98 -73.15 -5.01
CA GLU M 68 -25.34 -72.86 -4.55
C GLU M 68 -26.05 -74.10 -3.99
N ASP M 69 -25.92 -75.23 -4.69
CA ASP M 69 -26.47 -76.50 -4.26
C ASP M 69 -25.59 -77.21 -3.24
N GLY M 70 -24.32 -76.85 -3.15
CA GLY M 70 -23.43 -77.50 -2.21
C GLY M 70 -22.98 -78.88 -2.60
N SER M 71 -23.00 -79.22 -3.90
CA SER M 71 -22.59 -80.55 -4.34
C SER M 71 -21.08 -80.75 -4.31
N ASP M 72 -20.29 -79.69 -4.15
CA ASP M 72 -18.85 -79.82 -4.03
C ASP M 72 -18.40 -80.24 -2.64
N GLU M 73 -19.30 -80.21 -1.65
CA GLU M 73 -18.97 -80.62 -0.30
C GLU M 73 -19.91 -81.70 0.23
N SER M 74 -20.70 -82.32 -0.63
CA SER M 74 -21.60 -83.38 -0.22
C SER M 74 -20.80 -84.65 0.10
N PRO M 75 -21.29 -85.46 1.05
CA PRO M 75 -20.61 -86.74 1.34
C PRO M 75 -20.71 -87.76 0.22
N GLU M 76 -21.65 -87.61 -0.72
CA GLU M 76 -21.71 -88.49 -1.86
C GLU M 76 -20.57 -88.21 -2.84
N GLN M 77 -20.20 -86.94 -3.00
CA GLN M 77 -19.13 -86.55 -3.92
C GLN M 77 -17.77 -86.52 -3.25
N CYS M 78 -17.70 -86.65 -1.92
CA CYS M 78 -16.43 -86.66 -1.21
C CYS M 78 -16.53 -87.65 -0.06
N HIS M 79 -15.69 -88.68 -0.09
CA HIS M 79 -15.74 -89.75 0.90
C HIS M 79 -15.16 -89.24 2.23
N MET M 80 -15.91 -89.44 3.31
CA MET M 80 -15.48 -88.99 4.62
C MET M 80 -15.70 -90.09 5.67
N LYS N 2 4.10 -48.99 25.48
CA LYS N 2 4.69 -48.34 24.32
C LYS N 2 4.72 -46.83 24.50
N CYS N 3 3.89 -46.32 25.40
CA CYS N 3 3.80 -44.89 25.66
C CYS N 3 4.03 -44.62 27.15
N GLU N 4 3.78 -43.38 27.55
CA GLU N 4 3.98 -42.95 28.93
C GLU N 4 2.94 -43.62 29.85
N PRO N 5 3.32 -43.93 31.09
CA PRO N 5 2.32 -44.41 32.07
C PRO N 5 1.24 -43.40 32.41
N SER N 6 1.46 -42.11 32.14
CA SER N 6 0.42 -41.10 32.22
C SER N 6 -0.53 -41.11 31.02
N GLN N 7 -0.31 -42.01 30.07
CA GLN N 7 -1.23 -42.26 28.96
C GLN N 7 -1.75 -43.68 29.04
N PHE N 8 -3.03 -43.86 28.72
CA PHE N 8 -3.68 -45.16 28.77
C PHE N 8 -3.55 -45.84 27.42
N GLN N 9 -3.12 -47.10 27.43
CA GLN N 9 -2.94 -47.89 26.23
C GLN N 9 -4.06 -48.92 26.15
N CYS N 10 -4.94 -48.77 25.16
CA CYS N 10 -5.95 -49.77 24.90
C CYS N 10 -5.30 -51.03 24.32
N THR N 11 -5.98 -52.17 24.48
CA THR N 11 -5.39 -53.47 24.20
C THR N 11 -5.15 -53.72 22.71
N ASN N 12 -5.76 -52.92 21.83
CA ASN N 12 -5.41 -53.00 20.41
C ASN N 12 -3.99 -52.52 20.17
N GLY N 13 -3.58 -51.46 20.84
CA GLY N 13 -2.24 -50.93 20.70
C GLY N 13 -2.20 -49.40 20.73
N ARG N 14 -3.37 -48.79 20.57
CA ARG N 14 -3.47 -47.34 20.60
C ARG N 14 -3.27 -46.78 22.00
N CYS N 15 -2.65 -45.61 22.08
CA CYS N 15 -2.39 -44.93 23.35
C CYS N 15 -3.23 -43.66 23.41
N ILE N 16 -4.07 -43.54 24.44
CA ILE N 16 -4.86 -42.35 24.69
C ILE N 16 -4.45 -41.77 26.04
N THR N 17 -4.88 -40.52 26.28
CA THR N 17 -4.51 -39.85 27.51
C THR N 17 -5.33 -40.38 28.69
N LEU N 18 -4.85 -40.11 29.90
CA LEU N 18 -5.47 -40.64 31.11
C LEU N 18 -6.66 -39.81 31.58
N LEU N 19 -6.87 -38.62 31.02
CA LEU N 19 -8.09 -37.88 31.31
C LEU N 19 -9.30 -38.54 30.65
N TRP N 20 -9.06 -39.33 29.61
CA TRP N 20 -10.10 -40.06 28.88
C TRP N 20 -10.39 -41.43 29.48
N LYS N 21 -10.13 -41.61 30.78
CA LYS N 21 -10.29 -42.91 31.45
C LYS N 21 -11.77 -43.16 31.74
N CYS N 22 -12.39 -43.99 30.89
CA CYS N 22 -13.77 -44.51 31.01
C CYS N 22 -14.80 -43.41 31.26
N ASP N 23 -14.64 -42.30 30.52
CA ASP N 23 -15.50 -41.14 30.70
C ASP N 23 -16.83 -41.26 29.95
N GLY N 24 -17.05 -42.35 29.20
CA GLY N 24 -18.32 -42.61 28.54
C GLY N 24 -18.19 -43.00 27.09
N ASP N 25 -17.17 -42.49 26.40
CA ASP N 25 -16.99 -42.72 24.97
C ASP N 25 -15.95 -43.80 24.74
N GLU N 26 -16.27 -44.76 23.87
CA GLU N 26 -15.35 -45.82 23.50
C GLU N 26 -14.27 -45.22 22.60
N ASP N 27 -13.15 -44.83 23.21
CA ASP N 27 -12.14 -44.07 22.49
C ASP N 27 -11.23 -44.96 21.65
N CYS N 28 -10.99 -46.19 22.11
CA CYS N 28 -10.29 -47.18 21.31
C CYS N 28 -11.28 -47.86 20.37
N VAL N 29 -10.80 -48.86 19.62
CA VAL N 29 -11.64 -49.52 18.63
C VAL N 29 -12.62 -50.48 19.31
N ASP N 30 -12.09 -51.41 20.11
CA ASP N 30 -12.93 -52.43 20.73
C ASP N 30 -13.59 -51.99 22.03
N GLY N 31 -13.30 -50.80 22.52
CA GLY N 31 -13.93 -50.29 23.73
C GLY N 31 -13.54 -51.00 25.01
N SER N 32 -12.26 -51.35 25.16
CA SER N 32 -11.78 -51.93 26.42
C SER N 32 -11.51 -50.87 27.48
N ASP N 33 -11.65 -49.59 27.15
CA ASP N 33 -11.39 -48.52 28.11
C ASP N 33 -12.48 -48.47 29.17
N GLU N 34 -13.74 -48.64 28.77
CA GLU N 34 -14.85 -48.46 29.70
C GLU N 34 -15.14 -49.68 30.55
N LYS N 35 -14.46 -50.81 30.30
CA LYS N 35 -14.85 -52.07 30.92
C LYS N 35 -14.42 -52.17 32.39
N ASN N 36 -13.24 -51.65 32.73
CA ASN N 36 -12.65 -51.86 34.04
C ASN N 36 -12.36 -50.53 34.73
N CYS N 37 -13.38 -49.99 35.40
CA CYS N 37 -13.21 -48.91 36.37
C CYS N 37 -14.42 -48.92 37.29
N VAL N 38 -14.18 -48.60 38.56
CA VAL N 38 -15.19 -48.77 39.61
C VAL N 38 -16.25 -47.68 39.47
N LYS N 39 -17.46 -47.99 39.96
CA LYS N 39 -18.59 -47.05 39.89
C LYS N 39 -18.56 -45.93 40.93
N LYS N 40 -18.89 -44.71 40.49
CA LYS N 40 -18.94 -43.54 41.35
C LYS N 40 -20.15 -43.51 42.29
N THR N 41 -19.98 -42.88 43.45
CA THR N 41 -21.05 -42.75 44.44
C THR N 41 -22.13 -41.75 44.02
N CYS N 42 -23.34 -41.92 44.54
CA CYS N 42 -24.44 -41.03 44.21
C CYS N 42 -24.49 -39.87 45.19
N ALA N 43 -25.22 -38.82 44.80
CA ALA N 43 -25.32 -37.63 45.63
C ALA N 43 -26.22 -37.90 46.83
N GLU N 44 -25.85 -37.32 47.97
CA GLU N 44 -26.60 -37.53 49.21
C GLU N 44 -27.91 -36.75 49.23
N SER N 45 -28.03 -35.69 48.42
CA SER N 45 -29.23 -34.89 48.35
C SER N 45 -30.21 -35.39 47.29
N ASP N 46 -29.90 -36.50 46.63
CA ASP N 46 -30.75 -37.07 45.59
C ASP N 46 -31.37 -38.37 46.07
N PHE N 47 -32.56 -38.68 45.55
CA PHE N 47 -33.23 -39.94 45.83
C PHE N 47 -32.67 -41.02 44.91
N VAL N 48 -32.22 -42.12 45.50
CA VAL N 48 -31.63 -43.22 44.75
C VAL N 48 -32.75 -44.12 44.26
N CYS N 49 -32.82 -44.32 42.95
CA CYS N 49 -33.81 -45.21 42.35
C CYS N 49 -33.40 -46.67 42.55
N ASN N 50 -34.31 -47.58 42.19
CA ASN N 50 -34.02 -49.01 42.27
C ASN N 50 -33.03 -49.47 41.20
N ASN N 51 -32.88 -48.69 40.11
CA ASN N 51 -31.96 -49.02 39.04
C ASN N 51 -30.62 -48.30 39.15
N GLY N 52 -30.37 -47.63 40.28
CA GLY N 52 -29.13 -46.92 40.49
C GLY N 52 -29.15 -45.46 40.10
N GLN N 53 -30.21 -45.00 39.42
CA GLN N 53 -30.31 -43.60 39.03
C GLN N 53 -30.60 -42.72 40.24
N CYS N 54 -30.26 -41.44 40.12
CA CYS N 54 -30.45 -40.47 41.18
C CYS N 54 -31.27 -39.30 40.65
N VAL N 55 -32.41 -39.05 41.28
CA VAL N 55 -33.29 -37.96 40.90
C VAL N 55 -33.43 -37.04 42.11
N PRO N 56 -33.65 -35.75 41.84
CA PRO N 56 -33.77 -34.76 42.91
C PRO N 56 -34.97 -35.07 43.81
N SER N 57 -34.81 -34.86 45.11
CA SER N 57 -35.88 -35.16 46.05
C SER N 57 -37.10 -34.33 45.73
N ARG N 58 -36.88 -33.07 45.37
CA ARG N 58 -38.00 -32.20 45.02
C ARG N 58 -38.93 -32.87 44.02
N TRP N 59 -38.39 -33.70 43.13
CA TRP N 59 -39.15 -34.36 42.08
C TRP N 59 -39.90 -35.60 42.57
N LYS N 60 -39.72 -35.99 43.82
CA LYS N 60 -40.39 -37.19 44.34
C LYS N 60 -41.85 -36.89 44.64
N CYS N 61 -42.73 -37.80 44.22
CA CYS N 61 -44.20 -37.73 44.41
C CYS N 61 -44.79 -36.45 43.85
N ASP N 62 -44.33 -36.03 42.68
CA ASP N 62 -44.83 -34.84 42.01
C ASP N 62 -45.87 -35.15 40.94
N GLY N 63 -46.25 -36.41 40.79
CA GLY N 63 -47.19 -36.81 39.75
C GLY N 63 -46.58 -37.06 38.40
N ASP N 64 -45.26 -36.98 38.26
CA ASP N 64 -44.58 -37.19 37.00
C ASP N 64 -43.49 -38.26 37.20
N PRO N 65 -43.48 -39.32 36.38
CA PRO N 65 -42.44 -40.35 36.54
C PRO N 65 -41.07 -39.88 36.08
N ASP N 66 -40.18 -39.63 37.03
CA ASP N 66 -38.82 -39.18 36.74
C ASP N 66 -37.81 -40.31 36.72
N CYS N 67 -38.25 -41.55 36.94
CA CYS N 67 -37.35 -42.70 36.95
C CYS N 67 -37.69 -43.63 35.80
N GLU N 68 -36.73 -44.51 35.49
CA GLU N 68 -36.90 -45.44 34.37
C GLU N 68 -37.94 -46.52 34.68
N ASP N 69 -37.83 -47.13 35.87
CA ASP N 69 -38.71 -48.23 36.24
C ASP N 69 -39.99 -47.77 36.92
N GLY N 70 -40.15 -46.47 37.16
CA GLY N 70 -41.34 -45.98 37.82
C GLY N 70 -41.37 -46.17 39.31
N SER N 71 -40.19 -46.21 39.95
CA SER N 71 -40.13 -46.38 41.40
C SER N 71 -40.30 -45.07 42.16
N ASP N 72 -40.33 -43.93 41.46
CA ASP N 72 -40.54 -42.64 42.09
C ASP N 72 -42.01 -42.27 42.21
N GLU N 73 -42.91 -43.05 41.58
CA GLU N 73 -44.35 -42.78 41.65
C GLU N 73 -45.12 -44.03 42.08
N SER N 74 -44.44 -45.02 42.63
CA SER N 74 -45.11 -46.25 43.05
C SER N 74 -45.92 -45.99 44.32
N PRO N 75 -47.08 -46.67 44.48
CA PRO N 75 -47.83 -46.52 45.73
C PRO N 75 -47.14 -47.11 46.95
N GLU N 76 -46.16 -48.01 46.77
CA GLU N 76 -45.37 -48.48 47.89
C GLU N 76 -44.41 -47.40 48.38
N GLN N 77 -43.91 -46.58 47.46
CA GLN N 77 -42.97 -45.50 47.79
C GLN N 77 -43.66 -44.16 48.02
N CYS N 78 -44.97 -44.06 47.79
CA CYS N 78 -45.70 -42.81 47.97
C CYS N 78 -47.01 -43.10 48.69
N HIS N 79 -47.19 -42.47 49.86
CA HIS N 79 -48.36 -42.71 50.69
C HIS N 79 -49.41 -41.65 50.40
N MET N 80 -50.51 -42.07 49.78
CA MET N 80 -51.60 -41.16 49.46
C MET N 80 -52.77 -41.34 50.43
N LYS O 2 -58.91 -8.24 14.55
CA LYS O 2 -58.25 -6.94 14.65
C LYS O 2 -57.72 -6.48 13.31
N CYS O 3 -58.35 -6.96 12.23
CA CYS O 3 -57.94 -6.60 10.88
C CYS O 3 -59.11 -6.01 10.11
N GLU O 4 -58.94 -5.83 8.80
CA GLU O 4 -59.96 -5.21 7.97
C GLU O 4 -61.16 -6.14 7.80
N PRO O 5 -62.35 -5.59 7.57
CA PRO O 5 -63.53 -6.45 7.30
C PRO O 5 -63.43 -7.26 6.02
N SER O 6 -62.57 -6.86 5.07
CA SER O 6 -62.32 -7.67 3.88
C SER O 6 -61.44 -8.88 4.17
N GLN O 7 -60.87 -8.99 5.36
CA GLN O 7 -60.04 -10.11 5.75
C GLN O 7 -60.78 -11.02 6.73
N PHE O 8 -60.35 -12.27 6.80
CA PHE O 8 -60.93 -13.27 7.69
C PHE O 8 -59.89 -13.70 8.72
N GLN O 9 -60.32 -13.79 9.97
CA GLN O 9 -59.44 -14.12 11.09
C GLN O 9 -59.86 -15.46 11.68
N CYS O 10 -58.94 -16.42 11.75
CA CYS O 10 -59.22 -17.68 12.43
C CYS O 10 -58.96 -17.52 13.93
N THR O 11 -59.12 -18.63 14.66
CA THR O 11 -59.22 -18.57 16.11
C THR O 11 -57.90 -18.30 16.81
N ASN O 12 -56.79 -18.60 16.15
CA ASN O 12 -55.46 -18.35 16.68
C ASN O 12 -55.14 -16.86 16.84
N GLY O 13 -55.55 -16.07 15.85
CA GLY O 13 -55.29 -14.63 15.83
C GLY O 13 -54.82 -14.10 14.49
N ARG O 14 -54.36 -15.00 13.62
CA ARG O 14 -53.89 -14.58 12.30
C ARG O 14 -55.06 -14.18 11.42
N CYS O 15 -54.80 -13.26 10.48
CA CYS O 15 -55.80 -12.74 9.57
C CYS O 15 -55.44 -13.13 8.14
N ILE O 16 -56.37 -13.80 7.46
CA ILE O 16 -56.21 -14.19 6.06
C ILE O 16 -57.27 -13.46 5.25
N THR O 17 -57.14 -13.53 3.92
CA THR O 17 -58.11 -12.83 3.09
C THR O 17 -59.41 -13.63 2.98
N LEU O 18 -60.45 -12.96 2.46
CA LEU O 18 -61.77 -13.56 2.36
C LEU O 18 -61.90 -14.56 1.23
N LEU O 19 -60.98 -14.53 0.25
CA LEU O 19 -61.01 -15.51 -0.83
C LEU O 19 -60.55 -16.89 -0.39
N TRP O 20 -59.90 -16.98 0.77
CA TRP O 20 -59.32 -18.21 1.29
C TRP O 20 -60.25 -18.92 2.26
N LYS O 21 -61.54 -18.58 2.25
CA LYS O 21 -62.54 -19.23 3.08
C LYS O 21 -63.08 -20.46 2.37
N CYS O 22 -62.87 -21.64 2.99
CA CYS O 22 -63.40 -22.94 2.56
C CYS O 22 -63.06 -23.28 1.11
N ASP O 23 -61.89 -22.82 0.65
CA ASP O 23 -61.46 -23.08 -0.72
C ASP O 23 -60.78 -24.43 -0.90
N GLY O 24 -60.42 -25.11 0.19
CA GLY O 24 -59.87 -26.43 0.08
C GLY O 24 -58.66 -26.73 0.94
N ASP O 25 -57.83 -25.73 1.21
CA ASP O 25 -56.57 -25.91 1.90
C ASP O 25 -56.63 -25.30 3.30
N GLU O 26 -56.03 -25.98 4.26
CA GLU O 26 -55.89 -25.47 5.62
C GLU O 26 -54.78 -24.43 5.63
N ASP O 27 -55.14 -23.16 5.85
CA ASP O 27 -54.17 -22.09 5.76
C ASP O 27 -53.49 -21.82 7.10
N CYS O 28 -54.30 -21.54 8.13
CA CYS O 28 -53.74 -21.41 9.46
C CYS O 28 -53.68 -22.79 10.13
N VAL O 29 -53.42 -22.83 11.43
CA VAL O 29 -53.04 -24.07 12.10
C VAL O 29 -54.23 -25.03 12.20
N ASP O 30 -55.37 -24.54 12.66
CA ASP O 30 -56.52 -25.42 12.84
C ASP O 30 -57.38 -25.56 11.58
N GLY O 31 -57.23 -24.65 10.62
CA GLY O 31 -58.06 -24.67 9.43
C GLY O 31 -59.52 -24.35 9.69
N SER O 32 -59.78 -23.30 10.48
CA SER O 32 -61.13 -22.92 10.84
C SER O 32 -61.94 -22.40 9.66
N ASP O 33 -61.28 -21.92 8.61
CA ASP O 33 -61.99 -21.48 7.42
C ASP O 33 -62.58 -22.63 6.63
N GLU O 34 -62.09 -23.85 6.83
CA GLU O 34 -62.60 -25.04 6.15
C GLU O 34 -63.56 -25.84 7.02
N LYS O 35 -64.01 -25.29 8.14
CA LYS O 35 -64.88 -26.01 9.06
C LYS O 35 -66.35 -25.68 8.91
N ASN O 36 -66.69 -24.41 8.69
CA ASN O 36 -68.08 -23.97 8.60
C ASN O 36 -68.29 -23.32 7.23
N CYS O 37 -68.65 -24.13 6.23
CA CYS O 37 -68.97 -23.64 4.90
C CYS O 37 -69.93 -24.60 4.25
N VAL O 38 -70.81 -24.05 3.40
CA VAL O 38 -71.87 -24.84 2.76
C VAL O 38 -71.28 -25.62 1.60
N LYS O 39 -72.08 -26.57 1.11
CA LYS O 39 -71.71 -27.42 -0.01
C LYS O 39 -72.63 -27.14 -1.20
N LYS O 40 -72.00 -26.84 -2.33
CA LYS O 40 -72.68 -26.55 -3.59
C LYS O 40 -73.21 -27.79 -4.30
N THR O 41 -74.11 -27.59 -5.26
CA THR O 41 -74.73 -28.69 -5.97
C THR O 41 -73.88 -29.14 -7.16
N CYS O 42 -74.25 -30.28 -7.73
CA CYS O 42 -73.68 -30.76 -8.97
C CYS O 42 -74.22 -29.95 -10.14
N ALA O 43 -73.58 -30.11 -11.30
CA ALA O 43 -74.08 -29.45 -12.50
C ALA O 43 -75.21 -30.26 -13.12
N GLU O 44 -75.94 -29.61 -14.03
CA GLU O 44 -77.07 -30.26 -14.70
C GLU O 44 -76.61 -31.28 -15.72
N SER O 45 -75.42 -31.11 -16.29
CA SER O 45 -74.89 -32.03 -17.29
C SER O 45 -74.07 -33.16 -16.69
N ASP O 46 -73.97 -33.24 -15.36
CA ASP O 46 -73.17 -34.26 -14.70
C ASP O 46 -74.07 -35.27 -13.99
N PHE O 47 -73.59 -36.51 -13.97
CA PHE O 47 -74.27 -37.60 -13.28
C PHE O 47 -73.75 -37.70 -11.85
N VAL O 48 -74.66 -37.90 -10.91
CA VAL O 48 -74.32 -37.96 -9.49
C VAL O 48 -74.23 -39.43 -9.07
N CYS O 49 -73.08 -39.81 -8.49
CA CYS O 49 -72.88 -41.18 -8.04
C CYS O 49 -73.51 -41.37 -6.65
N ASN O 50 -73.19 -42.48 -5.99
CA ASN O 50 -73.74 -42.77 -4.68
C ASN O 50 -73.17 -41.83 -3.62
N ASN O 51 -71.88 -41.49 -3.72
CA ASN O 51 -71.23 -40.62 -2.75
C ASN O 51 -71.40 -39.14 -3.05
N GLY O 52 -71.96 -38.79 -4.19
CA GLY O 52 -72.24 -37.41 -4.52
C GLY O 52 -71.27 -36.74 -5.46
N GLN O 53 -70.31 -37.47 -6.03
CA GLN O 53 -69.36 -36.89 -6.97
C GLN O 53 -70.04 -36.64 -8.32
N CYS O 54 -69.71 -35.50 -8.93
CA CYS O 54 -70.25 -35.10 -10.22
C CYS O 54 -69.34 -35.62 -11.31
N VAL O 55 -69.85 -36.54 -12.13
CA VAL O 55 -69.11 -37.05 -13.29
C VAL O 55 -69.96 -36.83 -14.53
N PRO O 56 -69.36 -36.57 -15.70
CA PRO O 56 -70.17 -36.28 -16.90
C PRO O 56 -70.94 -37.50 -17.39
N SER O 57 -72.04 -37.21 -18.10
CA SER O 57 -72.92 -38.25 -18.61
C SER O 57 -72.31 -39.03 -19.77
N ARG O 58 -71.26 -38.51 -20.40
CA ARG O 58 -70.54 -39.27 -21.42
C ARG O 58 -69.83 -40.47 -20.84
N TRP O 59 -69.36 -40.35 -19.59
CA TRP O 59 -68.67 -41.44 -18.90
C TRP O 59 -69.63 -42.48 -18.32
N LYS O 60 -70.94 -42.26 -18.42
CA LYS O 60 -71.93 -43.17 -17.85
C LYS O 60 -72.01 -44.45 -18.68
N CYS O 61 -71.95 -45.59 -18.00
CA CYS O 61 -72.00 -46.94 -18.58
C CYS O 61 -70.94 -47.15 -19.65
N ASP O 62 -69.71 -46.72 -19.35
CA ASP O 62 -68.60 -46.83 -20.28
C ASP O 62 -67.77 -48.10 -20.09
N GLY O 63 -68.10 -48.92 -19.09
CA GLY O 63 -67.39 -50.15 -18.85
C GLY O 63 -66.20 -50.03 -17.89
N ASP O 64 -65.84 -48.83 -17.49
CA ASP O 64 -64.70 -48.61 -16.62
C ASP O 64 -65.15 -47.93 -15.32
N PRO O 65 -64.50 -48.18 -14.19
CA PRO O 65 -64.97 -47.51 -12.97
C PRO O 65 -64.67 -46.01 -13.02
N ASP O 66 -65.69 -45.17 -12.82
CA ASP O 66 -65.53 -43.72 -12.84
C ASP O 66 -65.89 -43.01 -11.54
N CYS O 67 -66.77 -43.64 -10.75
CA CYS O 67 -67.22 -43.12 -9.48
C CYS O 67 -66.45 -43.76 -8.33
N GLU O 68 -66.65 -43.22 -7.14
CA GLU O 68 -65.97 -43.74 -5.96
C GLU O 68 -66.53 -45.10 -5.54
N ASP O 69 -67.85 -45.23 -5.51
CA ASP O 69 -68.50 -46.47 -5.11
C ASP O 69 -68.64 -47.46 -6.26
N GLY O 70 -68.27 -47.07 -7.47
CA GLY O 70 -68.49 -47.94 -8.62
C GLY O 70 -69.92 -48.00 -9.10
N SER O 71 -70.71 -46.96 -8.82
CA SER O 71 -72.12 -46.95 -9.19
C SER O 71 -72.35 -46.57 -10.65
N ASP O 72 -71.29 -46.16 -11.37
CA ASP O 72 -71.44 -45.80 -12.77
C ASP O 72 -71.59 -47.00 -13.69
N GLU O 73 -71.21 -48.20 -13.22
CA GLU O 73 -71.32 -49.42 -14.00
C GLU O 73 -72.19 -50.46 -13.33
N SER O 74 -73.10 -50.04 -12.45
CA SER O 74 -73.99 -50.97 -11.78
C SER O 74 -75.07 -51.47 -12.74
N PRO O 75 -75.48 -52.74 -12.62
CA PRO O 75 -76.63 -53.21 -13.40
C PRO O 75 -77.96 -52.66 -12.93
N GLU O 76 -78.02 -52.10 -11.72
CA GLU O 76 -79.26 -51.49 -11.25
C GLU O 76 -79.52 -50.16 -11.94
N GLN O 77 -78.49 -49.33 -12.10
CA GLN O 77 -78.62 -48.03 -12.74
C GLN O 77 -78.42 -48.08 -14.25
N CYS O 78 -77.94 -49.21 -14.78
CA CYS O 78 -77.75 -49.38 -16.23
C CYS O 78 -78.42 -50.69 -16.61
N HIS O 79 -79.52 -50.60 -17.36
CA HIS O 79 -80.39 -51.74 -17.60
C HIS O 79 -79.75 -52.71 -18.58
N MET O 80 -79.35 -53.88 -18.08
CA MET O 80 -78.77 -54.92 -18.90
C MET O 80 -79.69 -56.14 -18.96
N LYS P 2 -11.74 -8.32 69.93
CA LYS P 2 -12.22 -7.65 68.72
C LYS P 2 -11.10 -7.53 67.69
N CYS P 3 -11.03 -8.51 66.79
CA CYS P 3 -10.02 -8.51 65.75
C CYS P 3 -10.59 -9.21 64.52
N GLU P 4 -9.72 -9.52 63.56
CA GLU P 4 -10.14 -10.14 62.32
C GLU P 4 -10.53 -11.60 62.54
N PRO P 5 -11.34 -12.18 61.64
CA PRO P 5 -11.60 -13.63 61.70
C PRO P 5 -10.36 -14.50 61.48
N SER P 6 -9.29 -13.96 60.88
CA SER P 6 -8.03 -14.68 60.76
C SER P 6 -7.26 -14.78 62.07
N GLN P 7 -7.71 -14.09 63.12
CA GLN P 7 -7.02 -14.10 64.41
C GLN P 7 -7.96 -14.63 65.49
N PHE P 8 -7.36 -15.19 66.54
CA PHE P 8 -8.09 -15.77 67.66
C PHE P 8 -7.92 -14.89 68.89
N GLN P 9 -9.02 -14.62 69.58
CA GLN P 9 -9.02 -13.75 70.76
C GLN P 9 -9.19 -14.62 72.00
N CYS P 10 -8.17 -14.65 72.86
CA CYS P 10 -8.28 -15.40 74.09
C CYS P 10 -9.03 -14.58 75.14
N THR P 11 -9.25 -15.20 76.31
CA THR P 11 -10.10 -14.61 77.33
C THR P 11 -9.49 -13.40 78.03
N ASN P 12 -8.18 -13.18 77.90
CA ASN P 12 -7.57 -11.99 78.48
C ASN P 12 -7.95 -10.74 77.70
N GLY P 13 -8.18 -10.86 76.40
CA GLY P 13 -8.51 -9.71 75.58
C GLY P 13 -7.57 -9.56 74.40
N ARG P 14 -6.42 -10.22 74.48
CA ARG P 14 -5.44 -10.14 73.40
C ARG P 14 -5.90 -10.96 72.20
N CYS P 15 -5.32 -10.65 71.04
CA CYS P 15 -5.67 -11.31 69.79
C CYS P 15 -4.41 -11.92 69.19
N ILE P 16 -4.37 -13.24 69.09
CA ILE P 16 -3.27 -13.96 68.46
C ILE P 16 -3.79 -14.58 67.17
N THR P 17 -2.86 -15.00 66.32
CA THR P 17 -3.25 -15.55 65.02
C THR P 17 -3.76 -16.98 65.17
N LEU P 18 -4.39 -17.48 64.10
CA LEU P 18 -5.05 -18.78 64.13
C LEU P 18 -4.09 -19.96 64.09
N LEU P 19 -2.84 -19.74 63.69
CA LEU P 19 -1.86 -20.82 63.64
C LEU P 19 -1.34 -21.22 65.02
N TRP P 20 -1.62 -20.43 66.05
CA TRP P 20 -1.07 -20.64 67.39
C TRP P 20 -2.07 -21.32 68.32
N LYS P 21 -3.17 -21.86 67.79
CA LYS P 21 -4.17 -22.53 68.62
C LYS P 21 -3.64 -23.88 69.08
N CYS P 22 -3.44 -24.01 70.40
CA CYS P 22 -2.82 -25.15 71.10
C CYS P 22 -1.56 -25.66 70.39
N ASP P 23 -0.62 -24.73 70.20
CA ASP P 23 0.66 -25.04 69.58
C ASP P 23 1.71 -25.50 70.57
N GLY P 24 1.32 -25.77 71.82
CA GLY P 24 2.24 -26.19 72.86
C GLY P 24 2.78 -25.07 73.71
N ASP P 25 2.66 -23.83 73.22
CA ASP P 25 3.15 -22.67 73.96
C ASP P 25 2.02 -21.73 74.32
N GLU P 26 1.93 -21.35 75.60
CA GLU P 26 0.90 -20.43 76.04
C GLU P 26 1.16 -19.05 75.45
N ASP P 27 0.52 -18.77 74.32
CA ASP P 27 0.83 -17.57 73.54
C ASP P 27 0.37 -16.30 74.24
N CYS P 28 -0.88 -16.28 74.72
CA CYS P 28 -1.35 -15.18 75.54
C CYS P 28 -1.16 -15.58 77.00
N VAL P 29 -1.61 -14.72 77.93
CA VAL P 29 -1.12 -14.76 79.31
C VAL P 29 -1.64 -15.98 80.06
N ASP P 30 -2.95 -16.22 80.00
CA ASP P 30 -3.50 -17.35 80.74
C ASP P 30 -3.37 -18.67 80.01
N GLY P 31 -3.02 -18.66 78.73
CA GLY P 31 -2.92 -19.88 77.95
C GLY P 31 -4.24 -20.58 77.70
N SER P 32 -5.30 -19.82 77.38
CA SER P 32 -6.60 -20.43 77.13
C SER P 32 -6.67 -21.08 75.77
N ASP P 33 -5.70 -20.82 74.90
CA ASP P 33 -5.64 -21.47 73.60
C ASP P 33 -5.27 -22.97 73.76
N GLU P 34 -4.53 -23.28 74.83
CA GLU P 34 -3.98 -24.60 75.05
C GLU P 34 -4.92 -25.53 75.80
N LYS P 35 -6.23 -25.37 75.64
CA LYS P 35 -7.19 -26.11 76.45
C LYS P 35 -8.11 -27.01 75.64
N ASN P 36 -8.55 -26.61 74.45
CA ASN P 36 -9.63 -27.29 73.75
C ASN P 36 -9.22 -27.61 72.30
N CYS P 37 -8.58 -28.76 72.13
CA CYS P 37 -8.35 -29.35 70.80
C CYS P 37 -8.09 -30.84 70.98
N VAL P 38 -8.16 -31.56 69.85
CA VAL P 38 -8.03 -33.01 69.85
C VAL P 38 -6.57 -33.39 69.72
N LYS P 39 -6.25 -34.63 70.07
CA LYS P 39 -4.89 -35.14 70.02
C LYS P 39 -4.72 -36.03 68.79
N LYS P 40 -3.64 -35.82 68.05
CA LYS P 40 -3.39 -36.53 66.80
C LYS P 40 -2.96 -37.96 67.06
N THR P 41 -2.96 -38.76 65.99
CA THR P 41 -2.69 -40.19 66.06
C THR P 41 -1.19 -40.45 65.82
N CYS P 42 -0.85 -41.72 65.62
CA CYS P 42 0.53 -42.15 65.38
C CYS P 42 0.73 -42.43 63.90
N ALA P 43 1.97 -42.81 63.56
CA ALA P 43 2.27 -43.30 62.24
C ALA P 43 1.87 -44.77 62.11
N GLU P 44 1.71 -45.22 60.86
CA GLU P 44 1.27 -46.59 60.62
C GLU P 44 2.40 -47.60 60.88
N SER P 45 3.65 -47.17 60.74
CA SER P 45 4.80 -48.04 60.95
C SER P 45 5.44 -47.84 62.32
N ASP P 46 4.74 -47.24 63.26
CA ASP P 46 5.26 -46.96 64.59
C ASP P 46 4.54 -47.79 65.64
N PHE P 47 5.17 -47.88 66.82
CA PHE P 47 4.63 -48.63 67.94
C PHE P 47 4.06 -47.66 68.97
N VAL P 48 2.89 -48.01 69.53
CA VAL P 48 2.18 -47.15 70.45
C VAL P 48 2.40 -47.67 71.87
N CYS P 49 2.76 -46.76 72.78
CA CYS P 49 2.90 -47.10 74.19
C CYS P 49 1.53 -47.08 74.86
N ASN P 50 1.50 -47.38 76.16
CA ASN P 50 0.25 -47.40 76.90
C ASN P 50 -0.24 -46.00 77.27
N ASN P 51 0.63 -45.00 77.26
CA ASN P 51 0.26 -43.64 77.61
C ASN P 51 0.13 -42.73 76.40
N GLY P 52 0.14 -43.29 75.18
CA GLY P 52 0.02 -42.50 73.98
C GLY P 52 1.33 -42.02 73.39
N GLN P 53 2.45 -42.28 74.05
CA GLN P 53 3.75 -41.94 73.48
C GLN P 53 4.06 -42.84 72.28
N CYS P 54 4.67 -42.27 71.26
CA CYS P 54 4.75 -42.90 69.95
C CYS P 54 6.20 -43.22 69.61
N VAL P 55 6.52 -44.51 69.54
CA VAL P 55 7.90 -44.97 69.33
C VAL P 55 7.97 -45.65 67.96
N PRO P 56 9.05 -45.47 67.19
CA PRO P 56 9.23 -46.28 65.98
C PRO P 56 9.43 -47.75 66.31
N SER P 57 9.06 -48.60 65.35
CA SER P 57 9.06 -50.04 65.56
C SER P 57 10.46 -50.65 65.58
N ARG P 58 11.46 -49.92 65.07
CA ARG P 58 12.83 -50.43 65.10
C ARG P 58 13.39 -50.42 66.53
N TRP P 59 12.95 -49.47 67.35
CA TRP P 59 13.41 -49.37 68.74
C TRP P 59 12.71 -50.37 69.66
N LYS P 60 11.73 -51.10 69.16
CA LYS P 60 11.04 -52.12 69.96
C LYS P 60 11.97 -53.31 70.20
N CYS P 61 12.07 -53.73 71.46
CA CYS P 61 12.90 -54.85 71.93
C CYS P 61 14.37 -54.63 71.59
N ASP P 62 14.94 -53.58 72.18
CA ASP P 62 16.34 -53.25 71.98
C ASP P 62 17.16 -53.25 73.27
N GLY P 63 16.55 -53.60 74.40
CA GLY P 63 17.26 -53.62 75.67
C GLY P 63 17.34 -52.29 76.39
N ASP P 64 16.81 -51.22 75.80
CA ASP P 64 16.81 -49.90 76.42
C ASP P 64 15.37 -49.43 76.55
N PRO P 65 14.92 -49.05 77.75
CA PRO P 65 13.55 -48.55 77.90
C PRO P 65 13.37 -47.17 77.28
N ASP P 66 12.69 -47.12 76.13
CA ASP P 66 12.42 -45.88 75.43
C ASP P 66 11.06 -45.28 75.78
N CYS P 67 10.36 -45.87 76.76
CA CYS P 67 9.07 -45.39 77.20
C CYS P 67 9.10 -45.13 78.70
N GLU P 68 8.22 -44.24 79.16
CA GLU P 68 8.16 -43.91 80.57
C GLU P 68 7.60 -45.07 81.38
N ASP P 69 6.63 -45.79 80.84
CA ASP P 69 6.04 -46.94 81.52
C ASP P 69 6.78 -48.24 81.25
N GLY P 70 7.76 -48.24 80.35
CA GLY P 70 8.48 -49.45 80.03
C GLY P 70 7.69 -50.45 79.20
N SER P 71 6.69 -49.98 78.45
CA SER P 71 5.86 -50.88 77.65
C SER P 71 6.58 -51.44 76.43
N ASP P 72 7.67 -50.80 76.00
CA ASP P 72 8.45 -51.30 74.86
C ASP P 72 9.51 -52.31 75.27
N GLU P 73 9.73 -52.45 76.58
CA GLU P 73 10.69 -53.40 77.12
C GLU P 73 10.07 -54.48 78.03
N SER P 74 8.75 -54.46 78.19
CA SER P 74 8.08 -55.42 79.04
C SER P 74 8.03 -56.79 78.37
N PRO P 75 8.06 -57.88 79.16
CA PRO P 75 7.93 -59.22 78.57
C PRO P 75 6.56 -59.52 78.01
N GLU P 76 5.53 -58.75 78.37
CA GLU P 76 4.20 -58.96 77.82
C GLU P 76 4.13 -58.61 76.34
N GLN P 77 4.81 -57.53 75.95
CA GLN P 77 4.83 -57.10 74.55
C GLN P 77 5.99 -57.70 73.75
N CYS P 78 6.90 -58.42 74.40
CA CYS P 78 8.08 -58.98 73.73
C CYS P 78 8.41 -60.32 74.35
N HIS P 79 8.26 -61.40 73.58
CA HIS P 79 8.62 -62.73 74.03
C HIS P 79 10.14 -62.88 74.02
N MET P 80 10.68 -63.36 75.13
CA MET P 80 12.13 -63.53 75.26
C MET P 80 12.50 -65.01 75.33
CA CA Q . -27.07 -58.41 -24.90
CA CA R . -15.36 -76.60 -1.42
CA CA S . -13.32 -43.25 27.18
CA CA T . -41.50 -37.85 40.24
CA CA U . -58.47 -22.20 3.09
CA CA V . -68.32 -44.81 -15.93
CA CA W . 0.37 -22.15 71.23
CA CA X . 13.26 -49.18 72.95
#